data_9CL5
#
_entry.id   9CL5
#
_cell.length_a   1.00
_cell.length_b   1.00
_cell.length_c   1.00
_cell.angle_alpha   90.00
_cell.angle_beta   90.00
_cell.angle_gamma   90.00
#
_symmetry.space_group_name_H-M   'P 1'
#
loop_
_entity.id
_entity.type
_entity.pdbx_description
1 polymer 'Methane monooxygenase/ammonia monooxygenase subunit A'
2 polymer 'Methane monooxygenase/ammonia monooxygenase subunit B'
3 polymer 'Particulate methane monooxygenase subunit C'
4 polymer 'particulate methane monooxygenase supernumerary helix'
5 non-polymer 'COPPER (II) ION'
6 water water
#
loop_
_entity_poly.entity_id
_entity_poly.type
_entity_poly.pdbx_seq_one_letter_code
_entity_poly.pdbx_strand_id
1 'polypeptide(L)'
;AVGPFNSVAEAAGCVQTVDWMLLVLLFFAVLGGYHVHFMLTAGDWDFWVDWKDRRMWPTVVPILGVTFCAASQAFWWVNF
RLPFGAVFAALGLLIGEWINRYVNFWGWTYFPISLVFPSALIVPAIWLDVILLLSGSYVITAVVGSLGWGLLFYPNNWPA
IAAFHQATEQHGQLMTLADLIGFHFVRTSMPEYIRMVERGTLRTFGKDVVPVAAFFSGFVSMMVYFLWWFMGRWYSTTKV
IDTI
;
Ba,Bb,Bc
2 'polypeptide(L)'
;HGEKSQQAFLRMRTLNWYDVQWSKTTVNVNEEMVLSGKVHVFSAWPQAVANPRVSFLNAGEPGPVLVRTAQFIGEQFAPR
SVSLEIGKDYAFSINLRGRRAGRWHVHAQINVEGGGPIIGPGQWIEIKGDMKDFTDPVTLLDGSTVDLEHYGISRVYAWH
LPWMAVGAAWIFFWFVRKGIITSYIRVAEGKADDVIGDDDRRIGAIVLALTILATIVGYAVTNSTFPRTIPLQAGLQKPL
TPIETEGTVGVGKENVTTELNGGVYKVPGRELTINVKVKNNTSQPLRLGEYTAAGLRFLNPDVFTTKPDFPDYLLADRGL
SVDATPIAPGEAKEIVVKIQDARWDIERLSDLAYDTDSQIGGLLFFFSPDGKRYASEIGGPVIPKFVA
;
Aa,Ab,Ac
3 'polypeptide(L)'
;ESVVDLRGMWIGLVLLNVFYLIVRIYEQVFGWRAGLDSFAPEFQTYWMSILWTEIPLELVSGLGLAGYLWKTRDRNVDAV
TPREEMRRLVVLVQWLVVYGIAIYWGASFFTEQDGTWHMTVIRDTDFTPSHIIEFYMSYPIYSVIAVGAFFYAKTRIPYF
AHGYSLAFLIVAIGPFMIIPNVGLNEWGHTFWFMEELFVAPLHWGFVFFGWMALGVFGVVLQILMRIHALVGKEGVKLLT
E
;
Ca,Cb,Cc
4 'polypeptide(L)' MGWLVPAAMLAMVVIAAVTLTRL Da,Db,Dc
#
loop_
_chem_comp.id
_chem_comp.type
_chem_comp.name
_chem_comp.formula
CU non-polymer 'COPPER (II) ION' 'Cu 2'
#
# COMPACT_ATOMS: atom_id res chain seq x y z
N ALA A 1 -5.31 65.82 7.05
CA ALA A 1 -4.52 64.64 6.74
C ALA A 1 -5.10 63.40 7.43
N VAL A 2 -5.12 62.28 6.72
CA VAL A 2 -5.65 61.03 7.23
C VAL A 2 -4.48 60.06 7.29
N GLY A 3 -3.83 60.00 8.45
CA GLY A 3 -2.68 59.14 8.63
C GLY A 3 -1.56 59.47 7.66
N PRO A 4 -1.16 58.49 6.84
CA PRO A 4 -0.18 58.75 5.79
C PRO A 4 -0.77 59.43 4.56
N PHE A 5 -2.07 59.70 4.55
CA PHE A 5 -2.74 60.34 3.43
C PHE A 5 -3.01 61.81 3.75
N ASN A 6 -2.80 62.68 2.76
CA ASN A 6 -2.95 64.11 2.97
C ASN A 6 -4.40 64.60 2.85
N SER A 7 -5.32 63.74 2.42
CA SER A 7 -6.69 64.17 2.20
C SER A 7 -7.60 62.95 2.24
N VAL A 8 -8.90 63.21 2.33
CA VAL A 8 -9.90 62.15 2.35
C VAL A 8 -9.93 61.41 1.02
N ALA A 9 -9.93 62.17 -0.09
CA ALA A 9 -10.01 61.56 -1.41
C ALA A 9 -8.78 60.72 -1.71
N GLU A 10 -7.60 61.18 -1.29
CA GLU A 10 -6.39 60.39 -1.50
C GLU A 10 -6.46 59.07 -0.75
N ALA A 11 -6.94 59.10 0.50
CA ALA A 11 -7.09 57.87 1.27
C ALA A 11 -8.05 56.91 0.60
N ALA A 12 -9.21 57.42 0.15
CA ALA A 12 -10.20 56.57 -0.49
C ALA A 12 -9.67 55.96 -1.78
N GLY A 13 -8.99 56.76 -2.60
CA GLY A 13 -8.44 56.26 -3.85
C GLY A 13 -7.36 55.23 -3.64
N CYS A 14 -6.46 55.49 -2.68
CA CYS A 14 -5.40 54.52 -2.39
C CYS A 14 -5.99 53.21 -1.88
N VAL A 15 -7.00 53.29 -1.01
CA VAL A 15 -7.63 52.08 -0.48
C VAL A 15 -8.28 51.29 -1.61
N GLN A 16 -8.99 51.97 -2.52
CA GLN A 16 -9.63 51.28 -3.63
C GLN A 16 -8.59 50.61 -4.54
N THR A 17 -7.52 51.33 -4.86
CA THR A 17 -6.49 50.76 -5.73
C THR A 17 -5.83 49.54 -5.10
N VAL A 18 -5.45 49.65 -3.83
CA VAL A 18 -4.82 48.53 -3.14
C VAL A 18 -5.79 47.37 -3.01
N ASP A 19 -7.09 47.66 -2.84
CA ASP A 19 -8.10 46.59 -2.85
C ASP A 19 -8.07 45.83 -4.16
N TRP A 20 -8.03 46.57 -5.28
CA TRP A 20 -8.00 45.92 -6.59
C TRP A 20 -6.76 45.05 -6.74
N MET A 21 -5.60 45.59 -6.41
CA MET A 21 -4.36 44.81 -6.58
C MET A 21 -4.33 43.59 -5.66
N LEU A 22 -4.79 43.74 -4.42
CA LEU A 22 -4.83 42.59 -3.52
C LEU A 22 -5.75 41.51 -4.04
N LEU A 23 -6.94 41.91 -4.53
CA LEU A 23 -7.87 40.94 -5.08
C LEU A 23 -7.24 40.19 -6.25
N VAL A 24 -6.61 40.93 -7.17
CA VAL A 24 -6.03 40.30 -8.36
C VAL A 24 -4.92 39.32 -7.96
N LEU A 25 -4.02 39.76 -7.08
CA LEU A 25 -2.88 38.92 -6.71
C LEU A 25 -3.33 37.66 -5.97
N LEU A 26 -4.28 37.80 -5.04
CA LEU A 26 -4.80 36.63 -4.34
C LEU A 26 -5.50 35.68 -5.31
N PHE A 27 -6.29 36.23 -6.23
CA PHE A 27 -6.99 35.40 -7.20
C PHE A 27 -6.01 34.58 -8.02
N PHE A 28 -4.94 35.22 -8.51
CA PHE A 28 -4.04 34.50 -9.41
C PHE A 28 -3.15 33.51 -8.66
N ALA A 29 -2.72 33.84 -7.44
CA ALA A 29 -1.95 32.89 -6.65
C ALA A 29 -2.79 31.66 -6.32
N VAL A 30 -4.03 31.87 -5.85
CA VAL A 30 -4.90 30.75 -5.56
C VAL A 30 -5.20 29.95 -6.82
N LEU A 31 -5.35 30.65 -7.95
CA LEU A 31 -5.59 29.98 -9.22
C LEU A 31 -4.44 29.03 -9.56
N GLY A 32 -3.20 29.52 -9.44
CA GLY A 32 -2.07 28.67 -9.76
C GLY A 32 -1.98 27.45 -8.85
N GLY A 33 -2.09 27.68 -7.54
CA GLY A 33 -2.01 26.55 -6.61
C GLY A 33 -3.11 25.53 -6.82
N TYR A 34 -4.35 26.03 -6.99
CA TYR A 34 -5.49 25.15 -7.22
C TYR A 34 -5.33 24.36 -8.51
N HIS A 35 -4.85 25.02 -9.58
CA HIS A 35 -4.70 24.32 -10.84
C HIS A 35 -3.67 23.21 -10.73
N VAL A 36 -2.53 23.48 -10.08
CA VAL A 36 -1.54 22.42 -9.89
C VAL A 36 -2.15 21.26 -9.14
N HIS A 37 -2.78 21.55 -7.99
CA HIS A 37 -3.33 20.49 -7.15
C HIS A 37 -4.36 19.67 -7.91
N PHE A 38 -5.31 20.33 -8.57
CA PHE A 38 -6.40 19.63 -9.23
C PHE A 38 -5.92 18.85 -10.44
N MET A 39 -5.12 19.48 -11.31
CA MET A 39 -4.68 18.81 -12.51
C MET A 39 -3.73 17.66 -12.23
N LEU A 40 -3.05 17.66 -11.08
CA LEU A 40 -2.17 16.55 -10.76
C LEU A 40 -2.75 15.60 -9.73
N THR A 41 -3.97 15.84 -9.25
CA THR A 41 -4.67 14.87 -8.41
C THR A 41 -5.95 14.33 -9.05
N ALA A 42 -6.70 15.17 -9.77
CA ALA A 42 -7.94 14.75 -10.39
C ALA A 42 -8.05 15.25 -11.83
N GLY A 43 -6.92 15.54 -12.48
CA GLY A 43 -6.96 16.11 -13.81
C GLY A 43 -7.19 15.11 -14.93
N ASP A 44 -6.98 13.81 -14.67
CA ASP A 44 -7.17 12.82 -15.72
C ASP A 44 -8.64 12.67 -16.10
N TRP A 45 -9.53 12.66 -15.10
CA TRP A 45 -10.95 12.60 -15.40
C TRP A 45 -11.46 13.91 -15.98
N ASP A 46 -10.81 15.03 -15.64
CA ASP A 46 -11.22 16.33 -16.17
C ASP A 46 -10.78 16.53 -17.61
N PHE A 47 -9.64 15.96 -18.00
CA PHE A 47 -9.12 16.21 -19.34
C PHE A 47 -10.03 15.65 -20.42
N TRP A 48 -10.49 14.42 -20.25
CA TRP A 48 -11.10 13.65 -21.34
C TRP A 48 -12.54 13.29 -21.01
N VAL A 49 -13.38 13.33 -22.05
CA VAL A 49 -14.79 12.96 -21.90
C VAL A 49 -14.96 11.45 -21.75
N ASP A 50 -13.97 10.66 -22.16
CA ASP A 50 -14.03 9.22 -21.98
C ASP A 50 -13.87 8.81 -20.53
N TRP A 51 -13.35 9.70 -19.68
CA TRP A 51 -13.16 9.42 -18.27
C TRP A 51 -14.29 9.94 -17.41
N LYS A 52 -15.23 10.69 -17.99
CA LYS A 52 -16.35 11.25 -17.23
C LYS A 52 -17.45 10.18 -17.15
N ASP A 53 -17.37 9.36 -16.10
CA ASP A 53 -18.20 8.19 -15.93
C ASP A 53 -19.09 8.37 -14.70
N ARG A 54 -19.76 7.28 -14.32
CA ARG A 54 -20.75 7.33 -13.24
C ARG A 54 -20.16 7.06 -11.86
N ARG A 55 -19.03 6.35 -11.78
CA ARG A 55 -18.49 5.94 -10.49
C ARG A 55 -17.26 6.75 -10.06
N MET A 56 -16.22 6.76 -10.89
CA MET A 56 -14.93 7.31 -10.48
C MET A 56 -14.82 8.81 -10.68
N TRP A 57 -15.37 9.34 -11.77
CA TRP A 57 -15.33 10.79 -11.98
C TRP A 57 -16.13 11.55 -10.92
N PRO A 58 -17.41 11.26 -10.67
CA PRO A 58 -18.15 12.02 -9.66
C PRO A 58 -17.67 11.75 -8.25
N THR A 59 -16.90 10.69 -8.03
CA THR A 59 -16.25 10.48 -6.74
C THR A 59 -14.99 11.32 -6.61
N VAL A 60 -14.07 11.18 -7.56
CA VAL A 60 -12.74 11.76 -7.41
C VAL A 60 -12.80 13.28 -7.49
N VAL A 61 -13.50 13.83 -8.49
CA VAL A 61 -13.39 15.26 -8.75
C VAL A 61 -13.87 16.13 -7.59
N PRO A 62 -15.08 15.95 -7.04
CA PRO A 62 -15.49 16.81 -5.92
C PRO A 62 -14.61 16.69 -4.69
N ILE A 63 -14.13 15.48 -4.39
CA ILE A 63 -13.33 15.26 -3.19
C ILE A 63 -12.03 16.04 -3.26
N LEU A 64 -11.37 15.99 -4.41
CA LEU A 64 -10.13 16.74 -4.60
C LEU A 64 -10.36 18.20 -4.91
N GLY A 65 -11.58 18.59 -5.27
CA GLY A 65 -11.87 19.97 -5.57
C GLY A 65 -12.25 20.80 -4.36
N VAL A 66 -12.82 20.16 -3.34
CA VAL A 66 -13.26 20.90 -2.15
C VAL A 66 -12.11 21.47 -1.35
N THR A 67 -10.87 21.04 -1.61
CA THR A 67 -9.73 21.41 -0.78
C THR A 67 -9.49 22.92 -0.78
N PHE A 68 -9.15 23.46 -1.95
CA PHE A 68 -8.83 24.88 -2.03
C PHE A 68 -10.05 25.74 -1.81
N CYS A 69 -11.25 25.21 -2.12
CA CYS A 69 -12.47 25.93 -1.79
C CYS A 69 -12.61 26.13 -0.29
N ALA A 70 -12.37 25.07 0.49
CA ALA A 70 -12.42 25.19 1.95
C ALA A 70 -11.33 26.12 2.47
N ALA A 71 -10.12 26.03 1.90
CA ALA A 71 -9.03 26.90 2.37
C ALA A 71 -9.34 28.37 2.09
N SER A 72 -9.82 28.68 0.89
CA SER A 72 -10.15 30.05 0.55
C SER A 72 -11.35 30.55 1.36
N GLN A 73 -12.31 29.67 1.63
CA GLN A 73 -13.42 30.04 2.51
C GLN A 73 -12.92 30.40 3.90
N ALA A 74 -12.02 29.59 4.44
CA ALA A 74 -11.45 29.88 5.74
C ALA A 74 -10.79 31.26 5.75
N PHE A 75 -9.90 31.50 4.80
CA PHE A 75 -9.23 32.79 4.70
C PHE A 75 -10.23 33.94 4.64
N TRP A 76 -11.09 33.93 3.61
CA TRP A 76 -11.96 35.08 3.35
C TRP A 76 -12.96 35.29 4.48
N TRP A 77 -13.58 34.23 4.98
CA TRP A 77 -14.60 34.40 6.01
C TRP A 77 -13.99 34.81 7.34
N VAL A 78 -12.88 34.18 7.74
CA VAL A 78 -12.31 34.51 9.04
C VAL A 78 -11.76 35.93 9.05
N ASN A 79 -11.14 36.37 7.95
CA ASN A 79 -10.43 37.64 7.99
C ASN A 79 -11.23 38.82 7.42
N PHE A 80 -12.27 38.57 6.62
CA PHE A 80 -13.00 39.66 5.99
C PHE A 80 -14.51 39.52 6.05
N ARG A 81 -15.07 38.37 6.45
CA ARG A 81 -16.50 38.10 6.34
C ARG A 81 -16.98 38.23 4.91
N LEU A 82 -16.15 37.78 3.97
CA LEU A 82 -16.50 37.82 2.54
C LEU A 82 -16.94 36.44 2.09
N PRO A 83 -18.17 36.29 1.58
CA PRO A 83 -18.73 34.95 1.38
C PRO A 83 -18.42 34.32 0.03
N PHE A 84 -17.38 34.73 -0.68
CA PHE A 84 -17.13 34.23 -2.02
C PHE A 84 -15.90 33.32 -2.12
N GLY A 85 -15.41 32.78 -1.01
CA GLY A 85 -14.15 32.05 -1.04
C GLY A 85 -14.20 30.79 -1.90
N ALA A 86 -15.25 29.99 -1.73
CA ALA A 86 -15.40 28.78 -2.55
C ALA A 86 -15.61 29.14 -4.01
N VAL A 87 -16.43 30.15 -4.28
CA VAL A 87 -16.63 30.63 -5.64
C VAL A 87 -15.33 31.22 -6.17
N PHE A 88 -14.57 31.90 -5.32
CA PHE A 88 -13.25 32.41 -5.70
C PHE A 88 -12.39 31.29 -6.28
N ALA A 89 -12.17 30.23 -5.47
CA ALA A 89 -11.31 29.14 -5.91
C ALA A 89 -11.88 28.42 -7.13
N ALA A 90 -13.18 28.16 -7.14
CA ALA A 90 -13.78 27.41 -8.25
C ALA A 90 -13.71 28.20 -9.54
N LEU A 91 -13.98 29.50 -9.50
CA LEU A 91 -13.90 30.33 -10.70
C LEU A 91 -12.47 30.42 -11.19
N GLY A 92 -11.50 30.54 -10.28
CA GLY A 92 -10.11 30.55 -10.72
C GLY A 92 -9.73 29.26 -11.43
N LEU A 93 -10.10 28.12 -10.83
CA LEU A 93 -9.77 26.84 -11.45
C LEU A 93 -10.45 26.68 -12.81
N LEU A 94 -11.74 27.06 -12.89
CA LEU A 94 -12.47 26.93 -14.15
C LEU A 94 -11.88 27.82 -15.22
N ILE A 95 -11.53 29.06 -14.88
CA ILE A 95 -10.97 29.98 -15.86
C ILE A 95 -9.63 29.46 -16.38
N GLY A 96 -8.76 29.04 -15.47
CA GLY A 96 -7.48 28.50 -15.89
C GLY A 96 -7.63 27.27 -16.77
N GLU A 97 -8.51 26.35 -16.37
CA GLU A 97 -8.71 25.14 -17.14
C GLU A 97 -9.26 25.46 -18.53
N TRP A 98 -10.25 26.33 -18.61
CA TRP A 98 -10.84 26.66 -19.91
C TRP A 98 -9.83 27.35 -20.81
N ILE A 99 -9.02 28.25 -20.26
CA ILE A 99 -7.98 28.88 -21.05
C ILE A 99 -7.03 27.84 -21.61
N ASN A 100 -6.62 26.89 -20.77
CA ASN A 100 -5.69 25.85 -21.22
C ASN A 100 -6.30 24.97 -22.30
N ARG A 101 -7.56 24.56 -22.11
CA ARG A 101 -8.17 23.67 -23.10
C ARG A 101 -8.37 24.38 -24.44
N TYR A 102 -8.79 25.65 -24.41
CA TYR A 102 -9.05 26.34 -25.67
C TYR A 102 -7.76 26.76 -26.37
N VAL A 103 -6.73 27.13 -25.62
CA VAL A 103 -5.51 27.66 -26.23
C VAL A 103 -4.52 26.54 -26.54
N ASN A 104 -4.36 25.57 -25.64
CA ASN A 104 -3.35 24.53 -25.79
C ASN A 104 -3.91 23.23 -26.32
N PHE A 105 -4.94 22.67 -25.65
CA PHE A 105 -5.48 21.39 -26.09
C PHE A 105 -6.10 21.50 -27.48
N TRP A 106 -6.73 22.63 -27.78
CA TRP A 106 -7.36 22.83 -29.09
C TRP A 106 -6.50 23.69 -30.02
N GLY A 107 -5.93 24.78 -29.52
CA GLY A 107 -5.19 25.68 -30.39
C GLY A 107 -3.85 25.13 -30.84
N TRP A 108 -3.20 24.33 -30.01
CA TRP A 108 -1.88 23.78 -30.31
C TRP A 108 -1.97 22.37 -30.88
N THR A 109 -2.59 21.45 -30.15
CA THR A 109 -2.66 20.05 -30.53
C THR A 109 -3.89 19.71 -31.36
N TYR A 110 -4.82 20.66 -31.51
CA TYR A 110 -5.99 20.51 -32.38
C TYR A 110 -6.88 19.33 -31.95
N PHE A 111 -7.03 19.16 -30.65
CA PHE A 111 -8.06 18.28 -30.12
C PHE A 111 -9.38 19.04 -30.05
N PRO A 112 -10.49 18.45 -30.51
CA PRO A 112 -11.77 19.18 -30.47
C PRO A 112 -12.22 19.43 -29.05
N ILE A 113 -12.98 20.52 -28.87
CA ILE A 113 -13.43 20.91 -27.54
C ILE A 113 -14.33 19.85 -26.93
N SER A 114 -15.13 19.17 -27.76
CA SER A 114 -16.02 18.12 -27.25
C SER A 114 -15.25 16.99 -26.58
N LEU A 115 -13.97 16.83 -26.89
CA LEU A 115 -13.13 15.84 -26.22
C LEU A 115 -12.50 16.39 -24.95
N VAL A 116 -12.16 17.68 -24.94
CA VAL A 116 -11.44 18.29 -23.83
C VAL A 116 -12.25 19.49 -23.36
N PHE A 117 -13.12 19.27 -22.37
CA PHE A 117 -13.77 20.36 -21.67
C PHE A 117 -13.78 20.00 -20.19
N PRO A 118 -13.63 21.00 -19.31
CA PRO A 118 -13.52 20.70 -17.88
C PRO A 118 -14.88 20.44 -17.26
N SER A 119 -14.84 20.00 -16.00
CA SER A 119 -16.05 19.78 -15.23
C SER A 119 -16.61 21.10 -14.73
N ALA A 120 -17.86 21.06 -14.28
CA ALA A 120 -18.54 22.23 -13.76
C ALA A 120 -18.57 22.17 -12.23
N LEU A 121 -18.10 23.24 -11.60
CA LEU A 121 -18.02 23.31 -10.14
C LEU A 121 -18.68 24.57 -9.57
N ILE A 122 -19.30 25.40 -10.41
CA ILE A 122 -19.81 26.68 -9.95
C ILE A 122 -21.01 26.50 -9.03
N VAL A 123 -21.94 25.62 -9.41
CA VAL A 123 -23.13 25.41 -8.58
C VAL A 123 -22.78 24.83 -7.21
N PRO A 124 -21.97 23.78 -7.08
CA PRO A 124 -21.59 23.34 -5.73
C PRO A 124 -20.83 24.40 -4.94
N ALA A 125 -20.00 25.20 -5.60
CA ALA A 125 -19.28 26.27 -4.91
C ALA A 125 -20.25 27.32 -4.38
N ILE A 126 -21.26 27.67 -5.18
CA ILE A 126 -22.29 28.61 -4.73
C ILE A 126 -23.04 28.04 -3.54
N TRP A 127 -23.38 26.74 -3.60
CA TRP A 127 -24.06 26.11 -2.48
C TRP A 127 -23.22 26.21 -1.21
N LEU A 128 -21.93 25.86 -1.30
CA LEU A 128 -21.06 25.89 -0.14
C LEU A 128 -20.91 27.30 0.41
N ASP A 129 -20.74 28.29 -0.47
CA ASP A 129 -20.58 29.67 -0.02
C ASP A 129 -21.83 30.20 0.65
N VAL A 130 -23.01 29.90 0.09
CA VAL A 130 -24.24 30.38 0.71
C VAL A 130 -24.50 29.65 2.03
N ILE A 131 -24.12 28.38 2.13
CA ILE A 131 -24.26 27.67 3.40
C ILE A 131 -23.38 28.32 4.46
N LEU A 132 -22.14 28.66 4.11
CA LEU A 132 -21.26 29.33 5.06
C LEU A 132 -21.81 30.71 5.43
N LEU A 133 -22.35 31.44 4.46
CA LEU A 133 -22.87 32.78 4.72
C LEU A 133 -24.07 32.72 5.66
N LEU A 134 -25.05 31.86 5.36
CA LEU A 134 -26.25 31.77 6.19
C LEU A 134 -25.95 31.21 7.57
N SER A 135 -25.08 30.20 7.64
CA SER A 135 -24.78 29.56 8.91
C SER A 135 -23.78 30.35 9.75
N GLY A 136 -22.67 30.77 9.15
CA GLY A 136 -21.59 31.38 9.88
C GLY A 136 -20.72 30.40 10.65
N SER A 137 -20.98 29.10 10.52
CA SER A 137 -20.26 28.07 11.23
C SER A 137 -19.57 27.17 10.22
N TYR A 138 -18.28 26.90 10.44
CA TYR A 138 -17.55 26.02 9.53
C TYR A 138 -17.80 24.54 9.83
N VAL A 139 -18.36 24.20 10.98
CA VAL A 139 -18.75 22.81 11.23
C VAL A 139 -20.05 22.50 10.50
N ILE A 140 -21.04 23.37 10.63
CA ILE A 140 -22.29 23.20 9.88
C ILE A 140 -22.00 23.25 8.39
N THR A 141 -21.07 24.11 7.98
CA THR A 141 -20.67 24.13 6.57
C THR A 141 -20.01 22.82 6.19
N ALA A 142 -19.03 22.37 6.97
CA ALA A 142 -18.31 21.13 6.66
C ALA A 142 -19.24 19.94 6.56
N VAL A 143 -20.39 19.98 7.23
CA VAL A 143 -21.34 18.88 7.07
C VAL A 143 -22.29 19.15 5.91
N VAL A 144 -23.13 20.17 6.04
CA VAL A 144 -24.24 20.36 5.11
C VAL A 144 -23.74 20.83 3.75
N GLY A 145 -22.87 21.85 3.74
CA GLY A 145 -22.40 22.37 2.47
C GLY A 145 -21.53 21.38 1.73
N SER A 146 -20.75 20.58 2.46
CA SER A 146 -19.97 19.53 1.81
C SER A 146 -20.87 18.45 1.23
N LEU A 147 -21.93 18.07 1.95
CA LEU A 147 -22.87 17.10 1.40
C LEU A 147 -23.51 17.63 0.12
N GLY A 148 -23.94 18.89 0.13
CA GLY A 148 -24.52 19.47 -1.06
C GLY A 148 -23.53 19.60 -2.20
N TRP A 149 -22.28 19.94 -1.87
CA TRP A 149 -21.22 20.04 -2.87
C TRP A 149 -20.98 18.69 -3.54
N GLY A 150 -20.95 17.61 -2.75
CA GLY A 150 -20.81 16.29 -3.33
C GLY A 150 -22.02 15.87 -4.15
N LEU A 151 -23.22 16.22 -3.69
CA LEU A 151 -24.43 15.78 -4.37
C LEU A 151 -24.71 16.53 -5.66
N LEU A 152 -24.34 17.81 -5.73
CA LEU A 152 -24.68 18.64 -6.88
C LEU A 152 -23.71 18.53 -8.05
N PHE A 153 -22.65 17.72 -7.91
CA PHE A 153 -21.62 17.68 -8.95
C PHE A 153 -22.18 17.10 -10.26
N TYR A 154 -22.88 15.97 -10.18
CA TYR A 154 -23.35 15.28 -11.37
C TYR A 154 -24.56 15.98 -12.02
N PRO A 155 -25.57 16.42 -11.26
CA PRO A 155 -26.69 17.10 -11.91
C PRO A 155 -26.30 18.36 -12.67
N ASN A 156 -25.32 19.13 -12.19
CA ASN A 156 -24.93 20.35 -12.88
C ASN A 156 -23.93 20.09 -14.00
N ASN A 157 -23.39 18.87 -14.08
CA ASN A 157 -22.54 18.48 -15.20
C ASN A 157 -23.31 17.75 -16.29
N TRP A 158 -24.48 17.21 -15.96
CA TRP A 158 -25.27 16.47 -16.96
C TRP A 158 -25.65 17.29 -18.19
N PRO A 159 -26.04 18.57 -18.10
CA PRO A 159 -26.40 19.30 -19.33
C PRO A 159 -25.31 19.34 -20.38
N ALA A 160 -24.04 19.40 -19.97
CA ALA A 160 -22.93 19.40 -20.91
C ALA A 160 -22.41 18.00 -21.21
N ILE A 161 -23.03 16.97 -20.64
CA ILE A 161 -22.53 15.61 -20.75
C ILE A 161 -23.46 14.69 -21.54
N ALA A 162 -24.77 14.87 -21.44
CA ALA A 162 -25.71 13.90 -22.00
C ALA A 162 -25.61 13.81 -23.52
N ALA A 163 -25.29 14.91 -24.20
CA ALA A 163 -25.24 14.90 -25.65
C ALA A 163 -24.25 13.87 -26.19
N PHE A 164 -23.15 13.66 -25.49
CA PHE A 164 -22.13 12.69 -25.88
C PHE A 164 -22.41 11.30 -25.35
N HIS A 165 -23.51 11.10 -24.63
CA HIS A 165 -23.89 9.78 -24.13
C HIS A 165 -24.96 9.13 -24.98
N GLN A 166 -25.31 9.72 -26.12
CA GLN A 166 -26.19 9.06 -27.07
C GLN A 166 -25.49 7.85 -27.67
N ALA A 167 -26.29 6.84 -28.01
CA ALA A 167 -25.76 5.56 -28.46
C ALA A 167 -25.62 5.51 -29.97
N THR A 168 -24.56 4.87 -30.42
CA THR A 168 -24.32 4.62 -31.84
C THR A 168 -23.87 3.17 -32.00
N GLU A 169 -24.06 2.64 -33.21
CA GLU A 169 -23.67 1.27 -33.51
C GLU A 169 -22.57 1.29 -34.55
N GLN A 170 -21.39 0.78 -34.18
CA GLN A 170 -20.27 0.64 -35.07
C GLN A 170 -20.31 -0.74 -35.73
N HIS A 171 -19.16 -1.15 -36.27
CA HIS A 171 -19.05 -2.38 -37.05
C HIS A 171 -19.82 -3.54 -36.43
N GLY A 172 -19.59 -3.82 -35.15
CA GLY A 172 -20.41 -4.81 -34.46
C GLY A 172 -20.82 -4.39 -33.07
N GLN A 173 -20.23 -3.31 -32.57
CA GLN A 173 -20.32 -2.93 -31.16
C GLN A 173 -21.24 -1.74 -30.98
N LEU A 174 -21.58 -1.50 -29.71
CA LEU A 174 -22.35 -0.34 -29.29
C LEU A 174 -21.42 0.64 -28.60
N MET A 175 -21.52 1.92 -28.96
CA MET A 175 -20.63 2.95 -28.45
C MET A 175 -21.45 4.14 -27.97
N THR A 176 -20.83 4.93 -27.09
CA THR A 176 -21.31 6.27 -26.83
C THR A 176 -20.64 7.24 -27.80
N LEU A 177 -21.19 8.46 -27.87
CA LEU A 177 -20.53 9.48 -28.66
C LEU A 177 -19.21 9.92 -28.03
N ALA A 178 -19.11 9.85 -26.71
CA ALA A 178 -17.86 10.19 -26.04
C ALA A 178 -16.76 9.18 -26.33
N ASP A 179 -17.10 7.90 -26.29
CA ASP A 179 -16.12 6.86 -26.62
C ASP A 179 -15.67 6.99 -28.06
N LEU A 180 -16.60 7.27 -28.97
CA LEU A 180 -16.23 7.45 -30.38
C LEU A 180 -15.41 8.70 -30.60
N ILE A 181 -15.68 9.77 -29.84
CA ILE A 181 -14.84 10.96 -29.94
C ILE A 181 -13.42 10.67 -29.48
N GLY A 182 -13.28 9.94 -28.37
CA GLY A 182 -11.95 9.57 -27.92
C GLY A 182 -11.24 8.64 -28.88
N PHE A 183 -12.00 7.74 -29.53
CA PHE A 183 -11.41 6.78 -30.45
C PHE A 183 -10.97 7.46 -31.74
N HIS A 184 -11.81 8.34 -32.30
CA HIS A 184 -11.54 8.94 -33.60
C HIS A 184 -10.34 9.87 -33.54
N PHE A 185 -10.30 10.76 -32.56
CA PHE A 185 -9.22 11.72 -32.42
C PHE A 185 -8.13 11.08 -31.58
N VAL A 186 -7.04 10.69 -32.22
CA VAL A 186 -6.09 9.76 -31.64
C VAL A 186 -5.19 10.49 -30.64
N ARG A 187 -5.07 9.92 -29.45
CA ARG A 187 -4.07 10.34 -28.47
C ARG A 187 -3.02 9.24 -28.40
N THR A 188 -1.76 9.59 -28.68
CA THR A 188 -0.71 8.59 -28.75
C THR A 188 -0.47 7.92 -27.40
N SER A 189 -0.56 8.68 -26.31
CA SER A 189 -0.22 8.19 -24.98
C SER A 189 -1.46 7.96 -24.12
N MET A 190 -2.62 7.73 -24.73
CA MET A 190 -3.86 7.46 -23.99
C MET A 190 -4.51 6.18 -24.52
N PRO A 191 -3.98 5.02 -24.18
CA PRO A 191 -4.68 3.77 -24.50
C PRO A 191 -5.95 3.62 -23.67
N GLU A 192 -6.85 2.77 -24.17
CA GLU A 192 -8.16 2.63 -23.55
C GLU A 192 -8.07 2.02 -22.16
N TYR A 193 -7.05 1.23 -21.87
CA TYR A 193 -6.99 0.55 -20.58
C TYR A 193 -6.62 1.48 -19.43
N ILE A 194 -6.10 2.67 -19.71
CA ILE A 194 -5.64 3.55 -18.63
C ILE A 194 -6.82 4.12 -17.84
N ARG A 195 -7.90 4.48 -18.52
CA ARG A 195 -8.98 5.23 -17.86
C ARG A 195 -9.58 4.42 -16.72
N MET A 196 -9.53 4.98 -15.51
CA MET A 196 -10.18 4.37 -14.36
C MET A 196 -11.66 4.74 -14.42
N VAL A 197 -12.39 4.02 -15.27
CA VAL A 197 -13.82 4.15 -15.37
C VAL A 197 -14.46 2.86 -14.86
N GLU A 198 -15.76 2.91 -14.61
CA GLU A 198 -16.45 1.73 -14.09
C GLU A 198 -16.52 0.66 -15.17
N ARG A 199 -16.37 -0.59 -14.74
CA ARG A 199 -16.45 -1.73 -15.64
C ARG A 199 -17.45 -2.79 -15.18
N GLY A 200 -18.20 -2.53 -14.11
CA GLY A 200 -19.17 -3.48 -13.62
C GLY A 200 -18.65 -4.27 -12.44
N THR A 201 -19.55 -4.69 -11.55
CA THR A 201 -19.20 -5.54 -10.43
C THR A 201 -20.36 -6.47 -10.14
N LEU A 202 -20.05 -7.63 -9.56
CA LEU A 202 -21.09 -8.55 -9.13
C LEU A 202 -21.84 -8.05 -7.90
N ARG A 203 -21.35 -6.99 -7.26
CA ARG A 203 -22.01 -6.38 -6.12
C ARG A 203 -22.68 -5.05 -6.48
N THR A 204 -22.72 -4.68 -7.75
CA THR A 204 -23.49 -3.54 -8.18
C THR A 204 -24.97 -3.91 -8.21
N PHE A 205 -25.82 -2.94 -7.83
CA PHE A 205 -27.23 -3.21 -7.60
C PHE A 205 -28.11 -2.44 -8.57
N GLY A 206 -29.41 -2.44 -8.32
CA GLY A 206 -30.39 -2.00 -9.30
C GLY A 206 -30.40 -0.51 -9.57
N LYS A 207 -29.37 -0.04 -10.29
CA LYS A 207 -29.28 1.34 -10.77
C LYS A 207 -29.01 2.32 -9.63
N ASP A 208 -28.01 2.02 -8.81
CA ASP A 208 -27.63 2.88 -7.69
C ASP A 208 -26.23 3.47 -7.83
N VAL A 209 -25.65 3.45 -9.04
CA VAL A 209 -24.24 3.81 -9.20
C VAL A 209 -24.03 5.30 -8.91
N VAL A 210 -24.71 6.16 -9.66
CA VAL A 210 -24.50 7.61 -9.50
C VAL A 210 -24.87 8.10 -8.11
N PRO A 211 -26.03 7.74 -7.53
CA PRO A 211 -26.32 8.19 -6.16
C PRO A 211 -25.30 7.73 -5.14
N VAL A 212 -24.83 6.47 -5.25
CA VAL A 212 -23.84 5.97 -4.31
C VAL A 212 -22.54 6.75 -4.43
N ALA A 213 -22.11 7.01 -5.67
CA ALA A 213 -20.90 7.80 -5.88
C ALA A 213 -21.06 9.20 -5.32
N ALA A 214 -22.22 9.82 -5.54
CA ALA A 214 -22.45 11.18 -5.05
C ALA A 214 -22.42 11.23 -3.53
N PHE A 215 -23.07 10.27 -2.87
CA PHE A 215 -23.11 10.29 -1.40
C PHE A 215 -21.73 9.99 -0.82
N PHE A 216 -20.99 9.07 -1.42
CA PHE A 216 -19.62 8.80 -0.97
C PHE A 216 -18.75 10.05 -1.13
N SER A 217 -18.88 10.74 -2.27
CA SER A 217 -18.10 11.96 -2.49
C SER A 217 -18.46 13.03 -1.48
N GLY A 218 -19.75 13.18 -1.17
CA GLY A 218 -20.14 14.16 -0.16
C GLY A 218 -19.60 13.84 1.22
N PHE A 219 -19.70 12.57 1.62
CA PHE A 219 -19.19 12.19 2.94
C PHE A 219 -17.69 12.44 3.04
N VAL A 220 -16.92 12.04 2.03
CA VAL A 220 -15.48 12.28 2.08
C VAL A 220 -15.18 13.78 2.02
N SER A 221 -15.98 14.53 1.25
CA SER A 221 -15.80 15.97 1.18
C SER A 221 -16.00 16.64 2.52
N MET A 222 -16.85 16.07 3.38
CA MET A 222 -16.98 16.61 4.74
C MET A 222 -15.64 16.62 5.46
N MET A 223 -14.96 15.48 5.50
CA MET A 223 -13.68 15.40 6.19
C MET A 223 -12.61 16.22 5.50
N VAL A 224 -12.60 16.21 4.16
CA VAL A 224 -11.60 17.00 3.44
C VAL A 224 -11.80 18.50 3.70
N TYR A 225 -13.06 18.95 3.75
CA TYR A 225 -13.36 20.33 4.09
C TYR A 225 -12.89 20.65 5.51
N PHE A 226 -13.15 19.74 6.46
CA PHE A 226 -12.74 20.01 7.83
C PHE A 226 -11.23 20.11 7.94
N LEU A 227 -10.49 19.27 7.22
CA LEU A 227 -9.03 19.35 7.25
C LEU A 227 -8.52 20.62 6.57
N TRP A 228 -9.06 20.95 5.39
CA TRP A 228 -8.51 22.05 4.63
C TRP A 228 -8.95 23.42 5.12
N TRP A 229 -10.04 23.50 5.88
CA TRP A 229 -10.35 24.76 6.56
C TRP A 229 -9.22 25.13 7.52
N PHE A 230 -8.77 24.17 8.31
CA PHE A 230 -7.68 24.44 9.24
C PHE A 230 -6.35 24.56 8.50
N MET A 231 -6.20 23.87 7.37
CA MET A 231 -5.03 24.09 6.53
C MET A 231 -4.95 25.54 6.07
N GLY A 232 -6.07 26.09 5.59
CA GLY A 232 -6.11 27.49 5.22
C GLY A 232 -5.92 28.43 6.38
N ARG A 233 -6.40 28.05 7.57
CA ARG A 233 -6.13 28.85 8.77
C ARG A 233 -4.64 28.87 9.08
N TRP A 234 -3.96 27.73 8.95
CA TRP A 234 -2.52 27.67 9.17
C TRP A 234 -1.77 28.50 8.14
N TYR A 235 -2.18 28.42 6.88
CA TYR A 235 -1.52 29.20 5.83
C TYR A 235 -1.72 30.69 5.99
N SER A 236 -2.71 31.13 6.78
CA SER A 236 -2.94 32.54 7.06
C SER A 236 -2.14 33.03 8.27
N THR A 237 -1.04 32.34 8.60
CA THR A 237 -0.29 32.69 9.79
C THR A 237 0.48 33.99 9.60
N THR A 238 0.57 34.76 10.68
CA THR A 238 1.37 35.98 10.72
C THR A 238 2.57 35.84 11.64
N LYS A 239 3.03 34.60 11.84
CA LYS A 239 4.13 34.32 12.74
C LYS A 239 5.45 34.72 12.11
N VAL A 240 6.28 35.41 12.88
CA VAL A 240 7.62 35.83 12.45
C VAL A 240 8.63 35.05 13.27
N ILE A 241 9.49 34.31 12.58
CA ILE A 241 10.52 33.51 13.23
C ILE A 241 11.82 34.28 13.20
N ASP A 242 12.77 33.85 14.04
CA ASP A 242 14.02 34.59 14.22
C ASP A 242 15.21 33.97 13.50
N THR A 243 15.19 32.66 13.25
CA THR A 243 16.33 31.96 12.68
C THR A 243 15.87 31.05 11.55
N ILE A 244 16.61 31.08 10.44
CA ILE A 244 16.37 30.15 9.34
C ILE A 244 17.65 29.35 9.08
N HIS B 1 -32.52 -15.83 -3.75
CA HIS B 1 -32.90 -14.38 -3.87
C HIS B 1 -31.69 -13.45 -3.92
N GLY B 2 -31.72 -12.40 -4.75
CA GLY B 2 -30.60 -11.42 -4.87
C GLY B 2 -29.98 -11.30 -6.24
N GLU B 3 -30.07 -12.32 -7.09
CA GLU B 3 -29.48 -12.36 -8.46
C GLU B 3 -30.08 -11.27 -9.38
N LYS B 4 -31.38 -11.07 -9.38
CA LYS B 4 -32.05 -10.05 -10.24
C LYS B 4 -31.31 -8.72 -10.18
N SER B 5 -30.83 -8.32 -9.00
CA SER B 5 -30.16 -7.00 -8.82
C SER B 5 -28.75 -6.98 -9.41
N GLN B 6 -28.22 -8.12 -9.81
CA GLN B 6 -26.85 -8.19 -10.36
C GLN B 6 -26.93 -7.82 -11.84
N GLN B 7 -25.84 -7.30 -12.40
CA GLN B 7 -25.85 -6.88 -13.79
C GLN B 7 -26.06 -8.07 -14.71
N ALA B 8 -26.85 -7.85 -15.77
CA ALA B 8 -27.19 -8.95 -16.67
C ALA B 8 -25.97 -9.49 -17.40
N PHE B 9 -25.09 -8.60 -17.86
CA PHE B 9 -23.96 -9.04 -18.67
C PHE B 9 -22.94 -9.80 -17.84
N LEU B 10 -22.83 -9.50 -16.55
CA LEU B 10 -21.94 -10.27 -15.68
C LEU B 10 -22.54 -11.62 -15.34
N ARG B 11 -23.86 -11.68 -15.16
CA ARG B 11 -24.53 -12.96 -14.90
C ARG B 11 -24.42 -13.87 -16.10
N MET B 12 -24.57 -13.33 -17.32
CA MET B 12 -24.58 -14.15 -18.52
C MET B 12 -23.19 -14.63 -18.91
N ARG B 13 -22.15 -13.88 -18.58
CA ARG B 13 -20.81 -14.12 -19.12
C ARG B 13 -19.83 -14.66 -18.09
N THR B 14 -20.33 -15.19 -16.97
CA THR B 14 -19.46 -15.79 -15.96
C THR B 14 -19.67 -17.29 -15.82
N LEU B 15 -20.88 -17.72 -15.47
CA LEU B 15 -21.14 -19.14 -15.26
C LEU B 15 -22.48 -19.50 -15.88
N ASN B 16 -22.47 -20.51 -16.76
CA ASN B 16 -23.67 -21.00 -17.40
C ASN B 16 -24.07 -22.29 -16.71
N TRP B 17 -25.16 -22.24 -15.95
CA TRP B 17 -25.64 -23.39 -15.21
C TRP B 17 -26.53 -24.25 -16.10
N TYR B 18 -26.30 -25.56 -16.06
CA TYR B 18 -27.17 -26.50 -16.75
C TYR B 18 -27.30 -27.73 -15.85
N ASP B 19 -27.83 -28.82 -16.41
CA ASP B 19 -28.89 -29.59 -15.75
C ASP B 19 -28.74 -29.60 -14.23
N VAL B 20 -29.73 -29.01 -13.56
CA VAL B 20 -29.70 -28.83 -12.11
C VAL B 20 -30.93 -29.51 -11.53
N GLN B 21 -30.72 -30.34 -10.52
CA GLN B 21 -31.79 -31.16 -9.96
C GLN B 21 -31.85 -30.99 -8.45
N TRP B 22 -33.04 -31.17 -7.91
CA TRP B 22 -33.28 -31.27 -6.48
C TRP B 22 -33.96 -32.60 -6.22
N SER B 23 -33.27 -33.50 -5.50
CA SER B 23 -33.76 -34.87 -5.36
C SER B 23 -35.11 -34.90 -4.64
N LYS B 24 -35.29 -34.02 -3.65
CA LYS B 24 -36.55 -33.91 -2.95
C LYS B 24 -36.94 -32.44 -2.82
N THR B 25 -38.20 -32.14 -3.13
CA THR B 25 -38.74 -30.81 -2.89
C THR B 25 -39.41 -30.68 -1.53
N THR B 26 -39.70 -31.79 -0.86
CA THR B 26 -40.23 -31.81 0.50
C THR B 26 -39.43 -32.82 1.30
N VAL B 27 -38.82 -32.36 2.39
CA VAL B 27 -38.03 -33.23 3.26
C VAL B 27 -38.50 -33.05 4.70
N ASN B 28 -38.23 -34.06 5.51
CA ASN B 28 -38.46 -33.98 6.94
C ASN B 28 -37.19 -33.47 7.63
N VAL B 29 -37.32 -33.19 8.92
CA VAL B 29 -36.14 -32.88 9.72
C VAL B 29 -35.28 -34.15 9.83
N ASN B 30 -33.97 -33.99 9.67
CA ASN B 30 -33.00 -35.08 9.62
C ASN B 30 -33.11 -35.91 8.36
N GLU B 31 -33.73 -35.38 7.31
CA GLU B 31 -33.87 -36.05 6.04
C GLU B 31 -32.95 -35.40 5.02
N GLU B 32 -32.27 -36.22 4.22
CA GLU B 32 -31.25 -35.77 3.29
C GLU B 32 -31.82 -35.63 1.88
N MET B 33 -31.34 -34.60 1.17
CA MET B 33 -31.64 -34.44 -0.24
C MET B 33 -30.40 -33.91 -0.95
N VAL B 34 -30.31 -34.18 -2.24
CA VAL B 34 -29.13 -33.88 -3.04
C VAL B 34 -29.48 -32.86 -4.11
N LEU B 35 -28.75 -31.76 -4.14
CA LEU B 35 -28.86 -30.74 -5.18
C LEU B 35 -27.64 -30.89 -6.09
N SER B 36 -27.86 -31.33 -7.32
CA SER B 36 -26.79 -31.55 -8.28
C SER B 36 -26.94 -30.61 -9.46
N GLY B 37 -25.87 -30.50 -10.24
CA GLY B 37 -25.91 -29.64 -11.40
C GLY B 37 -24.59 -29.66 -12.14
N LYS B 38 -24.55 -28.91 -13.24
CA LYS B 38 -23.32 -28.73 -14.01
C LYS B 38 -23.15 -27.25 -14.31
N VAL B 39 -21.91 -26.81 -14.46
CA VAL B 39 -21.62 -25.41 -14.72
C VAL B 39 -20.56 -25.33 -15.82
N HIS B 40 -20.71 -24.33 -16.68
CA HIS B 40 -19.75 -24.02 -17.72
C HIS B 40 -19.14 -22.64 -17.46
N VAL B 41 -17.83 -22.55 -17.63
CA VAL B 41 -17.12 -21.28 -17.45
C VAL B 41 -17.04 -20.59 -18.80
N PHE B 42 -17.55 -19.36 -18.88
CA PHE B 42 -17.57 -18.63 -20.14
C PHE B 42 -16.15 -18.30 -20.57
N SER B 43 -15.84 -18.54 -21.85
CA SER B 43 -14.49 -18.33 -22.34
C SER B 43 -14.07 -16.87 -22.26
N ALA B 44 -14.98 -15.96 -22.63
CA ALA B 44 -14.71 -14.52 -22.54
C ALA B 44 -15.08 -14.04 -21.13
N TRP B 45 -14.27 -14.45 -20.18
CA TRP B 45 -14.50 -14.08 -18.78
C TRP B 45 -14.32 -12.57 -18.61
N PRO B 46 -15.25 -11.90 -17.94
CA PRO B 46 -15.17 -10.43 -17.85
C PRO B 46 -13.93 -9.97 -17.09
N GLN B 47 -13.39 -8.83 -17.52
CA GLN B 47 -12.24 -8.24 -16.83
C GLN B 47 -12.62 -7.74 -15.44
N ALA B 48 -13.88 -7.34 -15.26
CA ALA B 48 -14.33 -6.84 -13.97
C ALA B 48 -14.25 -7.92 -12.89
N VAL B 49 -14.63 -9.13 -13.23
CA VAL B 49 -14.61 -10.25 -12.29
C VAL B 49 -13.22 -10.86 -12.28
N ALA B 50 -12.73 -11.21 -11.10
CA ALA B 50 -11.42 -11.83 -10.98
C ALA B 50 -11.46 -13.24 -11.57
N ASN B 51 -10.28 -13.82 -11.75
CA ASN B 51 -10.16 -15.16 -12.31
C ASN B 51 -10.79 -16.18 -11.37
N PRO B 52 -11.41 -17.23 -11.93
CA PRO B 52 -12.02 -18.27 -11.08
C PRO B 52 -10.99 -19.21 -10.47
N ARG B 53 -9.71 -18.79 -10.47
CA ARG B 53 -8.65 -19.59 -9.88
C ARG B 53 -8.93 -19.95 -8.42
N VAL B 54 -9.60 -19.06 -7.70
CA VAL B 54 -9.99 -19.31 -6.32
C VAL B 54 -11.50 -19.16 -6.23
N SER B 55 -12.20 -20.26 -5.95
CA SER B 55 -13.66 -20.25 -5.90
C SER B 55 -14.13 -21.32 -4.91
N PHE B 56 -15.36 -21.14 -4.44
CA PHE B 56 -15.94 -22.00 -3.41
C PHE B 56 -17.38 -22.31 -3.77
N LEU B 57 -17.73 -23.60 -3.83
CA LEU B 57 -19.09 -24.01 -4.09
C LEU B 57 -19.94 -23.88 -2.83
N ASN B 58 -21.16 -23.38 -2.99
CA ASN B 58 -21.99 -23.05 -1.83
C ASN B 58 -23.46 -23.27 -2.16
N ALA B 59 -24.25 -23.40 -1.10
CA ALA B 59 -25.70 -23.51 -1.19
C ALA B 59 -26.33 -22.20 -0.74
N GLY B 60 -27.09 -21.57 -1.63
CA GLY B 60 -27.76 -20.33 -1.36
C GLY B 60 -29.09 -20.48 -0.66
N GLU B 61 -29.05 -20.68 0.65
CA GLU B 61 -30.24 -20.77 1.48
C GLU B 61 -30.30 -19.59 2.44
N PRO B 62 -31.46 -19.27 3.01
CA PRO B 62 -31.56 -18.13 3.93
C PRO B 62 -30.93 -18.37 5.29
N GLY B 63 -30.10 -19.40 5.43
CA GLY B 63 -29.46 -19.73 6.68
C GLY B 63 -29.26 -21.22 6.75
N PRO B 64 -28.83 -21.73 7.88
CA PRO B 64 -28.72 -23.19 8.08
C PRO B 64 -30.08 -23.85 8.27
N VAL B 65 -30.99 -23.61 7.33
CA VAL B 65 -32.26 -24.33 7.31
C VAL B 65 -32.03 -25.76 6.82
N LEU B 66 -30.97 -25.96 6.04
CA LEU B 66 -30.47 -27.28 5.68
C LEU B 66 -29.00 -27.35 6.04
N VAL B 67 -28.57 -28.47 6.60
CA VAL B 67 -27.19 -28.66 7.01
C VAL B 67 -26.46 -29.39 5.89
N ARG B 68 -25.35 -28.81 5.44
CA ARG B 68 -24.55 -29.38 4.36
C ARG B 68 -23.65 -30.46 4.92
N THR B 69 -24.04 -31.72 4.70
CA THR B 69 -23.20 -32.83 5.16
C THR B 69 -21.98 -33.03 4.26
N ALA B 70 -22.12 -32.78 2.97
CA ALA B 70 -21.01 -32.92 2.04
C ALA B 70 -21.30 -32.13 0.78
N GLN B 71 -20.24 -31.84 0.03
CA GLN B 71 -20.37 -31.23 -1.29
C GLN B 71 -19.16 -31.63 -2.12
N PHE B 72 -19.39 -31.84 -3.41
CA PHE B 72 -18.38 -32.33 -4.34
C PHE B 72 -18.45 -31.50 -5.61
N ILE B 73 -17.28 -31.01 -6.07
CA ILE B 73 -17.19 -30.33 -7.35
C ILE B 73 -15.93 -30.81 -8.05
N GLY B 74 -16.03 -31.06 -9.35
CA GLY B 74 -14.89 -31.51 -10.13
C GLY B 74 -14.34 -32.86 -9.70
N GLU B 75 -15.23 -33.81 -9.39
CA GLU B 75 -14.87 -35.16 -8.97
C GLU B 75 -14.05 -35.17 -7.68
N GLN B 76 -14.24 -34.17 -6.82
CA GLN B 76 -13.48 -34.06 -5.58
C GLN B 76 -14.37 -33.56 -4.46
N PHE B 77 -14.23 -34.15 -3.28
CA PHE B 77 -14.88 -33.61 -2.09
C PHE B 77 -14.27 -32.25 -1.78
N ALA B 78 -15.12 -31.23 -1.65
CA ALA B 78 -14.69 -29.83 -1.67
C ALA B 78 -15.18 -29.07 -0.45
N PRO B 79 -14.55 -29.27 0.71
CA PRO B 79 -14.84 -28.40 1.86
C PRO B 79 -14.10 -27.07 1.83
N ARG B 80 -13.11 -26.92 0.94
CA ARG B 80 -12.39 -25.66 0.83
C ARG B 80 -12.42 -25.14 -0.60
N SER B 81 -11.63 -24.10 -0.87
CA SER B 81 -11.67 -23.44 -2.16
C SER B 81 -11.07 -24.31 -3.25
N VAL B 82 -11.65 -24.23 -4.45
CA VAL B 82 -11.18 -25.00 -5.60
C VAL B 82 -10.81 -24.04 -6.72
N SER B 83 -10.36 -24.58 -7.85
CA SER B 83 -9.96 -23.79 -9.01
C SER B 83 -10.80 -24.20 -10.21
N LEU B 84 -11.42 -23.22 -10.85
CA LEU B 84 -12.17 -23.43 -12.08
C LEU B 84 -11.42 -22.80 -13.24
N GLU B 85 -11.27 -23.53 -14.33
CA GLU B 85 -10.56 -23.06 -15.50
C GLU B 85 -11.53 -22.51 -16.54
N ILE B 86 -11.08 -21.52 -17.28
CA ILE B 86 -11.93 -20.84 -18.25
C ILE B 86 -12.25 -21.78 -19.40
N GLY B 87 -13.53 -21.85 -19.76
CA GLY B 87 -13.94 -22.65 -20.89
C GLY B 87 -14.10 -24.13 -20.61
N LYS B 88 -14.32 -24.51 -19.36
CA LYS B 88 -14.44 -25.91 -18.99
C LYS B 88 -15.73 -26.13 -18.21
N ASP B 89 -16.18 -27.39 -18.20
CA ASP B 89 -17.41 -27.80 -17.54
C ASP B 89 -17.09 -28.59 -16.28
N TYR B 90 -17.83 -28.32 -15.21
CA TYR B 90 -17.65 -29.03 -13.95
C TYR B 90 -19.00 -29.43 -13.38
N ALA B 91 -19.10 -30.66 -12.92
CA ALA B 91 -20.29 -31.18 -12.27
C ALA B 91 -20.16 -31.00 -10.76
N PHE B 92 -21.27 -30.65 -10.11
CA PHE B 92 -21.29 -30.42 -8.67
C PHE B 92 -22.49 -31.11 -8.05
N SER B 93 -22.35 -31.44 -6.77
CA SER B 93 -23.39 -32.08 -5.97
C SER B 93 -23.26 -31.60 -4.54
N ILE B 94 -24.40 -31.40 -3.87
CA ILE B 94 -24.43 -30.94 -2.49
C ILE B 94 -25.47 -31.76 -1.73
N ASN B 95 -25.08 -32.32 -0.59
CA ASN B 95 -26.00 -33.06 0.28
C ASN B 95 -26.46 -32.15 1.41
N LEU B 96 -27.76 -32.10 1.64
CA LEU B 96 -28.35 -31.18 2.61
C LEU B 96 -29.34 -31.93 3.49
N ARG B 97 -29.23 -31.71 4.80
CA ARG B 97 -30.09 -32.35 5.79
C ARG B 97 -31.02 -31.32 6.39
N GLY B 98 -32.32 -31.62 6.41
CA GLY B 98 -33.33 -30.70 6.91
C GLY B 98 -33.16 -30.32 8.38
N ARG B 99 -33.18 -29.02 8.66
CA ARG B 99 -33.03 -28.52 10.02
C ARG B 99 -34.23 -27.72 10.50
N ARG B 100 -34.65 -26.70 9.74
CA ARG B 100 -35.70 -25.77 10.17
C ARG B 100 -36.93 -25.93 9.29
N ALA B 101 -38.08 -26.09 9.91
CA ALA B 101 -39.33 -26.24 9.18
C ALA B 101 -39.70 -24.94 8.47
N GLY B 102 -40.29 -25.08 7.29
CA GLY B 102 -40.71 -23.94 6.49
C GLY B 102 -40.45 -24.14 5.02
N ARG B 103 -40.76 -23.12 4.21
CA ARG B 103 -40.52 -23.15 2.78
C ARG B 103 -39.36 -22.22 2.46
N TRP B 104 -38.34 -22.77 1.82
CA TRP B 104 -37.11 -21.98 1.56
C TRP B 104 -36.63 -22.15 0.13
N HIS B 105 -36.09 -21.09 -0.46
CA HIS B 105 -35.56 -21.10 -1.86
C HIS B 105 -34.07 -21.40 -1.79
N VAL B 106 -33.69 -22.59 -2.24
CA VAL B 106 -32.29 -23.05 -2.08
C VAL B 106 -31.62 -23.10 -3.45
N HIS B 107 -30.52 -22.37 -3.59
CA HIS B 107 -29.88 -22.23 -4.91
C HIS B 107 -28.51 -22.88 -4.97
N ALA B 108 -28.03 -23.08 -6.19
CA ALA B 108 -26.64 -23.52 -6.36
C ALA B 108 -25.85 -22.23 -6.55
N GLN B 109 -24.76 -22.05 -5.82
CA GLN B 109 -23.98 -20.87 -6.15
C GLN B 109 -22.50 -21.18 -6.06
N ILE B 110 -21.69 -20.32 -6.68
CA ILE B 110 -20.25 -20.40 -6.59
C ILE B 110 -19.73 -19.01 -6.25
N ASN B 111 -19.02 -18.90 -5.14
CA ASN B 111 -18.39 -17.64 -4.75
C ASN B 111 -16.96 -17.65 -5.28
N VAL B 112 -16.73 -16.90 -6.35
CA VAL B 112 -15.38 -16.66 -6.83
C VAL B 112 -14.79 -15.53 -6.00
N GLU B 113 -13.46 -15.49 -5.93
CA GLU B 113 -12.76 -14.51 -5.11
C GLU B 113 -12.92 -13.17 -5.83
N GLY B 114 -12.12 -12.16 -5.51
CA GLY B 114 -12.59 -10.78 -5.47
C GLY B 114 -13.48 -10.28 -6.60
N GLY B 115 -13.85 -11.16 -7.54
CA GLY B 115 -15.04 -10.92 -8.33
C GLY B 115 -16.32 -11.01 -7.50
N GLY B 116 -16.52 -12.14 -6.80
CA GLY B 116 -17.67 -12.25 -5.92
C GLY B 116 -18.57 -13.45 -6.19
N PRO B 117 -19.83 -13.35 -5.77
CA PRO B 117 -20.75 -14.50 -5.87
C PRO B 117 -21.51 -14.58 -7.17
N ILE B 118 -21.73 -15.81 -7.63
CA ILE B 118 -22.53 -16.10 -8.81
C ILE B 118 -23.59 -17.11 -8.41
N ILE B 119 -24.85 -16.75 -8.62
CA ILE B 119 -25.99 -17.51 -8.12
C ILE B 119 -26.65 -18.27 -9.26
N GLY B 120 -26.92 -19.55 -9.02
CA GLY B 120 -27.57 -20.38 -10.01
C GLY B 120 -29.03 -20.61 -9.71
N PRO B 121 -29.64 -21.59 -10.39
CA PRO B 121 -31.07 -21.84 -10.20
C PRO B 121 -31.40 -22.25 -8.77
N GLY B 122 -32.61 -21.86 -8.34
CA GLY B 122 -33.09 -22.20 -7.02
C GLY B 122 -34.45 -22.85 -7.08
N GLN B 123 -34.79 -23.55 -6.00
CA GLN B 123 -36.06 -24.24 -5.89
C GLN B 123 -36.60 -24.12 -4.47
N TRP B 124 -37.94 -24.15 -4.35
CA TRP B 124 -38.59 -24.10 -3.06
C TRP B 124 -38.63 -25.48 -2.42
N ILE B 125 -38.09 -25.58 -1.22
CA ILE B 125 -38.02 -26.82 -0.45
C ILE B 125 -38.86 -26.64 0.81
N GLU B 126 -39.72 -27.61 1.09
CA GLU B 126 -40.57 -27.61 2.27
C GLU B 126 -39.99 -28.57 3.29
N ILE B 127 -39.61 -28.06 4.45
CA ILE B 127 -39.05 -28.86 5.54
C ILE B 127 -40.11 -28.97 6.62
N LYS B 128 -40.49 -30.20 6.96
CA LYS B 128 -41.56 -30.47 7.91
C LYS B 128 -40.98 -31.18 9.13
N GLY B 129 -41.31 -30.68 10.30
CA GLY B 129 -40.85 -31.29 11.54
C GLY B 129 -40.53 -30.23 12.56
N ASP B 130 -39.78 -30.64 13.58
CA ASP B 130 -39.37 -29.76 14.67
C ASP B 130 -37.86 -29.62 14.66
N MET B 131 -37.37 -28.39 14.79
CA MET B 131 -35.93 -28.17 14.84
C MET B 131 -35.31 -28.81 16.08
N LYS B 132 -36.10 -28.99 17.14
CA LYS B 132 -35.61 -29.66 18.34
C LYS B 132 -35.31 -31.13 18.07
N ASP B 133 -35.89 -31.72 17.04
CA ASP B 133 -35.61 -33.10 16.68
C ASP B 133 -34.39 -33.24 15.79
N PHE B 134 -33.76 -32.15 15.40
CA PHE B 134 -32.61 -32.20 14.51
C PHE B 134 -31.39 -32.73 15.24
N THR B 135 -30.68 -33.65 14.58
CA THR B 135 -29.41 -34.16 15.07
C THR B 135 -28.37 -34.07 13.97
N ASP B 136 -27.11 -33.86 14.37
CA ASP B 136 -25.99 -33.76 13.45
C ASP B 136 -24.89 -34.69 13.94
N PRO B 137 -25.04 -36.00 13.75
CA PRO B 137 -24.08 -36.96 14.30
C PRO B 137 -22.77 -36.93 13.52
N VAL B 138 -21.66 -36.87 14.26
CA VAL B 138 -20.32 -36.81 13.70
C VAL B 138 -19.43 -37.79 14.46
N THR B 139 -18.68 -38.60 13.72
CA THR B 139 -17.76 -39.58 14.30
C THR B 139 -16.35 -39.00 14.35
N LEU B 140 -15.67 -39.19 15.46
CA LEU B 140 -14.31 -38.71 15.63
C LEU B 140 -13.31 -39.80 15.22
N LEU B 141 -12.02 -39.47 15.30
CA LEU B 141 -10.99 -40.44 14.95
C LEU B 141 -10.86 -41.55 15.97
N ASP B 142 -11.32 -41.32 17.21
CA ASP B 142 -11.29 -42.34 18.25
C ASP B 142 -12.54 -43.18 18.28
N GLY B 143 -13.47 -42.97 17.34
CA GLY B 143 -14.70 -43.74 17.30
C GLY B 143 -15.86 -43.15 18.08
N SER B 144 -15.62 -42.09 18.86
CA SER B 144 -16.69 -41.47 19.63
C SER B 144 -17.58 -40.64 18.72
N THR B 145 -18.88 -40.65 19.01
CA THR B 145 -19.87 -39.91 18.23
C THR B 145 -20.35 -38.72 19.04
N VAL B 146 -20.46 -37.57 18.37
CA VAL B 146 -20.93 -36.34 19.00
C VAL B 146 -22.08 -35.78 18.16
N ASP B 147 -22.87 -34.91 18.78
CA ASP B 147 -23.92 -34.18 18.08
C ASP B 147 -23.40 -32.78 17.78
N LEU B 148 -23.11 -32.52 16.50
CA LEU B 148 -22.49 -31.26 16.12
C LEU B 148 -23.39 -30.07 16.43
N GLU B 149 -24.70 -30.27 16.54
CA GLU B 149 -25.59 -29.17 16.90
C GLU B 149 -25.36 -28.71 18.32
N HIS B 150 -25.10 -29.63 19.25
CA HIS B 150 -25.04 -29.33 20.67
C HIS B 150 -23.66 -29.49 21.28
N TYR B 151 -22.68 -30.01 20.55
CA TYR B 151 -21.40 -30.35 21.14
C TYR B 151 -20.57 -29.10 21.45
N GLY B 152 -19.98 -29.08 22.64
CA GLY B 152 -19.00 -28.09 23.01
C GLY B 152 -19.54 -26.76 23.51
N ILE B 153 -20.86 -26.58 23.54
CA ILE B 153 -21.42 -25.29 23.93
C ILE B 153 -21.39 -25.12 25.45
N SER B 154 -21.61 -26.22 26.18
CA SER B 154 -21.57 -26.16 27.64
C SER B 154 -20.19 -25.75 28.15
N ARG B 155 -19.14 -26.26 27.52
CA ARG B 155 -17.78 -25.85 27.88
C ARG B 155 -17.57 -24.37 27.63
N VAL B 156 -18.08 -23.88 26.49
CA VAL B 156 -17.95 -22.46 26.17
C VAL B 156 -18.62 -21.60 27.23
N TYR B 157 -19.84 -21.96 27.62
CA TYR B 157 -20.51 -21.19 28.67
C TYR B 157 -19.76 -21.28 29.99
N ALA B 158 -19.36 -22.50 30.39
CA ALA B 158 -18.71 -22.70 31.67
C ALA B 158 -17.36 -22.00 31.77
N TRP B 159 -16.72 -21.72 30.63
CA TRP B 159 -15.49 -20.94 30.68
C TRP B 159 -15.76 -19.44 30.58
N HIS B 160 -16.75 -19.03 29.79
CA HIS B 160 -16.92 -17.61 29.50
C HIS B 160 -17.70 -16.88 30.59
N LEU B 161 -18.83 -17.44 31.03
CA LEU B 161 -19.69 -16.73 31.96
C LEU B 161 -19.03 -16.47 33.32
N PRO B 162 -18.35 -17.44 33.97
CA PRO B 162 -17.72 -17.14 35.25
C PRO B 162 -16.70 -16.02 35.19
N TRP B 163 -15.94 -15.89 34.10
CA TRP B 163 -14.96 -14.82 34.01
C TRP B 163 -15.64 -13.46 33.87
N MET B 164 -16.76 -13.40 33.14
CA MET B 164 -17.54 -12.18 33.08
C MET B 164 -18.09 -11.81 34.46
N ALA B 165 -18.54 -12.81 35.22
CA ALA B 165 -18.99 -12.56 36.58
C ALA B 165 -17.85 -12.03 37.45
N VAL B 166 -16.65 -12.59 37.28
CA VAL B 166 -15.49 -12.13 38.04
C VAL B 166 -15.16 -10.68 37.72
N GLY B 167 -15.19 -10.33 36.42
CA GLY B 167 -14.92 -8.96 36.04
C GLY B 167 -15.95 -7.98 36.58
N ALA B 168 -17.23 -8.36 36.52
CA ALA B 168 -18.28 -7.53 37.08
C ALA B 168 -18.10 -7.37 38.59
N ALA B 169 -17.70 -8.44 39.28
CA ALA B 169 -17.46 -8.35 40.71
C ALA B 169 -16.29 -7.44 41.02
N TRP B 170 -15.24 -7.49 40.20
CA TRP B 170 -14.09 -6.59 40.38
C TRP B 170 -14.51 -5.13 40.26
N ILE B 171 -15.25 -4.81 39.19
CA ILE B 171 -15.69 -3.43 38.98
C ILE B 171 -16.60 -2.99 40.12
N PHE B 172 -17.54 -3.85 40.50
CA PHE B 172 -18.49 -3.50 41.56
C PHE B 172 -17.78 -3.31 42.90
N PHE B 173 -16.81 -4.16 43.20
CA PHE B 173 -16.06 -4.04 44.44
C PHE B 173 -15.33 -2.71 44.51
N TRP B 174 -14.60 -2.35 43.46
CA TRP B 174 -13.89 -1.07 43.50
C TRP B 174 -14.84 0.11 43.54
N PHE B 175 -15.94 0.03 42.79
CA PHE B 175 -16.91 1.12 42.76
C PHE B 175 -17.53 1.35 44.13
N VAL B 176 -17.92 0.27 44.82
CA VAL B 176 -18.53 0.42 46.14
C VAL B 176 -17.50 0.85 47.17
N ARG B 177 -16.26 0.33 47.07
CA ARG B 177 -15.26 0.67 48.07
C ARG B 177 -14.82 2.13 47.96
N LYS B 178 -14.68 2.65 46.75
CA LYS B 178 -14.16 3.99 46.55
C LYS B 178 -15.18 4.99 46.05
N GLY B 179 -15.98 4.63 45.04
CA GLY B 179 -16.89 5.57 44.44
C GLY B 179 -16.24 6.37 43.33
N ILE B 180 -17.05 7.18 42.66
CA ILE B 180 -16.62 7.97 41.52
C ILE B 180 -16.50 9.45 41.89
N ILE B 181 -17.55 10.03 42.46
CA ILE B 181 -17.49 11.44 42.85
C ILE B 181 -16.50 11.65 43.98
N THR B 182 -16.54 10.78 45.00
CA THR B 182 -15.62 10.92 46.13
C THR B 182 -14.17 10.75 45.69
N SER B 183 -13.91 9.75 44.85
CA SER B 183 -12.56 9.53 44.34
C SER B 183 -12.11 10.70 43.48
N TYR B 184 -13.01 11.24 42.65
CA TYR B 184 -12.66 12.40 41.84
C TYR B 184 -12.29 13.59 42.71
N ILE B 185 -13.07 13.85 43.76
CA ILE B 185 -12.80 14.99 44.62
C ILE B 185 -11.49 14.78 45.38
N ARG B 186 -11.23 13.55 45.82
CA ARG B 186 -9.98 13.27 46.52
C ARG B 186 -8.78 13.49 45.61
N VAL B 187 -8.85 13.00 44.37
CA VAL B 187 -7.74 13.19 43.44
C VAL B 187 -7.59 14.66 43.07
N ALA B 188 -8.70 15.39 42.96
CA ALA B 188 -8.65 16.77 42.50
C ALA B 188 -7.99 17.69 43.54
N GLU B 189 -8.07 17.33 44.82
CA GLU B 189 -7.47 18.15 45.87
C GLU B 189 -6.06 17.70 46.24
N GLY B 190 -5.42 16.88 45.41
CA GLY B 190 -4.09 16.41 45.69
C GLY B 190 -4.01 15.23 46.64
N LYS B 191 -5.15 14.65 47.03
CA LYS B 191 -5.19 13.50 47.93
C LYS B 191 -5.37 12.20 47.17
N ALA B 192 -4.77 12.09 45.98
CA ALA B 192 -4.86 10.86 45.20
C ALA B 192 -4.22 9.68 45.92
N ASP B 193 -3.29 9.93 46.84
CA ASP B 193 -2.69 8.84 47.61
C ASP B 193 -3.65 8.26 48.64
N ASP B 194 -4.70 8.99 49.00
CA ASP B 194 -5.70 8.49 49.93
C ASP B 194 -6.62 7.46 49.30
N VAL B 195 -6.75 7.47 47.97
CA VAL B 195 -7.64 6.51 47.30
C VAL B 195 -7.06 5.11 47.35
N ILE B 196 -5.76 4.98 47.05
CA ILE B 196 -5.12 3.68 46.93
C ILE B 196 -4.05 3.57 48.02
N GLY B 197 -4.12 2.50 48.81
CA GLY B 197 -3.14 2.24 49.85
C GLY B 197 -2.45 0.91 49.71
N ASP B 198 -1.77 0.47 50.78
CA ASP B 198 -1.06 -0.80 50.73
C ASP B 198 -2.02 -1.98 50.68
N ASP B 199 -3.14 -1.89 51.42
CA ASP B 199 -4.10 -2.99 51.42
C ASP B 199 -4.74 -3.18 50.06
N ASP B 200 -5.02 -2.08 49.35
CA ASP B 200 -5.58 -2.18 48.01
C ASP B 200 -4.61 -2.86 47.05
N ARG B 201 -3.32 -2.50 47.13
CA ARG B 201 -2.33 -3.14 46.29
C ARG B 201 -2.17 -4.61 46.63
N ARG B 202 -2.24 -4.95 47.91
CA ARG B 202 -2.17 -6.35 48.32
C ARG B 202 -3.37 -7.13 47.78
N ILE B 203 -4.56 -6.55 47.84
CA ILE B 203 -5.74 -7.21 47.30
C ILE B 203 -5.59 -7.42 45.80
N GLY B 204 -5.11 -6.40 45.09
CA GLY B 204 -4.88 -6.55 43.66
C GLY B 204 -3.87 -7.64 43.34
N ALA B 205 -2.79 -7.71 44.11
CA ALA B 205 -1.79 -8.76 43.89
C ALA B 205 -2.37 -10.15 44.13
N ILE B 206 -3.15 -10.30 45.20
CA ILE B 206 -3.78 -11.59 45.48
C ILE B 206 -4.73 -11.98 44.35
N VAL B 207 -5.52 -11.01 43.86
CA VAL B 207 -6.46 -11.29 42.78
C VAL B 207 -5.72 -11.70 41.52
N LEU B 208 -4.62 -11.02 41.20
CA LEU B 208 -3.84 -11.37 40.02
C LEU B 208 -3.24 -12.77 40.15
N ALA B 209 -2.71 -13.09 41.34
CA ALA B 209 -2.16 -14.42 41.55
C ALA B 209 -3.22 -15.50 41.38
N LEU B 210 -4.41 -15.27 41.93
CA LEU B 210 -5.49 -16.24 41.78
C LEU B 210 -5.93 -16.37 40.33
N THR B 211 -5.97 -15.26 39.59
CA THR B 211 -6.34 -15.31 38.19
C THR B 211 -5.32 -16.10 37.37
N ILE B 212 -4.04 -15.88 37.62
CA ILE B 212 -2.99 -16.62 36.91
C ILE B 212 -3.08 -18.10 37.25
N LEU B 213 -3.29 -18.42 38.53
CA LEU B 213 -3.43 -19.83 38.91
C LEU B 213 -4.62 -20.47 38.23
N ALA B 214 -5.75 -19.76 38.16
CA ALA B 214 -6.94 -20.30 37.50
C ALA B 214 -6.68 -20.53 36.03
N THR B 215 -5.98 -19.60 35.37
CA THR B 215 -5.66 -19.77 33.95
C THR B 215 -4.79 -20.99 33.72
N ILE B 216 -3.75 -21.16 34.54
CA ILE B 216 -2.86 -22.31 34.39
C ILE B 216 -3.62 -23.61 34.65
N VAL B 217 -4.45 -23.64 35.70
CA VAL B 217 -5.21 -24.85 36.01
C VAL B 217 -6.18 -25.18 34.89
N GLY B 218 -6.85 -24.18 34.34
CA GLY B 218 -7.76 -24.43 33.23
C GLY B 218 -7.05 -24.95 32.01
N TYR B 219 -5.89 -24.37 31.69
CA TYR B 219 -5.12 -24.86 30.54
C TYR B 219 -4.69 -26.30 30.74
N ALA B 220 -4.19 -26.64 31.94
CA ALA B 220 -3.74 -28.00 32.20
C ALA B 220 -4.89 -28.99 32.14
N VAL B 221 -6.04 -28.64 32.73
CA VAL B 221 -7.19 -29.53 32.73
C VAL B 221 -7.70 -29.72 31.30
N THR B 222 -7.72 -28.65 30.51
CA THR B 222 -8.15 -28.75 29.13
C THR B 222 -7.21 -29.65 28.32
N ASN B 223 -5.91 -29.52 28.53
CA ASN B 223 -4.97 -30.40 27.83
C ASN B 223 -5.14 -31.84 28.26
N SER B 224 -5.44 -32.08 29.54
CA SER B 224 -5.69 -33.43 30.00
C SER B 224 -6.95 -34.01 29.36
N THR B 225 -8.00 -33.19 29.22
CA THR B 225 -9.24 -33.68 28.64
C THR B 225 -9.10 -34.01 27.16
N PHE B 226 -8.38 -33.17 26.42
CA PHE B 226 -8.18 -33.34 24.98
C PHE B 226 -6.68 -33.39 24.72
N PRO B 227 -6.06 -34.56 24.87
CA PRO B 227 -4.61 -34.65 24.70
C PRO B 227 -4.15 -34.55 23.25
N ARG B 228 -5.02 -34.83 22.29
CA ARG B 228 -4.65 -34.88 20.88
C ARG B 228 -5.58 -33.98 20.09
N THR B 229 -5.04 -32.86 19.61
CA THR B 229 -5.78 -31.91 18.80
C THR B 229 -4.95 -31.55 17.58
N ILE B 230 -5.63 -31.08 16.54
CA ILE B 230 -4.98 -30.72 15.29
C ILE B 230 -5.34 -29.27 14.93
N PRO B 231 -4.51 -28.56 14.18
CA PRO B 231 -4.86 -27.20 13.79
C PRO B 231 -5.95 -27.18 12.72
N LEU B 232 -6.52 -25.99 12.52
CA LEU B 232 -7.53 -25.81 11.49
C LEU B 232 -6.95 -26.12 10.11
N GLN B 233 -7.71 -26.85 9.31
CA GLN B 233 -7.26 -27.30 7.99
C GLN B 233 -7.75 -26.31 6.95
N ALA B 234 -6.81 -25.70 6.22
CA ALA B 234 -7.13 -24.68 5.24
C ALA B 234 -6.18 -24.79 4.05
N GLY B 235 -6.62 -24.26 2.92
CA GLY B 235 -5.80 -24.22 1.72
C GLY B 235 -6.56 -24.56 0.46
N LEU B 236 -6.02 -24.14 -0.69
CA LEU B 236 -6.62 -24.48 -1.98
C LEU B 236 -6.44 -25.97 -2.27
N GLN B 237 -7.47 -26.56 -2.88
CA GLN B 237 -7.41 -27.97 -3.22
C GLN B 237 -6.67 -28.18 -4.54
N LYS B 238 -6.45 -29.45 -4.87
CA LYS B 238 -5.78 -29.79 -6.11
C LYS B 238 -6.66 -29.45 -7.30
N PRO B 239 -6.08 -29.30 -8.49
CA PRO B 239 -6.88 -28.96 -9.67
C PRO B 239 -7.99 -29.96 -9.91
N LEU B 240 -9.14 -29.45 -10.35
CA LEU B 240 -10.34 -30.25 -10.54
C LEU B 240 -10.29 -31.01 -11.86
N THR B 241 -11.21 -31.97 -11.99
CA THR B 241 -11.36 -32.73 -13.21
C THR B 241 -12.58 -32.26 -13.97
N PRO B 242 -12.44 -31.67 -15.15
CA PRO B 242 -13.62 -31.19 -15.88
C PRO B 242 -14.40 -32.34 -16.50
N ILE B 243 -15.61 -32.01 -16.97
CA ILE B 243 -16.46 -32.98 -17.65
C ILE B 243 -15.90 -33.25 -19.04
N GLU B 244 -15.79 -34.52 -19.40
CA GLU B 244 -15.26 -34.94 -20.69
C GLU B 244 -16.20 -35.89 -21.40
N THR B 245 -17.50 -35.81 -21.07
CA THR B 245 -18.50 -36.62 -21.75
C THR B 245 -18.82 -36.03 -23.11
N GLU B 246 -19.35 -36.86 -24.00
CA GLU B 246 -19.67 -36.42 -25.34
C GLU B 246 -20.82 -35.41 -25.32
N GLY B 247 -20.68 -34.34 -26.10
CA GLY B 247 -21.71 -33.34 -26.25
C GLY B 247 -21.45 -32.05 -25.50
N THR B 248 -20.49 -32.03 -24.58
CA THR B 248 -20.20 -30.81 -23.86
C THR B 248 -19.21 -29.95 -24.65
N VAL B 249 -19.08 -28.69 -24.22
CA VAL B 249 -18.24 -27.74 -24.93
C VAL B 249 -16.77 -28.13 -24.76
N GLY B 250 -16.08 -28.29 -25.88
CA GLY B 250 -14.66 -28.63 -25.84
C GLY B 250 -14.35 -30.11 -25.84
N VAL B 251 -15.08 -30.90 -26.63
CA VAL B 251 -14.89 -32.35 -26.67
C VAL B 251 -14.57 -32.68 -28.13
N GLY B 252 -14.54 -33.96 -28.48
CA GLY B 252 -13.93 -34.44 -29.71
C GLY B 252 -14.61 -34.08 -31.02
N LYS B 253 -14.45 -34.96 -32.01
CA LYS B 253 -14.72 -34.60 -33.40
C LYS B 253 -16.15 -34.14 -33.64
N GLU B 254 -17.11 -34.72 -32.91
CA GLU B 254 -18.52 -34.40 -33.09
C GLU B 254 -18.93 -33.32 -32.11
N ASN B 255 -19.34 -32.16 -32.63
CA ASN B 255 -19.70 -31.03 -31.77
C ASN B 255 -20.50 -30.02 -32.58
N VAL B 256 -20.80 -28.88 -31.95
CA VAL B 256 -21.43 -27.75 -32.60
C VAL B 256 -20.63 -26.50 -32.26
N THR B 257 -20.43 -25.64 -33.25
CA THR B 257 -19.76 -24.36 -33.03
C THR B 257 -20.69 -23.24 -33.46
N THR B 258 -20.98 -22.32 -32.54
CA THR B 258 -21.91 -21.23 -32.81
C THR B 258 -21.20 -19.89 -32.59
N GLU B 259 -21.33 -19.00 -33.56
CA GLU B 259 -20.77 -17.66 -33.48
C GLU B 259 -21.89 -16.64 -33.64
N LEU B 260 -21.85 -15.60 -32.80
CA LEU B 260 -22.90 -14.59 -32.79
C LEU B 260 -22.54 -13.50 -33.81
N ASN B 261 -23.25 -13.50 -34.95
CA ASN B 261 -23.02 -12.50 -35.97
C ASN B 261 -23.63 -11.15 -35.59
N GLY B 262 -24.69 -11.16 -34.79
CA GLY B 262 -25.32 -9.93 -34.35
C GLY B 262 -26.65 -10.15 -33.66
N GLY B 263 -27.00 -9.26 -32.74
CA GLY B 263 -28.24 -9.40 -32.00
C GLY B 263 -28.83 -8.05 -31.65
N VAL B 264 -30.15 -8.04 -31.50
CA VAL B 264 -30.89 -6.84 -31.11
C VAL B 264 -31.83 -7.21 -29.97
N TYR B 265 -31.86 -6.38 -28.93
CA TYR B 265 -32.80 -6.57 -27.83
C TYR B 265 -33.61 -5.30 -27.62
N LYS B 266 -34.92 -5.47 -27.45
CA LYS B 266 -35.83 -4.35 -27.27
C LYS B 266 -35.69 -3.73 -25.88
N VAL B 267 -35.84 -2.41 -25.81
CA VAL B 267 -35.78 -1.68 -24.55
C VAL B 267 -37.01 -0.78 -24.48
N PRO B 268 -37.92 -1.00 -23.52
CA PRO B 268 -37.93 -2.02 -22.47
C PRO B 268 -38.76 -3.24 -22.82
N GLY B 269 -38.59 -3.82 -24.00
CA GLY B 269 -39.34 -5.00 -24.39
C GLY B 269 -38.79 -6.26 -23.75
N ARG B 270 -39.40 -7.38 -24.11
CA ARG B 270 -39.03 -8.69 -23.59
C ARG B 270 -38.36 -9.58 -24.62
N GLU B 271 -37.96 -9.03 -25.77
CA GLU B 271 -37.47 -9.81 -26.89
C GLU B 271 -35.96 -9.71 -27.03
N LEU B 272 -35.39 -10.68 -27.73
CA LEU B 272 -33.98 -10.69 -28.08
C LEU B 272 -33.82 -11.54 -29.33
N THR B 273 -33.53 -10.89 -30.46
CA THR B 273 -33.32 -11.58 -31.72
C THR B 273 -31.83 -11.59 -32.03
N ILE B 274 -31.28 -12.78 -32.29
CA ILE B 274 -29.85 -12.93 -32.53
C ILE B 274 -29.64 -13.71 -33.81
N ASN B 275 -28.49 -13.50 -34.43
CA ASN B 275 -28.09 -14.20 -35.64
C ASN B 275 -26.92 -15.11 -35.29
N VAL B 276 -27.05 -16.40 -35.59
CA VAL B 276 -26.10 -17.42 -35.16
C VAL B 276 -25.57 -18.14 -36.39
N LYS B 277 -24.26 -18.13 -36.56
CA LYS B 277 -23.59 -18.99 -37.54
C LYS B 277 -23.25 -20.31 -36.85
N VAL B 278 -23.84 -21.40 -37.35
CA VAL B 278 -23.75 -22.71 -36.73
C VAL B 278 -22.98 -23.63 -37.68
N LYS B 279 -21.92 -24.24 -37.16
CA LYS B 279 -21.18 -25.28 -37.85
C LYS B 279 -21.42 -26.59 -37.11
N ASN B 280 -21.93 -27.59 -37.83
CA ASN B 280 -22.31 -28.88 -37.26
C ASN B 280 -21.23 -29.89 -37.58
N ASN B 281 -20.40 -30.23 -36.58
CA ASN B 281 -19.36 -31.23 -36.70
C ASN B 281 -19.77 -32.54 -36.06
N THR B 282 -21.03 -32.93 -36.20
CA THR B 282 -21.53 -34.24 -35.82
C THR B 282 -21.96 -35.00 -37.07
N SER B 283 -22.42 -36.23 -36.87
CA SER B 283 -22.82 -37.09 -37.97
C SER B 283 -24.32 -37.12 -38.20
N GLN B 284 -25.09 -36.35 -37.44
CA GLN B 284 -26.54 -36.38 -37.54
C GLN B 284 -27.09 -34.97 -37.60
N PRO B 285 -28.23 -34.77 -38.27
CA PRO B 285 -28.85 -33.44 -38.29
C PRO B 285 -29.30 -33.03 -36.89
N LEU B 286 -29.16 -31.73 -36.60
CA LEU B 286 -29.45 -31.21 -35.26
C LEU B 286 -30.46 -30.08 -35.35
N ARG B 287 -31.29 -29.99 -34.31
CA ARG B 287 -32.24 -28.90 -34.14
C ARG B 287 -31.94 -28.18 -32.84
N LEU B 288 -31.91 -26.85 -32.88
CA LEU B 288 -31.68 -26.06 -31.68
C LEU B 288 -32.89 -26.17 -30.77
N GLY B 289 -32.68 -26.57 -29.52
CA GLY B 289 -33.79 -26.82 -28.62
C GLY B 289 -33.83 -25.92 -27.40
N GLU B 290 -32.72 -25.28 -27.06
CA GLU B 290 -32.66 -24.51 -25.83
C GLU B 290 -31.58 -23.44 -25.92
N TYR B 291 -31.88 -22.28 -25.34
CA TYR B 291 -30.89 -21.25 -25.04
C TYR B 291 -30.80 -21.09 -23.54
N THR B 292 -29.59 -21.07 -23.02
CA THR B 292 -29.34 -21.00 -21.59
C THR B 292 -28.79 -19.63 -21.22
N ALA B 293 -29.29 -19.09 -20.12
CA ALA B 293 -29.04 -17.76 -19.59
C ALA B 293 -28.37 -17.89 -18.23
N ALA B 294 -28.43 -16.82 -17.45
CA ALA B 294 -27.87 -16.76 -16.10
C ALA B 294 -28.44 -17.83 -15.18
N GLY B 295 -29.33 -18.67 -15.71
CA GLY B 295 -30.03 -19.69 -14.95
C GLY B 295 -31.39 -19.90 -15.55
N LEU B 296 -31.75 -19.06 -16.51
CA LEU B 296 -32.99 -19.17 -17.26
C LEU B 296 -32.82 -20.15 -18.41
N ARG B 297 -33.95 -20.72 -18.85
CA ARG B 297 -33.98 -21.67 -19.95
C ARG B 297 -35.06 -21.24 -20.93
N PHE B 298 -34.68 -21.03 -22.18
CA PHE B 298 -35.63 -20.68 -23.24
C PHE B 298 -35.68 -21.86 -24.20
N LEU B 299 -36.77 -22.60 -24.16
CA LEU B 299 -36.88 -23.88 -24.86
C LEU B 299 -37.64 -23.72 -26.18
N ASN B 300 -37.24 -24.52 -27.16
CA ASN B 300 -37.96 -24.60 -28.42
C ASN B 300 -39.14 -25.55 -28.26
N PRO B 301 -40.38 -25.06 -28.38
CA PRO B 301 -41.54 -25.96 -28.20
C PRO B 301 -41.62 -27.06 -29.24
N ASP B 302 -40.96 -26.91 -30.39
CA ASP B 302 -40.92 -27.99 -31.38
C ASP B 302 -39.98 -29.11 -30.94
N VAL B 303 -38.93 -28.76 -30.20
CA VAL B 303 -38.02 -29.77 -29.65
C VAL B 303 -38.49 -30.26 -28.29
N PHE B 304 -38.82 -29.33 -27.39
CA PHE B 304 -39.32 -29.67 -26.05
C PHE B 304 -40.85 -29.65 -26.10
N THR B 305 -41.42 -30.74 -26.61
CA THR B 305 -42.87 -30.84 -26.70
C THR B 305 -43.52 -30.83 -25.32
N THR B 306 -42.93 -31.50 -24.35
CA THR B 306 -43.40 -31.50 -22.97
C THR B 306 -42.37 -30.79 -22.11
N LYS B 307 -42.83 -29.84 -21.30
CA LYS B 307 -41.92 -29.06 -20.47
C LYS B 307 -41.29 -29.94 -19.41
N PRO B 308 -40.02 -29.74 -19.10
CA PRO B 308 -39.33 -30.57 -18.11
C PRO B 308 -39.65 -30.09 -16.68
N ASP B 309 -39.06 -30.81 -15.71
CA ASP B 309 -39.23 -30.49 -14.30
C ASP B 309 -38.15 -29.47 -13.90
N PHE B 310 -38.51 -28.20 -14.01
CA PHE B 310 -37.65 -27.09 -13.66
C PHE B 310 -38.44 -26.07 -12.87
N PRO B 311 -37.77 -25.26 -12.05
CA PRO B 311 -38.47 -24.16 -11.36
C PRO B 311 -39.21 -23.27 -12.34
N ASP B 312 -40.42 -22.85 -11.95
CA ASP B 312 -41.29 -22.13 -12.85
C ASP B 312 -40.75 -20.76 -13.22
N TYR B 313 -40.04 -20.10 -12.30
CA TYR B 313 -39.59 -18.73 -12.53
C TYR B 313 -38.39 -18.65 -13.47
N LEU B 314 -37.81 -19.77 -13.87
CA LEU B 314 -36.70 -19.78 -14.81
C LEU B 314 -36.98 -20.57 -16.08
N LEU B 315 -38.13 -21.21 -16.20
CA LEU B 315 -38.43 -22.12 -17.31
C LEU B 315 -39.34 -21.42 -18.30
N ALA B 316 -38.80 -21.11 -19.47
CA ALA B 316 -39.58 -20.59 -20.60
C ALA B 316 -39.71 -21.71 -21.61
N ASP B 317 -40.77 -22.51 -21.46
CA ASP B 317 -40.97 -23.66 -22.33
C ASP B 317 -41.31 -23.28 -23.76
N ARG B 318 -41.68 -22.02 -24.00
CA ARG B 318 -41.99 -21.53 -25.34
C ARG B 318 -41.17 -20.30 -25.70
N GLY B 319 -40.03 -20.09 -25.04
CA GLY B 319 -39.30 -18.85 -25.18
C GLY B 319 -38.42 -18.77 -26.41
N LEU B 320 -38.10 -19.91 -27.01
CA LEU B 320 -37.18 -19.95 -28.15
C LEU B 320 -37.95 -20.35 -29.41
N SER B 321 -37.76 -19.59 -30.48
CA SER B 321 -38.38 -19.87 -31.77
C SER B 321 -37.34 -19.76 -32.87
N VAL B 322 -37.26 -20.79 -33.70
CA VAL B 322 -36.34 -20.85 -34.84
C VAL B 322 -37.07 -21.50 -36.00
N ASP B 323 -36.37 -21.64 -37.12
CA ASP B 323 -36.93 -22.38 -38.25
C ASP B 323 -36.99 -23.87 -37.94
N ALA B 324 -37.89 -24.57 -38.64
CA ALA B 324 -38.11 -25.99 -38.43
C ALA B 324 -37.26 -26.86 -39.33
N THR B 325 -36.12 -26.36 -39.79
CA THR B 325 -35.25 -27.10 -40.69
C THR B 325 -34.04 -27.61 -39.93
N PRO B 326 -33.81 -28.92 -39.86
CA PRO B 326 -32.61 -29.42 -39.17
C PRO B 326 -31.35 -29.05 -39.92
N ILE B 327 -30.26 -28.87 -39.17
CA ILE B 327 -28.97 -28.52 -39.74
C ILE B 327 -28.24 -29.82 -40.09
N ALA B 328 -28.03 -30.04 -41.38
CA ALA B 328 -27.44 -31.28 -41.84
C ALA B 328 -26.00 -31.41 -41.34
N PRO B 329 -25.50 -32.65 -41.19
CA PRO B 329 -24.11 -32.82 -40.74
C PRO B 329 -23.12 -32.15 -41.69
N GLY B 330 -22.10 -31.53 -41.11
CA GLY B 330 -21.09 -30.86 -41.89
C GLY B 330 -21.56 -29.63 -42.63
N GLU B 331 -22.67 -29.04 -42.23
CA GLU B 331 -23.26 -27.90 -42.91
C GLU B 331 -23.15 -26.66 -42.03
N ALA B 332 -22.66 -25.57 -42.60
CA ALA B 332 -22.59 -24.28 -41.93
C ALA B 332 -23.80 -23.45 -42.35
N LYS B 333 -24.60 -23.04 -41.37
CA LYS B 333 -25.86 -22.36 -41.65
C LYS B 333 -26.01 -21.15 -40.75
N GLU B 334 -26.56 -20.08 -41.29
CA GLU B 334 -26.89 -18.88 -40.52
C GLU B 334 -28.37 -18.91 -40.18
N ILE B 335 -28.69 -18.85 -38.88
CA ILE B 335 -30.05 -18.95 -38.40
C ILE B 335 -30.37 -17.73 -37.56
N VAL B 336 -31.67 -17.43 -37.48
CA VAL B 336 -32.18 -16.31 -36.71
C VAL B 336 -32.95 -16.88 -35.52
N VAL B 337 -32.46 -16.62 -34.31
CA VAL B 337 -33.03 -17.16 -33.09
C VAL B 337 -33.75 -16.04 -32.35
N LYS B 338 -35.02 -16.27 -32.04
CA LYS B 338 -35.85 -15.32 -31.30
C LYS B 338 -36.08 -15.83 -29.89
N ILE B 339 -35.73 -15.01 -28.90
CA ILE B 339 -36.01 -15.28 -27.51
C ILE B 339 -37.09 -14.30 -27.05
N GLN B 340 -38.22 -14.81 -26.59
CA GLN B 340 -39.35 -13.96 -26.21
C GLN B 340 -40.03 -14.59 -25.00
N ASP B 341 -39.87 -13.96 -23.84
CA ASP B 341 -40.56 -14.39 -22.64
C ASP B 341 -40.58 -13.25 -21.63
N ALA B 342 -41.61 -13.24 -20.79
CA ALA B 342 -41.68 -12.26 -19.72
C ALA B 342 -40.60 -12.50 -18.67
N ARG B 343 -40.06 -13.73 -18.61
CA ARG B 343 -39.00 -14.03 -17.67
C ARG B 343 -37.72 -13.28 -18.01
N TRP B 344 -37.53 -12.93 -19.29
CA TRP B 344 -36.39 -12.11 -19.67
C TRP B 344 -36.45 -10.73 -19.03
N ASP B 345 -37.67 -10.21 -18.82
CA ASP B 345 -37.86 -8.92 -18.17
C ASP B 345 -37.90 -9.04 -16.66
N ILE B 346 -38.54 -10.08 -16.13
CA ILE B 346 -38.66 -10.24 -14.68
C ILE B 346 -37.29 -10.44 -14.05
N GLU B 347 -36.45 -11.27 -14.67
CA GLU B 347 -35.11 -11.52 -14.17
C GLU B 347 -34.13 -10.40 -14.48
N ARG B 348 -34.62 -9.29 -15.04
CA ARG B 348 -33.82 -8.09 -15.29
C ARG B 348 -32.65 -8.37 -16.23
N LEU B 349 -32.84 -9.29 -17.16
CA LEU B 349 -31.91 -9.42 -18.27
C LEU B 349 -32.12 -8.33 -19.31
N SER B 350 -33.28 -7.68 -19.28
CA SER B 350 -33.56 -6.54 -20.15
C SER B 350 -32.85 -5.27 -19.69
N ASP B 351 -32.25 -5.28 -18.51
CA ASP B 351 -31.46 -4.16 -18.02
C ASP B 351 -30.06 -4.11 -18.62
N LEU B 352 -29.84 -4.87 -19.70
CA LEU B 352 -28.56 -4.84 -20.39
C LEU B 352 -28.18 -3.43 -20.83
N ALA B 353 -29.17 -2.59 -21.11
CA ALA B 353 -28.90 -1.22 -21.54
C ALA B 353 -28.35 -0.35 -20.43
N TYR B 354 -28.39 -0.82 -19.18
CA TYR B 354 -27.79 -0.08 -18.07
C TYR B 354 -26.32 -0.44 -17.86
N ASP B 355 -25.85 -1.52 -18.45
CA ASP B 355 -24.50 -2.00 -18.21
C ASP B 355 -23.49 -1.24 -19.07
N THR B 356 -22.22 -1.35 -18.67
CA THR B 356 -21.11 -0.77 -19.42
C THR B 356 -20.58 -1.69 -20.50
N ASP B 357 -21.19 -2.87 -20.67
CA ASP B 357 -20.83 -3.81 -21.74
C ASP B 357 -22.12 -4.47 -22.20
N SER B 358 -22.63 -4.04 -23.36
CA SER B 358 -23.88 -4.56 -23.91
C SER B 358 -23.60 -5.85 -24.68
N GLN B 359 -23.41 -6.93 -23.92
CA GLN B 359 -23.09 -8.23 -24.47
C GLN B 359 -23.99 -9.29 -23.86
N ILE B 360 -24.23 -10.35 -24.62
CA ILE B 360 -24.94 -11.52 -24.13
C ILE B 360 -24.00 -12.70 -24.11
N GLY B 361 -24.39 -13.73 -23.38
CA GLY B 361 -23.63 -14.97 -23.33
C GLY B 361 -24.50 -16.10 -22.82
N GLY B 362 -24.08 -17.32 -23.11
CA GLY B 362 -24.82 -18.49 -22.65
C GLY B 362 -24.47 -19.71 -23.47
N LEU B 363 -25.33 -20.72 -23.34
CA LEU B 363 -25.14 -22.00 -24.02
C LEU B 363 -26.34 -22.30 -24.92
N LEU B 364 -26.05 -22.85 -26.09
CA LEU B 364 -27.05 -23.34 -27.02
C LEU B 364 -26.95 -24.86 -27.10
N PHE B 365 -28.09 -25.53 -26.95
CA PHE B 365 -28.15 -26.99 -27.02
C PHE B 365 -28.84 -27.41 -28.31
N PHE B 366 -28.23 -28.36 -29.01
CA PHE B 366 -28.75 -28.91 -30.24
C PHE B 366 -29.03 -30.39 -30.02
N PHE B 367 -30.10 -30.89 -30.64
CA PHE B 367 -30.58 -32.24 -30.40
C PHE B 367 -30.70 -33.01 -31.70
N SER B 368 -30.39 -34.30 -31.63
CA SER B 368 -30.46 -35.21 -32.76
C SER B 368 -31.84 -35.85 -32.83
N PRO B 369 -32.13 -36.57 -33.91
CA PRO B 369 -33.39 -37.35 -33.94
C PRO B 369 -33.51 -38.34 -32.79
N ASP B 370 -32.41 -38.90 -32.32
CA ASP B 370 -32.45 -39.84 -31.20
C ASP B 370 -32.28 -39.16 -29.85
N GLY B 371 -32.21 -37.84 -29.82
CA GLY B 371 -32.21 -37.10 -28.57
C GLY B 371 -30.85 -36.82 -27.96
N LYS B 372 -29.76 -37.06 -28.69
CA LYS B 372 -28.43 -36.75 -28.18
C LYS B 372 -28.21 -35.24 -28.20
N ARG B 373 -27.62 -34.73 -27.12
CA ARG B 373 -27.51 -33.29 -26.92
C ARG B 373 -26.07 -32.82 -27.12
N TYR B 374 -25.91 -31.73 -27.85
CA TYR B 374 -24.61 -31.12 -28.09
C TYR B 374 -24.66 -29.66 -27.65
N ALA B 375 -23.71 -29.26 -26.83
CA ALA B 375 -23.67 -27.92 -26.26
C ALA B 375 -22.63 -27.06 -26.97
N SER B 376 -22.98 -25.80 -27.21
CA SER B 376 -22.05 -24.82 -27.75
C SER B 376 -22.18 -23.53 -26.96
N GLU B 377 -21.11 -22.75 -26.92
CA GLU B 377 -21.09 -21.49 -26.19
C GLU B 377 -21.32 -20.34 -27.15
N ILE B 378 -22.30 -19.50 -26.85
CA ILE B 378 -22.60 -18.32 -27.65
C ILE B 378 -22.38 -17.09 -26.79
N GLY B 379 -21.96 -16.00 -27.43
CA GLY B 379 -21.78 -14.74 -26.73
C GLY B 379 -21.27 -13.69 -27.67
N GLY B 380 -21.50 -12.44 -27.27
CA GLY B 380 -21.04 -11.32 -28.05
C GLY B 380 -21.91 -10.07 -27.89
N PRO B 381 -21.53 -9.00 -28.57
CA PRO B 381 -22.26 -7.73 -28.40
C PRO B 381 -23.63 -7.76 -29.04
N VAL B 382 -24.55 -7.00 -28.44
CA VAL B 382 -25.91 -6.84 -28.91
C VAL B 382 -26.25 -5.36 -28.92
N ILE B 383 -27.29 -5.03 -29.67
CA ILE B 383 -27.69 -3.64 -29.90
C ILE B 383 -29.05 -3.41 -29.26
N PRO B 384 -29.23 -2.34 -28.47
CA PRO B 384 -30.55 -2.05 -27.90
C PRO B 384 -31.42 -1.28 -28.89
N LYS B 385 -32.64 -1.75 -29.08
CA LYS B 385 -33.63 -1.07 -29.91
C LYS B 385 -34.57 -0.33 -28.96
N PHE B 386 -34.48 0.99 -28.94
CA PHE B 386 -35.27 1.80 -28.02
C PHE B 386 -36.66 2.01 -28.60
N VAL B 387 -37.68 1.60 -27.86
CA VAL B 387 -39.07 1.67 -28.32
C VAL B 387 -39.89 2.37 -27.25
N ALA B 388 -41.00 2.95 -27.67
CA ALA B 388 -41.90 3.65 -26.77
C ALA B 388 -43.32 3.10 -26.88
N GLU C 1 38.86 16.19 46.46
CA GLU C 1 40.23 16.20 45.99
C GLU C 1 40.34 15.65 44.58
N SER C 2 39.50 14.66 44.25
CA SER C 2 39.52 13.99 42.96
C SER C 2 38.15 14.16 42.31
N VAL C 3 37.97 15.22 41.55
CA VAL C 3 36.73 15.46 40.82
C VAL C 3 36.56 14.45 39.70
N VAL C 4 37.62 14.19 38.94
CA VAL C 4 37.56 13.24 37.84
C VAL C 4 38.35 11.99 38.20
N ASP C 5 37.64 10.97 38.71
CA ASP C 5 38.21 9.67 38.98
C ASP C 5 37.60 8.69 37.98
N LEU C 6 38.42 8.20 37.05
CA LEU C 6 37.94 7.40 35.93
C LEU C 6 38.14 5.90 36.13
N ARG C 7 38.40 5.47 37.36
CA ARG C 7 38.67 4.05 37.61
C ARG C 7 37.47 3.19 37.24
N GLY C 8 36.26 3.63 37.60
CA GLY C 8 35.07 2.85 37.27
C GLY C 8 34.85 2.73 35.78
N MET C 9 35.04 3.83 35.04
CA MET C 9 34.87 3.79 33.59
C MET C 9 35.90 2.85 32.95
N TRP C 10 37.16 2.93 33.39
CA TRP C 10 38.18 2.05 32.83
C TRP C 10 37.88 0.59 33.12
N ILE C 11 37.47 0.30 34.36
CA ILE C 11 37.14 -1.08 34.73
C ILE C 11 35.99 -1.60 33.87
N GLY C 12 34.93 -0.80 33.73
CA GLY C 12 33.79 -1.23 32.94
C GLY C 12 34.15 -1.45 31.48
N LEU C 13 34.92 -0.53 30.90
CA LEU C 13 35.32 -0.66 29.51
C LEU C 13 36.18 -1.91 29.30
N VAL C 14 37.15 -2.14 30.18
CA VAL C 14 38.02 -3.30 30.04
C VAL C 14 37.20 -4.59 30.15
N LEU C 15 36.34 -4.67 31.16
CA LEU C 15 35.53 -5.87 31.35
C LEU C 15 34.64 -6.14 30.15
N LEU C 16 33.93 -5.11 29.68
CA LEU C 16 33.00 -5.30 28.57
C LEU C 16 33.73 -5.69 27.29
N ASN C 17 34.86 -5.03 27.00
CA ASN C 17 35.57 -5.33 25.77
C ASN C 17 36.22 -6.71 25.81
N VAL C 18 36.77 -7.11 26.96
CA VAL C 18 37.33 -8.45 27.08
C VAL C 18 36.24 -9.50 26.94
N PHE C 19 35.09 -9.27 27.56
CA PHE C 19 33.98 -10.21 27.45
C PHE C 19 33.52 -10.36 26.01
N TYR C 20 33.40 -9.24 25.28
CA TYR C 20 32.96 -9.33 23.89
C TYR C 20 34.00 -9.95 22.98
N LEU C 21 35.29 -9.73 23.27
CA LEU C 21 36.33 -10.43 22.51
C LEU C 21 36.26 -11.94 22.75
N ILE C 22 36.04 -12.35 24.00
CA ILE C 22 35.87 -13.77 24.31
C ILE C 22 34.66 -14.33 23.56
N VAL C 23 33.57 -13.58 23.55
CA VAL C 23 32.36 -14.02 22.85
C VAL C 23 32.62 -14.18 21.36
N ARG C 24 33.35 -13.23 20.76
CA ARG C 24 33.66 -13.32 19.34
C ARG C 24 34.54 -14.53 19.03
N ILE C 25 35.54 -14.79 19.87
CA ILE C 25 36.39 -15.97 19.66
C ILE C 25 35.58 -17.26 19.80
N TYR C 26 34.69 -17.30 20.80
CA TYR C 26 33.82 -18.47 20.96
C TYR C 26 32.93 -18.66 19.74
N GLU C 27 32.39 -17.56 19.21
CA GLU C 27 31.59 -17.65 18.00
C GLU C 27 32.39 -18.20 16.83
N GLN C 28 33.62 -17.70 16.65
CA GLN C 28 34.46 -18.21 15.58
C GLN C 28 34.72 -19.70 15.73
N VAL C 29 35.00 -20.15 16.95
CA VAL C 29 35.34 -21.55 17.17
C VAL C 29 34.12 -22.45 16.98
N PHE C 30 32.97 -22.07 17.53
CA PHE C 30 31.84 -22.98 17.64
C PHE C 30 30.65 -22.61 16.76
N GLY C 31 30.82 -21.72 15.78
CA GLY C 31 29.71 -21.44 14.89
C GLY C 31 29.43 -22.54 13.88
N TRP C 32 30.48 -23.21 13.41
CA TRP C 32 30.34 -24.28 12.43
C TRP C 32 30.25 -25.66 13.07
N ARG C 33 30.96 -25.86 14.19
CA ARG C 33 30.94 -27.17 14.84
C ARG C 33 29.56 -27.52 15.38
N ALA C 34 28.88 -26.56 16.00
CA ALA C 34 27.62 -26.84 16.68
C ALA C 34 26.49 -25.88 16.35
N GLY C 35 26.74 -24.78 15.62
CA GLY C 35 25.69 -23.83 15.35
C GLY C 35 24.95 -24.02 14.05
N LEU C 36 25.40 -24.95 13.20
CA LEU C 36 24.78 -25.12 11.89
C LEU C 36 23.44 -25.84 11.99
N ASP C 37 23.33 -26.84 12.87
CA ASP C 37 22.12 -27.63 13.00
C ASP C 37 21.46 -27.33 14.35
N SER C 38 20.18 -26.95 14.31
CA SER C 38 19.45 -26.61 15.52
C SER C 38 18.94 -27.83 16.27
N PHE C 39 18.75 -28.96 15.58
CA PHE C 39 18.24 -30.18 16.21
C PHE C 39 19.36 -31.10 16.70
N ALA C 40 20.60 -30.75 16.47
CA ALA C 40 21.71 -31.57 16.91
C ALA C 40 21.94 -31.41 18.42
N PRO C 41 22.42 -32.46 19.09
CA PRO C 41 22.71 -32.33 20.53
C PRO C 41 23.81 -31.32 20.83
N GLU C 42 24.78 -31.14 19.92
CA GLU C 42 25.84 -30.18 20.16
C GLU C 42 25.30 -28.75 20.18
N PHE C 43 24.20 -28.49 19.48
CA PHE C 43 23.55 -27.18 19.58
C PHE C 43 23.06 -26.91 20.99
N GLN C 44 22.44 -27.92 21.62
CA GLN C 44 22.04 -27.79 23.02
C GLN C 44 23.25 -27.65 23.92
N THR C 45 24.31 -28.41 23.64
CA THR C 45 25.48 -28.41 24.50
C THR C 45 26.20 -27.06 24.48
N TYR C 46 26.32 -26.45 23.32
CA TYR C 46 27.22 -25.31 23.14
C TYR C 46 26.52 -23.97 22.92
N TRP C 47 25.22 -23.96 22.64
CA TRP C 47 24.56 -22.70 22.32
C TRP C 47 23.31 -22.44 23.14
N MET C 48 22.52 -23.46 23.46
CA MET C 48 21.32 -23.23 24.26
C MET C 48 21.65 -22.97 25.72
N SER C 49 22.73 -23.57 26.23
CA SER C 49 23.15 -23.32 27.60
C SER C 49 23.45 -21.85 27.84
N ILE C 50 24.07 -21.18 26.86
CA ILE C 50 24.34 -19.76 26.97
C ILE C 50 23.05 -18.99 27.17
N LEU C 51 22.01 -19.30 26.38
CA LEU C 51 20.73 -18.63 26.50
C LEU C 51 20.11 -18.87 27.87
N TRP C 52 20.01 -20.14 28.27
CA TRP C 52 19.35 -20.49 29.51
C TRP C 52 20.06 -19.91 30.73
N THR C 53 21.37 -19.70 30.63
CA THR C 53 22.09 -19.07 31.72
C THR C 53 22.03 -17.55 31.67
N GLU C 54 22.02 -16.96 30.47
CA GLU C 54 22.20 -15.53 30.34
C GLU C 54 20.91 -14.75 30.55
N ILE C 55 19.76 -15.30 30.20
CA ILE C 55 18.53 -14.53 30.43
C ILE C 55 18.30 -14.29 31.93
N PRO C 56 18.29 -15.32 32.79
CA PRO C 56 18.13 -15.05 34.23
C PRO C 56 19.25 -14.19 34.80
N LEU C 57 20.48 -14.39 34.33
CA LEU C 57 21.59 -13.57 34.83
C LEU C 57 21.40 -12.11 34.47
N GLU C 58 20.96 -11.83 33.24
CA GLU C 58 20.70 -10.46 32.82
C GLU C 58 19.60 -9.83 33.66
N LEU C 59 18.50 -10.56 33.87
CA LEU C 59 17.39 -10.02 34.65
C LEU C 59 17.82 -9.73 36.09
N VAL C 60 18.54 -10.67 36.70
CA VAL C 60 18.99 -10.49 38.08
C VAL C 60 19.95 -9.31 38.17
N SER C 61 20.87 -9.19 37.20
CA SER C 61 21.83 -8.09 37.23
C SER C 61 21.13 -6.75 37.13
N GLY C 62 20.17 -6.62 36.21
CA GLY C 62 19.46 -5.36 36.08
C GLY C 62 18.67 -5.00 37.32
N LEU C 63 17.92 -5.98 37.86
CA LEU C 63 17.12 -5.71 39.05
C LEU C 63 18.02 -5.35 40.23
N GLY C 64 19.12 -6.08 40.42
CA GLY C 64 20.01 -5.79 41.52
C GLY C 64 20.70 -4.45 41.39
N LEU C 65 21.09 -4.07 40.17
CA LEU C 65 21.71 -2.77 39.96
C LEU C 65 20.73 -1.65 40.29
N ALA C 66 19.50 -1.76 39.79
CA ALA C 66 18.50 -0.73 40.10
C ALA C 66 18.21 -0.66 41.60
N GLY C 67 18.07 -1.82 42.25
CA GLY C 67 17.80 -1.82 43.67
C GLY C 67 18.94 -1.27 44.51
N TYR C 68 20.17 -1.59 44.14
CA TYR C 68 21.32 -1.07 44.88
C TYR C 68 21.47 0.43 44.68
N LEU C 69 21.25 0.91 43.45
CA LEU C 69 21.33 2.35 43.22
C LEU C 69 20.24 3.10 43.98
N TRP C 70 19.03 2.54 44.03
CA TRP C 70 17.97 3.21 44.78
C TRP C 70 18.18 3.11 46.29
N LYS C 71 18.76 2.02 46.76
CA LYS C 71 18.95 1.84 48.21
C LYS C 71 20.00 2.81 48.75
N THR C 72 21.13 2.91 48.06
CA THR C 72 22.22 3.80 48.46
C THR C 72 22.03 5.23 47.97
N ARG C 73 20.82 5.60 47.59
CA ARG C 73 20.55 6.92 47.05
C ARG C 73 20.77 7.99 48.11
N ASP C 74 21.14 9.18 47.65
CA ASP C 74 21.24 10.33 48.54
C ASP C 74 19.85 10.80 48.92
N ARG C 75 19.66 11.03 50.23
CA ARG C 75 18.36 11.49 50.71
C ARG C 75 18.27 13.01 50.71
N ASN C 76 19.34 13.70 51.09
CA ASN C 76 19.39 15.16 51.01
C ASN C 76 20.16 15.53 49.75
N VAL C 77 19.50 15.36 48.60
CA VAL C 77 20.14 15.61 47.32
C VAL C 77 20.37 17.11 47.11
N ASP C 78 19.39 17.94 47.47
CA ASP C 78 19.46 19.37 47.20
C ASP C 78 20.57 20.08 47.95
N ALA C 79 21.13 19.46 49.00
CA ALA C 79 22.16 20.08 49.82
C ALA C 79 23.56 19.59 49.43
N VAL C 80 23.76 19.34 48.14
CA VAL C 80 25.04 18.83 47.64
C VAL C 80 25.94 20.00 47.29
N THR C 81 27.22 19.88 47.65
CA THR C 81 28.18 20.93 47.36
C THR C 81 28.52 20.93 45.86
N PRO C 82 28.95 22.08 45.32
CA PRO C 82 29.28 22.13 43.88
C PRO C 82 30.36 21.15 43.47
N ARG C 83 31.36 20.92 44.33
CA ARG C 83 32.43 19.99 43.99
C ARG C 83 31.91 18.55 43.94
N GLU C 84 31.11 18.16 44.94
CA GLU C 84 30.54 16.83 44.95
C GLU C 84 29.57 16.63 43.78
N GLU C 85 28.80 17.67 43.45
CA GLU C 85 27.90 17.57 42.31
C GLU C 85 28.68 17.45 41.00
N MET C 86 29.81 18.16 40.88
CA MET C 86 30.64 18.01 39.69
C MET C 86 31.21 16.61 39.59
N ARG C 87 31.64 16.03 40.72
CA ARG C 87 32.13 14.66 40.70
C ARG C 87 31.02 13.69 40.31
N ARG C 88 29.80 13.92 40.81
CA ARG C 88 28.67 13.08 40.43
C ARG C 88 28.36 13.19 38.94
N LEU C 89 28.44 14.40 38.39
CA LEU C 89 28.25 14.57 36.96
C LEU C 89 29.31 13.84 36.16
N VAL C 90 30.56 13.86 36.64
CA VAL C 90 31.63 13.14 35.96
C VAL C 90 31.37 11.64 35.98
N VAL C 91 30.91 11.12 37.11
CA VAL C 91 30.60 9.69 37.19
C VAL C 91 29.43 9.34 36.27
N LEU C 92 28.46 10.23 36.15
CA LEU C 92 27.36 10.01 35.19
C LEU C 92 27.88 10.00 33.76
N VAL C 93 28.84 10.87 33.45
CA VAL C 93 29.41 10.89 32.11
C VAL C 93 30.17 9.58 31.85
N GLN C 94 30.84 9.04 32.88
CA GLN C 94 31.47 7.73 32.74
C GLN C 94 30.43 6.65 32.45
N TRP C 95 29.30 6.69 33.17
CA TRP C 95 28.20 5.77 32.91
C TRP C 95 27.75 5.85 31.45
N LEU C 96 27.62 7.08 30.95
CA LEU C 96 27.15 7.26 29.57
C LEU C 96 28.19 6.83 28.55
N VAL C 97 29.48 6.98 28.87
CA VAL C 97 30.54 6.50 27.96
C VAL C 97 30.47 4.98 27.85
N VAL C 98 30.35 4.30 28.99
CA VAL C 98 30.22 2.85 28.97
C VAL C 98 28.94 2.44 28.23
N TYR C 99 27.86 3.21 28.41
CA TYR C 99 26.61 2.94 27.70
C TYR C 99 26.79 3.07 26.20
N GLY C 100 27.52 4.10 25.75
CA GLY C 100 27.76 4.26 24.32
C GLY C 100 28.61 3.13 23.74
N ILE C 101 29.61 2.68 24.49
CA ILE C 101 30.41 1.55 24.03
C ILE C 101 29.55 0.30 23.91
N ALA C 102 28.68 0.06 24.91
CA ALA C 102 27.79 -1.09 24.85
C ALA C 102 26.80 -0.98 23.71
N ILE C 103 26.32 0.24 23.44
CA ILE C 103 25.39 0.47 22.34
C ILE C 103 26.07 0.16 21.01
N TYR C 104 27.33 0.57 20.85
CA TYR C 104 28.06 0.20 19.64
C TYR C 104 28.18 -1.31 19.52
N TRP C 105 28.57 -1.97 20.62
CA TRP C 105 28.79 -3.42 20.57
C TRP C 105 27.51 -4.15 20.19
N GLY C 106 26.39 -3.77 20.77
CA GLY C 106 25.15 -4.46 20.54
C GLY C 106 24.44 -4.10 19.24
N ALA C 107 24.23 -2.80 19.03
CA ALA C 107 23.40 -2.33 17.93
C ALA C 107 24.13 -2.28 16.60
N SER C 108 25.47 -2.36 16.60
CA SER C 108 26.25 -2.26 15.38
C SER C 108 26.98 -3.55 15.03
N PHE C 109 27.79 -4.08 15.94
CA PHE C 109 28.62 -5.23 15.63
C PHE C 109 27.79 -6.49 15.39
N PHE C 110 27.06 -6.93 16.43
CA PHE C 110 26.35 -8.20 16.35
C PHE C 110 25.09 -8.09 15.51
N THR C 111 24.52 -6.89 15.34
CA THR C 111 23.33 -6.76 14.52
C THR C 111 23.62 -7.05 13.06
N GLU C 112 24.79 -6.64 12.56
CA GLU C 112 25.20 -6.94 11.19
C GLU C 112 25.91 -8.28 11.08
N GLN C 113 26.51 -8.75 12.16
CA GLN C 113 27.02 -10.14 12.14
C GLN C 113 25.79 -11.02 11.88
N ASP C 114 24.60 -10.51 12.17
CA ASP C 114 23.32 -11.21 11.94
C ASP C 114 23.12 -11.30 10.44
N GLY C 115 23.30 -10.18 9.75
CA GLY C 115 23.13 -10.12 8.29
C GLY C 115 24.06 -11.07 7.63
N THR C 116 25.23 -11.24 8.19
CA THR C 116 26.17 -12.12 7.47
C THR C 116 25.91 -13.59 7.82
N TRP C 117 25.63 -13.89 9.09
CA TRP C 117 25.33 -15.27 9.47
C TRP C 117 24.07 -15.78 8.78
N HIS C 118 23.03 -14.93 8.70
CA HIS C 118 21.80 -15.35 8.03
C HIS C 118 22.01 -15.53 6.54
N MET C 119 22.96 -14.79 5.95
CA MET C 119 23.26 -14.99 4.55
C MET C 119 24.09 -16.24 4.29
N THR C 120 24.82 -16.74 5.29
CA THR C 120 25.59 -17.96 5.08
C THR C 120 24.83 -19.24 5.40
N VAL C 121 23.84 -19.19 6.30
CA VAL C 121 23.16 -20.40 6.73
C VAL C 121 21.68 -20.30 6.35
N ILE C 122 21.03 -21.45 6.34
CA ILE C 122 19.58 -21.54 6.16
C ILE C 122 18.95 -21.55 7.56
N ARG C 123 18.11 -20.57 7.82
CA ARG C 123 17.54 -20.42 9.16
C ARG C 123 16.62 -21.58 9.48
N ASP C 124 16.80 -22.17 10.66
CA ASP C 124 16.03 -23.31 11.09
C ASP C 124 15.40 -23.15 12.46
N THR C 125 15.66 -22.03 13.15
CA THR C 125 15.12 -21.83 14.49
C THR C 125 15.11 -20.35 14.79
N ASP C 126 14.34 -19.98 15.81
CA ASP C 126 14.30 -18.59 16.27
C ASP C 126 15.50 -18.24 17.14
N PHE C 127 16.29 -19.22 17.56
CA PHE C 127 17.48 -19.00 18.38
C PHE C 127 18.68 -19.54 17.61
N THR C 128 19.21 -18.73 16.72
CA THR C 128 20.48 -19.02 16.06
C THR C 128 21.63 -18.47 16.89
N PRO C 129 22.85 -18.98 16.71
CA PRO C 129 23.98 -18.43 17.46
C PRO C 129 24.10 -16.92 17.34
N SER C 130 23.90 -16.38 16.13
CA SER C 130 23.88 -14.94 15.97
C SER C 130 22.73 -14.31 16.75
N HIS C 131 21.55 -14.93 16.70
CA HIS C 131 20.41 -14.43 17.47
C HIS C 131 20.69 -14.51 18.96
N ILE C 132 21.29 -15.60 19.42
CA ILE C 132 21.58 -15.77 20.84
C ILE C 132 22.54 -14.69 21.32
N ILE C 133 23.59 -14.42 20.54
CA ILE C 133 24.56 -13.40 20.95
C ILE C 133 23.98 -11.99 20.83
N GLU C 134 23.11 -11.76 19.84
CA GLU C 134 22.66 -10.40 19.54
C GLU C 134 21.46 -10.00 20.38
N PHE C 135 20.35 -10.74 20.25
CA PHE C 135 19.10 -10.32 20.90
C PHE C 135 19.12 -10.58 22.39
N TYR C 136 19.75 -11.66 22.84
CA TYR C 136 19.63 -12.11 24.21
C TYR C 136 20.89 -11.87 25.03
N MET C 137 21.94 -11.32 24.44
CA MET C 137 23.15 -10.98 25.19
C MET C 137 23.46 -9.49 25.14
N SER C 138 23.55 -8.90 23.95
CA SER C 138 24.07 -7.54 23.81
C SER C 138 23.02 -6.49 24.17
N TYR C 139 21.81 -6.64 23.62
CA TYR C 139 20.74 -5.70 23.95
C TYR C 139 20.42 -5.68 25.43
N PRO C 140 20.25 -6.82 26.12
CA PRO C 140 20.05 -6.76 27.57
C PRO C 140 21.23 -6.15 28.32
N ILE C 141 22.45 -6.35 27.83
CA ILE C 141 23.61 -5.77 28.52
C ILE C 141 23.57 -4.25 28.44
N TYR C 142 23.31 -3.70 27.26
CA TYR C 142 23.25 -2.24 27.22
C TYR C 142 21.98 -1.72 27.89
N SER C 143 20.92 -2.52 27.98
CA SER C 143 19.76 -2.11 28.76
C SER C 143 20.09 -2.03 30.24
N VAL C 144 20.88 -2.98 30.74
CA VAL C 144 21.33 -2.94 32.14
C VAL C 144 22.19 -1.71 32.37
N ILE C 145 23.09 -1.41 31.43
CA ILE C 145 23.95 -0.24 31.60
C ILE C 145 23.12 1.05 31.54
N ALA C 146 22.10 1.08 30.68
CA ALA C 146 21.20 2.24 30.64
C ALA C 146 20.45 2.40 31.95
N VAL C 147 19.98 1.28 32.53
CA VAL C 147 19.33 1.34 33.83
C VAL C 147 20.28 1.90 34.88
N GLY C 148 21.53 1.44 34.86
CA GLY C 148 22.50 1.95 35.83
C GLY C 148 22.73 3.44 35.69
N ALA C 149 22.92 3.91 34.45
CA ALA C 149 23.14 5.34 34.23
C ALA C 149 21.93 6.16 34.65
N PHE C 150 20.74 5.72 34.25
CA PHE C 150 19.51 6.45 34.58
C PHE C 150 19.31 6.53 36.09
N PHE C 151 19.51 5.42 36.80
CA PHE C 151 19.24 5.43 38.23
C PHE C 151 20.34 6.16 38.99
N TYR C 152 21.59 6.12 38.52
CA TYR C 152 22.62 6.94 39.15
C TYR C 152 22.29 8.42 39.00
N ALA C 153 21.87 8.83 37.80
CA ALA C 153 21.48 10.23 37.61
C ALA C 153 20.30 10.61 38.49
N LYS C 154 19.30 9.73 38.58
CA LYS C 154 18.11 10.03 39.37
C LYS C 154 18.41 10.07 40.87
N THR C 155 19.35 9.25 41.34
CA THR C 155 19.59 9.10 42.77
C THR C 155 20.74 9.95 43.29
N ARG C 156 21.56 10.54 42.41
CA ARG C 156 22.71 11.31 42.87
C ARG C 156 22.67 12.78 42.51
N ILE C 157 22.08 13.16 41.38
CA ILE C 157 22.12 14.52 40.87
C ILE C 157 20.75 15.15 41.12
N PRO C 158 20.69 16.32 41.78
CA PRO C 158 19.38 16.93 42.08
C PRO C 158 18.56 17.26 40.85
N TYR C 159 19.19 17.63 39.74
CA TYR C 159 18.43 17.99 38.54
C TYR C 159 17.62 16.80 38.03
N PHE C 160 18.23 15.62 37.99
CA PHE C 160 17.54 14.42 37.53
C PHE C 160 16.69 13.77 38.61
N ALA C 161 16.88 14.17 39.88
CA ALA C 161 16.12 13.57 40.97
C ALA C 161 14.69 14.09 41.02
N HIS C 162 14.49 15.37 40.70
CA HIS C 162 13.17 15.99 40.78
C HIS C 162 12.52 15.95 39.40
N GLY C 163 11.69 14.94 39.19
CA GLY C 163 11.04 14.71 37.92
C GLY C 163 11.77 13.66 37.10
N TYR C 164 11.30 13.50 35.87
CA TYR C 164 11.88 12.55 34.94
C TYR C 164 12.33 13.29 33.70
N SER C 165 13.61 13.14 33.35
CA SER C 165 14.13 13.72 32.11
C SER C 165 13.55 12.98 30.92
N LEU C 166 12.93 13.71 30.00
CA LEU C 166 12.34 13.08 28.82
C LEU C 166 13.41 12.46 27.93
N ALA C 167 14.53 13.18 27.73
CA ALA C 167 15.61 12.65 26.91
C ALA C 167 16.21 11.39 27.54
N PHE C 168 16.40 11.39 28.86
CA PHE C 168 16.93 10.21 29.53
C PHE C 168 15.96 9.04 29.42
N LEU C 169 14.67 9.30 29.59
CA LEU C 169 13.68 8.23 29.46
C LEU C 169 13.70 7.65 28.05
N ILE C 170 13.77 8.51 27.04
CA ILE C 170 13.81 8.02 25.66
C ILE C 170 15.06 7.19 25.42
N VAL C 171 16.22 7.72 25.79
CA VAL C 171 17.47 7.02 25.52
C VAL C 171 17.61 5.75 26.34
N ALA C 172 16.87 5.63 27.44
CA ALA C 172 16.93 4.42 28.25
C ALA C 172 15.89 3.38 27.87
N ILE C 173 14.75 3.79 27.33
CA ILE C 173 13.65 2.88 27.03
C ILE C 173 13.63 2.47 25.56
N GLY C 174 13.82 3.41 24.64
CA GLY C 174 13.74 3.13 23.23
C GLY C 174 14.70 2.07 22.74
N PRO C 175 16.00 2.22 23.03
CA PRO C 175 16.93 1.14 22.70
C PRO C 175 16.59 -0.18 23.39
N PHE C 176 16.02 -0.13 24.58
CA PHE C 176 15.54 -1.36 25.22
C PHE C 176 14.34 -1.94 24.48
N MET C 177 13.52 -1.09 23.86
CA MET C 177 12.31 -1.54 23.20
C MET C 177 12.60 -2.41 21.97
N ILE C 178 13.85 -2.46 21.52
CA ILE C 178 14.22 -3.39 20.46
C ILE C 178 14.09 -4.83 20.94
N ILE C 179 14.33 -5.08 22.22
CA ILE C 179 14.23 -6.44 22.76
C ILE C 179 12.83 -7.02 22.62
N PRO C 180 11.74 -6.33 23.01
CA PRO C 180 10.41 -6.85 22.67
C PRO C 180 10.17 -6.91 21.16
N ASN C 181 10.83 -6.05 20.40
CA ASN C 181 10.64 -6.02 18.95
C ASN C 181 11.18 -7.28 18.27
N VAL C 182 11.95 -8.09 19.00
CA VAL C 182 12.39 -9.38 18.47
C VAL C 182 11.18 -10.27 18.17
N GLY C 183 10.06 -10.05 18.86
CA GLY C 183 8.84 -10.77 18.53
C GLY C 183 8.35 -10.46 17.13
N LEU C 184 8.37 -9.18 16.73
CA LEU C 184 8.02 -8.77 15.33
C LEU C 184 9.07 -9.30 14.33
N ASN C 185 10.34 -9.26 14.69
CA ASN C 185 11.38 -9.88 13.81
C ASN C 185 11.00 -11.34 13.54
N GLU C 186 10.68 -12.10 14.60
CA GLU C 186 10.42 -13.55 14.43
C GLU C 186 9.13 -13.74 13.64
N TRP C 187 8.14 -12.90 13.89
CA TRP C 187 6.86 -13.04 13.20
C TRP C 187 6.99 -12.71 11.71
N GLY C 188 7.77 -11.71 11.36
CA GLY C 188 7.86 -11.30 9.95
C GLY C 188 8.71 -12.25 9.12
N HIS C 189 9.70 -12.89 9.72
CA HIS C 189 10.62 -13.82 9.00
C HIS C 189 10.02 -15.22 8.90
N THR C 190 8.79 -15.43 9.37
CA THR C 190 8.15 -16.77 9.38
C THR C 190 6.82 -16.74 8.67
N PHE C 191 6.12 -15.59 8.64
CA PHE C 191 4.88 -15.50 7.90
C PHE C 191 4.91 -14.45 6.81
N TRP C 192 5.41 -13.25 7.09
CA TRP C 192 5.26 -12.13 6.18
C TRP C 192 6.21 -12.24 4.99
N PHE C 193 7.51 -12.26 5.24
CA PHE C 193 8.52 -12.26 4.20
C PHE C 193 9.34 -13.53 4.27
N MET C 194 9.51 -14.20 3.13
CA MET C 194 10.21 -15.47 3.05
C MET C 194 11.67 -15.31 2.66
N GLU C 195 12.15 -14.08 2.51
CA GLU C 195 13.47 -13.79 1.99
C GLU C 195 14.30 -13.04 3.02
N GLU C 196 15.60 -13.28 3.01
CA GLU C 196 16.53 -12.64 3.95
C GLU C 196 17.04 -11.32 3.37
N LEU C 197 16.15 -10.33 3.36
CA LEU C 197 16.49 -8.97 2.95
C LEU C 197 16.37 -8.04 4.14
N PHE C 198 17.38 -7.18 4.34
CA PHE C 198 17.41 -6.31 5.50
C PHE C 198 16.43 -5.15 5.38
N VAL C 199 16.12 -4.72 4.14
CA VAL C 199 15.27 -3.55 3.95
C VAL C 199 13.80 -3.95 4.03
N ALA C 200 13.54 -5.19 4.46
CA ALA C 200 12.18 -5.65 4.61
C ALA C 200 11.45 -4.82 5.67
N PRO C 201 10.19 -4.37 5.50
CA PRO C 201 9.54 -3.61 6.57
C PRO C 201 9.48 -4.28 7.95
N LEU C 202 9.60 -5.60 7.98
CA LEU C 202 9.57 -6.37 9.25
C LEU C 202 10.69 -5.89 10.19
N HIS C 203 11.61 -5.08 9.67
CA HIS C 203 12.77 -4.62 10.48
C HIS C 203 12.65 -3.10 10.72
N TRP C 204 11.52 -2.49 10.41
CA TRP C 204 11.30 -1.02 10.57
C TRP C 204 11.22 -0.70 12.05
N GLY C 205 10.59 -1.55 12.84
CA GLY C 205 10.63 -1.38 14.28
C GLY C 205 12.06 -1.29 14.79
N PHE C 206 12.93 -2.20 14.31
CA PHE C 206 14.35 -2.11 14.61
C PHE C 206 14.89 -0.71 14.31
N VAL C 207 14.44 -0.14 13.20
CA VAL C 207 14.86 1.20 12.84
C VAL C 207 14.32 2.22 13.82
N PHE C 208 13.00 2.14 14.11
CA PHE C 208 12.33 3.24 14.79
C PHE C 208 12.93 3.48 16.17
N PHE C 209 13.01 2.43 16.99
CA PHE C 209 13.58 2.57 18.32
C PHE C 209 15.07 2.86 18.27
N GLY C 210 15.74 2.51 17.17
CA GLY C 210 17.12 2.94 17.01
C GLY C 210 17.24 4.45 17.03
N TRP C 211 16.26 5.15 16.46
CA TRP C 211 16.25 6.61 16.50
C TRP C 211 16.32 7.12 17.94
N MET C 212 15.80 6.34 18.88
CA MET C 212 15.77 6.77 20.28
C MET C 212 17.17 6.96 20.85
N ALA C 213 18.19 6.40 20.20
CA ALA C 213 19.56 6.66 20.64
C ALA C 213 19.88 8.15 20.59
N LEU C 214 19.28 8.87 19.64
CA LEU C 214 19.52 10.30 19.52
C LEU C 214 19.01 11.06 20.73
N GLY C 215 18.21 10.42 21.59
CA GLY C 215 17.80 11.03 22.84
C GLY C 215 18.99 11.43 23.68
N VAL C 216 20.13 10.77 23.48
CA VAL C 216 21.34 11.13 24.22
C VAL C 216 21.68 12.60 24.00
N PHE C 217 21.34 13.14 22.82
CA PHE C 217 21.57 14.56 22.55
C PHE C 217 21.01 15.43 23.66
N GLY C 218 19.78 15.14 24.11
CA GLY C 218 19.21 15.90 25.20
C GLY C 218 19.99 15.72 26.49
N VAL C 219 20.32 14.48 26.83
CA VAL C 219 20.90 14.17 28.13
C VAL C 219 22.22 14.92 28.31
N VAL C 220 23.08 14.85 27.31
CA VAL C 220 24.35 15.57 27.36
C VAL C 220 24.10 17.05 27.60
N LEU C 221 23.13 17.62 26.88
CA LEU C 221 22.82 19.03 27.08
C LEU C 221 22.38 19.29 28.51
N GLN C 222 21.54 18.40 29.07
CA GLN C 222 21.11 18.57 30.45
C GLN C 222 22.29 18.51 31.41
N ILE C 223 23.33 17.74 31.06
CA ILE C 223 24.53 17.76 31.88
C ILE C 223 25.28 19.08 31.71
N LEU C 224 25.38 19.57 30.46
CA LEU C 224 26.21 20.72 30.18
C LEU C 224 25.71 21.96 30.92
N MET C 225 24.39 22.19 30.91
CA MET C 225 23.84 23.27 31.72
C MET C 225 24.25 23.13 33.17
N ARG C 226 24.12 21.92 33.72
CA ARG C 226 24.54 21.69 35.10
C ARG C 226 26.03 21.98 35.27
N ILE C 227 26.83 21.65 34.27
CA ILE C 227 28.24 22.04 34.32
C ILE C 227 28.36 23.56 34.27
N HIS C 228 27.65 24.20 33.35
CA HIS C 228 27.77 25.64 33.17
C HIS C 228 27.45 26.39 34.45
N ALA C 229 26.27 26.13 35.02
CA ALA C 229 25.87 26.79 36.25
C ALA C 229 26.81 26.46 37.40
N LEU C 230 27.54 25.35 37.33
CA LEU C 230 28.49 25.04 38.37
C LEU C 230 29.75 25.88 38.25
N VAL C 231 30.19 26.18 37.03
CA VAL C 231 31.43 26.93 36.86
C VAL C 231 31.26 28.36 37.35
N GLY C 232 30.10 28.96 37.10
CA GLY C 232 29.87 30.33 37.53
C GLY C 232 30.40 31.34 36.52
N LYS C 233 30.13 32.62 36.81
CA LYS C 233 30.57 33.67 35.92
C LYS C 233 32.10 33.74 35.84
N GLU C 234 32.76 33.83 36.99
CA GLU C 234 34.21 33.96 36.99
C GLU C 234 34.88 32.78 36.29
N GLY C 235 34.46 31.56 36.61
CA GLY C 235 34.98 30.40 35.91
C GLY C 235 34.70 30.47 34.41
N VAL C 236 33.53 30.97 34.03
CA VAL C 236 33.24 31.18 32.61
C VAL C 236 34.25 32.15 32.03
N LYS C 237 34.57 33.23 32.76
CA LYS C 237 35.58 34.16 32.32
C LYS C 237 36.92 33.46 32.11
N LEU C 238 37.17 32.38 32.85
CA LEU C 238 38.37 31.59 32.62
C LEU C 238 38.25 30.78 31.34
N LEU C 239 37.10 30.15 31.12
CA LEU C 239 36.99 29.20 30.01
C LEU C 239 36.82 29.90 28.67
N THR C 240 36.04 30.97 28.62
CA THR C 240 35.71 31.64 27.37
C THR C 240 36.65 32.79 27.04
N GLU C 241 37.68 33.02 27.85
CA GLU C 241 38.64 34.08 27.56
C GLU C 241 40.06 33.57 27.69
N MET D 1 16.65 31.89 -36.04
CA MET D 1 15.33 31.78 -35.37
C MET D 1 15.49 30.89 -34.13
N GLY D 2 16.65 30.24 -33.98
CA GLY D 2 16.90 29.43 -32.78
C GLY D 2 17.44 30.30 -31.67
N TRP D 3 17.60 31.59 -31.93
CA TRP D 3 18.13 32.54 -30.93
C TRP D 3 17.13 33.66 -30.68
N LEU D 4 15.88 33.45 -31.08
CA LEU D 4 14.83 34.49 -30.91
C LEU D 4 14.36 34.50 -29.45
N VAL D 5 13.99 33.33 -28.91
CA VAL D 5 13.46 33.28 -27.52
C VAL D 5 14.59 33.65 -26.55
N PRO D 6 15.83 33.15 -26.70
CA PRO D 6 16.93 33.59 -25.85
C PRO D 6 17.15 35.10 -25.88
N ALA D 7 17.04 35.72 -27.06
CA ALA D 7 17.29 37.17 -27.21
C ALA D 7 16.17 37.96 -26.52
N ALA D 8 14.95 37.45 -26.57
CA ALA D 8 13.80 38.15 -25.96
C ALA D 8 13.89 38.06 -24.43
N MET D 9 14.37 36.93 -23.92
CA MET D 9 14.54 36.79 -22.45
C MET D 9 15.59 37.80 -21.98
N LEU D 10 16.66 37.99 -22.75
CA LEU D 10 17.73 38.95 -22.39
C LEU D 10 17.19 40.39 -22.49
N ALA D 11 16.48 40.70 -23.58
CA ALA D 11 15.89 42.05 -23.73
C ALA D 11 14.95 42.35 -22.56
N MET D 12 14.19 41.36 -22.12
CA MET D 12 13.25 41.54 -20.97
C MET D 12 14.06 41.89 -19.72
N VAL D 13 15.06 41.08 -19.39
CA VAL D 13 15.86 41.31 -18.15
C VAL D 13 16.52 42.69 -18.21
N VAL D 14 17.02 43.09 -19.37
CA VAL D 14 17.73 44.40 -19.49
C VAL D 14 16.71 45.53 -19.32
N ILE D 15 15.61 45.49 -20.06
CA ILE D 15 14.62 46.61 -19.98
C ILE D 15 14.12 46.71 -18.53
N ALA D 16 13.81 45.58 -17.90
CA ALA D 16 13.38 45.59 -16.49
C ALA D 16 14.44 46.28 -15.63
N ALA D 17 15.67 45.78 -15.65
CA ALA D 17 16.75 46.35 -14.81
C ALA D 17 16.85 47.87 -15.00
N VAL D 18 16.96 48.33 -16.24
CA VAL D 18 17.17 49.79 -16.48
C VAL D 18 15.95 50.57 -15.97
N THR D 19 14.75 50.24 -16.43
CA THR D 19 13.54 51.03 -16.07
C THR D 19 13.25 50.96 -14.58
N LEU D 20 13.39 49.79 -13.96
CA LEU D 20 13.00 49.65 -12.52
C LEU D 20 14.04 50.32 -11.61
N THR D 21 15.30 50.36 -12.02
CA THR D 21 16.35 51.02 -11.21
C THR D 21 16.14 52.52 -11.31
N ARG D 22 15.54 52.98 -12.42
CA ARG D 22 15.24 54.42 -12.57
C ARG D 22 14.07 54.75 -11.63
N LEU D 23 12.88 54.19 -11.88
CA LEU D 23 11.72 54.40 -10.99
C LEU D 23 12.21 54.34 -9.52
N ALA E 1 40.35 29.59 43.66
CA ALA E 1 39.38 28.55 43.32
C ALA E 1 38.48 29.00 42.18
N VAL E 2 38.21 28.09 41.25
CA VAL E 2 37.36 28.37 40.10
C VAL E 2 36.13 27.49 40.24
N GLY E 3 35.08 28.03 40.85
CA GLY E 3 33.86 27.29 41.07
C GLY E 3 34.09 26.05 41.90
N PRO E 4 33.74 24.88 41.36
CA PRO E 4 34.06 23.62 42.04
C PRO E 4 35.50 23.19 41.89
N PHE E 5 36.32 23.95 41.18
CA PHE E 5 37.73 23.63 40.97
C PHE E 5 38.60 24.49 41.87
N ASN E 6 39.63 23.89 42.45
CA ASN E 6 40.50 24.58 43.39
C ASN E 6 41.59 25.40 42.71
N SER E 7 41.76 25.27 41.40
CA SER E 7 42.84 25.96 40.71
C SER E 7 42.50 26.08 39.23
N VAL E 8 43.27 26.92 38.53
CA VAL E 8 43.06 27.10 37.09
C VAL E 8 43.39 25.83 36.33
N ALA E 9 44.53 25.21 36.66
CA ALA E 9 44.97 24.01 35.95
C ALA E 9 43.99 22.86 36.16
N GLU E 10 43.46 22.72 37.37
CA GLU E 10 42.48 21.67 37.63
C GLU E 10 41.23 21.87 36.78
N ALA E 11 40.75 23.11 36.68
CA ALA E 11 39.58 23.40 35.86
C ALA E 11 39.86 23.06 34.40
N ALA E 12 41.01 23.48 33.88
CA ALA E 12 41.34 23.22 32.48
C ALA E 12 41.45 21.73 32.21
N GLY E 13 42.11 20.98 33.10
CA GLY E 13 42.26 19.56 32.90
C GLY E 13 40.94 18.82 32.96
N CYS E 14 40.09 19.19 33.94
CA CYS E 14 38.78 18.55 34.04
C CYS E 14 37.94 18.85 32.80
N VAL E 15 37.98 20.08 32.32
CA VAL E 15 37.20 20.43 31.12
C VAL E 15 37.69 19.63 29.93
N GLN E 16 39.01 19.51 29.75
CA GLN E 16 39.54 18.75 28.63
C GLN E 16 39.15 17.27 28.72
N THR E 17 39.25 16.68 29.91
CA THR E 17 38.90 15.28 30.08
C THR E 17 37.43 15.04 29.79
N VAL E 18 36.55 15.87 30.35
CA VAL E 18 35.12 15.72 30.12
C VAL E 18 34.79 15.96 28.65
N ASP E 19 35.51 16.86 27.99
CA ASP E 19 35.34 17.04 26.55
C ASP E 19 35.62 15.75 25.80
N TRP E 20 36.73 15.09 26.15
CA TRP E 20 37.08 13.83 25.49
C TRP E 20 36.00 12.77 25.71
N MET E 21 35.56 12.59 26.96
CA MET E 21 34.55 11.57 27.23
C MET E 21 33.23 11.88 26.56
N LEU E 22 32.81 13.15 26.56
CA LEU E 22 31.56 13.50 25.89
C LEU E 22 31.65 13.24 24.40
N LEU E 23 32.78 13.60 23.77
CA LEU E 23 32.95 13.34 22.35
C LEU E 23 32.86 11.85 22.05
N VAL E 24 33.55 11.03 22.85
CA VAL E 24 33.56 9.59 22.61
C VAL E 24 32.16 9.00 22.77
N LEU E 25 31.46 9.36 23.85
CA LEU E 25 30.15 8.79 24.10
C LEU E 25 29.14 9.20 23.04
N LEU E 26 29.15 10.47 22.65
CA LEU E 26 28.26 10.92 21.59
C LEU E 26 28.56 10.22 20.27
N PHE E 27 29.85 10.08 19.95
CA PHE E 27 30.24 9.42 18.72
C PHE E 27 29.72 7.99 18.68
N PHE E 28 29.88 7.25 19.78
CA PHE E 28 29.51 5.84 19.74
C PHE E 28 28.00 5.64 19.80
N ALA E 29 27.28 6.49 20.54
CA ALA E 29 25.82 6.40 20.54
C ALA E 29 25.25 6.70 19.16
N VAL E 30 25.73 7.79 18.53
CA VAL E 30 25.27 8.12 17.18
C VAL E 30 25.66 7.03 16.20
N LEU E 31 26.85 6.44 16.39
CA LEU E 31 27.28 5.34 15.53
C LEU E 31 26.31 4.17 15.60
N GLY E 32 25.95 3.76 16.83
CA GLY E 32 25.03 2.65 16.97
C GLY E 32 23.67 2.92 16.33
N GLY E 33 23.10 4.09 16.63
CA GLY E 33 21.79 4.41 16.07
C GLY E 33 21.82 4.50 14.55
N TYR E 34 22.83 5.17 14.01
CA TYR E 34 22.99 5.31 12.57
C TYR E 34 23.17 3.95 11.91
N HIS E 35 23.98 3.08 12.51
CA HIS E 35 24.20 1.77 11.91
C HIS E 35 22.92 0.95 11.87
N VAL E 36 22.14 0.97 12.95
CA VAL E 36 20.86 0.25 12.93
C VAL E 36 19.98 0.79 11.82
N HIS E 37 19.80 2.11 11.79
CA HIS E 37 18.91 2.72 10.81
C HIS E 37 19.34 2.40 9.38
N PHE E 38 20.63 2.60 9.08
CA PHE E 38 21.11 2.42 7.72
C PHE E 38 21.09 0.96 7.30
N MET E 39 21.60 0.06 8.14
CA MET E 39 21.68 -1.33 7.77
C MET E 39 20.31 -1.98 7.68
N LEU E 40 19.29 -1.43 8.34
CA LEU E 40 17.96 -2.00 8.23
C LEU E 40 17.03 -1.19 7.33
N THR E 41 17.50 -0.10 6.75
CA THR E 41 16.74 0.62 5.72
C THR E 41 17.40 0.61 4.36
N ALA E 42 18.73 0.71 4.30
CA ALA E 42 19.45 0.73 3.04
C ALA E 42 20.67 -0.18 3.06
N GLY E 43 20.69 -1.18 3.93
CA GLY E 43 21.85 -2.04 4.08
C GLY E 43 22.00 -3.11 3.01
N ASP E 44 20.92 -3.44 2.30
CA ASP E 44 20.99 -4.49 1.29
C ASP E 44 21.85 -4.07 0.11
N TRP E 45 21.70 -2.82 -0.35
CA TRP E 45 22.54 -2.32 -1.43
C TRP E 45 23.97 -2.10 -0.96
N ASP E 46 24.16 -1.81 0.33
CA ASP E 46 25.49 -1.59 0.87
C ASP E 46 26.27 -2.88 1.06
N PHE E 47 25.57 -3.98 1.38
CA PHE E 47 26.25 -5.23 1.69
C PHE E 47 26.99 -5.79 0.49
N TRP E 48 26.34 -5.80 -0.67
CA TRP E 48 26.80 -6.59 -1.82
C TRP E 48 27.09 -5.70 -3.01
N VAL E 49 28.13 -6.05 -3.75
CA VAL E 49 28.51 -5.32 -4.95
C VAL E 49 27.55 -5.60 -6.10
N ASP E 50 26.81 -6.71 -6.04
CA ASP E 50 25.81 -6.99 -7.06
C ASP E 50 24.61 -6.06 -6.99
N TRP E 51 24.42 -5.38 -5.86
CA TRP E 51 23.31 -4.46 -5.68
C TRP E 51 23.69 -3.02 -5.95
N LYS E 52 24.97 -2.74 -6.18
CA LYS E 52 25.44 -1.37 -6.43
C LYS E 52 25.25 -1.08 -7.92
N ASP E 53 24.08 -0.56 -8.25
CA ASP E 53 23.64 -0.37 -9.62
C ASP E 53 23.47 1.12 -9.90
N ARG E 54 22.88 1.43 -11.06
CA ARG E 54 22.77 2.81 -11.52
C ARG E 54 21.49 3.50 -11.06
N ARG E 55 20.43 2.75 -10.77
CA ARG E 55 19.14 3.35 -10.45
C ARG E 55 18.79 3.29 -8.96
N MET E 56 18.77 2.10 -8.37
CA MET E 56 18.24 1.94 -7.03
C MET E 56 19.26 2.19 -5.93
N TRP E 57 20.52 1.79 -6.14
CA TRP E 57 21.54 2.08 -5.13
C TRP E 57 21.79 3.58 -4.97
N PRO E 58 22.09 4.36 -6.02
CA PRO E 58 22.34 5.78 -5.82
C PRO E 58 21.10 6.56 -5.44
N THR E 59 19.92 5.98 -5.60
CA THR E 59 18.70 6.59 -5.08
C THR E 59 18.55 6.30 -3.59
N VAL E 60 18.55 5.02 -3.22
CA VAL E 60 18.17 4.64 -1.87
C VAL E 60 19.22 5.10 -0.86
N VAL E 61 20.51 4.85 -1.13
CA VAL E 61 21.52 5.05 -0.10
C VAL E 61 21.62 6.50 0.38
N PRO E 62 21.78 7.50 -0.49
CA PRO E 62 21.87 8.88 0.03
C PRO E 62 20.63 9.35 0.77
N ILE E 63 19.45 8.95 0.31
CA ILE E 63 18.20 9.40 0.91
C ILE E 63 18.09 8.92 2.35
N LEU E 64 18.41 7.64 2.57
CA LEU E 64 18.38 7.08 3.92
C LEU E 64 19.62 7.43 4.73
N GLY E 65 20.68 7.92 4.10
CA GLY E 65 21.88 8.28 4.81
C GLY E 65 21.87 9.70 5.34
N VAL E 66 21.15 10.60 4.66
CA VAL E 66 21.14 12.01 5.08
C VAL E 66 20.45 12.22 6.42
N THR E 67 19.73 11.23 6.93
CA THR E 67 18.90 11.40 8.12
C THR E 67 19.75 11.76 9.35
N PHE E 68 20.62 10.83 9.76
CA PHE E 68 21.41 11.06 10.97
C PHE E 68 22.43 12.15 10.76
N CYS E 69 22.86 12.36 9.51
CA CYS E 69 23.74 13.49 9.23
C CYS E 69 23.04 14.82 9.53
N ALA E 70 21.79 14.96 9.09
CA ALA E 70 21.04 16.17 9.39
C ALA E 70 20.78 16.31 10.88
N ALA E 71 20.46 15.21 11.56
CA ALA E 71 20.20 15.28 13.00
C ALA E 71 21.44 15.71 13.77
N SER E 72 22.59 15.11 13.45
CA SER E 72 23.83 15.45 14.12
C SER E 72 24.26 16.88 13.79
N GLN E 73 24.02 17.31 12.55
CA GLN E 73 24.28 18.71 12.19
C GLN E 73 23.44 19.65 13.04
N ALA E 74 22.15 19.35 13.19
CA ALA E 74 21.29 20.17 14.01
C ALA E 74 21.84 20.29 15.42
N PHE E 75 22.12 19.14 16.05
CA PHE E 75 22.67 19.13 17.40
C PHE E 75 23.93 19.99 17.50
N TRP E 76 24.96 19.62 16.72
CA TRP E 76 26.27 20.23 16.88
C TRP E 76 26.24 21.71 16.53
N TRP E 77 25.57 22.09 15.44
CA TRP E 77 25.58 23.49 15.03
C TRP E 77 24.75 24.35 15.98
N VAL E 78 23.56 23.89 16.37
CA VAL E 78 22.71 24.71 17.23
C VAL E 78 23.34 24.90 18.60
N ASN E 79 23.96 23.85 19.15
CA ASN E 79 24.41 23.92 20.53
C ASN E 79 25.88 24.27 20.70
N PHE E 80 26.71 24.11 19.67
CA PHE E 80 28.14 24.35 19.82
C PHE E 80 28.78 25.13 18.69
N ARG E 81 28.07 25.37 17.57
CA ARG E 81 28.67 25.95 16.37
C ARG E 81 29.84 25.11 15.88
N LEU E 82 29.71 23.79 15.97
CA LEU E 82 30.75 22.86 15.52
C LEU E 82 30.35 22.29 14.16
N PRO E 83 31.16 22.48 13.13
CA PRO E 83 30.70 22.19 11.76
C PRO E 83 30.95 20.76 11.29
N PHE E 84 31.12 19.79 12.19
CA PHE E 84 31.47 18.43 11.78
C PHE E 84 30.34 17.42 11.97
N GLY E 85 29.08 17.87 12.12
CA GLY E 85 28.02 16.94 12.48
C GLY E 85 27.76 15.88 11.41
N ALA E 86 27.65 16.31 10.16
CA ALA E 86 27.45 15.36 9.06
C ALA E 86 28.64 14.43 8.92
N VAL E 87 29.85 14.98 9.00
CA VAL E 87 31.06 14.16 8.97
C VAL E 87 31.11 13.25 10.19
N PHE E 88 30.66 13.75 11.35
CA PHE E 88 30.56 12.92 12.54
C PHE E 88 29.75 11.65 12.25
N ALA E 89 28.50 11.83 11.81
CA ALA E 89 27.64 10.68 11.56
C ALA E 89 28.18 9.78 10.46
N ALA E 90 28.66 10.37 9.36
CA ALA E 90 29.14 9.58 8.24
C ALA E 90 30.37 8.77 8.61
N LEU E 91 31.32 9.38 9.34
CA LEU E 91 32.50 8.65 9.77
C LEU E 91 32.15 7.54 10.74
N GLY E 92 31.21 7.78 11.66
CA GLY E 92 30.78 6.71 12.54
C GLY E 92 30.20 5.54 11.78
N LEU E 93 29.30 5.84 10.84
CA LEU E 93 28.69 4.77 10.05
C LEU E 93 29.72 4.00 9.23
N LEU E 94 30.65 4.73 8.60
CA LEU E 94 31.66 4.08 7.78
C LEU E 94 32.59 3.21 8.63
N ILE E 95 32.99 3.70 9.80
CA ILE E 95 33.88 2.93 10.66
C ILE E 95 33.20 1.66 11.13
N GLY E 96 31.94 1.78 11.60
CA GLY E 96 31.22 0.60 12.04
C GLY E 96 31.03 -0.41 10.92
N GLU E 97 30.64 0.07 9.74
CA GLU E 97 30.44 -0.83 8.61
C GLU E 97 31.73 -1.53 8.21
N TRP E 98 32.83 -0.79 8.12
CA TRP E 98 34.09 -1.41 7.72
C TRP E 98 34.57 -2.42 8.75
N ILE E 99 34.42 -2.12 10.03
CA ILE E 99 34.77 -3.08 11.06
C ILE E 99 33.95 -4.36 10.89
N ASN E 100 32.65 -4.22 10.65
CA ASN E 100 31.79 -5.39 10.50
C ASN E 100 32.18 -6.21 9.27
N ARG E 101 32.43 -5.53 8.14
CA ARG E 101 32.76 -6.27 6.92
C ARG E 101 34.10 -7.00 7.05
N TYR E 102 35.09 -6.34 7.65
CA TYR E 102 36.40 -6.98 7.73
C TYR E 102 36.45 -8.07 8.80
N VAL E 103 35.74 -7.90 9.91
CA VAL E 103 35.82 -8.85 11.01
C VAL E 103 34.80 -9.98 10.86
N ASN E 104 33.57 -9.66 10.45
CA ASN E 104 32.50 -10.65 10.40
C ASN E 104 32.26 -11.18 9.00
N PHE E 105 32.02 -10.31 8.01
CA PHE E 105 31.74 -10.78 6.67
C PHE E 105 32.93 -11.52 6.07
N TRP E 106 34.14 -11.06 6.37
CA TRP E 106 35.35 -11.69 5.86
C TRP E 106 36.03 -12.60 6.89
N GLY E 107 36.14 -12.15 8.13
CA GLY E 107 36.87 -12.94 9.13
C GLY E 107 36.11 -14.17 9.59
N TRP E 108 34.79 -14.11 9.62
CA TRP E 108 33.97 -15.22 10.10
C TRP E 108 33.44 -16.08 8.96
N THR E 109 32.74 -15.48 8.00
CA THR E 109 32.10 -16.19 6.92
C THR E 109 32.98 -16.31 5.68
N TYR E 110 34.14 -15.63 5.67
CA TYR E 110 35.14 -15.75 4.60
C TYR E 110 34.58 -15.34 3.24
N PHE E 111 33.78 -14.28 3.25
CA PHE E 111 33.42 -13.61 2.01
C PHE E 111 34.51 -12.61 1.62
N PRO E 112 34.96 -12.59 0.37
CA PRO E 112 36.03 -11.65 0.00
C PRO E 112 35.57 -10.21 0.12
N ILE E 113 36.54 -9.32 0.38
CA ILE E 113 36.24 -7.91 0.57
C ILE E 113 35.63 -7.31 -0.68
N SER E 114 36.09 -7.76 -1.86
CA SER E 114 35.56 -7.23 -3.12
C SER E 114 34.07 -7.46 -3.27
N LEU E 115 33.51 -8.43 -2.54
CA LEU E 115 32.07 -8.66 -2.54
C LEU E 115 31.36 -7.81 -1.50
N VAL E 116 32.00 -7.57 -0.35
CA VAL E 116 31.38 -6.88 0.76
C VAL E 116 32.28 -5.69 1.12
N PHE E 117 31.97 -4.53 0.54
CA PHE E 117 32.58 -3.29 0.97
C PHE E 117 31.49 -2.23 0.97
N PRO E 118 31.53 -1.30 1.93
CA PRO E 118 30.43 -0.32 2.05
C PRO E 118 30.57 0.80 1.03
N SER E 119 29.53 1.63 0.97
CA SER E 119 29.53 2.80 0.10
C SER E 119 30.36 3.91 0.74
N ALA E 120 30.69 4.91 -0.08
CA ALA E 120 31.46 6.06 0.35
C ALA E 120 30.54 7.26 0.56
N LEU E 121 30.61 7.86 1.74
CA LEU E 121 29.76 8.99 2.09
C LEU E 121 30.54 10.19 2.62
N ILE E 122 31.88 10.11 2.63
CA ILE E 122 32.67 11.15 3.26
C ILE E 122 32.61 12.45 2.45
N VAL E 123 32.74 12.36 1.13
CA VAL E 123 32.71 13.57 0.30
C VAL E 123 31.36 14.28 0.37
N PRO E 124 30.21 13.61 0.23
CA PRO E 124 28.93 14.33 0.42
C PRO E 124 28.77 14.91 1.82
N ALA E 125 29.26 14.20 2.84
CA ALA E 125 29.17 14.72 4.20
C ALA E 125 30.01 15.99 4.37
N ILE E 126 31.21 16.00 3.77
CA ILE E 126 32.04 17.19 3.79
C ILE E 126 31.34 18.34 3.08
N TRP E 127 30.73 18.05 1.93
CA TRP E 127 29.99 19.09 1.21
C TRP E 127 28.89 19.68 2.08
N LEU E 128 28.09 18.82 2.71
CA LEU E 128 26.99 19.29 3.54
C LEU E 128 27.49 20.10 4.72
N ASP E 129 28.56 19.63 5.39
CA ASP E 129 29.09 20.35 6.54
C ASP E 129 29.65 21.72 6.15
N VAL E 130 30.38 21.79 5.04
CA VAL E 130 30.93 23.08 4.62
C VAL E 130 29.81 24.01 4.17
N ILE E 131 28.76 23.48 3.55
CA ILE E 131 27.63 24.32 3.18
C ILE E 131 26.97 24.91 4.43
N LEU E 132 26.78 24.10 5.47
CA LEU E 132 26.21 24.61 6.70
C LEU E 132 27.14 25.63 7.36
N LEU E 133 28.45 25.38 7.33
CA LEU E 133 29.41 26.29 7.94
C LEU E 133 29.41 27.64 7.24
N LEU E 134 29.52 27.64 5.91
CA LEU E 134 29.58 28.89 5.16
C LEU E 134 28.26 29.64 5.21
N SER E 135 27.13 28.91 5.13
CA SER E 135 25.82 29.56 5.10
C SER E 135 25.34 29.95 6.50
N GLY E 136 25.41 29.02 7.45
CA GLY E 136 24.83 29.23 8.76
C GLY E 136 23.33 29.07 8.80
N SER E 137 22.70 28.69 7.69
CA SER E 137 21.26 28.54 7.59
C SER E 137 20.95 27.09 7.26
N TYR E 138 20.02 26.49 8.00
CA TYR E 138 19.62 25.12 7.73
C TYR E 138 18.64 25.00 6.58
N VAL E 139 18.00 26.08 6.16
CA VAL E 139 17.18 26.04 4.95
C VAL E 139 18.04 26.04 3.71
N ILE E 140 19.02 26.95 3.64
CA ILE E 140 19.97 26.97 2.54
C ILE E 140 20.75 25.65 2.52
N THR E 141 21.07 25.12 3.69
CA THR E 141 21.72 23.81 3.74
C THR E 141 20.78 22.73 3.21
N ALA E 142 19.55 22.69 3.70
CA ALA E 142 18.59 21.67 3.29
C ALA E 142 18.35 21.69 1.79
N VAL E 143 18.55 22.83 1.14
CA VAL E 143 18.41 22.85 -0.31
C VAL E 143 19.74 22.52 -0.99
N VAL E 144 20.73 23.40 -0.83
CA VAL E 144 21.94 23.31 -1.62
C VAL E 144 22.80 22.12 -1.18
N GLY E 145 23.03 21.99 0.13
CA GLY E 145 23.88 20.91 0.60
C GLY E 145 23.25 19.55 0.37
N SER E 146 21.92 19.46 0.48
CA SER E 146 21.26 18.20 0.18
C SER E 146 21.35 17.87 -1.31
N LEU E 147 21.21 18.87 -2.18
CA LEU E 147 21.38 18.62 -3.60
C LEU E 147 22.79 18.12 -3.91
N GLY E 148 23.81 18.75 -3.31
CA GLY E 148 25.17 18.30 -3.52
C GLY E 148 25.43 16.93 -2.94
N TRP E 149 24.83 16.65 -1.77
CA TRP E 149 24.96 15.33 -1.16
C TRP E 149 24.38 14.25 -2.05
N GLY E 150 23.22 14.50 -2.64
CA GLY E 150 22.65 13.54 -3.57
C GLY E 150 23.46 13.40 -4.84
N LEU E 151 24.01 14.51 -5.35
CA LEU E 151 24.73 14.46 -6.62
C LEU E 151 26.10 13.83 -6.50
N LEU E 152 26.79 14.00 -5.37
CA LEU E 152 28.16 13.54 -5.22
C LEU E 152 28.29 12.07 -4.83
N PHE E 153 27.18 11.36 -4.63
CA PHE E 153 27.26 9.99 -4.14
C PHE E 153 27.94 9.06 -5.15
N TYR E 154 27.52 9.13 -6.41
CA TYR E 154 28.02 8.21 -7.42
C TYR E 154 29.43 8.56 -7.88
N PRO E 155 29.77 9.83 -8.15
CA PRO E 155 31.15 10.13 -8.56
C PRO E 155 32.20 9.74 -7.53
N ASN E 156 31.92 9.85 -6.24
CA ASN E 156 32.91 9.49 -5.24
C ASN E 156 32.91 8.00 -4.91
N ASN E 157 31.93 7.26 -5.41
CA ASN E 157 31.92 5.80 -5.29
C ASN E 157 32.48 5.11 -6.53
N TRP E 158 32.51 5.81 -7.66
CA TRP E 158 33.03 5.21 -8.90
C TRP E 158 34.47 4.69 -8.80
N PRO E 159 35.42 5.39 -8.16
CA PRO E 159 36.79 4.85 -8.11
C PRO E 159 36.90 3.45 -7.51
N ALA E 160 36.06 3.13 -6.52
CA ALA E 160 36.07 1.81 -5.91
C ALA E 160 35.10 0.85 -6.58
N ILE E 161 34.41 1.28 -7.63
CA ILE E 161 33.35 0.50 -8.26
C ILE E 161 33.69 0.06 -9.68
N ALA E 162 34.40 0.90 -10.45
CA ALA E 162 34.59 0.62 -11.88
C ALA E 162 35.38 -0.65 -12.14
N ALA E 163 36.31 -1.00 -11.25
CA ALA E 163 37.15 -2.18 -11.48
C ALA E 163 36.31 -3.44 -11.62
N PHE E 164 35.22 -3.54 -10.87
CA PHE E 164 34.34 -4.70 -10.91
C PHE E 164 33.27 -4.58 -11.99
N HIS E 165 33.27 -3.50 -12.77
CA HIS E 165 32.32 -3.34 -13.86
C HIS E 165 32.94 -3.65 -15.22
N GLN E 166 34.16 -4.17 -15.23
CA GLN E 166 34.74 -4.67 -16.47
C GLN E 166 33.98 -5.90 -16.94
N ALA E 167 33.93 -6.08 -18.26
CA ALA E 167 33.12 -7.12 -18.87
C ALA E 167 33.91 -8.40 -19.07
N THR E 168 33.25 -9.53 -18.86
CA THR E 168 33.80 -10.85 -19.11
C THR E 168 32.76 -11.68 -19.85
N GLU E 169 33.22 -12.71 -20.56
CA GLU E 169 32.33 -13.59 -21.31
C GLU E 169 32.42 -14.99 -20.71
N GLN E 170 31.29 -15.46 -20.18
CA GLN E 170 31.17 -16.81 -19.66
C GLN E 170 30.70 -17.74 -20.77
N HIS E 171 30.19 -18.91 -20.35
CA HIS E 171 29.81 -19.97 -21.28
C HIS E 171 29.09 -19.45 -22.52
N GLY E 172 28.04 -18.66 -22.33
CA GLY E 172 27.42 -18.01 -23.47
C GLY E 172 27.07 -16.56 -23.22
N GLN E 173 27.16 -16.13 -21.98
CA GLN E 173 26.61 -14.85 -21.53
C GLN E 173 27.72 -13.83 -21.30
N LEU E 174 27.29 -12.58 -21.15
CA LEU E 174 28.16 -11.48 -20.79
C LEU E 174 27.92 -11.10 -19.34
N MET E 175 28.99 -10.92 -18.58
CA MET E 175 28.91 -10.65 -17.15
C MET E 175 29.78 -9.46 -16.80
N THR E 176 29.47 -8.83 -15.67
CA THR E 176 30.40 -7.94 -15.01
C THR E 176 31.26 -8.75 -14.04
N LEU E 177 32.34 -8.12 -13.58
CA LEU E 177 33.14 -8.76 -12.54
C LEU E 177 32.39 -8.82 -11.21
N ALA E 178 31.51 -7.85 -10.96
CA ALA E 178 30.72 -7.87 -9.74
C ALA E 178 29.71 -9.00 -9.74
N ASP E 179 29.02 -9.20 -10.86
CA ASP E 179 28.07 -10.31 -10.97
C ASP E 179 28.78 -11.65 -10.81
N LEU E 180 29.97 -11.79 -11.42
CA LEU E 180 30.72 -13.02 -11.29
C LEU E 180 31.25 -13.23 -9.88
N ILE E 181 31.61 -12.14 -9.18
CA ILE E 181 32.02 -12.27 -7.79
C ILE E 181 30.85 -12.75 -6.93
N GLY E 182 29.67 -12.19 -7.14
CA GLY E 182 28.50 -12.64 -6.41
C GLY E 182 28.12 -14.08 -6.73
N PHE E 183 28.31 -14.48 -8.00
CA PHE E 183 27.95 -15.83 -8.42
C PHE E 183 28.94 -16.85 -7.87
N HIS E 184 30.24 -16.56 -7.94
CA HIS E 184 31.25 -17.55 -7.55
C HIS E 184 31.21 -17.83 -6.06
N PHE E 185 31.18 -16.78 -5.24
CA PHE E 185 31.18 -16.93 -3.79
C PHE E 185 29.73 -17.04 -3.34
N VAL E 186 29.31 -18.25 -2.98
CA VAL E 186 27.91 -18.59 -2.86
C VAL E 186 27.34 -18.04 -1.56
N ARG E 187 26.22 -17.35 -1.66
CA ARG E 187 25.41 -16.97 -0.52
C ARG E 187 24.14 -17.81 -0.54
N THR E 188 23.90 -18.58 0.53
CA THR E 188 22.80 -19.51 0.54
C THR E 188 21.46 -18.79 0.47
N SER E 189 21.34 -17.64 1.13
CA SER E 189 20.07 -16.93 1.25
C SER E 189 20.03 -15.67 0.38
N MET E 190 20.81 -15.62 -0.69
CA MET E 190 20.82 -14.48 -1.61
C MET E 190 20.65 -14.96 -3.05
N PRO E 191 19.44 -15.35 -3.43
CA PRO E 191 19.18 -15.64 -4.84
C PRO E 191 19.23 -14.37 -5.68
N GLU E 192 19.43 -14.56 -6.99
CA GLU E 192 19.62 -13.43 -7.90
C GLU E 192 18.37 -12.58 -8.02
N TYR E 193 17.19 -13.15 -7.80
CA TYR E 193 15.97 -12.38 -8.02
C TYR E 193 15.69 -11.36 -6.92
N ILE E 194 16.36 -11.47 -5.77
CA ILE E 194 16.06 -10.57 -4.65
C ILE E 194 16.54 -9.16 -4.93
N ARG E 195 17.71 -9.00 -5.55
CA ARG E 195 18.32 -7.68 -5.65
C ARG E 195 17.43 -6.73 -6.44
N MET E 196 17.05 -5.63 -5.79
CA MET E 196 16.31 -4.57 -6.48
C MET E 196 17.31 -3.71 -7.26
N VAL E 197 17.72 -4.24 -8.40
CA VAL E 197 18.57 -3.52 -9.32
C VAL E 197 17.76 -3.21 -10.58
N GLU E 198 18.29 -2.31 -11.40
CA GLU E 198 17.58 -1.93 -12.61
C GLU E 198 17.56 -3.08 -13.60
N ARG E 199 16.44 -3.22 -14.30
CA ARG E 199 16.28 -4.26 -15.31
C ARG E 199 15.84 -3.71 -16.67
N GLY E 200 15.74 -2.40 -16.81
CA GLY E 200 15.33 -1.80 -18.07
C GLY E 200 13.88 -1.40 -18.06
N THR E 201 13.53 -0.36 -18.82
CA THR E 201 12.15 0.06 -18.98
C THR E 201 11.96 0.59 -20.39
N LEU E 202 10.72 0.51 -20.88
CA LEU E 202 10.40 1.10 -22.18
C LEU E 202 10.36 2.62 -22.12
N ARG E 203 10.42 3.21 -20.93
CA ARG E 203 10.46 4.65 -20.77
C ARG E 203 11.85 5.16 -20.37
N THR E 204 12.86 4.29 -20.35
CA THR E 204 14.23 4.73 -20.16
C THR E 204 14.75 5.36 -21.45
N PHE E 205 15.55 6.42 -21.29
CA PHE E 205 15.94 7.24 -22.41
C PHE E 205 17.44 7.19 -22.65
N GLY E 206 17.95 8.07 -23.51
CA GLY E 206 19.28 7.95 -24.05
C GLY E 206 20.40 8.23 -23.06
N LYS E 207 20.62 7.28 -22.14
CA LYS E 207 21.72 7.29 -21.19
C LYS E 207 21.55 8.36 -20.12
N ASP E 208 20.37 8.40 -19.50
CA ASP E 208 20.06 9.35 -18.44
C ASP E 208 19.84 8.70 -17.08
N VAL E 209 20.26 7.43 -16.91
CA VAL E 209 19.88 6.69 -15.71
C VAL E 209 20.54 7.28 -14.46
N VAL E 210 21.87 7.33 -14.46
CA VAL E 210 22.60 7.81 -13.27
C VAL E 210 22.28 9.27 -12.95
N PRO E 211 22.28 10.21 -13.90
CA PRO E 211 21.90 11.59 -13.54
C PRO E 211 20.49 11.71 -13.00
N VAL E 212 19.53 10.97 -13.56
CA VAL E 212 18.16 11.03 -13.07
C VAL E 212 18.09 10.50 -11.64
N ALA E 213 18.76 9.38 -11.37
CA ALA E 213 18.79 8.84 -10.02
C ALA E 213 19.44 9.82 -9.05
N ALA E 214 20.54 10.45 -9.46
CA ALA E 214 21.22 11.40 -8.58
C ALA E 214 20.34 12.60 -8.26
N PHE E 215 19.67 13.15 -9.27
CA PHE E 215 18.83 14.32 -9.03
C PHE E 215 17.61 13.97 -8.18
N PHE E 216 17.01 12.81 -8.42
CA PHE E 216 15.90 12.36 -7.58
C PHE E 216 16.36 12.19 -6.13
N SER E 217 17.53 11.58 -5.94
CA SER E 217 18.05 11.38 -4.58
C SER E 217 18.31 12.72 -3.90
N GLY E 218 18.86 13.69 -4.64
CA GLY E 218 19.09 15.00 -4.05
C GLY E 218 17.80 15.70 -3.66
N PHE E 219 16.80 15.66 -4.55
CA PHE E 219 15.53 16.31 -4.23
C PHE E 219 14.88 15.69 -3.00
N VAL E 220 14.85 14.36 -2.92
CA VAL E 220 14.25 13.72 -1.75
C VAL E 220 15.10 14.00 -0.50
N SER E 221 16.42 14.05 -0.66
CA SER E 221 17.30 14.37 0.46
C SER E 221 17.02 15.75 1.02
N MET E 222 16.57 16.68 0.18
CA MET E 222 16.19 18.00 0.71
C MET E 222 15.11 17.87 1.77
N MET E 223 14.02 17.17 1.44
CA MET E 223 12.91 17.02 2.39
C MET E 223 13.32 16.18 3.59
N VAL E 224 14.11 15.12 3.36
CA VAL E 224 14.54 14.28 4.48
C VAL E 224 15.43 15.07 5.43
N TYR E 225 16.32 15.91 4.89
CA TYR E 225 17.14 16.79 5.71
C TYR E 225 16.27 17.76 6.50
N PHE E 226 15.27 18.35 5.85
CA PHE E 226 14.42 19.31 6.56
C PHE E 226 13.67 18.64 7.70
N LEU E 227 13.20 17.41 7.50
CA LEU E 227 12.50 16.70 8.56
C LEU E 227 13.46 16.30 9.69
N TRP E 228 14.63 15.77 9.34
CA TRP E 228 15.51 15.23 10.36
C TRP E 228 16.31 16.29 11.10
N TRP E 229 16.45 17.48 10.54
CA TRP E 229 17.00 18.59 11.32
C TRP E 229 16.12 18.87 12.52
N PHE E 230 14.81 18.96 12.30
CA PHE E 230 13.89 19.19 13.41
C PHE E 230 13.74 17.95 14.28
N MET E 231 13.91 16.77 13.70
CA MET E 231 13.96 15.55 14.54
C MET E 231 15.12 15.62 15.52
N GLY E 232 16.30 16.01 15.04
CA GLY E 232 17.44 16.18 15.93
C GLY E 232 17.24 17.31 16.93
N ARG E 233 16.55 18.37 16.53
CA ARG E 233 16.21 19.44 17.49
C ARG E 233 15.30 18.90 18.60
N TRP E 234 14.31 18.08 18.24
CA TRP E 234 13.43 17.48 19.23
C TRP E 234 14.19 16.54 20.15
N TYR E 235 15.10 15.74 19.60
CA TYR E 235 15.88 14.82 20.41
C TYR E 235 16.83 15.53 21.36
N SER E 236 17.14 16.81 21.11
CA SER E 236 17.99 17.61 21.99
C SER E 236 17.19 18.29 23.10
N THR E 237 16.01 17.77 23.42
CA THR E 237 15.15 18.43 24.40
C THR E 237 15.71 18.29 25.81
N THR E 238 15.53 19.34 26.60
CA THR E 238 15.89 19.34 28.02
C THR E 238 14.65 19.40 28.90
N LYS E 239 13.52 18.92 28.39
CA LYS E 239 12.26 18.96 29.11
C LYS E 239 12.23 17.89 30.20
N VAL E 240 11.80 18.28 31.40
CA VAL E 240 11.67 17.39 32.53
C VAL E 240 10.18 17.24 32.83
N ILE E 241 9.69 16.01 32.78
CA ILE E 241 8.28 15.73 33.05
C ILE E 241 8.15 15.27 34.50
N ASP E 242 6.92 15.29 35.00
CA ASP E 242 6.66 15.01 36.40
C ASP E 242 6.09 13.62 36.67
N THR E 243 5.42 13.02 35.70
CA THR E 243 4.74 11.75 35.90
C THR E 243 5.05 10.80 34.74
N ILE E 244 5.37 9.55 35.09
CA ILE E 244 5.54 8.51 34.08
C ILE E 244 4.55 7.37 34.36
N ALA F 1 -26.98 22.81 56.24
CA ALA F 1 -26.96 22.72 54.79
C ALA F 1 -25.56 22.43 54.28
N VAL F 2 -25.45 21.56 53.28
CA VAL F 2 -24.17 21.18 52.70
C VAL F 2 -24.21 21.65 51.24
N GLY F 3 -23.69 22.85 51.01
CA GLY F 3 -23.69 23.44 49.69
C GLY F 3 -25.09 23.57 49.13
N PRO F 4 -25.33 22.94 47.97
CA PRO F 4 -26.69 22.90 47.42
C PRO F 4 -27.61 21.89 48.09
N PHE F 5 -27.11 21.15 49.07
CA PHE F 5 -27.88 20.14 49.78
C PHE F 5 -28.30 20.68 51.15
N ASN F 6 -29.54 20.40 51.53
CA ASN F 6 -30.08 20.91 52.79
C ASN F 6 -29.70 20.06 54.00
N SER F 7 -29.10 18.88 53.80
CA SER F 7 -28.78 18.00 54.91
C SER F 7 -27.66 17.06 54.49
N VAL F 8 -27.09 16.38 55.48
CA VAL F 8 -26.03 15.41 55.23
C VAL F 8 -26.56 14.22 54.43
N ALA F 9 -27.71 13.69 54.85
CA ALA F 9 -28.27 12.52 54.19
C ALA F 9 -28.63 12.82 52.74
N GLU F 10 -29.18 14.02 52.48
CA GLU F 10 -29.51 14.39 51.11
C GLU F 10 -28.27 14.43 50.24
N ALA F 11 -27.18 15.01 50.76
CA ALA F 11 -25.93 15.06 50.01
C ALA F 11 -25.42 13.66 49.71
N ALA F 12 -25.41 12.79 50.72
CA ALA F 12 -24.92 11.43 50.52
C ALA F 12 -25.77 10.68 49.50
N GLY F 13 -27.09 10.79 49.60
CA GLY F 13 -27.95 10.09 48.66
C GLY F 13 -27.81 10.60 47.24
N CYS F 14 -27.73 11.93 47.07
CA CYS F 14 -27.55 12.48 45.74
C CYS F 14 -26.21 12.06 45.15
N VAL F 15 -25.15 12.04 45.96
CA VAL F 15 -23.84 11.63 45.46
C VAL F 15 -23.88 10.16 45.03
N GLN F 16 -24.51 9.30 45.83
CA GLN F 16 -24.60 7.89 45.47
C GLN F 16 -25.39 7.69 44.17
N THR F 17 -26.52 8.39 44.04
CA THR F 17 -27.36 8.25 42.86
C THR F 17 -26.60 8.71 41.61
N VAL F 18 -25.96 9.89 41.68
CA VAL F 18 -25.21 10.40 40.54
C VAL F 18 -24.03 9.50 40.22
N ASP F 19 -23.43 8.89 41.24
CA ASP F 19 -22.38 7.91 41.01
C ASP F 19 -22.90 6.75 40.16
N TRP F 20 -24.07 6.23 40.53
CA TRP F 20 -24.66 5.12 39.79
C TRP F 20 -24.92 5.51 38.32
N MET F 21 -25.56 6.68 38.12
CA MET F 21 -25.87 7.08 36.75
C MET F 21 -24.62 7.35 35.93
N LEU F 22 -23.60 7.98 36.52
CA LEU F 22 -22.36 8.23 35.80
C LEU F 22 -21.69 6.91 35.41
N LEU F 23 -21.65 5.96 36.34
CA LEU F 23 -21.06 4.65 36.03
C LEU F 23 -21.79 4.00 34.87
N VAL F 24 -23.13 3.99 34.91
CA VAL F 24 -23.91 3.33 33.87
C VAL F 24 -23.67 4.00 32.52
N LEU F 25 -23.74 5.33 32.48
CA LEU F 25 -23.61 6.03 31.20
C LEU F 25 -22.22 5.85 30.61
N LEU F 26 -21.18 5.95 31.45
CA LEU F 26 -19.82 5.74 30.96
C LEU F 26 -19.65 4.31 30.45
N PHE F 27 -20.18 3.33 31.19
CA PHE F 27 -20.07 1.94 30.78
C PHE F 27 -20.69 1.73 29.41
N PHE F 28 -21.89 2.27 29.19
CA PHE F 28 -22.58 1.98 27.94
C PHE F 28 -21.99 2.75 26.76
N ALA F 29 -21.53 3.99 27.00
CA ALA F 29 -20.87 4.72 25.92
C ALA F 29 -19.57 4.04 25.49
N VAL F 30 -18.75 3.63 26.47
CA VAL F 30 -17.52 2.92 26.17
C VAL F 30 -17.83 1.59 25.50
N LEU F 31 -18.90 0.93 25.93
CA LEU F 31 -19.31 -0.33 25.32
C LEU F 31 -19.62 -0.14 23.85
N GLY F 32 -20.42 0.88 23.51
CA GLY F 32 -20.76 1.12 22.12
C GLY F 32 -19.54 1.42 21.27
N GLY F 33 -18.68 2.33 21.73
CA GLY F 33 -17.50 2.67 20.96
C GLY F 33 -16.56 1.50 20.78
N TYR F 34 -16.31 0.75 21.87
CA TYR F 34 -15.45 -0.42 21.81
C TYR F 34 -16.01 -1.48 20.87
N HIS F 35 -17.33 -1.71 20.92
CA HIS F 35 -17.91 -2.73 20.06
C HIS F 35 -17.78 -2.34 18.59
N VAL F 36 -18.03 -1.08 18.26
CA VAL F 36 -17.83 -0.66 16.87
C VAL F 36 -16.39 -0.90 16.44
N HIS F 37 -15.45 -0.40 17.23
CA HIS F 37 -14.03 -0.51 16.87
C HIS F 37 -13.61 -1.97 16.69
N PHE F 38 -13.95 -2.81 17.67
CA PHE F 38 -13.49 -4.20 17.65
C PHE F 38 -14.16 -4.98 16.54
N MET F 39 -15.49 -4.88 16.42
CA MET F 39 -16.20 -5.67 15.41
C MET F 39 -15.87 -5.23 14.00
N LEU F 40 -15.42 -4.00 13.79
CA LEU F 40 -15.05 -3.56 12.46
C LEU F 40 -13.55 -3.52 12.22
N THR F 41 -12.73 -3.88 13.22
CA THR F 41 -11.29 -4.05 13.02
C THR F 41 -10.82 -5.48 13.24
N ALA F 42 -11.38 -6.19 14.21
CA ALA F 42 -10.99 -7.56 14.51
C ALA F 42 -12.18 -8.48 14.71
N GLY F 43 -13.35 -8.12 14.16
CA GLY F 43 -14.55 -8.90 14.40
C GLY F 43 -14.68 -10.15 13.57
N ASP F 44 -13.93 -10.24 12.47
CA ASP F 44 -14.04 -11.42 11.61
C ASP F 44 -13.49 -12.67 12.29
N TRP F 45 -12.36 -12.55 12.97
CA TRP F 45 -11.82 -13.69 13.73
C TRP F 45 -12.67 -13.99 14.96
N ASP F 46 -13.34 -12.98 15.51
CA ASP F 46 -14.17 -13.18 16.68
C ASP F 46 -15.50 -13.85 16.35
N PHE F 47 -16.04 -13.58 15.15
CA PHE F 47 -17.36 -14.10 14.80
C PHE F 47 -17.36 -15.62 14.70
N TRP F 48 -16.36 -16.20 14.05
CA TRP F 48 -16.42 -17.59 13.61
C TRP F 48 -15.29 -18.40 14.24
N VAL F 49 -15.60 -19.65 14.59
CA VAL F 49 -14.61 -20.55 15.15
C VAL F 49 -13.64 -21.05 14.09
N ASP F 50 -14.01 -20.97 12.80
CA ASP F 50 -13.08 -21.34 11.73
C ASP F 50 -11.94 -20.35 11.58
N TRP F 51 -12.09 -19.14 12.12
CA TRP F 51 -11.05 -18.11 12.02
C TRP F 51 -10.16 -18.07 13.26
N LYS F 52 -10.48 -18.83 14.30
CA LYS F 52 -9.70 -18.84 15.53
C LYS F 52 -8.55 -19.81 15.35
N ASP F 53 -7.43 -19.29 14.85
CA ASP F 53 -6.28 -20.08 14.43
C ASP F 53 -5.08 -19.74 15.31
N ARG F 54 -3.91 -20.24 14.92
CA ARG F 54 -2.71 -20.09 15.73
C ARG F 54 -1.90 -18.85 15.40
N ARG F 55 -2.04 -18.29 14.20
CA ARG F 55 -1.19 -17.17 13.78
C ARG F 55 -1.94 -15.85 13.76
N MET F 56 -3.04 -15.76 13.01
CA MET F 56 -3.67 -14.46 12.76
C MET F 56 -4.66 -14.06 13.84
N TRP F 57 -5.41 -15.00 14.40
CA TRP F 57 -6.34 -14.66 15.47
C TRP F 57 -5.61 -14.17 16.73
N PRO F 58 -4.64 -14.91 17.30
CA PRO F 58 -3.97 -14.42 18.51
C PRO F 58 -3.08 -13.22 18.26
N THR F 59 -2.78 -12.91 17.00
CA THR F 59 -2.09 -11.67 16.68
C THR F 59 -3.07 -10.50 16.62
N VAL F 60 -4.11 -10.63 15.80
CA VAL F 60 -4.98 -9.49 15.50
C VAL F 60 -5.79 -9.09 16.72
N VAL F 61 -6.42 -10.06 17.40
CA VAL F 61 -7.41 -9.71 18.42
C VAL F 61 -6.82 -8.93 19.58
N PRO F 62 -5.75 -9.37 20.25
CA PRO F 62 -5.22 -8.57 21.36
C PRO F 62 -4.75 -7.18 20.97
N ILE F 63 -4.13 -7.05 19.78
CA ILE F 63 -3.58 -5.78 19.34
C ILE F 63 -4.69 -4.75 19.18
N LEU F 64 -5.80 -5.16 18.54
CA LEU F 64 -6.93 -4.26 18.36
C LEU F 64 -7.81 -4.15 19.60
N GLY F 65 -7.64 -5.05 20.56
CA GLY F 65 -8.43 -5.00 21.78
C GLY F 65 -7.84 -4.12 22.87
N VAL F 66 -6.51 -3.98 22.88
CA VAL F 66 -5.86 -3.20 23.92
C VAL F 66 -6.16 -1.71 23.84
N THR F 67 -6.74 -1.25 22.71
CA THR F 67 -6.93 0.19 22.48
C THR F 67 -7.84 0.82 23.53
N PHE F 68 -9.10 0.40 23.55
CA PHE F 68 -10.07 1.00 24.46
C PHE F 68 -9.75 0.64 25.91
N CYS F 69 -9.10 -0.49 26.14
CA CYS F 69 -8.64 -0.81 27.49
C CYS F 69 -7.64 0.22 27.98
N ALA F 70 -6.66 0.57 27.14
CA ALA F 70 -5.70 1.60 27.51
C ALA F 70 -6.36 2.96 27.70
N ALA F 71 -7.30 3.31 26.82
CA ALA F 71 -7.98 4.60 26.94
C ALA F 71 -8.78 4.69 28.24
N SER F 72 -9.54 3.64 28.55
CA SER F 72 -10.33 3.63 29.78
C SER F 72 -9.44 3.61 31.01
N GLN F 73 -8.31 2.89 30.94
CA GLN F 73 -7.35 2.92 32.03
C GLN F 73 -6.82 4.33 32.26
N ALA F 74 -6.46 5.03 31.17
CA ALA F 74 -6.00 6.40 31.31
C ALA F 74 -7.04 7.25 32.01
N PHE F 75 -8.27 7.24 31.51
CA PHE F 75 -9.35 8.02 32.11
C PHE F 75 -9.49 7.71 33.60
N TRP F 76 -9.78 6.44 33.92
CA TRP F 76 -10.13 6.07 35.28
C TRP F 76 -8.97 6.29 36.25
N TRP F 77 -7.75 5.90 35.85
CA TRP F 77 -6.62 6.03 36.77
C TRP F 77 -6.22 7.48 36.96
N VAL F 78 -6.16 8.27 35.89
CA VAL F 78 -5.72 9.66 36.03
C VAL F 78 -6.73 10.46 36.83
N ASN F 79 -8.02 10.23 36.62
CA ASN F 79 -9.02 11.12 37.21
C ASN F 79 -9.63 10.59 38.51
N PHE F 80 -9.53 9.29 38.79
CA PHE F 80 -10.18 8.73 39.97
C PHE F 80 -9.33 7.76 40.77
N ARG F 81 -8.17 7.33 40.26
CA ARG F 81 -7.38 6.25 40.87
C ARG F 81 -8.21 4.97 41.00
N LEU F 82 -9.04 4.70 40.00
CA LEU F 82 -9.87 3.51 39.99
C LEU F 82 -9.24 2.46 39.09
N PRO F 83 -8.91 1.27 39.61
CA PRO F 83 -8.06 0.34 38.85
C PRO F 83 -8.82 -0.62 37.92
N PHE F 84 -10.05 -0.31 37.52
CA PHE F 84 -10.84 -1.26 36.73
C PHE F 84 -11.05 -0.84 35.28
N GLY F 85 -10.22 0.07 34.75
CA GLY F 85 -10.49 0.62 33.43
C GLY F 85 -10.41 -0.42 32.31
N ALA F 86 -9.34 -1.22 32.33
CA ALA F 86 -9.21 -2.27 31.33
C ALA F 86 -10.30 -3.32 31.48
N VAL F 87 -10.60 -3.72 32.73
CA VAL F 87 -11.70 -4.64 32.97
C VAL F 87 -13.03 -4.00 32.58
N PHE F 88 -13.17 -2.68 32.83
CA PHE F 88 -14.35 -1.96 32.37
C PHE F 88 -14.59 -2.18 30.88
N ALA F 89 -13.59 -1.81 30.06
CA ALA F 89 -13.75 -1.92 28.62
C ALA F 89 -13.94 -3.36 28.18
N ALA F 90 -13.16 -4.29 28.74
CA ALA F 90 -13.23 -5.68 28.31
C ALA F 90 -14.59 -6.30 28.67
N LEU F 91 -15.10 -6.03 29.86
CA LEU F 91 -16.40 -6.54 30.25
C LEU F 91 -17.50 -5.95 29.39
N GLY F 92 -17.42 -4.65 29.08
CA GLY F 92 -18.41 -4.08 28.18
C GLY F 92 -18.42 -4.74 26.83
N LEU F 93 -17.23 -4.93 26.24
CA LEU F 93 -17.14 -5.57 24.93
C LEU F 93 -17.65 -7.00 24.98
N LEU F 94 -17.28 -7.76 26.01
CA LEU F 94 -17.71 -9.14 26.13
C LEU F 94 -19.23 -9.24 26.30
N ILE F 95 -19.81 -8.37 27.13
CA ILE F 95 -21.25 -8.40 27.35
C ILE F 95 -21.99 -8.08 26.07
N GLY F 96 -21.58 -7.02 25.38
CA GLY F 96 -22.22 -6.67 24.11
C GLY F 96 -22.11 -7.79 23.08
N GLU F 97 -20.92 -8.36 22.94
CA GLU F 97 -20.71 -9.44 21.98
C GLU F 97 -21.57 -10.64 22.31
N TRP F 98 -21.59 -11.05 23.58
CA TRP F 98 -22.37 -12.23 23.96
C TRP F 98 -23.86 -12.00 23.74
N ILE F 99 -24.35 -10.80 24.08
CA ILE F 99 -25.75 -10.49 23.82
C ILE F 99 -26.06 -10.61 22.34
N ASN F 100 -25.18 -10.07 21.49
CA ASN F 100 -25.42 -10.12 20.05
C ASN F 100 -25.39 -11.56 19.53
N ARG F 101 -24.42 -12.36 19.97
CA ARG F 101 -24.34 -13.73 19.48
C ARG F 101 -25.54 -14.57 19.92
N TYR F 102 -25.98 -14.40 21.17
CA TYR F 102 -27.08 -15.23 21.64
C TYR F 102 -28.42 -14.77 21.10
N VAL F 103 -28.62 -13.46 20.92
CA VAL F 103 -29.91 -12.95 20.50
C VAL F 103 -30.03 -12.89 18.98
N ASN F 104 -28.99 -12.47 18.28
CA ASN F 104 -29.04 -12.27 16.84
C ASN F 104 -28.44 -13.42 16.04
N PHE F 105 -27.19 -13.79 16.32
CA PHE F 105 -26.54 -14.85 15.57
C PHE F 105 -27.26 -16.19 15.77
N TRP F 106 -27.74 -16.44 16.98
CA TRP F 106 -28.45 -17.67 17.30
C TRP F 106 -29.96 -17.52 17.30
N GLY F 107 -30.48 -16.44 17.91
CA GLY F 107 -31.92 -16.30 18.03
C GLY F 107 -32.61 -15.94 16.74
N TRP F 108 -31.94 -15.19 15.86
CA TRP F 108 -32.50 -14.75 14.59
C TRP F 108 -32.12 -15.65 13.42
N THR F 109 -30.82 -15.84 13.21
CA THR F 109 -30.33 -16.60 12.07
C THR F 109 -30.10 -18.07 12.40
N TYR F 110 -30.24 -18.47 13.65
CA TYR F 110 -30.19 -19.87 14.08
C TYR F 110 -28.84 -20.51 13.76
N PHE F 111 -27.77 -19.75 13.94
CA PHE F 111 -26.43 -20.32 13.94
C PHE F 111 -26.12 -20.86 15.33
N PRO F 112 -25.58 -22.08 15.44
CA PRO F 112 -25.30 -22.64 16.77
C PRO F 112 -24.23 -21.84 17.49
N ILE F 113 -24.29 -21.86 18.82
CA ILE F 113 -23.35 -21.08 19.63
C ILE F 113 -21.92 -21.57 19.43
N SER F 114 -21.74 -22.88 19.23
CA SER F 114 -20.41 -23.42 19.00
C SER F 114 -19.73 -22.83 17.78
N LEU F 115 -20.49 -22.28 16.84
CA LEU F 115 -19.93 -21.60 15.68
C LEU F 115 -19.65 -20.13 15.97
N VAL F 116 -20.49 -19.49 16.78
CA VAL F 116 -20.40 -18.06 17.04
C VAL F 116 -20.30 -17.86 18.55
N PHE F 117 -19.07 -17.79 19.05
CA PHE F 117 -18.84 -17.36 20.41
C PHE F 117 -17.62 -16.44 20.40
N PRO F 118 -17.61 -15.42 21.24
CA PRO F 118 -16.52 -14.44 21.19
C PRO F 118 -15.27 -14.95 21.90
N SER F 119 -14.19 -14.19 21.74
CA SER F 119 -12.95 -14.49 22.41
C SER F 119 -13.01 -14.07 23.88
N ALA F 120 -12.05 -14.56 24.66
CA ALA F 120 -11.97 -14.25 26.09
C ALA F 120 -10.87 -13.22 26.32
N LEU F 121 -11.22 -12.13 27.00
CA LEU F 121 -10.28 -11.04 27.26
C LEU F 121 -10.23 -10.66 28.73
N ILE F 122 -10.93 -11.37 29.60
CA ILE F 122 -11.05 -10.95 31.00
C ILE F 122 -9.72 -11.14 31.72
N VAL F 123 -9.05 -12.27 31.52
CA VAL F 123 -7.77 -12.52 32.19
C VAL F 123 -6.69 -11.52 31.78
N PRO F 124 -6.46 -11.26 30.49
CA PRO F 124 -5.48 -10.21 30.15
C PRO F 124 -5.86 -8.83 30.67
N ALA F 125 -7.16 -8.51 30.69
CA ALA F 125 -7.60 -7.23 31.24
C ALA F 125 -7.31 -7.13 32.73
N ILE F 126 -7.53 -8.22 33.46
CA ILE F 126 -7.20 -8.24 34.88
C ILE F 126 -5.71 -8.08 35.08
N TRP F 127 -4.90 -8.75 34.26
CA TRP F 127 -3.46 -8.61 34.34
C TRP F 127 -3.05 -7.15 34.15
N LEU F 128 -3.57 -6.52 33.10
CA LEU F 128 -3.22 -5.13 32.81
C LEU F 128 -3.64 -4.19 33.93
N ASP F 129 -4.86 -4.38 34.45
CA ASP F 129 -5.35 -3.53 35.53
C ASP F 129 -4.53 -3.68 36.80
N VAL F 130 -4.19 -4.92 37.17
CA VAL F 130 -3.39 -5.12 38.38
C VAL F 130 -1.98 -4.59 38.18
N ILE F 131 -1.43 -4.69 36.97
CA ILE F 131 -0.11 -4.11 36.72
C ILE F 131 -0.15 -2.60 36.91
N LEU F 132 -1.19 -1.95 36.37
CA LEU F 132 -1.32 -0.50 36.55
C LEU F 132 -1.51 -0.14 38.02
N LEU F 133 -2.30 -0.95 38.75
CA LEU F 133 -2.56 -0.67 40.16
C LEU F 133 -1.27 -0.79 40.98
N LEU F 134 -0.56 -1.89 40.82
CA LEU F 134 0.65 -2.11 41.61
C LEU F 134 1.77 -1.13 41.23
N SER F 135 1.90 -0.84 39.94
CA SER F 135 2.98 0.02 39.47
C SER F 135 2.65 1.50 39.65
N GLY F 136 1.45 1.92 39.22
CA GLY F 136 1.11 3.33 39.19
C GLY F 136 1.73 4.10 38.05
N SER F 137 2.45 3.42 37.16
CA SER F 137 3.13 4.05 36.03
C SER F 137 2.56 3.49 34.73
N TYR F 138 2.21 4.37 33.80
CA TYR F 138 1.68 3.93 32.52
C TYR F 138 2.76 3.49 31.55
N VAL F 139 4.03 3.83 31.80
CA VAL F 139 5.13 3.31 31.00
C VAL F 139 5.42 1.86 31.38
N ILE F 140 5.56 1.61 32.69
CA ILE F 140 5.75 0.24 33.15
C ILE F 140 4.55 -0.61 32.77
N THR F 141 3.35 -0.03 32.83
CA THR F 141 2.16 -0.75 32.37
C THR F 141 2.25 -1.03 30.87
N ALA F 142 2.54 0.00 30.08
CA ALA F 142 2.62 -0.15 28.62
C ALA F 142 3.64 -1.21 28.21
N VAL F 143 4.65 -1.46 29.04
CA VAL F 143 5.59 -2.51 28.70
C VAL F 143 5.12 -3.86 29.27
N VAL F 144 5.09 -3.97 30.60
CA VAL F 144 4.89 -5.26 31.24
C VAL F 144 3.46 -5.74 31.07
N GLY F 145 2.48 -4.88 31.37
CA GLY F 145 1.10 -5.29 31.29
C GLY F 145 0.68 -5.59 29.86
N SER F 146 1.22 -4.83 28.89
CA SER F 146 0.93 -5.13 27.49
C SER F 146 1.54 -6.45 27.07
N LEU F 147 2.77 -6.74 27.53
CA LEU F 147 3.37 -8.04 27.22
C LEU F 147 2.52 -9.18 27.79
N GLY F 148 2.08 -9.04 29.04
CA GLY F 148 1.23 -10.05 29.64
C GLY F 148 -0.12 -10.17 28.96
N TRP F 149 -0.69 -9.04 28.54
CA TRP F 149 -1.95 -9.04 27.82
C TRP F 149 -1.83 -9.79 26.50
N GLY F 150 -0.74 -9.56 25.78
CA GLY F 150 -0.52 -10.31 24.54
C GLY F 150 -0.26 -11.78 24.78
N LEU F 151 0.47 -12.11 25.85
CA LEU F 151 0.84 -13.50 26.10
C LEU F 151 -0.32 -14.34 26.63
N LEU F 152 -1.22 -13.75 27.41
CA LEU F 152 -2.28 -14.50 28.07
C LEU F 152 -3.51 -14.74 27.20
N PHE F 153 -3.52 -14.22 25.97
CA PHE F 153 -4.73 -14.32 25.15
C PHE F 153 -5.05 -15.76 24.79
N TYR F 154 -4.06 -16.52 24.33
CA TYR F 154 -4.29 -17.88 23.86
C TYR F 154 -4.51 -18.88 25.00
N PRO F 155 -3.71 -18.85 26.08
CA PRO F 155 -3.96 -19.80 27.17
C PRO F 155 -5.34 -19.67 27.80
N ASN F 156 -5.89 -18.46 27.91
CA ASN F 156 -7.20 -18.31 28.52
C ASN F 156 -8.34 -18.54 27.53
N ASN F 157 -8.04 -18.64 26.23
CA ASN F 157 -9.02 -19.02 25.23
C ASN F 157 -9.01 -20.51 24.92
N TRP F 158 -7.92 -21.20 25.24
CA TRP F 158 -7.83 -22.64 24.96
C TRP F 158 -8.93 -23.47 25.61
N PRO F 159 -9.34 -23.25 26.87
CA PRO F 159 -10.39 -24.11 27.45
C PRO F 159 -11.68 -24.14 26.65
N ALA F 160 -12.06 -23.02 26.03
CA ALA F 160 -13.26 -22.97 25.20
C ALA F 160 -12.99 -23.30 23.74
N ILE F 161 -11.75 -23.64 23.39
CA ILE F 161 -11.35 -23.82 22.01
C ILE F 161 -10.97 -25.26 21.68
N ALA F 162 -10.33 -25.97 22.62
CA ALA F 162 -9.76 -27.28 22.31
C ALA F 162 -10.80 -28.31 21.92
N ALA F 163 -12.02 -28.21 22.49
CA ALA F 163 -13.04 -29.22 22.20
C ALA F 163 -13.35 -29.29 20.71
N PHE F 164 -13.31 -28.16 20.01
CA PHE F 164 -13.58 -28.11 18.58
C PHE F 164 -12.35 -28.36 17.73
N HIS F 165 -11.19 -28.62 18.35
CA HIS F 165 -9.97 -28.94 17.63
C HIS F 165 -9.69 -30.43 17.59
N GLN F 166 -10.61 -31.25 18.08
CA GLN F 166 -10.48 -32.69 17.91
C GLN F 166 -10.62 -33.06 16.44
N ALA F 167 -9.93 -34.13 16.05
CA ALA F 167 -9.82 -34.52 14.66
C ALA F 167 -10.91 -35.51 14.27
N THR F 168 -11.42 -35.36 13.05
CA THR F 168 -12.39 -36.27 12.47
C THR F 168 -11.96 -36.58 11.04
N GLU F 169 -12.43 -37.71 10.52
CA GLU F 169 -12.12 -38.12 9.16
C GLU F 169 -13.39 -38.14 8.34
N GLN F 170 -13.45 -37.28 7.32
CA GLN F 170 -14.55 -37.24 6.39
C GLN F 170 -14.26 -38.17 5.22
N HIS F 171 -14.99 -37.96 4.11
CA HIS F 171 -14.94 -38.83 2.95
C HIS F 171 -13.53 -39.27 2.59
N GLY F 172 -12.60 -38.31 2.45
CA GLY F 172 -11.21 -38.67 2.28
C GLY F 172 -10.25 -37.82 3.09
N GLN F 173 -10.77 -36.75 3.69
CA GLN F 173 -9.95 -35.70 4.28
C GLN F 173 -9.98 -35.77 5.80
N LEU F 174 -9.06 -35.02 6.40
CA LEU F 174 -9.01 -34.83 7.85
C LEU F 174 -9.50 -33.45 8.19
N MET F 175 -10.36 -33.35 9.19
CA MET F 175 -11.00 -32.10 9.57
C MET F 175 -10.88 -31.90 11.07
N THR F 176 -10.99 -30.63 11.49
CA THR F 176 -11.27 -30.33 12.87
C THR F 176 -12.78 -30.26 13.08
N LEU F 177 -13.20 -30.27 14.34
CA LEU F 177 -14.62 -30.08 14.62
C LEU F 177 -15.06 -28.65 14.29
N ALA F 178 -14.16 -27.68 14.41
CA ALA F 178 -14.50 -26.30 14.07
C ALA F 178 -14.72 -26.14 12.56
N ASP F 179 -13.85 -26.74 11.75
CA ASP F 179 -14.02 -26.67 10.31
C ASP F 179 -15.31 -27.36 9.88
N LEU F 180 -15.63 -28.50 10.51
CA LEU F 180 -16.86 -29.20 10.18
C LEU F 180 -18.09 -28.42 10.65
N ILE F 181 -17.99 -27.71 11.77
CA ILE F 181 -19.09 -26.87 12.22
C ILE F 181 -19.33 -25.74 11.21
N GLY F 182 -18.26 -25.10 10.75
CA GLY F 182 -18.41 -24.06 9.75
C GLY F 182 -18.93 -24.59 8.43
N PHE F 183 -18.54 -25.80 8.06
CA PHE F 183 -18.97 -26.39 6.79
C PHE F 183 -20.44 -26.81 6.85
N HIS F 184 -20.86 -27.44 7.94
CA HIS F 184 -22.21 -27.99 8.02
C HIS F 184 -23.26 -26.88 8.05
N PHE F 185 -23.06 -25.88 8.91
CA PHE F 185 -24.01 -24.78 9.06
C PHE F 185 -23.62 -23.70 8.06
N VAL F 186 -24.40 -23.59 6.98
CA VAL F 186 -23.99 -22.87 5.79
C VAL F 186 -24.13 -21.38 6.01
N ARG F 187 -23.07 -20.64 5.70
CA ARG F 187 -23.10 -19.18 5.61
C ARG F 187 -23.00 -18.82 4.14
N THR F 188 -24.00 -18.10 3.63
CA THR F 188 -24.05 -17.80 2.20
C THR F 188 -22.88 -16.94 1.76
N SER F 189 -22.49 -15.98 2.60
CA SER F 189 -21.47 -15.00 2.24
C SER F 189 -20.15 -15.24 2.95
N MET F 190 -19.86 -16.49 3.34
CA MET F 190 -18.59 -16.84 3.99
C MET F 190 -17.97 -18.04 3.29
N PRO F 191 -17.38 -17.84 2.10
CA PRO F 191 -16.61 -18.91 1.48
C PRO F 191 -15.32 -19.19 2.25
N GLU F 192 -14.78 -20.39 2.03
CA GLU F 192 -13.63 -20.84 2.79
C GLU F 192 -12.38 -19.99 2.52
N TYR F 193 -12.29 -19.40 1.33
CA TYR F 193 -11.07 -18.67 0.99
C TYR F 193 -10.93 -17.34 1.71
N ILE F 194 -12.01 -16.81 2.29
CA ILE F 194 -11.95 -15.49 2.89
C ILE F 194 -11.12 -15.50 4.17
N ARG F 195 -11.25 -16.54 4.99
CA ARG F 195 -10.64 -16.52 6.32
C ARG F 195 -9.13 -16.37 6.24
N MET F 196 -8.61 -15.32 6.85
CA MET F 196 -7.17 -15.11 6.97
C MET F 196 -6.67 -15.97 8.12
N VAL F 197 -6.53 -17.27 7.84
CA VAL F 197 -5.95 -18.22 8.77
C VAL F 197 -4.61 -18.68 8.21
N GLU F 198 -3.82 -19.32 9.06
CA GLU F 198 -2.51 -19.77 8.63
C GLU F 198 -2.64 -20.92 7.64
N ARG F 199 -1.77 -20.92 6.64
CA ARG F 199 -1.75 -21.97 5.63
C ARG F 199 -0.39 -22.62 5.47
N GLY F 200 0.59 -22.27 6.29
CA GLY F 200 1.92 -22.85 6.22
C GLY F 200 2.89 -21.94 5.49
N THR F 201 4.17 -22.03 5.85
CA THR F 201 5.22 -21.29 5.16
C THR F 201 6.49 -22.14 5.15
N LEU F 202 7.33 -21.90 4.16
CA LEU F 202 8.64 -22.57 4.12
C LEU F 202 9.59 -22.01 5.17
N ARG F 203 9.23 -20.92 5.83
CA ARG F 203 10.03 -20.34 6.90
C ARG F 203 9.43 -20.59 8.28
N THR F 204 8.37 -21.38 8.37
CA THR F 204 7.86 -21.81 9.66
C THR F 204 8.75 -22.89 10.24
N PHE F 205 8.93 -22.85 11.56
CA PHE F 205 9.94 -23.68 12.22
C PHE F 205 9.29 -24.66 13.18
N GLY F 206 10.12 -25.32 13.99
CA GLY F 206 9.70 -26.49 14.75
C GLY F 206 8.73 -26.20 15.88
N LYS F 207 7.47 -25.90 15.52
CA LYS F 207 6.37 -25.73 16.47
C LYS F 207 6.52 -24.44 17.29
N ASP F 208 6.75 -23.33 16.60
CA ASP F 208 6.88 -22.03 17.24
C ASP F 208 5.77 -21.04 16.86
N VAL F 209 4.67 -21.53 16.30
CA VAL F 209 3.67 -20.63 15.72
C VAL F 209 2.99 -19.80 16.80
N VAL F 210 2.35 -20.48 17.77
CA VAL F 210 1.60 -19.78 18.81
C VAL F 210 2.49 -18.88 19.66
N PRO F 211 3.65 -19.33 20.16
CA PRO F 211 4.50 -18.41 20.92
C PRO F 211 4.96 -17.20 20.13
N VAL F 212 5.30 -17.37 18.85
CA VAL F 212 5.72 -16.24 18.04
C VAL F 212 4.58 -15.26 17.85
N ALA F 213 3.38 -15.77 17.59
CA ALA F 213 2.22 -14.89 17.46
C ALA F 213 1.95 -14.14 18.76
N ALA F 214 2.05 -14.84 19.90
CA ALA F 214 1.79 -14.20 21.19
C ALA F 214 2.80 -13.10 21.48
N PHE F 215 4.08 -13.36 21.22
CA PHE F 215 5.10 -12.36 21.50
C PHE F 215 4.99 -11.16 20.56
N PHE F 216 4.68 -11.42 19.28
CA PHE F 216 4.45 -10.31 18.36
C PHE F 216 3.26 -9.46 18.80
N SER F 217 2.17 -10.12 19.22
CA SER F 217 1.00 -9.39 19.67
C SER F 217 1.31 -8.56 20.91
N GLY F 218 2.08 -9.12 21.85
CA GLY F 218 2.46 -8.35 23.02
C GLY F 218 3.32 -7.14 22.69
N PHE F 219 4.31 -7.32 21.82
CA PHE F 219 5.17 -6.20 21.44
C PHE F 219 4.37 -5.09 20.77
N VAL F 220 3.49 -5.44 19.83
CA VAL F 220 2.69 -4.41 19.18
C VAL F 220 1.72 -3.79 20.17
N SER F 221 1.18 -4.58 21.10
CA SER F 221 0.28 -4.07 22.12
C SER F 221 0.97 -3.03 22.99
N MET F 222 2.28 -3.16 23.20
CA MET F 222 3.00 -2.12 23.94
C MET F 222 2.83 -0.75 23.29
N MET F 223 3.11 -0.66 21.99
CA MET F 223 3.01 0.61 21.28
C MET F 223 1.56 1.08 21.17
N VAL F 224 0.64 0.14 20.94
CA VAL F 224 -0.77 0.54 20.84
C VAL F 224 -1.27 1.07 22.19
N TYR F 225 -0.86 0.44 23.29
CA TYR F 225 -1.20 0.95 24.61
C TYR F 225 -0.61 2.34 24.82
N PHE F 226 0.64 2.54 24.45
CA PHE F 226 1.26 3.85 24.64
C PHE F 226 0.53 4.93 23.85
N LEU F 227 0.10 4.61 22.64
CA LEU F 227 -0.64 5.60 21.84
C LEU F 227 -2.03 5.85 22.42
N TRP F 228 -2.74 4.79 22.79
CA TRP F 228 -4.13 4.95 23.20
C TRP F 228 -4.29 5.46 24.62
N TRP F 229 -3.26 5.34 25.47
CA TRP F 229 -3.30 6.01 26.75
C TRP F 229 -3.39 7.52 26.56
N PHE F 230 -2.56 8.06 25.68
CA PHE F 230 -2.60 9.49 25.38
C PHE F 230 -3.84 9.85 24.57
N MET F 231 -4.33 8.92 23.75
CA MET F 231 -5.61 9.17 23.08
C MET F 231 -6.74 9.36 24.10
N GLY F 232 -6.78 8.49 25.11
CA GLY F 232 -7.76 8.65 26.18
C GLY F 232 -7.54 9.89 27.01
N ARG F 233 -6.29 10.30 27.20
CA ARG F 233 -6.01 11.57 27.87
C ARG F 233 -6.54 12.75 27.06
N TRP F 234 -6.37 12.70 25.74
CA TRP F 234 -6.90 13.77 24.88
C TRP F 234 -8.42 13.78 24.91
N TYR F 235 -9.05 12.62 24.87
CA TYR F 235 -10.51 12.55 24.93
C TYR F 235 -11.09 13.03 26.24
N SER F 236 -10.28 13.08 27.30
CA SER F 236 -10.71 13.60 28.60
C SER F 236 -10.53 15.11 28.73
N THR F 237 -10.48 15.81 27.60
CA THR F 237 -10.21 17.24 27.63
C THR F 237 -11.40 18.02 28.17
N THR F 238 -11.11 19.08 28.92
CA THR F 238 -12.12 20.01 29.41
C THR F 238 -12.00 21.37 28.74
N LYS F 239 -11.44 21.40 27.54
CA LYS F 239 -11.21 22.64 26.82
C LYS F 239 -12.52 23.17 26.25
N VAL F 240 -12.76 24.46 26.43
CA VAL F 240 -13.94 25.14 25.90
C VAL F 240 -13.47 26.11 24.83
N ILE F 241 -13.99 25.93 23.61
CA ILE F 241 -13.63 26.79 22.49
C ILE F 241 -14.70 27.85 22.32
N ASP F 242 -14.37 28.90 21.57
CA ASP F 242 -15.25 30.06 21.45
C ASP F 242 -16.01 30.11 20.13
N THR F 243 -15.48 29.50 19.07
CA THR F 243 -16.09 29.60 17.74
C THR F 243 -16.16 28.22 17.10
N ILE F 244 -17.31 27.92 16.50
CA ILE F 244 -17.46 26.71 15.71
C ILE F 244 -17.86 27.08 14.28
N HIS G 1 8.29 9.00 -34.25
CA HIS G 1 9.47 9.56 -33.52
C HIS G 1 9.49 9.18 -32.04
N GLY G 2 10.66 8.89 -31.46
CA GLY G 2 10.80 8.53 -30.04
C GLY G 2 11.38 7.15 -29.76
N GLU G 3 11.27 6.20 -30.68
CA GLU G 3 11.77 4.81 -30.53
C GLU G 3 13.30 4.74 -30.34
N LYS G 4 14.07 5.50 -31.11
CA LYS G 4 15.55 5.50 -31.00
C LYS G 4 16.00 5.59 -29.55
N SER G 5 15.33 6.39 -28.74
CA SER G 5 15.72 6.61 -27.31
C SER G 5 15.39 5.41 -26.42
N GLN G 6 14.64 4.45 -26.93
CA GLN G 6 14.23 3.28 -26.12
C GLN G 6 15.37 2.27 -26.18
N GLN G 7 15.50 1.43 -25.15
CA GLN G 7 16.60 0.48 -25.10
C GLN G 7 16.50 -0.52 -26.24
N ALA G 8 17.64 -0.88 -26.82
CA ALA G 8 17.66 -1.76 -27.98
C ALA G 8 17.13 -3.15 -27.64
N PHE G 9 17.53 -3.69 -26.49
CA PHE G 9 17.17 -5.06 -26.16
C PHE G 9 15.69 -5.19 -25.83
N LEU G 10 15.06 -4.13 -25.32
CA LEU G 10 13.63 -4.17 -25.10
C LEU G 10 12.85 -4.01 -26.40
N ARG G 11 13.37 -3.19 -27.33
CA ARG G 11 12.74 -3.06 -28.64
C ARG G 11 12.81 -4.37 -29.42
N MET G 12 13.94 -5.06 -29.35
CA MET G 12 14.14 -6.27 -30.13
C MET G 12 13.38 -7.46 -29.58
N ARG G 13 13.15 -7.51 -28.27
CA ARG G 13 12.65 -8.70 -27.61
C ARG G 13 11.20 -8.58 -27.14
N THR G 14 10.45 -7.61 -27.66
CA THR G 14 9.04 -7.46 -27.29
C THR G 14 8.11 -7.72 -28.47
N LEU G 15 8.22 -6.95 -29.54
CA LEU G 15 7.33 -7.11 -30.69
C LEU G 15 8.14 -7.01 -31.97
N ASN G 16 8.00 -8.03 -32.82
CA ASN G 16 8.67 -8.08 -34.12
C ASN G 16 7.64 -7.73 -35.19
N TRP G 17 7.76 -6.55 -35.76
CA TRP G 17 6.82 -6.08 -36.77
C TRP G 17 7.25 -6.61 -38.14
N TYR G 18 6.28 -7.12 -38.90
CA TYR G 18 6.51 -7.51 -40.27
C TYR G 18 5.27 -7.13 -41.07
N ASP G 19 5.17 -7.64 -42.30
CA ASP G 19 4.80 -6.82 -43.45
C ASP G 19 3.84 -5.71 -43.10
N VAL G 20 4.30 -4.47 -43.25
CA VAL G 20 3.55 -3.28 -42.86
C VAL G 20 3.38 -2.40 -44.09
N GLN G 21 2.15 -1.98 -44.35
CA GLN G 21 1.83 -1.24 -45.55
C GLN G 21 1.08 0.03 -45.22
N TRP G 22 1.24 1.03 -46.08
CA TRP G 22 0.45 2.26 -46.06
C TRP G 22 -0.22 2.38 -47.43
N SER G 23 -1.56 2.29 -47.44
CA SER G 23 -2.26 2.22 -48.72
C SER G 23 -2.05 3.49 -49.55
N LYS G 24 -1.98 4.64 -48.90
CA LYS G 24 -1.69 5.90 -49.57
C LYS G 24 -0.65 6.67 -48.79
N THR G 25 0.35 7.19 -49.51
CA THR G 25 1.33 8.09 -48.91
C THR G 25 0.93 9.55 -49.04
N THR G 26 -0.02 9.87 -49.91
CA THR G 26 -0.57 11.21 -50.04
C THR G 26 -2.09 11.11 -50.06
N VAL G 27 -2.75 11.79 -49.13
CA VAL G 27 -4.19 11.78 -49.03
C VAL G 27 -4.70 13.21 -48.99
N ASN G 28 -5.96 13.39 -49.38
CA ASN G 28 -6.64 14.67 -49.22
C ASN G 28 -7.34 14.70 -47.87
N VAL G 29 -7.87 15.88 -47.53
CA VAL G 29 -8.74 15.99 -46.37
C VAL G 29 -10.03 15.22 -46.65
N ASN G 30 -10.48 14.46 -45.65
CA ASN G 30 -11.64 13.56 -45.74
C ASN G 30 -11.36 12.35 -46.63
N GLU G 31 -10.09 12.03 -46.87
CA GLU G 31 -9.70 10.87 -47.66
C GLU G 31 -9.13 9.81 -46.74
N GLU G 32 -9.53 8.55 -46.98
CA GLU G 32 -9.19 7.44 -46.12
C GLU G 32 -8.00 6.67 -46.66
N MET G 33 -7.16 6.19 -45.74
CA MET G 33 -6.06 5.29 -46.07
C MET G 33 -5.94 4.25 -44.96
N VAL G 34 -5.38 3.09 -45.32
CA VAL G 34 -5.31 1.94 -44.42
C VAL G 34 -3.85 1.62 -44.15
N LEU G 35 -3.49 1.56 -42.86
CA LEU G 35 -2.18 1.12 -42.41
C LEU G 35 -2.34 -0.27 -41.82
N SER G 36 -1.79 -1.27 -42.50
CA SER G 36 -1.90 -2.66 -42.09
C SER G 36 -0.52 -3.20 -41.73
N GLY G 37 -0.52 -4.34 -41.05
CA GLY G 37 0.75 -4.96 -40.67
C GLY G 37 0.50 -6.25 -39.90
N LYS G 38 1.61 -6.90 -39.55
CA LYS G 38 1.57 -8.09 -38.70
C LYS G 38 2.61 -7.92 -37.60
N VAL G 39 2.36 -8.57 -36.47
CA VAL G 39 3.25 -8.47 -35.31
C VAL G 39 3.43 -9.86 -34.72
N HIS G 40 4.65 -10.14 -34.26
CA HIS G 40 5.00 -11.37 -33.57
C HIS G 40 5.41 -11.03 -32.14
N VAL G 41 4.92 -11.82 -31.18
CA VAL G 41 5.27 -11.64 -29.78
C VAL G 41 6.47 -12.53 -29.47
N PHE G 42 7.54 -11.92 -28.98
CA PHE G 42 8.77 -12.67 -28.70
C PHE G 42 8.53 -13.65 -27.55
N SER G 43 8.98 -14.89 -27.74
CA SER G 43 8.72 -15.92 -26.74
C SER G 43 9.41 -15.60 -25.42
N ALA G 44 10.65 -15.12 -25.47
CA ALA G 44 11.38 -14.72 -24.27
C ALA G 44 11.04 -13.27 -23.94
N TRP G 45 9.81 -13.07 -23.48
CA TRP G 45 9.34 -11.73 -23.15
C TRP G 45 10.10 -11.21 -21.95
N PRO G 46 10.60 -9.97 -22.00
CA PRO G 46 11.44 -9.47 -20.89
C PRO G 46 10.67 -9.37 -19.59
N GLN G 47 11.38 -9.63 -18.49
CA GLN G 47 10.78 -9.49 -17.16
C GLN G 47 10.47 -8.04 -16.84
N ALA G 48 11.24 -7.11 -17.40
CA ALA G 48 11.02 -5.69 -17.13
C ALA G 48 9.65 -5.23 -17.64
N VAL G 49 9.26 -5.69 -18.82
CA VAL G 49 7.99 -5.33 -19.42
C VAL G 49 6.91 -6.25 -18.88
N ALA G 50 5.74 -5.68 -18.58
CA ALA G 50 4.63 -6.47 -18.10
C ALA G 50 4.09 -7.37 -19.22
N ASN G 51 3.25 -8.32 -18.82
CA ASN G 51 2.68 -9.25 -19.78
C ASN G 51 1.78 -8.52 -20.77
N PRO G 52 1.75 -8.97 -22.03
CA PRO G 52 0.89 -8.32 -23.03
C PRO G 52 -0.58 -8.68 -22.87
N ARG G 53 -0.94 -9.21 -21.70
CA ARG G 53 -2.33 -9.57 -21.42
C ARG G 53 -3.28 -8.39 -21.61
N VAL G 54 -2.81 -7.17 -21.34
CA VAL G 54 -3.60 -5.96 -21.54
C VAL G 54 -2.80 -5.06 -22.46
N SER G 55 -3.31 -4.83 -23.66
CA SER G 55 -2.62 -4.02 -24.66
C SER G 55 -3.64 -3.33 -25.56
N PHE G 56 -3.20 -2.27 -26.22
CA PHE G 56 -4.07 -1.44 -27.04
C PHE G 56 -3.34 -1.05 -28.32
N LEU G 57 -3.96 -1.34 -29.46
CA LEU G 57 -3.38 -0.96 -30.75
C LEU G 57 -3.62 0.52 -31.02
N ASN G 58 -2.60 1.21 -31.55
CA ASN G 58 -2.67 2.64 -31.69
C ASN G 58 -1.89 3.09 -32.91
N ALA G 59 -2.20 4.31 -33.37
CA ALA G 59 -1.50 4.95 -34.47
C ALA G 59 -0.62 6.06 -33.91
N GLY G 60 0.68 5.96 -34.15
CA GLY G 60 1.65 6.92 -33.69
C GLY G 60 1.79 8.12 -34.60
N GLU G 61 0.87 9.07 -34.49
CA GLU G 61 0.92 10.33 -35.23
C GLU G 61 1.14 11.50 -34.27
N PRO G 62 1.57 12.65 -34.76
CA PRO G 62 1.81 13.79 -33.87
C PRO G 62 0.54 14.46 -33.37
N GLY G 63 -0.62 13.80 -33.49
CA GLY G 63 -1.87 14.34 -33.06
C GLY G 63 -2.97 13.81 -33.96
N PRO G 64 -4.18 14.31 -33.81
CA PRO G 64 -5.27 13.95 -34.72
C PRO G 64 -5.14 14.58 -36.10
N VAL G 65 -3.97 14.40 -36.72
CA VAL G 65 -3.79 14.82 -38.11
C VAL G 65 -4.52 13.86 -39.03
N LEU G 66 -4.72 12.62 -38.59
CA LEU G 66 -5.59 11.65 -39.22
C LEU G 66 -6.58 11.14 -38.19
N VAL G 67 -7.84 10.99 -38.58
CA VAL G 67 -8.89 10.53 -37.68
C VAL G 67 -9.06 9.03 -37.89
N ARG G 68 -8.96 8.28 -36.79
CA ARG G 68 -9.08 6.82 -36.82
C ARG G 68 -10.55 6.45 -36.86
N THR G 69 -11.04 6.07 -38.04
CA THR G 69 -12.42 5.64 -38.16
C THR G 69 -12.62 4.23 -37.61
N ALA G 70 -11.63 3.35 -37.76
CA ALA G 70 -11.72 1.99 -37.26
C ALA G 70 -10.33 1.42 -37.11
N GLN G 71 -10.22 0.36 -36.30
CA GLN G 71 -9.00 -0.42 -36.20
C GLN G 71 -9.37 -1.83 -35.78
N PHE G 72 -8.62 -2.80 -36.32
CA PHE G 72 -8.88 -4.21 -36.12
C PHE G 72 -7.57 -4.91 -35.80
N ILE G 73 -7.56 -5.72 -34.74
CA ILE G 73 -6.42 -6.57 -34.41
C ILE G 73 -6.94 -7.94 -33.99
N GLY G 74 -6.28 -8.98 -34.47
CA GLY G 74 -6.67 -10.34 -34.14
C GLY G 74 -8.06 -10.72 -34.62
N GLU G 75 -8.40 -10.32 -35.85
CA GLU G 75 -9.70 -10.61 -36.48
C GLU G 75 -10.86 -10.03 -35.68
N GLN G 76 -10.65 -8.93 -34.97
CA GLN G 76 -11.69 -8.32 -34.16
C GLN G 76 -11.58 -6.81 -34.24
N PHE G 77 -12.73 -6.14 -34.33
CA PHE G 77 -12.76 -4.69 -34.21
C PHE G 77 -12.39 -4.32 -32.78
N ALA G 78 -11.39 -3.45 -32.63
CA ALA G 78 -10.71 -3.24 -31.36
C ALA G 78 -10.70 -1.78 -30.96
N PRO G 79 -11.83 -1.26 -30.45
CA PRO G 79 -11.81 0.09 -29.85
C PRO G 79 -11.31 0.10 -28.41
N ARG G 80 -11.17 -1.06 -27.77
CA ARG G 80 -10.66 -1.13 -26.41
C ARG G 80 -9.47 -2.07 -26.31
N SER G 81 -9.04 -2.36 -25.08
CA SER G 81 -7.84 -3.15 -24.86
C SER G 81 -8.05 -4.60 -25.26
N VAL G 82 -7.01 -5.21 -25.81
CA VAL G 82 -7.04 -6.61 -26.23
C VAL G 82 -5.96 -7.38 -25.49
N SER G 83 -5.86 -8.68 -25.75
CA SER G 83 -4.87 -9.55 -25.12
C SER G 83 -4.00 -10.19 -26.20
N LEU G 84 -2.69 -10.05 -26.05
CA LEU G 84 -1.72 -10.69 -26.93
C LEU G 84 -1.01 -11.80 -26.16
N GLU G 85 -0.91 -12.97 -26.77
CA GLU G 85 -0.28 -14.12 -26.14
C GLU G 85 1.17 -14.25 -26.62
N ILE G 86 2.02 -14.75 -25.74
CA ILE G 86 3.45 -14.84 -26.01
C ILE G 86 3.69 -15.89 -27.10
N GLY G 87 4.50 -15.52 -28.10
CA GLY G 87 4.85 -16.46 -29.14
C GLY G 87 3.83 -16.64 -30.23
N LYS G 88 2.95 -15.65 -30.44
CA LYS G 88 1.91 -15.76 -31.44
C LYS G 88 1.94 -14.54 -32.36
N ASP G 89 1.36 -14.70 -33.54
CA ASP G 89 1.32 -13.66 -34.56
C ASP G 89 -0.09 -13.10 -34.68
N TYR G 90 -0.18 -11.77 -34.82
CA TYR G 90 -1.47 -11.10 -34.97
C TYR G 90 -1.39 -10.07 -36.08
N ALA G 91 -2.41 -10.07 -36.94
CA ALA G 91 -2.53 -9.09 -38.01
C ALA G 91 -3.37 -7.91 -37.55
N PHE G 92 -2.97 -6.71 -37.95
CA PHE G 92 -3.68 -5.49 -37.56
C PHE G 92 -3.88 -4.59 -38.75
N SER G 93 -4.92 -3.76 -38.66
CA SER G 93 -5.27 -2.80 -39.70
C SER G 93 -5.88 -1.57 -39.02
N ILE G 94 -5.58 -0.39 -39.56
CA ILE G 94 -6.10 0.87 -39.02
C ILE G 94 -6.55 1.74 -40.18
N ASN G 95 -7.77 2.26 -40.11
CA ASN G 95 -8.29 3.18 -41.11
C ASN G 95 -8.17 4.60 -40.59
N LEU G 96 -7.61 5.49 -41.42
CA LEU G 96 -7.32 6.86 -41.02
C LEU G 96 -7.82 7.83 -42.07
N ARG G 97 -8.51 8.87 -41.62
CA ARG G 97 -9.08 9.90 -42.49
C ARG G 97 -8.31 11.20 -42.30
N GLY G 98 -7.87 11.79 -43.41
CA GLY G 98 -7.08 13.01 -43.38
C GLY G 98 -7.79 14.20 -42.75
N ARG G 99 -7.12 14.86 -41.79
CA ARG G 99 -7.68 16.01 -41.10
C ARG G 99 -6.84 17.27 -41.30
N ARG G 100 -5.55 17.23 -41.01
CA ARG G 100 -4.70 18.41 -41.01
C ARG G 100 -3.66 18.31 -42.12
N ALA G 101 -3.57 19.35 -42.93
CA ALA G 101 -2.61 19.39 -44.01
C ALA G 101 -1.17 19.44 -43.49
N GLY G 102 -0.27 18.77 -44.20
CA GLY G 102 1.12 18.73 -43.82
C GLY G 102 1.75 17.37 -44.05
N ARG G 103 3.02 17.23 -43.69
CA ARG G 103 3.74 15.96 -43.79
C ARG G 103 3.94 15.41 -42.39
N TRP G 104 3.46 14.19 -42.17
CA TRP G 104 3.50 13.59 -40.82
C TRP G 104 4.00 12.16 -40.86
N HIS G 105 4.76 11.75 -39.84
CA HIS G 105 5.31 10.38 -39.72
C HIS G 105 4.35 9.54 -38.88
N VAL G 106 3.66 8.61 -39.54
CA VAL G 106 2.58 7.84 -38.86
C VAL G 106 3.03 6.41 -38.66
N HIS G 107 3.03 5.95 -37.43
CA HIS G 107 3.59 4.63 -37.11
C HIS G 107 2.53 3.64 -36.63
N ALA G 108 2.88 2.37 -36.65
CA ALA G 108 2.02 1.37 -36.02
C ALA G 108 2.55 1.22 -34.60
N GLN G 109 1.70 1.28 -33.59
CA GLN G 109 2.26 0.99 -32.28
C GLN G 109 1.27 0.19 -31.46
N ILE G 110 1.78 -0.45 -30.42
CA ILE G 110 0.97 -1.16 -29.45
C ILE G 110 1.39 -0.71 -28.06
N ASN G 111 0.46 -0.17 -27.29
CA ASN G 111 0.70 0.21 -25.91
C ASN G 111 0.31 -0.97 -25.02
N VAL G 112 1.30 -1.68 -24.52
CA VAL G 112 1.08 -2.68 -23.50
C VAL G 112 1.01 -1.97 -22.16
N GLU G 113 0.32 -2.60 -21.20
CA GLU G 113 0.13 -2.02 -19.88
C GLU G 113 1.47 -2.06 -19.18
N GLY G 114 1.53 -1.90 -17.86
CA GLY G 114 2.62 -1.18 -17.22
C GLY G 114 4.05 -1.44 -17.68
N GLY G 115 4.23 -2.27 -18.70
CA GLY G 115 5.44 -2.19 -19.51
C GLY G 115 5.53 -0.90 -20.31
N GLY G 116 4.49 -0.61 -21.12
CA GLY G 116 4.47 0.64 -21.84
C GLY G 116 4.32 0.53 -23.35
N PRO G 117 4.76 1.55 -24.08
CA PRO G 117 4.53 1.58 -25.53
C PRO G 117 5.65 0.93 -26.35
N ILE G 118 5.24 0.29 -27.44
CA ILE G 118 6.14 -0.32 -28.40
C ILE G 118 5.80 0.22 -29.78
N ILE G 119 6.78 0.84 -30.43
CA ILE G 119 6.56 1.59 -31.67
C ILE G 119 7.07 0.79 -32.85
N GLY G 120 6.26 0.70 -33.90
CA GLY G 120 6.62 -0.01 -35.09
C GLY G 120 7.03 0.92 -36.22
N PRO G 121 7.11 0.39 -37.44
CA PRO G 121 7.55 1.21 -38.58
C PRO G 121 6.61 2.38 -38.84
N GLY G 122 7.19 3.47 -39.33
CA GLY G 122 6.43 4.65 -39.67
C GLY G 122 6.74 5.10 -41.08
N GLN G 123 5.83 5.92 -41.62
CA GLN G 123 5.96 6.44 -42.97
C GLN G 123 5.46 7.88 -43.01
N TRP G 124 6.02 8.66 -43.93
CA TRP G 124 5.62 10.05 -44.12
C TRP G 124 4.38 10.11 -45.01
N ILE G 125 3.34 10.76 -44.49
CA ILE G 125 2.07 10.92 -45.19
C ILE G 125 1.85 12.41 -45.42
N GLU G 126 1.50 12.77 -46.66
CA GLU G 126 1.22 14.15 -47.03
C GLU G 126 -0.28 14.34 -47.13
N ILE G 127 -0.84 15.22 -46.30
CA ILE G 127 -2.26 15.52 -46.30
C ILE G 127 -2.45 16.89 -46.92
N LYS G 128 -3.24 16.96 -47.98
CA LYS G 128 -3.44 18.18 -48.75
C LYS G 128 -4.90 18.61 -48.63
N GLY G 129 -5.13 19.87 -48.31
CA GLY G 129 -6.46 20.41 -48.20
C GLY G 129 -6.55 21.39 -47.05
N ASP G 130 -7.78 21.67 -46.65
CA ASP G 130 -8.07 22.60 -45.56
C ASP G 130 -8.73 21.84 -44.42
N MET G 131 -8.26 22.09 -43.19
CA MET G 131 -8.86 21.43 -42.04
C MET G 131 -10.30 21.89 -41.84
N LYS G 132 -10.66 23.07 -42.33
CA LYS G 132 -12.03 23.55 -42.25
C LYS G 132 -12.97 22.70 -43.11
N ASP G 133 -12.44 22.01 -44.12
CA ASP G 133 -13.24 21.13 -44.96
C ASP G 133 -13.42 19.74 -44.36
N PHE G 134 -12.79 19.47 -43.22
CA PHE G 134 -12.88 18.14 -42.63
C PHE G 134 -14.25 17.90 -42.02
N THR G 135 -14.80 16.71 -42.28
CA THR G 135 -16.05 16.26 -41.68
C THR G 135 -15.86 14.88 -41.08
N ASP G 136 -16.58 14.61 -40.00
CA ASP G 136 -16.53 13.33 -39.31
C ASP G 136 -17.96 12.83 -39.11
N PRO G 137 -18.59 12.34 -40.17
CA PRO G 137 -20.01 11.96 -40.08
C PRO G 137 -20.19 10.67 -39.28
N VAL G 138 -21.14 10.70 -38.35
CA VAL G 138 -21.43 9.57 -37.48
C VAL G 138 -22.94 9.38 -37.41
N THR G 139 -23.40 8.14 -37.59
CA THR G 139 -24.81 7.81 -37.54
C THR G 139 -25.17 7.29 -36.15
N LEU G 140 -26.30 7.75 -35.62
CA LEU G 140 -26.77 7.32 -34.31
C LEU G 140 -27.71 6.13 -34.45
N LEU G 141 -28.18 5.62 -33.31
CA LEU G 141 -29.10 4.49 -33.34
C LEU G 141 -30.48 4.87 -33.86
N ASP G 142 -30.83 6.15 -33.80
CA ASP G 142 -32.11 6.64 -34.30
C ASP G 142 -32.05 7.04 -35.77
N GLY G 143 -30.90 6.87 -36.42
CA GLY G 143 -30.75 7.22 -37.81
C GLY G 143 -30.27 8.64 -38.07
N SER G 144 -30.17 9.46 -37.03
CA SER G 144 -29.70 10.83 -37.19
C SER G 144 -28.19 10.85 -37.40
N THR G 145 -27.73 11.76 -38.25
CA THR G 145 -26.31 11.90 -38.56
C THR G 145 -25.79 13.18 -37.91
N VAL G 146 -24.61 13.09 -37.30
CA VAL G 146 -23.95 14.22 -36.66
C VAL G 146 -22.54 14.34 -37.21
N ASP G 147 -21.96 15.51 -37.03
CA ASP G 147 -20.56 15.76 -37.37
C ASP G 147 -19.75 15.70 -36.09
N LEU G 148 -18.98 14.63 -35.92
CA LEU G 148 -18.25 14.41 -34.68
C LEU G 148 -17.23 15.50 -34.40
N GLU G 149 -16.77 16.21 -35.43
CA GLU G 149 -15.85 17.32 -35.23
C GLU G 149 -16.51 18.47 -34.48
N HIS G 150 -17.77 18.76 -34.80
CA HIS G 150 -18.45 19.95 -34.30
C HIS G 150 -19.60 19.65 -33.35
N TYR G 151 -19.98 18.39 -33.17
CA TYR G 151 -21.18 18.08 -32.40
C TYR G 151 -20.98 18.30 -30.91
N GLY G 152 -21.96 18.93 -30.28
CA GLY G 152 -22.03 19.03 -28.84
C GLY G 152 -21.21 20.13 -28.20
N ILE G 153 -20.47 20.91 -28.99
CA ILE G 153 -19.60 21.93 -28.40
C ILE G 153 -20.40 23.16 -28.00
N SER G 154 -21.43 23.50 -28.79
CA SER G 154 -22.27 24.65 -28.46
C SER G 154 -22.98 24.46 -27.14
N ARG G 155 -23.47 23.24 -26.87
CA ARG G 155 -24.09 22.95 -25.58
C ARG G 155 -23.10 23.11 -24.45
N VAL G 156 -21.86 22.66 -24.65
CA VAL G 156 -20.83 22.79 -23.63
C VAL G 156 -20.59 24.25 -23.30
N TYR G 157 -20.44 25.09 -24.32
CA TYR G 157 -20.24 26.51 -24.08
C TYR G 157 -21.45 27.13 -23.39
N ALA G 158 -22.65 26.84 -23.90
CA ALA G 158 -23.87 27.45 -23.37
C ALA G 158 -24.14 27.04 -21.94
N TRP G 159 -23.62 25.90 -21.49
CA TRP G 159 -23.75 25.56 -20.08
C TRP G 159 -22.61 26.09 -19.22
N HIS G 160 -21.39 26.13 -19.76
CA HIS G 160 -20.24 26.44 -18.94
C HIS G 160 -20.03 27.94 -18.78
N LEU G 161 -20.08 28.69 -19.87
CA LEU G 161 -19.76 30.12 -19.80
C LEU G 161 -20.72 30.93 -18.94
N PRO G 162 -22.05 30.76 -19.04
CA PRO G 162 -22.94 31.55 -18.16
C PRO G 162 -22.69 31.32 -16.67
N TRP G 163 -22.34 30.10 -16.26
CA TRP G 163 -22.09 29.87 -14.84
C TRP G 163 -20.80 30.56 -14.38
N MET G 164 -19.79 30.58 -15.25
CA MET G 164 -18.58 31.35 -14.94
C MET G 164 -18.89 32.83 -14.82
N ALA G 165 -19.76 33.34 -15.71
CA ALA G 165 -20.17 34.74 -15.61
C ALA G 165 -20.91 35.00 -14.30
N VAL G 166 -21.77 34.06 -13.88
CA VAL G 166 -22.50 34.20 -12.63
C VAL G 166 -21.55 34.22 -11.44
N GLY G 167 -20.54 33.34 -11.44
CA GLY G 167 -19.58 33.35 -10.36
C GLY G 167 -18.76 34.62 -10.30
N ALA G 168 -18.33 35.12 -11.46
CA ALA G 168 -17.62 36.39 -11.50
C ALA G 168 -18.50 37.53 -11.00
N ALA G 169 -19.78 37.52 -11.37
CA ALA G 169 -20.70 38.55 -10.88
C ALA G 169 -20.87 38.47 -9.37
N TRP G 170 -20.95 37.26 -8.82
CA TRP G 170 -21.05 37.09 -7.38
C TRP G 170 -19.84 37.69 -6.67
N ILE G 171 -18.64 37.34 -7.13
CA ILE G 171 -17.42 37.84 -6.52
C ILE G 171 -17.36 39.36 -6.63
N PHE G 172 -17.67 39.89 -7.82
CA PHE G 172 -17.60 41.32 -8.05
C PHE G 172 -18.62 42.07 -7.19
N PHE G 173 -19.82 41.53 -7.07
CA PHE G 173 -20.86 42.14 -6.25
C PHE G 173 -20.41 42.26 -4.80
N TRP G 174 -19.92 41.16 -4.23
CA TRP G 174 -19.49 41.22 -2.83
C TRP G 174 -18.28 42.14 -2.66
N PHE G 175 -17.33 42.09 -3.61
CA PHE G 175 -16.15 42.94 -3.52
C PHE G 175 -16.51 44.42 -3.54
N VAL G 176 -17.40 44.81 -4.46
CA VAL G 176 -17.78 46.22 -4.54
C VAL G 176 -18.64 46.62 -3.34
N ARG G 177 -19.52 45.74 -2.87
CA ARG G 177 -20.40 46.11 -1.76
C ARG G 177 -19.62 46.27 -0.45
N LYS G 178 -18.64 45.40 -0.21
CA LYS G 178 -17.93 45.40 1.06
C LYS G 178 -16.49 45.87 0.96
N GLY G 179 -15.72 45.38 -0.01
CA GLY G 179 -14.32 45.70 -0.09
C GLY G 179 -13.48 44.73 0.72
N ILE G 180 -12.17 44.90 0.62
CA ILE G 180 -11.20 44.03 1.27
C ILE G 180 -10.54 44.72 2.45
N ILE G 181 -9.99 45.92 2.24
CA ILE G 181 -9.34 46.64 3.32
C ILE G 181 -10.38 47.09 4.36
N THR G 182 -11.51 47.64 3.90
CA THR G 182 -12.54 48.08 4.83
C THR G 182 -13.11 46.91 5.63
N SER G 183 -13.38 45.79 4.96
CA SER G 183 -13.89 44.62 5.67
C SER G 183 -12.86 44.08 6.65
N TYR G 184 -11.59 44.07 6.25
CA TYR G 184 -10.54 43.63 7.17
C TYR G 184 -10.48 44.50 8.41
N ILE G 185 -10.54 45.82 8.23
CA ILE G 185 -10.46 46.72 9.37
C ILE G 185 -11.69 46.57 10.26
N ARG G 186 -12.87 46.39 9.66
CA ARG G 186 -14.08 46.19 10.45
C ARG G 186 -14.00 44.91 11.27
N VAL G 187 -13.54 43.82 10.67
CA VAL G 187 -13.42 42.57 11.41
C VAL G 187 -12.34 42.66 12.48
N ALA G 188 -11.27 43.39 12.20
CA ALA G 188 -10.15 43.46 13.13
C ALA G 188 -10.49 44.23 14.40
N GLU G 189 -11.43 45.16 14.33
CA GLU G 189 -11.84 45.94 15.48
C GLU G 189 -13.04 45.35 16.21
N GLY G 190 -13.38 44.09 15.94
CA GLY G 190 -14.51 43.47 16.58
C GLY G 190 -15.86 43.80 15.98
N LYS G 191 -15.89 44.50 14.85
CA LYS G 191 -17.14 44.87 14.17
C LYS G 191 -17.43 43.94 12.99
N ALA G 192 -17.10 42.65 13.13
CA ALA G 192 -17.38 41.69 12.07
C ALA G 192 -18.86 41.54 11.81
N ASP G 193 -19.71 41.86 12.80
CA ASP G 193 -21.15 41.80 12.58
C ASP G 193 -21.66 42.93 11.69
N ASP G 194 -20.88 44.00 11.54
CA ASP G 194 -21.27 45.09 10.65
C ASP G 194 -21.08 44.74 9.18
N VAL G 195 -20.23 43.76 8.87
CA VAL G 195 -19.99 43.40 7.47
C VAL G 195 -21.21 42.68 6.90
N ILE G 196 -21.76 41.72 7.64
CA ILE G 196 -22.85 40.87 7.17
C ILE G 196 -24.08 41.14 8.02
N GLY G 197 -25.19 41.44 7.35
CA GLY G 197 -26.44 41.67 8.03
C GLY G 197 -27.56 40.77 7.54
N ASP G 198 -28.80 41.11 7.91
CA ASP G 198 -29.95 40.29 7.50
C ASP G 198 -30.18 40.38 5.99
N ASP G 199 -30.01 41.56 5.41
CA ASP G 199 -30.23 41.73 3.97
C ASP G 199 -29.23 40.92 3.17
N ASP G 200 -27.97 40.87 3.62
CA ASP G 200 -26.97 40.07 2.93
C ASP G 200 -27.32 38.58 2.96
N ARG G 201 -27.78 38.10 4.12
CA ARG G 201 -28.18 36.70 4.22
C ARG G 201 -29.39 36.41 3.34
N ARG G 202 -30.34 37.35 3.29
CA ARG G 202 -31.50 37.18 2.42
C ARG G 202 -31.09 37.13 0.95
N ILE G 203 -30.16 37.99 0.55
CA ILE G 203 -29.67 37.97 -0.83
C ILE G 203 -28.99 36.65 -1.14
N GLY G 204 -28.17 36.15 -0.20
CA GLY G 204 -27.53 34.86 -0.41
C GLY G 204 -28.54 33.73 -0.53
N ALA G 205 -29.57 33.75 0.31
CA ALA G 205 -30.61 32.71 0.24
C ALA G 205 -31.35 32.76 -1.10
N ILE G 206 -31.67 33.96 -1.57
CA ILE G 206 -32.36 34.08 -2.86
C ILE G 206 -31.46 33.58 -3.98
N VAL G 207 -30.18 33.92 -3.94
CA VAL G 207 -29.24 33.47 -4.97
C VAL G 207 -29.13 31.95 -4.97
N LEU G 208 -29.05 31.34 -3.78
CA LEU G 208 -28.96 29.89 -3.70
C LEU G 208 -30.23 29.23 -4.22
N ALA G 209 -31.40 29.79 -3.89
CA ALA G 209 -32.65 29.23 -4.40
C ALA G 209 -32.70 29.30 -5.91
N LEU G 210 -32.29 30.44 -6.48
CA LEU G 210 -32.28 30.57 -7.94
C LEU G 210 -31.30 29.61 -8.58
N THR G 211 -30.14 29.42 -7.96
CA THR G 211 -29.15 28.48 -8.49
C THR G 211 -29.67 27.06 -8.49
N ILE G 212 -30.32 26.65 -7.39
CA ILE G 212 -30.89 25.30 -7.32
C ILE G 212 -31.99 25.13 -8.35
N LEU G 213 -32.84 26.14 -8.51
CA LEU G 213 -33.90 26.08 -9.52
C LEU G 213 -33.32 25.95 -10.92
N ALA G 214 -32.27 26.72 -11.21
CA ALA G 214 -31.62 26.65 -12.52
C ALA G 214 -31.02 25.28 -12.76
N THR G 215 -30.38 24.69 -11.73
CA THR G 215 -29.81 23.35 -11.89
C THR G 215 -30.90 22.31 -12.17
N ILE G 216 -32.00 22.37 -11.43
CA ILE G 216 -33.09 21.41 -11.65
C ILE G 216 -33.70 21.59 -13.04
N VAL G 217 -33.91 22.84 -13.46
CA VAL G 217 -34.50 23.10 -14.77
C VAL G 217 -33.57 22.60 -15.87
N GLY G 218 -32.26 22.86 -15.73
CA GLY G 218 -31.32 22.38 -16.72
C GLY G 218 -31.28 20.87 -16.81
N TYR G 219 -31.29 20.19 -15.66
CA TYR G 219 -31.32 18.74 -15.66
C TYR G 219 -32.57 18.20 -16.34
N ALA G 220 -33.73 18.78 -16.03
CA ALA G 220 -34.97 18.30 -16.62
C ALA G 220 -35.00 18.55 -18.13
N VAL G 221 -34.56 19.72 -18.57
CA VAL G 221 -34.55 20.03 -20.00
C VAL G 221 -33.57 19.11 -20.73
N THR G 222 -32.42 18.84 -20.12
CA THR G 222 -31.45 17.95 -20.73
C THR G 222 -32.01 16.54 -20.87
N ASN G 223 -32.70 16.06 -19.82
CA ASN G 223 -33.31 14.73 -19.90
C ASN G 223 -34.41 14.69 -20.97
N SER G 224 -35.16 15.78 -21.12
CA SER G 224 -36.17 15.84 -22.16
C SER G 224 -35.54 15.81 -23.54
N THR G 225 -34.41 16.51 -23.72
CA THR G 225 -33.76 16.55 -25.03
C THR G 225 -33.17 15.20 -25.41
N PHE G 226 -32.55 14.51 -24.46
CA PHE G 226 -31.91 13.22 -24.69
C PHE G 226 -32.53 12.21 -23.73
N PRO G 227 -33.67 11.63 -24.10
CA PRO G 227 -34.35 10.70 -23.18
C PRO G 227 -33.66 9.36 -23.04
N ARG G 228 -32.85 8.96 -24.02
CA ARG G 228 -32.23 7.63 -24.04
C ARG G 228 -30.72 7.79 -24.18
N THR G 229 -29.99 7.50 -23.10
CA THR G 229 -28.54 7.56 -23.09
C THR G 229 -28.00 6.27 -22.47
N ILE G 230 -26.74 5.97 -22.80
CA ILE G 230 -26.10 4.75 -22.31
C ILE G 230 -24.80 5.13 -21.62
N PRO G 231 -24.31 4.33 -20.66
CA PRO G 231 -23.03 4.65 -20.03
C PRO G 231 -21.84 4.37 -20.95
N LEU G 232 -20.69 4.89 -20.55
CA LEU G 232 -19.46 4.68 -21.30
C LEU G 232 -19.14 3.19 -21.35
N GLN G 233 -18.76 2.72 -22.53
CA GLN G 233 -18.49 1.30 -22.76
C GLN G 233 -17.00 1.06 -22.58
N ALA G 234 -16.64 0.18 -21.63
CA ALA G 234 -15.25 -0.09 -21.31
C ALA G 234 -15.10 -1.56 -20.94
N GLY G 235 -13.86 -2.05 -21.07
CA GLY G 235 -13.54 -3.41 -20.68
C GLY G 235 -12.64 -4.13 -21.66
N LEU G 236 -11.96 -5.17 -21.20
CA LEU G 236 -11.12 -5.98 -22.07
C LEU G 236 -11.98 -6.78 -23.04
N GLN G 237 -11.49 -6.92 -24.27
CA GLN G 237 -12.21 -7.67 -25.28
C GLN G 237 -11.94 -9.16 -25.15
N LYS G 238 -12.65 -9.96 -25.93
CA LYS G 238 -12.48 -11.39 -25.92
C LYS G 238 -11.11 -11.76 -26.50
N PRO G 239 -10.61 -12.96 -26.20
CA PRO G 239 -9.29 -13.36 -26.72
C PRO G 239 -9.24 -13.29 -28.24
N LEU G 240 -8.09 -12.87 -28.75
CA LEU G 240 -7.89 -12.64 -30.17
C LEU G 240 -7.61 -13.95 -30.90
N THR G 241 -7.68 -13.89 -32.23
CA THR G 241 -7.38 -15.03 -33.08
C THR G 241 -6.03 -14.82 -33.73
N PRO G 242 -5.02 -15.63 -33.42
CA PRO G 242 -3.70 -15.44 -34.03
C PRO G 242 -3.68 -15.89 -35.48
N ILE G 243 -2.60 -15.52 -36.17
CA ILE G 243 -2.39 -15.93 -37.55
C ILE G 243 -2.02 -17.40 -37.60
N GLU G 244 -2.66 -18.15 -38.48
CA GLU G 244 -2.43 -19.58 -38.62
C GLU G 244 -2.14 -19.95 -40.06
N THR G 245 -1.65 -18.99 -40.85
CA THR G 245 -1.28 -19.27 -42.23
C THR G 245 0.07 -19.97 -42.27
N GLU G 246 0.33 -20.66 -43.38
CA GLU G 246 1.56 -21.41 -43.52
C GLU G 246 2.75 -20.47 -43.61
N GLY G 247 3.83 -20.81 -42.90
CA GLY G 247 5.07 -20.06 -42.93
C GLY G 247 5.32 -19.19 -41.72
N THR G 248 4.31 -18.97 -40.88
CA THR G 248 4.52 -18.16 -39.70
C THR G 248 5.05 -19.02 -38.55
N VAL G 249 5.53 -18.34 -37.51
CA VAL G 249 6.13 -19.04 -36.37
C VAL G 249 5.06 -19.79 -35.60
N GLY G 250 5.27 -21.10 -35.43
CA GLY G 250 4.33 -21.91 -34.68
C GLY G 250 3.24 -22.56 -35.50
N VAL G 251 3.55 -23.04 -36.70
CA VAL G 251 2.57 -23.64 -37.59
C VAL G 251 3.06 -25.07 -37.86
N GLY G 252 2.42 -25.78 -38.79
CA GLY G 252 2.56 -27.22 -38.92
C GLY G 252 3.89 -27.78 -39.36
N LYS G 253 3.84 -28.94 -40.03
CA LYS G 253 5.03 -29.78 -40.20
C LYS G 253 6.16 -29.06 -40.92
N GLU G 254 5.84 -28.17 -41.86
CA GLU G 254 6.86 -27.47 -42.65
C GLU G 254 7.17 -26.13 -42.01
N ASN G 255 8.41 -25.95 -41.57
CA ASN G 255 8.79 -24.72 -40.88
C ASN G 255 10.32 -24.61 -40.87
N VAL G 256 10.81 -23.59 -40.16
CA VAL G 256 12.25 -23.41 -39.92
C VAL G 256 12.44 -23.15 -38.44
N THR G 257 13.46 -23.76 -37.86
CA THR G 257 13.82 -23.52 -36.47
C THR G 257 15.24 -23.02 -36.40
N THR G 258 15.44 -21.85 -35.80
CA THR G 258 16.74 -21.21 -35.72
C THR G 258 17.11 -20.98 -34.26
N GLU G 259 18.32 -21.39 -33.89
CA GLU G 259 18.85 -21.19 -32.55
C GLU G 259 20.15 -20.39 -32.63
N LEU G 260 20.30 -19.42 -31.74
CA LEU G 260 21.46 -18.54 -31.75
C LEU G 260 22.57 -19.17 -30.92
N ASN G 261 23.59 -19.70 -31.61
CA ASN G 261 24.72 -20.30 -30.91
C ASN G 261 25.66 -19.25 -30.33
N GLY G 262 25.71 -18.06 -30.93
CA GLY G 262 26.55 -17.00 -30.43
C GLY G 262 26.65 -15.82 -31.39
N GLY G 263 26.85 -14.63 -30.85
CA GLY G 263 26.93 -13.44 -31.68
C GLY G 263 27.88 -12.42 -31.09
N VAL G 264 28.46 -11.60 -31.96
CA VAL G 264 29.35 -10.52 -31.57
C VAL G 264 28.92 -9.25 -32.28
N TYR G 265 28.84 -8.14 -31.55
CA TYR G 265 28.54 -6.84 -32.14
C TYR G 265 29.63 -5.85 -31.77
N LYS G 266 30.06 -5.07 -32.77
CA LYS G 266 31.12 -4.11 -32.56
C LYS G 266 30.62 -2.89 -31.81
N VAL G 267 31.50 -2.31 -30.98
CA VAL G 267 31.18 -1.13 -30.20
C VAL G 267 32.32 -0.13 -30.41
N PRO G 268 32.08 1.02 -31.04
CA PRO G 268 30.81 1.53 -31.56
C PRO G 268 30.65 1.30 -33.06
N GLY G 269 30.90 0.09 -33.56
CA GLY G 269 30.75 -0.20 -34.96
C GLY G 269 29.30 -0.40 -35.35
N ARG G 270 29.09 -0.72 -36.63
CA ARG G 270 27.77 -0.93 -37.20
C ARG G 270 27.49 -2.38 -37.53
N GLU G 271 28.31 -3.31 -37.07
CA GLU G 271 28.24 -4.70 -37.48
C GLU G 271 27.63 -5.58 -36.38
N LEU G 272 27.15 -6.75 -36.79
CA LEU G 272 26.65 -7.76 -35.87
C LEU G 272 26.78 -9.11 -36.57
N THR G 273 27.70 -9.93 -36.12
CA THR G 273 27.90 -11.26 -36.68
C THR G 273 27.35 -12.29 -35.71
N ILE G 274 26.48 -13.17 -36.20
CA ILE G 274 25.81 -14.15 -35.36
C ILE G 274 25.96 -15.53 -35.98
N ASN G 275 25.88 -16.55 -35.14
CA ASN G 275 25.95 -17.94 -35.56
C ASN G 275 24.59 -18.58 -35.33
N VAL G 276 24.01 -19.15 -36.38
CA VAL G 276 22.64 -19.64 -36.37
C VAL G 276 22.65 -21.12 -36.71
N LYS G 277 22.09 -21.94 -35.83
CA LYS G 277 21.80 -23.33 -36.13
C LYS G 277 20.39 -23.40 -36.71
N VAL G 278 20.28 -23.84 -37.96
CA VAL G 278 19.04 -23.83 -38.71
C VAL G 278 18.63 -25.26 -38.99
N LYS G 279 17.42 -25.62 -38.59
CA LYS G 279 16.79 -26.88 -38.94
C LYS G 279 15.64 -26.58 -39.89
N ASN G 280 15.68 -27.22 -41.06
CA ASN G 280 14.71 -26.98 -42.13
C ASN G 280 13.72 -28.13 -42.14
N ASN G 281 12.51 -27.88 -41.64
CA ASN G 281 11.42 -28.85 -41.64
C ASN G 281 10.40 -28.55 -42.73
N THR G 282 10.87 -28.13 -43.89
CA THR G 282 10.05 -27.99 -45.09
C THR G 282 10.52 -28.99 -46.14
N SER G 283 9.86 -28.99 -47.28
CA SER G 283 10.15 -29.93 -48.36
C SER G 283 11.01 -29.33 -49.46
N GLN G 284 11.44 -28.08 -49.32
CA GLN G 284 12.20 -27.41 -50.36
C GLN G 284 13.41 -26.71 -49.76
N PRO G 285 14.49 -26.58 -50.52
CA PRO G 285 15.65 -25.84 -50.03
C PRO G 285 15.32 -24.37 -49.81
N LEU G 286 15.90 -23.79 -48.76
CA LEU G 286 15.58 -22.42 -48.35
C LEU G 286 16.85 -21.59 -48.28
N ARG G 287 16.72 -20.32 -48.62
CA ARG G 287 17.78 -19.33 -48.48
C ARG G 287 17.32 -18.23 -47.54
N LEU G 288 18.18 -17.84 -46.59
CA LEU G 288 17.84 -16.76 -45.68
C LEU G 288 17.84 -15.45 -46.43
N GLY G 289 16.74 -14.71 -46.36
CA GLY G 289 16.60 -13.50 -47.13
C GLY G 289 16.48 -12.23 -46.33
N GLU G 290 16.13 -12.34 -45.05
CA GLU G 290 15.87 -11.15 -44.26
C GLU G 290 16.07 -11.43 -42.77
N TYR G 291 16.62 -10.44 -42.06
CA TYR G 291 16.60 -10.39 -40.61
C TYR G 291 15.77 -9.20 -40.18
N THR G 292 14.87 -9.42 -39.22
CA THR G 292 13.95 -8.40 -38.76
C THR G 292 14.33 -7.96 -37.35
N ALA G 293 14.28 -6.65 -37.14
CA ALA G 293 14.68 -5.95 -35.93
C ALA G 293 13.46 -5.26 -35.34
N ALA G 294 13.71 -4.27 -34.49
CA ALA G 294 12.68 -3.48 -33.82
C ALA G 294 11.74 -2.80 -34.81
N GLY G 295 11.95 -3.03 -36.10
CA GLY G 295 11.21 -2.39 -37.17
C GLY G 295 12.10 -2.22 -38.38
N LEU G 296 13.38 -2.51 -38.19
CA LEU G 296 14.38 -2.49 -39.25
C LEU G 296 14.34 -3.80 -40.04
N ARG G 297 14.79 -3.73 -41.28
CA ARG G 297 14.86 -4.89 -42.17
C ARG G 297 16.25 -4.96 -42.78
N PHE G 298 16.94 -6.08 -42.58
CA PHE G 298 18.25 -6.31 -43.18
C PHE G 298 18.09 -7.42 -44.20
N LEU G 299 18.15 -7.06 -45.49
CA LEU G 299 17.80 -7.96 -46.57
C LEU G 299 19.04 -8.55 -47.21
N ASN G 300 18.92 -9.80 -47.67
CA ASN G 300 19.97 -10.43 -48.44
C ASN G 300 19.86 -10.00 -49.89
N PRO G 301 20.86 -9.29 -50.43
CA PRO G 301 20.76 -8.83 -51.83
C PRO G 301 20.71 -9.97 -52.84
N ASP G 302 21.16 -11.16 -52.47
CA ASP G 302 21.03 -12.31 -53.36
C ASP G 302 19.60 -12.82 -53.42
N VAL G 303 18.85 -12.67 -52.34
CA VAL G 303 17.44 -13.04 -52.31
C VAL G 303 16.55 -11.88 -52.75
N PHE G 304 16.78 -10.70 -52.16
CA PHE G 304 16.02 -9.50 -52.52
C PHE G 304 16.82 -8.73 -53.57
N THR G 305 16.71 -9.18 -54.82
CA THR G 305 17.42 -8.52 -55.91
C THR G 305 16.94 -7.09 -56.11
N THR G 306 15.64 -6.85 -56.00
CA THR G 306 15.05 -5.52 -56.09
C THR G 306 14.49 -5.15 -54.73
N LYS G 307 14.85 -3.96 -54.25
CA LYS G 307 14.40 -3.53 -52.94
C LYS G 307 12.90 -3.32 -52.93
N PRO G 308 12.22 -3.67 -51.84
CA PRO G 308 10.76 -3.51 -51.77
C PRO G 308 10.38 -2.08 -51.42
N ASP G 309 9.07 -1.86 -51.34
CA ASP G 309 8.51 -0.54 -50.99
C ASP G 309 8.39 -0.47 -49.47
N PHE G 310 9.44 0.05 -48.85
CA PHE G 310 9.52 0.23 -47.41
C PHE G 310 10.09 1.60 -47.11
N PRO G 311 9.79 2.16 -45.94
CA PRO G 311 10.42 3.42 -45.53
C PRO G 311 11.94 3.32 -45.58
N ASP G 312 12.57 4.40 -46.06
CA ASP G 312 14.01 4.37 -46.32
C ASP G 312 14.82 4.25 -45.04
N TYR G 313 14.34 4.81 -43.94
CA TYR G 313 15.12 4.83 -42.70
C TYR G 313 15.14 3.50 -41.98
N LEU G 314 14.38 2.51 -42.44
CA LEU G 314 14.37 1.19 -41.83
C LEU G 314 14.76 0.08 -42.79
N LEU G 315 14.99 0.38 -44.07
CA LEU G 315 15.22 -0.63 -45.09
C LEU G 315 16.70 -0.70 -45.42
N ALA G 316 17.33 -1.81 -45.03
CA ALA G 316 18.71 -2.13 -45.38
C ALA G 316 18.66 -3.22 -46.45
N ASP G 317 18.59 -2.80 -47.71
CA ASP G 317 18.46 -3.75 -48.81
C ASP G 317 19.72 -4.59 -49.02
N ARG G 318 20.85 -4.18 -48.44
CA ARG G 318 22.11 -4.91 -48.54
C ARG G 318 22.69 -5.22 -47.17
N GLY G 319 21.86 -5.22 -46.13
CA GLY G 319 22.38 -5.32 -44.78
C GLY G 319 22.72 -6.72 -44.32
N LEU G 320 22.19 -7.74 -44.99
CA LEU G 320 22.39 -9.13 -44.60
C LEU G 320 23.25 -9.84 -45.62
N SER G 321 24.28 -10.54 -45.14
CA SER G 321 25.17 -11.32 -45.99
C SER G 321 25.37 -12.69 -45.39
N VAL G 322 25.17 -13.74 -46.20
CA VAL G 322 25.35 -15.12 -45.80
C VAL G 322 25.98 -15.87 -46.96
N ASP G 323 26.21 -17.17 -46.78
CA ASP G 323 26.68 -18.00 -47.87
C ASP G 323 25.58 -18.21 -48.90
N ALA G 324 25.99 -18.51 -50.13
CA ALA G 324 25.07 -18.68 -51.25
C ALA G 324 24.62 -20.12 -51.43
N THR G 325 24.66 -20.92 -50.37
CA THR G 325 24.28 -22.33 -50.44
C THR G 325 22.91 -22.53 -49.82
N PRO G 326 21.92 -23.01 -50.57
CA PRO G 326 20.60 -23.26 -49.97
C PRO G 326 20.66 -24.40 -48.97
N ILE G 327 19.79 -24.32 -47.96
CA ILE G 327 19.70 -25.33 -46.91
C ILE G 327 18.73 -26.41 -47.38
N ALA G 328 19.24 -27.61 -47.61
CA ALA G 328 18.42 -28.68 -48.15
C ALA G 328 17.33 -29.09 -47.17
N PRO G 329 16.22 -29.63 -47.66
CA PRO G 329 15.15 -30.07 -46.74
C PRO G 329 15.65 -31.11 -45.75
N GLY G 330 15.19 -30.98 -44.50
CA GLY G 330 15.58 -31.92 -43.47
C GLY G 330 17.04 -31.86 -43.06
N GLU G 331 17.72 -30.76 -43.36
CA GLU G 331 19.14 -30.62 -43.08
C GLU G 331 19.36 -29.58 -41.99
N ALA G 332 20.14 -29.95 -40.98
CA ALA G 332 20.53 -29.03 -39.92
C ALA G 332 21.91 -28.46 -40.25
N LYS G 333 22.00 -27.14 -40.34
CA LYS G 333 23.21 -26.48 -40.78
C LYS G 333 23.52 -25.30 -39.88
N GLU G 334 24.80 -25.08 -39.60
CA GLU G 334 25.27 -23.92 -38.86
C GLU G 334 25.78 -22.89 -39.86
N ILE G 335 25.22 -21.68 -39.79
CA ILE G 335 25.54 -20.62 -40.73
C ILE G 335 25.99 -19.39 -39.96
N VAL G 336 26.77 -18.55 -40.62
CA VAL G 336 27.27 -17.31 -40.06
C VAL G 336 26.59 -16.16 -40.79
N VAL G 337 25.80 -15.38 -40.05
CA VAL G 337 25.01 -14.29 -40.62
C VAL G 337 25.66 -12.97 -40.20
N LYS G 338 25.95 -12.13 -41.20
CA LYS G 338 26.53 -10.83 -40.97
C LYS G 338 25.49 -9.75 -41.25
N ILE G 339 25.26 -8.89 -40.26
CA ILE G 339 24.40 -7.72 -40.40
C ILE G 339 25.29 -6.48 -40.38
N GLN G 340 25.24 -5.69 -41.44
CA GLN G 340 26.13 -4.53 -41.57
C GLN G 340 25.36 -3.42 -42.26
N ASP G 341 24.99 -2.39 -41.51
CA ASP G 341 24.35 -1.21 -42.09
C ASP G 341 24.49 -0.05 -41.13
N ALA G 342 24.51 1.16 -41.68
CA ALA G 342 24.52 2.36 -40.86
C ALA G 342 23.22 2.54 -40.11
N ARG G 343 22.14 1.91 -40.58
CA ARG G 343 20.86 2.00 -39.88
C ARG G 343 20.91 1.29 -38.54
N TRP G 344 21.79 0.31 -38.38
CA TRP G 344 21.98 -0.33 -37.08
C TRP G 344 22.50 0.67 -36.06
N ASP G 345 23.31 1.63 -36.49
CA ASP G 345 23.85 2.66 -35.61
C ASP G 345 22.90 3.83 -35.45
N ILE G 346 22.25 4.25 -36.54
CA ILE G 346 21.35 5.40 -36.48
C ILE G 346 20.16 5.11 -35.56
N GLU G 347 19.59 3.92 -35.67
CA GLU G 347 18.47 3.53 -34.83
C GLU G 347 18.88 3.13 -33.43
N ARG G 348 20.16 3.31 -33.08
CA ARG G 348 20.67 3.07 -31.73
C ARG G 348 20.47 1.64 -31.27
N LEU G 349 20.52 0.71 -32.22
CA LEU G 349 20.63 -0.70 -31.85
C LEU G 349 22.04 -1.05 -31.42
N SER G 350 23.02 -0.22 -31.76
CA SER G 350 24.39 -0.39 -31.30
C SER G 350 24.58 0.01 -29.84
N ASP G 351 23.58 0.63 -29.23
CA ASP G 351 23.62 0.96 -27.81
C ASP G 351 23.30 -0.23 -26.92
N LEU G 352 23.35 -1.44 -27.48
CA LEU G 352 23.14 -2.65 -26.69
C LEU G 352 24.11 -2.74 -25.52
N ALA G 353 25.30 -2.17 -25.66
CA ALA G 353 26.30 -2.20 -24.60
C ALA G 353 25.91 -1.33 -23.42
N TYR G 354 24.90 -0.48 -23.55
CA TYR G 354 24.42 0.31 -22.43
C TYR G 354 23.33 -0.40 -21.63
N ASP G 355 22.76 -1.47 -22.16
CA ASP G 355 21.64 -2.14 -21.51
C ASP G 355 22.13 -3.10 -20.43
N THR G 356 21.21 -3.49 -19.56
CA THR G 356 21.47 -4.47 -18.52
C THR G 356 21.26 -5.90 -18.99
N ASP G 357 20.91 -6.10 -20.26
CA ASP G 357 20.76 -7.42 -20.85
C ASP G 357 21.25 -7.34 -22.29
N SER G 358 22.46 -7.84 -22.54
CA SER G 358 23.07 -7.78 -23.87
C SER G 358 22.58 -8.95 -24.72
N GLN G 359 21.34 -8.81 -25.20
CA GLN G 359 20.68 -9.83 -25.99
C GLN G 359 20.09 -9.22 -27.25
N ILE G 360 19.98 -10.03 -28.29
CA ILE G 360 19.30 -9.64 -29.52
C ILE G 360 18.07 -10.52 -29.69
N GLY G 361 17.18 -10.07 -30.56
CA GLY G 361 15.98 -10.82 -30.88
C GLY G 361 15.39 -10.33 -32.19
N GLY G 362 14.58 -11.17 -32.81
CA GLY G 362 13.93 -10.80 -34.05
C GLY G 362 13.47 -12.02 -34.81
N LEU G 363 13.17 -11.81 -36.09
CA LEU G 363 12.67 -12.85 -36.97
C LEU G 363 13.60 -13.02 -38.17
N LEU G 364 13.80 -14.27 -38.56
CA LEU G 364 14.53 -14.64 -39.76
C LEU G 364 13.56 -15.24 -40.77
N PHE G 365 13.61 -14.75 -42.00
CA PHE G 365 12.76 -15.24 -43.08
C PHE G 365 13.60 -16.03 -44.07
N PHE G 366 13.11 -17.21 -44.43
CA PHE G 366 13.73 -18.10 -45.40
C PHE G 366 12.80 -18.24 -46.59
N PHE G 367 13.38 -18.34 -47.78
CA PHE G 367 12.61 -18.33 -49.02
C PHE G 367 12.96 -19.53 -49.87
N SER G 368 11.95 -20.06 -50.54
CA SER G 368 12.06 -21.21 -51.43
C SER G 368 12.38 -20.76 -52.84
N PRO G 369 12.71 -21.68 -53.75
CA PRO G 369 12.86 -21.30 -55.15
C PRO G 369 11.61 -20.65 -55.75
N ASP G 370 10.42 -21.04 -55.29
CA ASP G 370 9.18 -20.44 -55.78
C ASP G 370 8.73 -19.24 -54.95
N GLY G 371 9.52 -18.83 -53.96
CA GLY G 371 9.24 -17.60 -53.23
C GLY G 371 8.40 -17.75 -51.99
N LYS G 372 8.14 -18.97 -51.54
CA LYS G 372 7.37 -19.16 -50.31
C LYS G 372 8.23 -18.80 -49.10
N ARG G 373 7.64 -18.10 -48.15
CA ARG G 373 8.37 -17.53 -47.03
C ARG G 373 8.07 -18.30 -45.75
N TYR G 374 9.12 -18.60 -44.99
CA TYR G 374 9.00 -19.27 -43.70
C TYR G 374 9.70 -18.42 -42.64
N ALA G 375 8.99 -18.15 -41.55
CA ALA G 375 9.50 -17.30 -40.49
C ALA G 375 9.95 -18.12 -39.30
N SER G 376 11.06 -17.72 -38.69
CA SER G 376 11.54 -18.31 -37.46
C SER G 376 11.97 -17.20 -36.51
N GLU G 377 11.91 -17.48 -35.21
CA GLU G 377 12.26 -16.51 -34.19
C GLU G 377 13.68 -16.78 -33.71
N ILE G 378 14.52 -15.76 -33.75
CA ILE G 378 15.89 -15.85 -33.27
C ILE G 378 16.07 -14.88 -32.11
N GLY G 379 16.93 -15.25 -31.17
CA GLY G 379 17.22 -14.39 -30.04
C GLY G 379 18.19 -15.06 -29.11
N GLY G 380 18.87 -14.23 -28.32
CA GLY G 380 19.82 -14.71 -27.35
C GLY G 380 20.94 -13.74 -27.06
N PRO G 381 21.85 -14.12 -26.16
CA PRO G 381 22.91 -13.20 -25.75
C PRO G 381 23.95 -13.00 -26.82
N VAL G 382 24.53 -11.79 -26.83
CA VAL G 382 25.58 -11.40 -27.75
C VAL G 382 26.70 -10.74 -26.94
N ILE G 383 27.88 -10.68 -27.56
CA ILE G 383 29.09 -10.21 -26.90
C ILE G 383 29.54 -8.92 -27.57
N PRO G 384 29.84 -7.86 -26.81
CA PRO G 384 30.34 -6.63 -27.42
C PRO G 384 31.85 -6.70 -27.65
N LYS G 385 32.27 -6.36 -28.86
CA LYS G 385 33.67 -6.27 -29.21
C LYS G 385 34.06 -4.79 -29.19
N PHE G 386 34.84 -4.40 -28.19
CA PHE G 386 35.21 -3.00 -28.01
C PHE G 386 36.37 -2.66 -28.93
N VAL G 387 36.18 -1.68 -29.79
CA VAL G 387 37.17 -1.29 -30.78
C VAL G 387 37.40 0.21 -30.68
N ALA G 388 38.58 0.65 -31.12
CA ALA G 388 38.93 2.06 -31.09
C ALA G 388 39.36 2.54 -32.47
N HIS H 1 21.85 -28.43 6.09
CA HIS H 1 21.20 -28.29 7.44
C HIS H 1 20.06 -27.25 7.44
N GLY H 2 18.95 -27.50 8.14
CA GLY H 2 17.82 -26.57 8.24
C GLY H 2 16.48 -27.09 7.73
N GLU H 3 16.49 -28.08 6.82
CA GLU H 3 15.25 -28.67 6.21
C GLU H 3 14.35 -29.34 7.25
N LYS H 4 14.89 -30.11 8.20
CA LYS H 4 14.10 -30.81 9.24
C LYS H 4 13.07 -29.86 9.86
N SER H 5 13.43 -28.61 10.10
CA SER H 5 12.54 -27.62 10.77
C SER H 5 11.42 -27.14 9.86
N GLN H 6 11.47 -27.46 8.57
CA GLN H 6 10.46 -26.99 7.61
C GLN H 6 9.28 -27.96 7.68
N GLN H 7 8.08 -27.49 7.36
CA GLN H 7 6.90 -28.33 7.46
C GLN H 7 6.99 -29.49 6.48
N ALA H 8 6.53 -30.66 6.93
CA ALA H 8 6.65 -31.87 6.12
C ALA H 8 5.83 -31.77 4.85
N PHE H 9 4.60 -31.25 4.95
CA PHE H 9 3.72 -31.24 3.80
C PHE H 9 4.18 -30.26 2.73
N LEU H 10 4.86 -29.18 3.13
CA LEU H 10 5.42 -28.26 2.15
C LEU H 10 6.67 -28.84 1.50
N ARG H 11 7.49 -29.57 2.27
CA ARG H 11 8.65 -30.22 1.70
C ARG H 11 8.25 -31.30 0.70
N MET H 12 7.20 -32.07 1.01
CA MET H 12 6.80 -33.19 0.16
C MET H 12 6.09 -32.73 -1.11
N ARG H 13 5.41 -31.59 -1.07
CA ARG H 13 4.50 -31.19 -2.14
C ARG H 13 5.02 -30.02 -2.98
N THR H 14 6.32 -29.72 -2.90
CA THR H 14 6.89 -28.66 -3.71
C THR H 14 7.88 -29.18 -4.74
N LEU H 15 8.95 -29.84 -4.31
CA LEU H 15 9.98 -30.32 -5.23
C LEU H 15 10.39 -31.73 -4.84
N ASN H 16 10.31 -32.65 -5.79
CA ASN H 16 10.72 -34.03 -5.58
C ASN H 16 12.07 -34.22 -6.24
N TRP H 17 13.12 -34.36 -5.42
CA TRP H 17 14.47 -34.52 -5.91
C TRP H 17 14.74 -35.98 -6.23
N TYR H 18 15.33 -36.24 -7.39
CA TYR H 18 15.79 -37.58 -7.74
C TYR H 18 17.12 -37.42 -8.47
N ASP H 19 17.57 -38.51 -9.11
CA ASP H 19 18.96 -38.96 -8.98
C ASP H 19 19.93 -37.81 -8.82
N VAL H 20 20.58 -37.77 -7.65
CA VAL H 20 21.48 -36.68 -7.27
C VAL H 20 22.84 -37.28 -6.98
N GLN H 21 23.89 -36.71 -7.58
CA GLN H 21 25.23 -37.26 -7.50
C GLN H 21 26.21 -36.18 -7.07
N TRP H 22 27.27 -36.62 -6.40
CA TRP H 22 28.43 -35.80 -6.10
C TRP H 22 29.65 -36.49 -6.70
N SER H 23 30.27 -35.83 -7.68
CA SER H 23 31.33 -36.49 -8.45
C SER H 23 32.51 -36.85 -7.56
N LYS H 24 32.83 -36.00 -6.59
CA LYS H 24 33.89 -36.27 -5.63
C LYS H 24 33.39 -35.94 -4.23
N THR H 25 33.65 -36.86 -3.29
CA THR H 25 33.38 -36.62 -1.89
C THR H 25 34.59 -36.04 -1.15
N THR H 26 35.77 -36.12 -1.75
CA THR H 26 36.99 -35.51 -1.22
C THR H 26 37.68 -34.76 -2.33
N VAL H 27 37.89 -33.46 -2.15
CA VAL H 27 38.55 -32.63 -3.15
C VAL H 27 39.68 -31.87 -2.48
N ASN H 28 40.65 -31.46 -3.30
CA ASN H 28 41.70 -30.56 -2.85
C ASN H 28 41.29 -29.11 -3.07
N VAL H 29 42.09 -28.19 -2.55
CA VAL H 29 41.91 -26.79 -2.88
C VAL H 29 42.22 -26.59 -4.36
N ASN H 30 41.37 -25.80 -5.03
CA ASN H 30 41.43 -25.56 -6.47
C ASN H 30 41.05 -26.80 -7.29
N GLU H 31 40.36 -27.76 -6.67
CA GLU H 31 39.90 -28.96 -7.35
C GLU H 31 38.39 -28.88 -7.55
N GLU H 32 37.94 -29.25 -8.74
CA GLU H 32 36.54 -29.12 -9.15
C GLU H 32 35.78 -30.41 -8.95
N MET H 33 34.51 -30.29 -8.55
CA MET H 33 33.60 -31.41 -8.48
C MET H 33 32.22 -30.94 -8.92
N VAL H 34 31.41 -31.89 -9.41
CA VAL H 34 30.12 -31.59 -10.01
C VAL H 34 29.02 -32.24 -9.18
N LEU H 35 28.06 -31.44 -8.76
CA LEU H 35 26.86 -31.91 -8.07
C LEU H 35 25.71 -31.81 -9.06
N SER H 36 25.19 -32.96 -9.50
CA SER H 36 24.13 -33.03 -10.47
C SER H 36 22.88 -33.64 -9.84
N GLY H 37 21.74 -33.48 -10.52
CA GLY H 37 20.51 -34.04 -10.02
C GLY H 37 19.36 -33.73 -10.95
N LYS H 38 18.18 -34.24 -10.58
CA LYS H 38 16.94 -33.93 -11.29
C LYS H 38 15.88 -33.55 -10.27
N VAL H 39 14.93 -32.73 -10.70
CA VAL H 39 13.87 -32.26 -9.81
C VAL H 39 12.54 -32.34 -10.55
N HIS H 40 11.49 -32.71 -9.83
CA HIS H 40 10.13 -32.73 -10.34
C HIS H 40 9.29 -31.72 -9.57
N VAL H 41 8.47 -30.97 -10.29
CA VAL H 41 7.58 -29.99 -9.68
C VAL H 41 6.24 -30.67 -9.42
N PHE H 42 5.80 -30.65 -8.16
CA PHE H 42 4.56 -31.30 -7.80
C PHE H 42 3.37 -30.59 -8.45
N SER H 43 2.47 -31.37 -9.04
CA SER H 43 1.34 -30.79 -9.77
C SER H 43 0.43 -29.99 -8.83
N ALA H 44 0.14 -30.53 -7.65
CA ALA H 44 -0.67 -29.84 -6.66
C ALA H 44 0.23 -28.94 -5.82
N TRP H 45 0.70 -27.87 -6.45
CA TRP H 45 1.59 -26.93 -5.78
C TRP H 45 0.83 -26.20 -4.67
N PRO H 46 1.39 -26.11 -3.47
CA PRO H 46 0.65 -25.52 -2.36
C PRO H 46 0.32 -24.05 -2.59
N GLN H 47 -0.84 -23.65 -2.09
CA GLN H 47 -1.24 -22.25 -2.17
C GLN H 47 -0.35 -21.35 -1.32
N ALA H 48 0.18 -21.89 -0.23
CA ALA H 48 1.04 -21.11 0.65
C ALA H 48 2.30 -20.65 -0.06
N VAL H 49 2.91 -21.53 -0.85
CA VAL H 49 4.13 -21.21 -1.59
C VAL H 49 3.76 -20.52 -2.88
N ALA H 50 4.52 -19.49 -3.24
CA ALA H 50 4.28 -18.78 -4.48
C ALA H 50 4.64 -19.67 -5.68
N ASN H 51 4.22 -19.23 -6.85
CA ASN H 51 4.48 -19.98 -8.07
C ASN H 51 5.98 -20.06 -8.35
N PRO H 52 6.45 -21.17 -8.90
CA PRO H 52 7.88 -21.31 -9.22
C PRO H 52 8.29 -20.52 -10.46
N ARG H 53 7.43 -19.58 -10.87
CA ARG H 53 7.73 -18.75 -12.04
C ARG H 53 9.06 -18.02 -11.89
N VAL H 54 9.44 -17.66 -10.68
CA VAL H 54 10.72 -17.01 -10.41
C VAL H 54 11.44 -17.87 -9.37
N SER H 55 12.56 -18.46 -9.79
CA SER H 55 13.32 -19.35 -8.91
C SER H 55 14.79 -19.31 -9.29
N PHE H 56 15.64 -19.71 -8.36
CA PHE H 56 17.09 -19.64 -8.51
C PHE H 56 17.73 -20.90 -7.96
N LEU H 57 18.53 -21.58 -8.78
CA LEU H 57 19.23 -22.77 -8.35
C LEU H 57 20.46 -22.38 -7.52
N ASN H 58 20.70 -23.10 -6.44
CA ASN H 58 21.74 -22.71 -5.49
C ASN H 58 22.36 -23.95 -4.85
N ALA H 59 23.54 -23.75 -4.30
CA ALA H 59 24.27 -24.77 -3.55
C ALA H 59 24.21 -24.43 -2.07
N GLY H 60 23.63 -25.34 -1.28
CA GLY H 60 23.49 -25.18 0.15
C GLY H 60 24.72 -25.57 0.93
N GLU H 61 25.72 -24.70 0.99
CA GLU H 61 26.92 -24.90 1.76
C GLU H 61 26.99 -23.88 2.89
N PRO H 62 27.80 -24.13 3.92
CA PRO H 62 27.89 -23.17 5.04
C PRO H 62 28.65 -21.90 4.72
N GLY H 63 28.87 -21.61 3.44
CA GLY H 63 29.58 -20.43 3.02
C GLY H 63 30.32 -20.74 1.73
N PRO H 64 31.16 -19.83 1.27
CA PRO H 64 32.00 -20.09 0.11
C PRO H 64 33.15 -21.04 0.41
N VAL H 65 32.83 -22.20 0.98
CA VAL H 65 33.83 -23.25 1.15
C VAL H 65 34.12 -23.91 -0.19
N LEU H 66 33.16 -23.85 -1.11
CA LEU H 66 33.36 -24.22 -2.50
C LEU H 66 32.92 -23.04 -3.36
N VAL H 67 33.68 -22.75 -4.41
CA VAL H 67 33.38 -21.63 -5.30
C VAL H 67 32.62 -22.19 -6.50
N ARG H 68 31.45 -21.61 -6.78
CA ARG H 68 30.61 -22.05 -7.88
C ARG H 68 31.12 -21.43 -9.17
N THR H 69 31.82 -22.22 -9.98
CA THR H 69 32.30 -21.73 -11.26
C THR H 69 31.18 -21.66 -12.30
N ALA H 70 30.23 -22.57 -12.25
CA ALA H 70 29.10 -22.56 -13.17
C ALA H 70 27.96 -23.37 -12.59
N GLN H 71 26.77 -23.13 -13.12
CA GLN H 71 25.60 -23.94 -12.79
C GLN H 71 24.63 -23.88 -13.97
N PHE H 72 23.96 -25.00 -14.22
CA PHE H 72 23.07 -25.17 -15.36
C PHE H 72 21.79 -25.82 -14.89
N ILE H 73 20.65 -25.26 -15.27
CA ILE H 73 19.35 -25.87 -15.02
C ILE H 73 18.49 -25.72 -16.26
N GLY H 74 17.77 -26.77 -16.62
CA GLY H 74 16.91 -26.74 -17.79
C GLY H 74 17.65 -26.52 -19.10
N GLU H 75 18.79 -27.18 -19.27
CA GLU H 75 19.62 -27.08 -20.48
C GLU H 75 20.10 -25.66 -20.74
N GLN H 76 20.28 -24.86 -19.70
CA GLN H 76 20.69 -23.48 -19.84
C GLN H 76 21.66 -23.10 -18.72
N PHE H 77 22.71 -22.36 -19.06
CA PHE H 77 23.56 -21.77 -18.05
C PHE H 77 22.77 -20.73 -17.28
N ALA H 78 22.74 -20.85 -15.96
CA ALA H 78 21.78 -20.14 -15.12
C ALA H 78 22.48 -19.35 -14.02
N PRO H 79 23.07 -18.20 -14.34
CA PRO H 79 23.55 -17.30 -13.29
C PRO H 79 22.46 -16.43 -12.68
N ARG H 80 21.28 -16.37 -13.29
CA ARG H 80 20.18 -15.58 -12.76
C ARG H 80 18.93 -16.43 -12.57
N SER H 81 17.81 -15.78 -12.26
CA SER H 81 16.59 -16.50 -11.95
C SER H 81 16.00 -17.16 -13.18
N VAL H 82 15.41 -18.35 -12.99
CA VAL H 82 14.79 -19.11 -14.06
C VAL H 82 13.33 -19.34 -13.72
N SER H 83 12.61 -20.02 -14.61
CA SER H 83 11.20 -20.33 -14.42
C SER H 83 10.99 -21.83 -14.46
N LEU H 84 10.34 -22.36 -13.43
CA LEU H 84 9.97 -23.77 -13.35
C LEU H 84 8.47 -23.90 -13.50
N GLU H 85 8.02 -24.80 -14.38
CA GLU H 85 6.61 -25.02 -14.62
C GLU H 85 6.09 -26.20 -13.80
N ILE H 86 4.82 -26.10 -13.42
CA ILE H 86 4.23 -27.10 -12.54
C ILE H 86 4.07 -28.42 -13.29
N GLY H 87 4.50 -29.51 -12.65
CA GLY H 87 4.34 -30.82 -13.24
C GLY H 87 5.39 -31.20 -14.25
N LYS H 88 6.57 -30.59 -14.21
CA LYS H 88 7.62 -30.86 -15.17
C LYS H 88 8.91 -31.20 -14.46
N ASP H 89 9.80 -31.88 -15.18
CA ASP H 89 11.08 -32.33 -14.66
C ASP H 89 12.21 -31.51 -15.25
N TYR H 90 13.18 -31.14 -14.42
CA TYR H 90 14.33 -30.37 -14.86
C TYR H 90 15.60 -30.96 -14.28
N ALA H 91 16.62 -31.10 -15.13
CA ALA H 91 17.93 -31.56 -14.71
C ALA H 91 18.83 -30.37 -14.39
N PHE H 92 19.64 -30.50 -13.34
CA PHE H 92 20.53 -29.44 -12.90
C PHE H 92 21.91 -29.99 -12.62
N SER H 93 22.90 -29.10 -12.75
CA SER H 93 24.30 -29.42 -12.49
C SER H 93 24.98 -28.18 -11.94
N ILE H 94 25.89 -28.37 -10.99
CA ILE H 94 26.64 -27.27 -10.38
C ILE H 94 28.10 -27.66 -10.28
N ASN H 95 29.00 -26.80 -10.74
CA ASN H 95 30.43 -27.01 -10.64
C ASN H 95 30.96 -26.21 -9.46
N LEU H 96 31.75 -26.87 -8.59
CA LEU H 96 32.23 -26.26 -7.36
C LEU H 96 33.72 -26.52 -7.22
N ARG H 97 34.46 -25.47 -6.88
CA ARG H 97 35.90 -25.52 -6.71
C ARG H 97 36.24 -25.36 -5.23
N GLY H 98 37.06 -26.27 -4.71
CA GLY H 98 37.43 -26.26 -3.29
C GLY H 98 38.16 -25.02 -2.84
N ARG H 99 37.67 -24.40 -1.76
CA ARG H 99 38.28 -23.20 -1.21
C ARG H 99 38.79 -23.38 0.21
N ARG H 100 37.94 -23.84 1.12
CA ARG H 100 38.26 -23.90 2.54
C ARG H 100 38.34 -25.36 2.99
N ALA H 101 39.44 -25.70 3.66
CA ALA H 101 39.63 -27.06 4.16
C ALA H 101 38.64 -27.37 5.27
N GLY H 102 38.19 -28.62 5.30
CA GLY H 102 37.25 -29.07 6.31
C GLY H 102 36.21 -30.02 5.75
N ARG H 103 35.27 -30.44 6.60
CA ARG H 103 34.17 -31.30 6.18
C ARG H 103 32.89 -30.49 6.18
N TRP H 104 32.22 -30.46 5.03
CA TRP H 104 31.03 -29.61 4.87
C TRP H 104 29.89 -30.37 4.21
N HIS H 105 28.65 -30.09 4.63
CA HIS H 105 27.43 -30.73 4.06
C HIS H 105 26.89 -29.83 2.96
N VAL H 106 27.02 -30.29 1.72
CA VAL H 106 26.67 -29.44 0.55
C VAL H 106 25.42 -29.99 -0.12
N HIS H 107 24.40 -29.15 -0.22
CA HIS H 107 23.09 -29.62 -0.71
C HIS H 107 22.71 -29.01 -2.04
N ALA H 108 21.74 -29.62 -2.70
CA ALA H 108 21.14 -29.00 -3.89
C ALA H 108 19.96 -28.21 -3.38
N GLN H 109 19.82 -26.94 -3.75
CA GLN H 109 18.59 -26.30 -3.34
C GLN H 109 18.08 -25.39 -4.45
N ILE H 110 16.80 -25.05 -4.36
CA ILE H 110 16.19 -24.08 -5.26
C ILE H 110 15.43 -23.07 -4.40
N ASN H 111 15.79 -21.80 -4.54
CA ASN H 111 15.09 -20.71 -3.86
C ASN H 111 14.02 -20.19 -4.81
N VAL H 112 12.78 -20.55 -4.54
CA VAL H 112 11.65 -19.95 -5.22
C VAL H 112 11.33 -18.62 -4.53
N GLU H 113 10.71 -17.72 -5.28
CA GLU H 113 10.41 -16.38 -4.78
C GLU H 113 9.29 -16.55 -3.75
N GLY H 114 8.58 -15.50 -3.38
CA GLY H 114 8.12 -15.32 -2.01
C GLY H 114 7.52 -16.52 -1.29
N GLY H 115 7.50 -17.69 -1.92
CA GLY H 115 7.43 -18.93 -1.16
C GLY H 115 8.68 -19.19 -0.34
N GLY H 116 9.86 -19.19 -0.99
CA GLY H 116 11.10 -19.35 -0.25
C GLY H 116 11.99 -20.50 -0.70
N PRO H 117 12.85 -20.98 0.19
CA PRO H 117 13.85 -21.99 -0.18
C PRO H 117 13.36 -23.42 -0.01
N ILE H 118 13.80 -24.27 -0.94
CA ILE H 118 13.53 -25.70 -0.90
C ILE H 118 14.86 -26.43 -1.00
N ILE H 119 15.15 -27.26 -0.01
CA ILE H 119 16.46 -27.87 0.16
C ILE H 119 16.40 -29.33 -0.25
N GLY H 120 17.37 -29.76 -1.06
CA GLY H 120 17.45 -31.13 -1.51
C GLY H 120 18.50 -31.92 -0.78
N PRO H 121 18.84 -33.10 -1.30
CA PRO H 121 19.82 -33.96 -0.62
C PRO H 121 21.18 -33.30 -0.50
N GLY H 122 21.87 -33.64 0.59
CA GLY H 122 23.21 -33.13 0.83
C GLY H 122 24.18 -34.25 1.12
N GLN H 123 25.46 -33.94 0.96
CA GLN H 123 26.54 -34.90 1.19
C GLN H 123 27.72 -34.21 1.85
N TRP H 124 28.47 -34.98 2.63
CA TRP H 124 29.67 -34.47 3.29
C TRP H 124 30.86 -34.49 2.32
N ILE H 125 31.48 -33.33 2.14
CA ILE H 125 32.62 -33.17 1.25
C ILE H 125 33.82 -32.75 2.10
N GLU H 126 34.94 -33.42 1.90
CA GLU H 126 36.18 -33.13 2.61
C GLU H 126 37.12 -32.36 1.68
N ILE H 127 37.45 -31.13 2.07
CA ILE H 127 38.34 -30.27 1.30
C ILE H 127 39.69 -30.22 2.02
N LYS H 128 40.75 -30.63 1.33
CA LYS H 128 42.08 -30.73 1.91
C LYS H 128 43.00 -29.75 1.23
N GLY H 129 43.72 -28.96 2.02
CA GLY H 129 44.67 -28.01 1.48
C GLY H 129 44.66 -26.74 2.31
N ASP H 130 45.21 -25.67 1.72
CA ASP H 130 45.30 -24.37 2.37
C ASP H 130 44.47 -23.36 1.57
N MET H 131 43.67 -22.57 2.28
CA MET H 131 42.87 -21.55 1.61
C MET H 131 43.75 -20.49 0.96
N LYS H 132 44.98 -20.31 1.47
CA LYS H 132 45.92 -19.38 0.85
C LYS H 132 46.35 -19.84 -0.53
N ASP H 133 46.25 -21.13 -0.83
CA ASP H 133 46.58 -21.65 -2.15
C ASP H 133 45.43 -21.55 -3.14
N PHE H 134 44.26 -21.07 -2.70
CA PHE H 134 43.11 -20.98 -3.59
C PHE H 134 43.28 -19.85 -4.60
N THR H 135 42.95 -20.15 -5.85
CA THR H 135 42.94 -19.17 -6.92
C THR H 135 41.62 -19.26 -7.67
N ASP H 136 41.16 -18.11 -8.17
CA ASP H 136 39.91 -18.00 -8.92
C ASP H 136 40.19 -17.26 -10.21
N PRO H 137 40.82 -17.93 -11.18
CA PRO H 137 41.22 -17.22 -12.41
C PRO H 137 40.02 -16.92 -13.30
N VAL H 138 39.96 -15.68 -13.78
CA VAL H 138 38.87 -15.20 -14.63
C VAL H 138 39.47 -14.42 -15.79
N THR H 139 39.01 -14.73 -17.00
CA THR H 139 39.47 -14.05 -18.20
C THR H 139 38.50 -12.94 -18.58
N LEU H 140 39.03 -11.78 -18.93
CA LEU H 140 38.22 -10.64 -19.34
C LEU H 140 38.01 -10.64 -20.85
N LEU H 141 37.25 -9.66 -21.34
CA LEU H 141 37.01 -9.57 -22.78
C LEU H 141 38.24 -9.13 -23.55
N ASP H 142 39.19 -8.48 -22.89
CA ASP H 142 40.44 -8.05 -23.52
C ASP H 142 41.53 -9.10 -23.44
N GLY H 143 41.23 -10.28 -22.89
CA GLY H 143 42.20 -11.34 -22.77
C GLY H 143 43.02 -11.34 -21.49
N SER H 144 42.88 -10.31 -20.67
CA SER H 144 43.62 -10.24 -19.41
C SER H 144 42.99 -11.18 -18.38
N THR H 145 43.84 -11.80 -17.58
CA THR H 145 43.42 -12.74 -16.54
C THR H 145 43.59 -12.10 -15.18
N VAL H 146 42.57 -12.27 -14.32
CA VAL H 146 42.59 -11.74 -12.96
C VAL H 146 42.30 -12.87 -12.00
N ASP H 147 42.65 -12.65 -10.74
CA ASP H 147 42.32 -13.58 -9.65
C ASP H 147 41.11 -13.01 -8.91
N LEU H 148 39.95 -13.63 -9.11
CA LEU H 148 38.71 -13.11 -8.54
C LEU H 148 38.74 -13.07 -7.02
N GLU H 149 39.57 -13.89 -6.39
CA GLU H 149 39.69 -13.86 -4.94
C GLU H 149 40.32 -12.56 -4.45
N HIS H 150 41.31 -12.05 -5.18
CA HIS H 150 42.11 -10.91 -4.73
C HIS H 150 41.94 -9.65 -5.56
N TYR H 151 41.21 -9.72 -6.68
CA TYR H 151 41.17 -8.59 -7.60
C TYR H 151 40.31 -7.45 -7.05
N GLY H 152 40.84 -6.23 -7.17
CA GLY H 152 40.09 -5.03 -6.91
C GLY H 152 39.99 -4.60 -5.46
N ILE H 153 40.58 -5.36 -4.54
CA ILE H 153 40.46 -5.02 -3.12
C ILE H 153 41.40 -3.89 -2.74
N SER H 154 42.59 -3.86 -3.34
CA SER H 154 43.55 -2.80 -3.07
C SER H 154 43.00 -1.43 -3.47
N ARG H 155 42.31 -1.37 -4.62
CA ARG H 155 41.67 -0.11 -5.03
C ARG H 155 40.61 0.31 -4.03
N VAL H 156 39.83 -0.64 -3.52
CA VAL H 156 38.79 -0.33 -2.55
C VAL H 156 39.41 0.27 -1.30
N TYR H 157 40.47 -0.35 -0.78
CA TYR H 157 41.13 0.20 0.40
C TYR H 157 41.73 1.58 0.11
N ALA H 158 42.44 1.72 -1.01
CA ALA H 158 43.11 2.96 -1.33
C ALA H 158 42.14 4.11 -1.56
N TRP H 159 40.89 3.81 -1.92
CA TRP H 159 39.91 4.89 -2.02
C TRP H 159 39.18 5.13 -0.70
N HIS H 160 38.91 4.08 0.08
CA HIS H 160 38.04 4.23 1.24
C HIS H 160 38.80 4.73 2.46
N LEU H 161 39.96 4.13 2.76
CA LEU H 161 40.67 4.48 4.00
C LEU H 161 41.14 5.93 4.05
N PRO H 162 41.76 6.49 2.99
CA PRO H 162 42.18 7.91 3.09
C PRO H 162 41.04 8.88 3.35
N TRP H 163 39.85 8.62 2.81
CA TRP H 163 38.73 9.53 3.07
C TRP H 163 38.26 9.45 4.51
N MET H 164 38.28 8.23 5.09
CA MET H 164 37.99 8.10 6.52
C MET H 164 39.02 8.83 7.36
N ALA H 165 40.29 8.75 6.97
CA ALA H 165 41.33 9.50 7.67
C ALA H 165 41.09 11.00 7.57
N VAL H 166 40.67 11.47 6.40
CA VAL H 166 40.38 12.89 6.20
C VAL H 166 39.22 13.33 7.09
N GLY H 167 38.17 12.53 7.16
CA GLY H 167 37.04 12.87 8.02
C GLY H 167 37.42 12.90 9.49
N ALA H 168 38.21 11.92 9.93
CA ALA H 168 38.68 11.92 11.31
C ALA H 168 39.54 13.16 11.58
N ALA H 169 40.40 13.53 10.62
CA ALA H 169 41.22 14.72 10.80
C ALA H 169 40.37 15.98 10.89
N TRP H 170 39.32 16.06 10.08
CA TRP H 170 38.39 17.21 10.13
C TRP H 170 37.75 17.32 11.52
N ILE H 171 37.21 16.22 12.02
CA ILE H 171 36.56 16.22 13.33
C ILE H 171 37.57 16.59 14.41
N PHE H 172 38.76 15.98 14.37
CA PHE H 172 39.78 16.23 15.38
C PHE H 172 40.25 17.68 15.35
N PHE H 173 40.42 18.24 14.16
CA PHE H 173 40.84 19.62 14.01
C PHE H 173 39.84 20.57 14.65
N TRP H 174 38.55 20.40 14.32
CA TRP H 174 37.56 21.30 14.91
C TRP H 174 37.44 21.10 16.41
N PHE H 175 37.51 19.84 16.87
CA PHE H 175 37.40 19.56 18.30
C PHE H 175 38.54 20.20 19.08
N VAL H 176 39.77 20.09 18.59
CA VAL H 176 40.91 20.67 19.29
C VAL H 176 40.88 22.20 19.19
N ARG H 177 40.48 22.75 18.04
CA ARG H 177 40.49 24.20 17.89
C ARG H 177 39.43 24.86 18.76
N LYS H 178 38.25 24.27 18.88
CA LYS H 178 37.15 24.90 19.59
C LYS H 178 36.78 24.21 20.90
N GLY H 179 36.67 22.89 20.91
CA GLY H 179 36.21 22.19 22.09
C GLY H 179 34.71 22.09 22.14
N ILE H 180 34.23 21.37 23.15
CA ILE H 180 32.80 21.09 23.32
C ILE H 180 32.22 21.91 24.46
N ILE H 181 32.83 21.83 25.64
CA ILE H 181 32.34 22.59 26.79
C ILE H 181 32.52 24.08 26.56
N THR H 182 33.69 24.49 26.08
CA THR H 182 33.95 25.91 25.84
C THR H 182 33.01 26.46 24.77
N SER H 183 32.83 25.72 23.68
CA SER H 183 31.92 26.15 22.63
C SER H 183 30.48 26.22 23.14
N TYR H 184 30.07 25.24 23.94
CA TYR H 184 28.74 25.26 24.51
C TYR H 184 28.53 26.49 25.39
N ILE H 185 29.51 26.81 26.23
CA ILE H 185 29.37 27.96 27.12
C ILE H 185 29.35 29.26 26.32
N ARG H 186 30.18 29.33 25.27
CA ARG H 186 30.19 30.53 24.43
C ARG H 186 28.84 30.73 23.74
N VAL H 187 28.28 29.66 23.18
CA VAL H 187 26.99 29.77 22.51
C VAL H 187 25.89 30.09 23.51
N ALA H 188 25.98 29.54 24.72
CA ALA H 188 24.91 29.70 25.70
C ALA H 188 24.82 31.13 26.22
N GLU H 189 25.93 31.87 26.21
CA GLU H 189 25.94 33.25 26.68
C GLU H 189 25.73 34.26 25.55
N GLY H 190 25.27 33.81 24.39
CA GLY H 190 25.05 34.71 23.28
C GLY H 190 26.28 35.05 22.47
N LYS H 191 27.41 34.41 22.75
CA LYS H 191 28.66 34.64 22.03
C LYS H 191 28.91 33.57 20.98
N ALA H 192 27.85 33.09 20.33
CA ALA H 192 28.01 32.09 19.27
C ALA H 192 28.81 32.61 18.09
N ASP H 193 28.85 33.93 17.90
CA ASP H 193 29.65 34.50 16.82
C ASP H 193 31.14 34.43 17.11
N ASP H 194 31.53 34.25 18.38
CA ASP H 194 32.94 34.11 18.71
C ASP H 194 33.49 32.74 18.34
N VAL H 195 32.63 31.73 18.20
CA VAL H 195 33.12 30.39 17.86
C VAL H 195 33.59 30.35 16.42
N ILE H 196 32.82 30.91 15.50
CA ILE H 196 33.09 30.83 14.07
C ILE H 196 33.37 32.22 13.54
N GLY H 197 34.51 32.38 12.88
CA GLY H 197 34.88 33.66 12.29
C GLY H 197 35.15 33.57 10.80
N ASP H 198 35.77 34.61 10.23
CA ASP H 198 36.05 34.62 8.81
C ASP H 198 37.11 33.59 8.44
N ASP H 199 38.13 33.42 9.29
CA ASP H 199 39.19 32.47 9.00
C ASP H 199 38.66 31.04 8.99
N ASP H 200 37.73 30.72 9.89
CA ASP H 200 37.14 29.39 9.91
C ASP H 200 36.35 29.12 8.64
N ARG H 201 35.58 30.11 8.18
CA ARG H 201 34.83 29.95 6.94
C ARG H 201 35.77 29.81 5.75
N ARG H 202 36.86 30.56 5.74
CA ARG H 202 37.85 30.43 4.66
C ARG H 202 38.48 29.04 4.65
N ILE H 203 38.81 28.52 5.84
CA ILE H 203 39.36 27.17 5.93
C ILE H 203 38.37 26.14 5.41
N GLY H 204 37.10 26.28 5.80
CA GLY H 204 36.07 25.37 5.30
C GLY H 204 35.93 25.44 3.79
N ALA H 205 35.96 26.65 3.23
CA ALA H 205 35.85 26.80 1.78
C ALA H 205 37.04 26.15 1.07
N ILE H 206 38.25 26.34 1.59
CA ILE H 206 39.43 25.72 0.99
C ILE H 206 39.32 24.20 1.06
N VAL H 207 38.87 23.68 2.20
CA VAL H 207 38.74 22.23 2.35
C VAL H 207 37.72 21.68 1.36
N LEU H 208 36.58 22.38 1.20
CA LEU H 208 35.56 21.92 0.25
C LEU H 208 36.09 21.95 -1.18
N ALA H 209 36.82 23.01 -1.54
CA ALA H 209 37.39 23.09 -2.88
C ALA H 209 38.36 21.95 -3.12
N LEU H 210 39.22 21.65 -2.14
CA LEU H 210 40.16 20.54 -2.29
C LEU H 210 39.44 19.21 -2.40
N THR H 211 38.36 19.03 -1.63
CA THR H 211 37.60 17.78 -1.68
C THR H 211 36.94 17.61 -3.05
N ILE H 212 36.37 18.68 -3.59
CA ILE H 212 35.75 18.60 -4.92
C ILE H 212 36.80 18.29 -5.98
N LEU H 213 37.96 18.96 -5.89
CA LEU H 213 39.03 18.70 -6.85
C LEU H 213 39.49 17.24 -6.76
N ALA H 214 39.63 16.71 -5.55
CA ALA H 214 40.04 15.32 -5.38
C ALA H 214 39.01 14.37 -5.97
N THR H 215 37.72 14.65 -5.77
CA THR H 215 36.68 13.80 -6.33
C THR H 215 36.72 13.82 -7.86
N ILE H 216 36.87 15.00 -8.46
CA ILE H 216 36.92 15.07 -9.92
C ILE H 216 38.16 14.36 -10.45
N VAL H 217 39.30 14.55 -9.81
CA VAL H 217 40.54 13.91 -10.25
C VAL H 217 40.41 12.39 -10.14
N GLY H 218 39.85 11.90 -9.03
CA GLY H 218 39.66 10.47 -8.89
C GLY H 218 38.74 9.89 -9.94
N TYR H 219 37.63 10.59 -10.22
CA TYR H 219 36.71 10.13 -11.26
C TYR H 219 37.40 10.07 -12.62
N ALA H 220 38.16 11.12 -12.97
CA ALA H 220 38.83 11.15 -14.26
C ALA H 220 39.88 10.06 -14.37
N VAL H 221 40.67 9.86 -13.32
CA VAL H 221 41.71 8.82 -13.34
C VAL H 221 41.07 7.44 -13.44
N THR H 222 39.97 7.23 -12.71
CA THR H 222 39.27 5.95 -12.78
C THR H 222 38.73 5.68 -14.18
N ASN H 223 38.16 6.70 -14.82
CA ASN H 223 37.67 6.54 -16.18
C ASN H 223 38.81 6.26 -17.15
N SER H 224 39.96 6.89 -16.93
CA SER H 224 41.12 6.61 -17.78
C SER H 224 41.61 5.18 -17.59
N THR H 225 41.60 4.67 -16.36
CA THR H 225 42.07 3.33 -16.10
C THR H 225 41.15 2.28 -16.70
N PHE H 226 39.84 2.48 -16.60
CA PHE H 226 38.83 1.55 -17.10
C PHE H 226 37.94 2.30 -18.07
N PRO H 227 38.35 2.42 -19.34
CA PRO H 227 37.55 3.20 -20.29
C PRO H 227 36.27 2.51 -20.73
N ARG H 228 36.19 1.19 -20.62
CA ARG H 228 35.06 0.42 -21.12
C ARG H 228 34.49 -0.43 -19.99
N THR H 229 33.31 -0.06 -19.50
CA THR H 229 32.62 -0.80 -18.46
C THR H 229 31.17 -1.00 -18.88
N ILE H 230 30.55 -2.02 -18.29
CA ILE H 230 29.16 -2.36 -18.60
C ILE H 230 28.34 -2.38 -17.32
N PRO H 231 27.04 -2.15 -17.38
CA PRO H 231 26.22 -2.21 -16.16
C PRO H 231 26.00 -3.64 -15.69
N LEU H 232 25.54 -3.76 -14.45
CA LEU H 232 25.23 -5.07 -13.89
C LEU H 232 24.15 -5.76 -14.72
N GLN H 233 24.36 -7.04 -14.99
CA GLN H 233 23.46 -7.82 -15.83
C GLN H 233 22.46 -8.55 -14.94
N ALA H 234 21.16 -8.26 -15.14
CA ALA H 234 20.11 -8.83 -14.32
C ALA H 234 18.87 -9.09 -15.18
N GLY H 235 18.03 -9.99 -14.70
CA GLY H 235 16.78 -10.30 -15.36
C GLY H 235 16.45 -11.77 -15.40
N LEU H 236 15.18 -12.10 -15.58
CA LEU H 236 14.76 -13.49 -15.72
C LEU H 236 15.25 -14.07 -17.04
N GLN H 237 15.64 -15.33 -17.01
CA GLN H 237 16.12 -16.00 -18.21
C GLN H 237 14.95 -16.51 -19.05
N LYS H 238 15.28 -17.01 -20.24
CA LYS H 238 14.27 -17.57 -21.12
C LYS H 238 13.70 -18.85 -20.53
N PRO H 239 12.51 -19.27 -20.97
CA PRO H 239 11.91 -20.50 -20.43
C PRO H 239 12.82 -21.70 -20.61
N LEU H 240 12.82 -22.57 -19.60
CA LEU H 240 13.71 -23.72 -19.56
C LEU H 240 13.16 -24.86 -20.40
N THR H 241 14.03 -25.85 -20.64
CA THR H 241 13.66 -27.05 -21.38
C THR H 241 13.50 -28.20 -20.41
N PRO H 242 12.31 -28.75 -20.23
CA PRO H 242 12.13 -29.86 -19.28
C PRO H 242 12.69 -31.17 -19.84
N ILE H 243 12.79 -32.15 -18.94
CA ILE H 243 13.25 -33.48 -19.33
C ILE H 243 12.15 -34.18 -20.11
N GLU H 244 12.52 -34.78 -21.24
CA GLU H 244 11.58 -35.48 -22.11
C GLU H 244 12.05 -36.89 -22.41
N THR H 245 12.88 -37.45 -21.54
CA THR H 245 13.33 -38.83 -21.71
C THR H 245 12.24 -39.79 -21.28
N GLU H 246 12.33 -41.02 -21.77
CA GLU H 246 11.33 -42.03 -21.47
C GLU H 246 11.38 -42.42 -20.00
N GLY H 247 10.21 -42.53 -19.38
CA GLY H 247 10.10 -42.96 -18.00
C GLY H 247 9.81 -41.85 -17.01
N THR H 248 9.95 -40.60 -17.40
CA THR H 248 9.67 -39.51 -16.48
C THR H 248 8.19 -39.16 -16.52
N VAL H 249 7.76 -38.38 -15.53
CA VAL H 249 6.35 -38.02 -15.41
C VAL H 249 5.94 -37.10 -16.55
N GLY H 250 4.91 -37.49 -17.29
CA GLY H 250 4.41 -36.67 -18.37
C GLY H 250 5.03 -36.95 -19.72
N VAL H 251 5.27 -38.22 -20.05
CA VAL H 251 5.90 -38.60 -21.32
C VAL H 251 4.91 -39.53 -22.02
N GLY H 252 5.33 -40.16 -23.12
CA GLY H 252 4.42 -40.79 -24.06
C GLY H 252 3.66 -42.03 -23.60
N LYS H 253 3.35 -42.90 -24.56
CA LYS H 253 2.34 -43.93 -24.36
C LYS H 253 2.64 -44.86 -23.19
N GLU H 254 3.92 -45.14 -22.96
CA GLU H 254 4.33 -46.08 -21.91
C GLU H 254 4.65 -45.30 -20.64
N ASN H 255 3.88 -45.55 -19.58
CA ASN H 255 4.07 -44.81 -18.34
C ASN H 255 3.37 -45.56 -17.19
N VAL H 256 3.36 -44.94 -16.02
CA VAL H 256 2.62 -45.44 -14.86
C VAL H 256 1.82 -44.29 -14.28
N THR H 257 0.58 -44.57 -13.90
CA THR H 257 -0.27 -43.58 -13.25
C THR H 257 -0.69 -44.11 -11.90
N THR H 258 -0.40 -43.35 -10.84
CA THR H 258 -0.70 -43.77 -9.48
C THR H 258 -1.59 -42.74 -8.81
N GLU H 259 -2.67 -43.22 -8.20
CA GLU H 259 -3.60 -42.37 -7.45
C GLU H 259 -3.69 -42.86 -6.02
N LEU H 260 -3.66 -41.93 -5.08
CA LEU H 260 -3.68 -42.25 -3.65
C LEU H 260 -5.13 -42.39 -3.18
N ASN H 261 -5.56 -43.63 -2.97
CA ASN H 261 -6.91 -43.88 -2.49
C ASN H 261 -7.05 -43.57 -1.00
N GLY H 262 -5.97 -43.68 -0.24
CA GLY H 262 -6.01 -43.39 1.18
C GLY H 262 -4.74 -43.81 1.91
N GLY H 263 -4.39 -43.11 2.98
CA GLY H 263 -3.20 -43.42 3.72
C GLY H 263 -3.36 -43.12 5.19
N VAL H 264 -2.61 -43.85 6.02
CA VAL H 264 -2.60 -43.66 7.46
C VAL H 264 -1.16 -43.58 7.92
N TYR H 265 -0.85 -42.60 8.77
CA TYR H 265 0.47 -42.49 9.37
C TYR H 265 0.35 -42.45 10.89
N LYS H 266 1.21 -43.22 11.55
CA LYS H 266 1.19 -43.31 13.01
C LYS H 266 1.76 -42.05 13.65
N VAL H 267 1.20 -41.67 14.79
CA VAL H 267 1.65 -40.51 15.55
C VAL H 267 1.84 -40.93 17.00
N PRO H 268 3.06 -40.94 17.53
CA PRO H 268 4.33 -40.52 16.92
C PRO H 268 5.15 -41.70 16.38
N GLY H 269 4.54 -42.61 15.63
CA GLY H 269 5.27 -43.73 15.07
C GLY H 269 6.09 -43.34 13.86
N ARG H 270 6.74 -44.35 13.28
CA ARG H 270 7.60 -44.17 12.12
C ARG H 270 7.02 -44.75 10.84
N GLU H 271 5.74 -45.13 10.84
CA GLU H 271 5.14 -45.84 9.74
C GLU H 271 4.24 -44.94 8.90
N LEU H 272 3.97 -45.40 7.68
CA LEU H 272 3.03 -44.74 6.78
C LEU H 272 2.54 -45.79 5.80
N THR H 273 1.28 -46.19 5.94
CA THR H 273 0.66 -47.17 5.05
C THR H 273 -0.30 -46.45 4.11
N ILE H 274 -0.12 -46.65 2.82
CA ILE H 274 -0.91 -45.97 1.81
C ILE H 274 -1.49 -46.98 0.84
N ASN H 275 -2.61 -46.61 0.21
CA ASN H 275 -3.28 -47.42 -0.79
C ASN H 275 -3.14 -46.73 -2.13
N VAL H 276 -2.60 -47.45 -3.11
CA VAL H 276 -2.25 -46.87 -4.41
C VAL H 276 -2.97 -47.63 -5.50
N LYS H 277 -3.75 -46.90 -6.30
CA LYS H 277 -4.30 -47.45 -7.54
C LYS H 277 -3.31 -47.17 -8.66
N VAL H 278 -2.79 -48.25 -9.26
CA VAL H 278 -1.72 -48.18 -10.24
C VAL H 278 -2.28 -48.64 -11.57
N LYS H 279 -2.13 -47.81 -12.60
CA LYS H 279 -2.42 -48.16 -13.97
C LYS H 279 -1.09 -48.22 -14.73
N ASN H 280 -0.83 -49.37 -15.35
CA ASN H 280 0.43 -49.62 -16.04
C ASN H 280 0.20 -49.48 -17.54
N ASN H 281 0.67 -48.37 -18.10
CA ASN H 281 0.58 -48.11 -19.54
C ASN H 281 1.93 -48.35 -20.22
N THR H 282 2.65 -49.37 -19.81
CA THR H 282 3.86 -49.84 -20.48
C THR H 282 3.60 -51.24 -21.03
N SER H 283 4.61 -51.79 -21.70
CA SER H 283 4.50 -53.10 -22.34
C SER H 283 5.10 -54.22 -21.52
N GLN H 284 5.61 -53.93 -20.31
CA GLN H 284 6.28 -54.93 -19.50
C GLN H 284 5.77 -54.86 -18.07
N PRO H 285 5.76 -55.99 -17.36
CA PRO H 285 5.36 -55.97 -15.95
C PRO H 285 6.33 -55.14 -15.11
N LEU H 286 5.79 -54.44 -14.12
CA LEU H 286 6.57 -53.52 -13.32
C LEU H 286 6.43 -53.85 -11.83
N ARG H 287 7.51 -53.63 -11.09
CA ARG H 287 7.53 -53.76 -9.65
C ARG H 287 7.91 -52.42 -9.03
N LEU H 288 7.17 -52.00 -8.01
CA LEU H 288 7.47 -50.76 -7.32
C LEU H 288 8.76 -50.93 -6.52
N GLY H 289 9.73 -50.05 -6.76
CA GLY H 289 11.02 -50.20 -6.14
C GLY H 289 11.42 -49.09 -5.20
N GLU H 290 10.77 -47.94 -5.29
CA GLU H 290 11.18 -46.79 -4.50
C GLU H 290 10.03 -45.82 -4.31
N TYR H 291 9.97 -45.22 -3.12
CA TYR H 291 9.14 -44.06 -2.85
C TYR H 291 10.07 -42.89 -2.51
N THR H 292 9.80 -41.74 -3.11
CA THR H 292 10.64 -40.57 -2.96
C THR H 292 9.90 -39.51 -2.14
N ALA H 293 10.62 -38.90 -1.22
CA ALA H 293 10.16 -37.94 -0.24
C ALA H 293 10.86 -36.60 -0.50
N ALA H 294 10.86 -35.74 0.52
CA ALA H 294 11.47 -34.42 0.47
C ALA H 294 12.96 -34.49 0.12
N GLY H 295 13.47 -35.69 -0.12
CA GLY H 295 14.88 -35.94 -0.36
C GLY H 295 15.26 -37.30 0.16
N LEU H 296 14.33 -37.92 0.88
CA LEU H 296 14.48 -39.27 1.40
C LEU H 296 14.12 -40.29 0.32
N ARG H 297 14.68 -41.49 0.46
CA ARG H 297 14.43 -42.60 -0.46
C ARG H 297 14.06 -43.83 0.35
N PHE H 298 12.90 -44.40 0.07
CA PHE H 298 12.44 -45.63 0.72
C PHE H 298 12.42 -46.72 -0.35
N LEU H 299 13.38 -47.63 -0.28
CA LEU H 299 13.62 -48.59 -1.34
C LEU H 299 13.01 -49.95 -1.00
N ASN H 300 12.55 -50.64 -2.04
CA ASN H 300 12.07 -52.00 -1.88
C ASN H 300 13.27 -52.95 -1.91
N PRO H 301 13.54 -53.68 -0.82
CA PRO H 301 14.72 -54.57 -0.81
C PRO H 301 14.61 -55.71 -1.80
N ASP H 302 13.41 -56.04 -2.28
CA ASP H 302 13.27 -57.05 -3.32
C ASP H 302 13.69 -56.51 -4.68
N VAL H 303 13.51 -55.21 -4.91
CA VAL H 303 13.97 -54.57 -6.14
C VAL H 303 15.40 -54.08 -6.02
N PHE H 304 15.69 -53.36 -4.93
CA PHE H 304 17.04 -52.86 -4.67
C PHE H 304 17.76 -53.84 -3.76
N THR H 305 18.26 -54.93 -4.37
CA THR H 305 18.97 -55.94 -3.61
C THR H 305 20.23 -55.39 -2.97
N THR H 306 20.97 -54.54 -3.69
CA THR H 306 22.16 -53.88 -3.17
C THR H 306 21.87 -52.39 -3.06
N LYS H 307 22.17 -51.81 -1.90
CA LYS H 307 21.88 -50.40 -1.68
C LYS H 307 22.76 -49.54 -2.58
N PRO H 308 22.24 -48.44 -3.11
CA PRO H 308 23.02 -47.57 -3.99
C PRO H 308 23.91 -46.63 -3.19
N ASP H 309 24.66 -45.81 -3.92
CA ASP H 309 25.56 -44.82 -3.32
C ASP H 309 24.77 -43.53 -3.08
N PHE H 310 24.21 -43.42 -1.90
CA PHE H 310 23.44 -42.27 -1.47
C PHE H 310 23.84 -41.89 -0.05
N PRO H 311 23.65 -40.62 0.32
CA PRO H 311 23.90 -40.23 1.72
C PRO H 311 23.12 -41.10 2.70
N ASP H 312 23.77 -41.45 3.80
CA ASP H 312 23.20 -42.42 4.73
C ASP H 312 21.96 -41.88 5.42
N TYR H 313 21.90 -40.58 5.69
CA TYR H 313 20.80 -40.02 6.45
C TYR H 313 19.51 -39.88 5.65
N LEU H 314 19.53 -40.16 4.35
CA LEU H 314 18.34 -40.11 3.53
C LEU H 314 18.01 -41.43 2.85
N LEU H 315 18.83 -42.45 3.01
CA LEU H 315 18.69 -43.71 2.27
C LEU H 315 18.10 -44.77 3.19
N ALA H 316 16.85 -45.15 2.91
CA ALA H 316 16.17 -46.26 3.59
C ALA H 316 16.14 -47.42 2.61
N ASP H 317 17.18 -48.25 2.62
CA ASP H 317 17.29 -49.35 1.68
C ASP H 317 16.26 -50.44 1.94
N ARG H 318 15.63 -50.44 3.11
CA ARG H 318 14.59 -51.42 3.45
C ARG H 318 13.29 -50.75 3.86
N GLY H 319 13.08 -49.50 3.48
CA GLY H 319 11.96 -48.73 4.00
C GLY H 319 10.63 -49.01 3.33
N LEU H 320 10.65 -49.59 2.13
CA LEU H 320 9.44 -49.83 1.36
C LEU H 320 9.15 -51.32 1.29
N SER H 321 7.92 -51.70 1.59
CA SER H 321 7.49 -53.09 1.50
C SER H 321 6.15 -53.16 0.79
N VAL H 322 6.07 -54.03 -0.22
CA VAL H 322 4.86 -54.26 -1.00
C VAL H 322 4.77 -55.76 -1.29
N ASP H 323 3.71 -56.14 -2.01
CA ASP H 323 3.60 -57.52 -2.45
C ASP H 323 4.61 -57.82 -3.55
N ALA H 324 4.95 -59.11 -3.67
CA ALA H 324 5.96 -59.55 -4.63
C ALA H 324 5.36 -59.94 -5.98
N THR H 325 4.22 -59.37 -6.34
CA THR H 325 3.55 -59.69 -7.60
C THR H 325 3.74 -58.54 -8.57
N PRO H 326 4.37 -58.76 -9.73
CA PRO H 326 4.50 -57.69 -10.71
C PRO H 326 3.16 -57.30 -11.30
N ILE H 327 3.05 -56.03 -11.66
CA ILE H 327 1.83 -55.48 -12.25
C ILE H 327 1.91 -55.67 -13.76
N ALA H 328 1.03 -56.53 -14.29
CA ALA H 328 1.07 -56.87 -15.70
C ALA H 328 0.77 -55.65 -16.57
N PRO H 329 1.26 -55.62 -17.81
CA PRO H 329 0.98 -54.48 -18.68
C PRO H 329 -0.52 -54.29 -18.91
N GLY H 330 -0.94 -53.03 -18.91
CA GLY H 330 -2.34 -52.73 -19.13
C GLY H 330 -3.27 -53.15 -18.01
N GLU H 331 -2.74 -53.39 -16.81
CA GLU H 331 -3.52 -53.87 -15.69
C GLU H 331 -3.61 -52.79 -14.62
N ALA H 332 -4.83 -52.52 -14.16
CA ALA H 332 -5.07 -51.59 -13.07
C ALA H 332 -5.19 -52.39 -11.77
N LYS H 333 -4.34 -52.08 -10.80
CA LYS H 333 -4.26 -52.85 -9.57
C LYS H 333 -4.20 -51.93 -8.37
N GLU H 334 -4.86 -52.31 -7.29
CA GLU H 334 -4.80 -51.59 -6.03
C GLU H 334 -3.81 -52.30 -5.11
N ILE H 335 -2.78 -51.58 -4.65
CA ILE H 335 -1.73 -52.15 -3.84
C ILE H 335 -1.62 -51.37 -2.54
N VAL H 336 -1.08 -52.04 -1.53
CA VAL H 336 -0.88 -51.45 -0.20
C VAL H 336 0.63 -51.30 0.00
N VAL H 337 1.08 -50.06 0.12
CA VAL H 337 2.49 -49.73 0.25
C VAL H 337 2.77 -49.32 1.69
N LYS H 338 3.75 -49.98 2.31
CA LYS H 338 4.16 -49.68 3.67
C LYS H 338 5.52 -49.00 3.65
N ILE H 339 5.60 -47.83 4.28
CA ILE H 339 6.86 -47.12 4.47
C ILE H 339 7.18 -47.17 5.95
N GLN H 340 8.34 -47.73 6.30
CA GLN H 340 8.71 -47.91 7.69
C GLN H 340 10.21 -47.70 7.83
N ASP H 341 10.61 -46.58 8.43
CA ASP H 341 12.01 -46.32 8.70
C ASP H 341 12.12 -45.26 9.78
N ALA H 342 13.21 -45.31 10.55
CA ALA H 342 13.47 -44.29 11.55
C ALA H 342 13.79 -42.95 10.89
N ARG H 343 14.21 -42.97 9.62
CA ARG H 343 14.48 -41.71 8.92
C ARG H 343 13.21 -40.91 8.69
N TRP H 344 12.05 -41.57 8.63
CA TRP H 344 10.79 -40.85 8.54
C TRP H 344 10.56 -39.99 9.78
N ASP H 345 11.02 -40.44 10.94
CA ASP H 345 10.89 -39.70 12.19
C ASP H 345 12.02 -38.70 12.38
N ILE H 346 13.25 -39.07 12.03
CA ILE H 346 14.40 -38.19 12.23
C ILE H 346 14.26 -36.94 11.36
N GLU H 347 13.84 -37.11 10.11
CA GLU H 347 13.66 -35.99 9.20
C GLU H 347 12.37 -35.22 9.46
N ARG H 348 11.65 -35.56 10.52
CA ARG H 348 10.45 -34.84 10.95
C ARG H 348 9.36 -34.84 9.89
N LEU H 349 9.30 -35.92 9.10
CA LEU H 349 8.13 -36.14 8.26
C LEU H 349 6.95 -36.66 9.06
N SER H 350 7.20 -37.16 10.27
CA SER H 350 6.14 -37.58 11.19
C SER H 350 5.43 -36.40 11.83
N ASP H 351 5.97 -35.19 11.69
CA ASP H 351 5.33 -33.98 12.20
C ASP H 351 4.20 -33.50 11.29
N LEU H 352 3.72 -34.36 10.38
CA LEU H 352 2.60 -34.02 9.52
C LEU H 352 1.37 -33.63 10.33
N ALA H 353 1.23 -34.19 11.53
CA ALA H 353 0.08 -33.88 12.38
C ALA H 353 0.12 -32.47 12.93
N TYR H 354 1.25 -31.76 12.81
CA TYR H 354 1.34 -30.37 13.22
C TYR H 354 0.95 -29.40 12.11
N ASP H 355 0.85 -29.87 10.87
CA ASP H 355 0.60 -28.99 9.74
C ASP H 355 -0.88 -28.69 9.60
N THR H 356 -1.19 -27.65 8.83
CA THR H 356 -2.56 -27.30 8.50
C THR H 356 -3.08 -28.01 7.27
N ASP H 357 -2.29 -28.89 6.67
CA ASP H 357 -2.72 -29.72 5.54
C ASP H 357 -2.04 -31.08 5.69
N SER H 358 -2.81 -32.07 6.13
CA SER H 358 -2.29 -33.41 6.37
C SER H 358 -2.30 -34.20 5.05
N GLN H 359 -1.30 -33.88 4.22
CA GLN H 359 -1.16 -34.50 2.91
C GLN H 359 0.27 -34.98 2.72
N ILE H 360 0.42 -36.00 1.89
CA ILE H 360 1.73 -36.50 1.47
C ILE H 360 1.89 -36.27 -0.02
N GLY H 361 3.13 -36.33 -0.48
CA GLY H 361 3.43 -36.21 -1.88
C GLY H 361 4.81 -36.76 -2.17
N GLY H 362 5.04 -37.09 -3.43
CA GLY H 362 6.34 -37.62 -3.83
C GLY H 362 6.24 -38.38 -5.15
N LEU H 363 7.29 -39.15 -5.41
CA LEU H 363 7.40 -39.92 -6.65
C LEU H 363 7.51 -41.41 -6.33
N LEU H 364 6.86 -42.23 -7.14
CA LEU H 364 6.97 -43.67 -7.09
C LEU H 364 7.67 -44.15 -8.36
N PHE H 365 8.68 -44.99 -8.20
CA PHE H 365 9.43 -45.56 -9.32
C PHE H 365 9.10 -47.03 -9.47
N PHE H 366 8.80 -47.44 -10.70
CA PHE H 366 8.50 -48.82 -11.05
C PHE H 366 9.58 -49.31 -12.00
N PHE H 367 9.93 -50.59 -11.87
CA PHE H 367 11.05 -51.16 -12.61
C PHE H 367 10.62 -52.40 -13.37
N SER H 368 11.18 -52.57 -14.55
CA SER H 368 10.92 -53.70 -15.43
C SER H 368 11.88 -54.83 -15.13
N PRO H 369 11.66 -56.02 -15.71
CA PRO H 369 12.67 -57.07 -15.59
C PRO H 369 14.04 -56.68 -16.10
N ASP H 370 14.12 -55.82 -17.12
CA ASP H 370 15.40 -55.37 -17.64
C ASP H 370 15.90 -54.09 -16.97
N GLY H 371 15.19 -53.59 -15.96
CA GLY H 371 15.68 -52.48 -15.17
C GLY H 371 15.27 -51.11 -15.64
N LYS H 372 14.35 -51.00 -16.60
CA LYS H 372 13.88 -49.70 -17.05
C LYS H 372 12.97 -49.08 -15.99
N ARG H 373 13.15 -47.79 -15.74
CA ARG H 373 12.48 -47.10 -14.65
C ARG H 373 11.39 -46.19 -15.17
N TYR H 374 10.23 -46.23 -14.52
CA TYR H 374 9.09 -45.38 -14.85
C TYR H 374 8.67 -44.63 -13.59
N ALA H 375 8.55 -43.31 -13.70
CA ALA H 375 8.21 -42.47 -12.57
C ALA H 375 6.76 -42.04 -12.64
N SER H 376 6.10 -42.00 -11.47
CA SER H 376 4.76 -41.48 -11.35
C SER H 376 4.69 -40.60 -10.11
N GLU H 377 3.78 -39.63 -10.13
CA GLU H 377 3.62 -38.70 -9.03
C GLU H 377 2.46 -39.15 -8.14
N ILE H 378 2.72 -39.29 -6.84
CA ILE H 378 1.69 -39.67 -5.89
C ILE H 378 1.53 -38.54 -4.88
N GLY H 379 0.31 -38.35 -4.39
CA GLY H 379 0.05 -37.35 -3.38
C GLY H 379 -1.41 -37.34 -3.02
N GLY H 380 -1.68 -36.80 -1.83
CA GLY H 380 -3.04 -36.69 -1.34
C GLY H 380 -3.14 -36.74 0.16
N PRO H 381 -4.37 -36.63 0.67
CA PRO H 381 -4.55 -36.55 2.12
C PRO H 381 -4.30 -37.89 2.81
N VAL H 382 -3.82 -37.79 4.06
CA VAL H 382 -3.56 -38.95 4.90
C VAL H 382 -4.16 -38.70 6.27
N ILE H 383 -4.35 -39.77 7.02
CA ILE H 383 -5.05 -39.75 8.30
C ILE H 383 -4.05 -40.09 9.40
N PRO H 384 -3.96 -39.30 10.48
CA PRO H 384 -3.07 -39.65 11.59
C PRO H 384 -3.73 -40.64 12.54
N LYS H 385 -3.01 -41.71 12.86
CA LYS H 385 -3.45 -42.70 13.84
C LYS H 385 -2.70 -42.40 15.14
N PHE H 386 -3.44 -41.90 16.13
CA PHE H 386 -2.84 -41.49 17.40
C PHE H 386 -2.66 -42.72 18.28
N VAL H 387 -1.42 -42.98 18.68
CA VAL H 387 -1.08 -44.16 19.48
C VAL H 387 -0.30 -43.70 20.71
N ALA H 388 -0.36 -44.53 21.74
CA ALA H 388 0.36 -44.24 22.99
C ALA H 388 1.27 -45.39 23.38
N GLU I 1 -36.42 21.46 46.30
CA GLU I 1 -36.83 20.37 47.18
C GLU I 1 -36.39 19.02 46.62
N SER I 2 -36.42 18.89 45.30
CA SER I 2 -36.07 17.64 44.61
C SER I 2 -34.91 17.91 43.66
N VAL I 3 -33.70 17.75 44.16
CA VAL I 3 -32.50 17.89 43.33
C VAL I 3 -32.40 16.77 42.31
N VAL I 4 -32.64 15.54 42.73
CA VAL I 4 -32.57 14.38 41.84
C VAL I 4 -33.97 13.86 41.57
N ASP I 5 -34.55 14.30 40.46
CA ASP I 5 -35.84 13.80 39.98
C ASP I 5 -35.56 13.01 38.70
N LEU I 6 -35.73 11.70 38.75
CA LEU I 6 -35.33 10.81 37.68
C LEU I 6 -36.50 10.39 36.80
N ARG I 7 -37.65 11.07 36.89
CA ARG I 7 -38.81 10.66 36.12
C ARG I 7 -38.56 10.72 34.63
N GLY I 8 -37.89 11.78 34.16
CA GLY I 8 -37.60 11.90 32.74
C GLY I 8 -36.69 10.79 32.24
N MET I 9 -35.65 10.47 33.01
CA MET I 9 -34.74 9.40 32.61
C MET I 9 -35.46 8.06 32.56
N TRP I 10 -36.29 7.77 33.55
CA TRP I 10 -37.03 6.51 33.56
C TRP I 10 -37.99 6.43 32.37
N ILE I 11 -38.70 7.52 32.10
CA ILE I 11 -39.62 7.54 30.97
C ILE I 11 -38.89 7.30 29.67
N GLY I 12 -37.76 8.00 29.46
CA GLY I 12 -37.01 7.84 28.23
C GLY I 12 -36.46 6.43 28.07
N LEU I 13 -35.91 5.87 29.16
CA LEU I 13 -35.38 4.51 29.10
C LEU I 13 -36.47 3.50 28.78
N VAL I 14 -37.62 3.62 29.44
CA VAL I 14 -38.71 2.67 29.20
C VAL I 14 -39.19 2.78 27.77
N LEU I 15 -39.40 4.00 27.28
CA LEU I 15 -39.88 4.18 25.91
C LEU I 15 -38.90 3.61 24.89
N LEU I 16 -37.61 3.95 25.05
CA LEU I 16 -36.62 3.50 24.08
C LEU I 16 -36.48 1.98 24.10
N ASN I 17 -36.45 1.37 25.28
CA ASN I 17 -36.26 -0.07 25.35
C ASN I 17 -37.48 -0.82 24.83
N VAL I 18 -38.69 -0.33 25.14
CA VAL I 18 -39.90 -0.96 24.61
C VAL I 18 -39.93 -0.84 23.09
N PHE I 19 -39.58 0.33 22.56
CA PHE I 19 -39.57 0.52 21.11
C PHE I 19 -38.58 -0.43 20.44
N TYR I 20 -37.38 -0.58 21.02
CA TYR I 20 -36.39 -1.45 20.41
C TYR I 20 -36.78 -2.92 20.54
N LEU I 21 -37.45 -3.31 21.63
CA LEU I 21 -37.96 -4.68 21.73
C LEU I 21 -39.02 -4.93 20.67
N ILE I 22 -39.91 -3.97 20.44
CA ILE I 22 -40.91 -4.09 19.39
C ILE I 22 -40.24 -4.23 18.03
N VAL I 23 -39.20 -3.43 17.79
CA VAL I 23 -38.48 -3.48 16.52
C VAL I 23 -37.82 -4.84 16.34
N ARG I 24 -37.24 -5.39 17.41
CA ARG I 24 -36.59 -6.70 17.32
C ARG I 24 -37.62 -7.80 17.02
N ILE I 25 -38.79 -7.74 17.67
CA ILE I 25 -39.82 -8.74 17.40
C ILE I 25 -40.32 -8.61 15.97
N TYR I 26 -40.50 -7.39 15.49
CA TYR I 26 -40.91 -7.17 14.10
C TYR I 26 -39.86 -7.73 13.13
N GLU I 27 -38.58 -7.51 13.44
CA GLU I 27 -37.52 -8.07 12.61
C GLU I 27 -37.60 -9.59 12.58
N GLN I 28 -37.77 -10.21 13.75
CA GLN I 28 -37.88 -11.67 13.79
C GLN I 28 -39.05 -12.17 12.95
N VAL I 29 -40.19 -11.49 13.03
CA VAL I 29 -41.38 -11.96 12.32
C VAL I 29 -41.24 -11.75 10.82
N PHE I 30 -40.75 -10.59 10.38
CA PHE I 30 -40.84 -10.21 8.98
C PHE I 30 -39.49 -10.15 8.26
N GLY I 31 -38.42 -10.73 8.84
CA GLY I 31 -37.17 -10.75 8.11
C GLY I 31 -37.13 -11.76 6.98
N TRP I 32 -37.80 -12.90 7.15
CA TRP I 32 -37.83 -13.94 6.13
C TRP I 32 -39.05 -13.83 5.22
N ARG I 33 -40.19 -13.40 5.75
CA ARG I 33 -41.40 -13.29 4.94
C ARG I 33 -41.25 -12.25 3.84
N ALA I 34 -40.66 -11.10 4.14
CA ALA I 34 -40.62 -9.99 3.20
C ALA I 34 -39.25 -9.35 3.03
N GLY I 35 -38.27 -9.70 3.84
CA GLY I 35 -36.97 -9.06 3.74
C GLY I 35 -35.95 -9.77 2.87
N LEU I 36 -36.27 -10.97 2.38
CA LEU I 36 -35.29 -11.72 1.60
C LEU I 36 -35.14 -11.17 0.19
N ASP I 37 -36.24 -10.75 -0.43
CA ASP I 37 -36.23 -10.27 -1.80
C ASP I 37 -36.51 -8.77 -1.81
N SER I 38 -35.61 -8.01 -2.43
CA SER I 38 -35.75 -6.56 -2.50
C SER I 38 -36.71 -6.09 -3.58
N PHE I 39 -36.92 -6.88 -4.62
CA PHE I 39 -37.82 -6.52 -5.71
C PHE I 39 -39.24 -7.01 -5.51
N ALA I 40 -39.50 -7.74 -4.43
CA ALA I 40 -40.84 -8.24 -4.16
C ALA I 40 -41.75 -7.12 -3.63
N PRO I 41 -43.04 -7.18 -3.94
CA PRO I 41 -43.96 -6.17 -3.37
C PRO I 41 -44.04 -6.17 -1.87
N GLU I 42 -43.87 -7.33 -1.23
CA GLU I 42 -43.92 -7.39 0.23
C GLU I 42 -42.76 -6.63 0.86
N PHE I 43 -41.64 -6.52 0.15
CA PHE I 43 -40.54 -5.69 0.63
C PHE I 43 -40.96 -4.24 0.73
N GLN I 44 -41.66 -3.73 -0.30
CA GLN I 44 -42.19 -2.38 -0.23
C GLN I 44 -43.25 -2.26 0.87
N THR I 45 -44.09 -3.27 1.00
CA THR I 45 -45.19 -3.21 1.97
C THR I 45 -44.68 -3.17 3.41
N TYR I 46 -43.65 -3.96 3.72
CA TYR I 46 -43.27 -4.19 5.11
C TYR I 46 -41.95 -3.57 5.53
N TRP I 47 -41.12 -3.11 4.58
CA TRP I 47 -39.80 -2.61 4.96
C TRP I 47 -39.49 -1.22 4.42
N MET I 48 -39.95 -0.89 3.22
CA MET I 48 -39.68 0.45 2.68
C MET I 48 -40.54 1.51 3.34
N SER I 49 -41.76 1.14 3.77
CA SER I 49 -42.62 2.10 4.46
C SER I 49 -41.97 2.60 5.74
N ILE I 50 -41.28 1.71 6.47
CA ILE I 50 -40.58 2.12 7.67
C ILE I 50 -39.56 3.20 7.35
N LEU I 51 -38.78 3.01 6.28
CA LEU I 51 -37.79 4.01 5.88
C LEU I 51 -38.44 5.34 5.52
N TRP I 52 -39.44 5.29 4.63
CA TRP I 52 -40.06 6.51 4.14
C TRP I 52 -40.76 7.27 5.26
N THR I 53 -41.22 6.58 6.30
CA THR I 53 -41.83 7.26 7.43
C THR I 53 -40.80 7.75 8.44
N GLU I 54 -39.71 6.99 8.64
CA GLU I 54 -38.81 7.27 9.74
C GLU I 54 -37.80 8.36 9.44
N ILE I 55 -37.36 8.51 8.19
CA ILE I 55 -36.40 9.58 7.91
C ILE I 55 -37.03 10.96 8.19
N PRO I 56 -38.19 11.30 7.61
CA PRO I 56 -38.78 12.61 7.94
C PRO I 56 -39.13 12.75 9.41
N LEU I 57 -39.58 11.68 10.05
CA LEU I 57 -39.91 11.74 11.46
C LEU I 57 -38.67 12.04 12.30
N GLU I 58 -37.56 11.39 11.98
CA GLU I 58 -36.31 11.64 12.69
C GLU I 58 -35.86 13.08 12.52
N LEU I 59 -35.90 13.58 11.28
CA LEU I 59 -35.47 14.95 11.03
C LEU I 59 -36.34 15.95 11.78
N VAL I 60 -37.66 15.76 11.72
CA VAL I 60 -38.58 16.66 12.41
C VAL I 60 -38.37 16.61 13.91
N SER I 61 -38.17 15.41 14.46
CA SER I 61 -37.96 15.28 15.90
C SER I 61 -36.70 16.00 16.34
N GLY I 62 -35.61 15.82 15.60
CA GLY I 62 -34.37 16.50 15.97
C GLY I 62 -34.48 18.00 15.89
N LEU I 63 -35.05 18.51 14.79
CA LEU I 63 -35.19 19.95 14.63
C LEU I 63 -36.11 20.54 15.69
N GLY I 64 -37.22 19.86 15.98
CA GLY I 64 -38.14 20.36 17.00
C GLY I 64 -37.54 20.33 18.39
N LEU I 65 -36.78 19.28 18.71
CA LEU I 65 -36.14 19.22 20.02
C LEU I 65 -35.12 20.35 20.19
N ALA I 66 -34.29 20.57 19.16
CA ALA I 66 -33.33 21.67 19.25
C ALA I 66 -34.03 23.01 19.37
N GLY I 67 -35.07 23.23 18.56
CA GLY I 67 -35.79 24.50 18.62
C GLY I 67 -36.49 24.74 19.93
N TYR I 68 -37.09 23.69 20.51
CA TYR I 68 -37.77 23.84 21.79
C TYR I 68 -36.76 24.09 22.91
N LEU I 69 -35.62 23.40 22.88
CA LEU I 69 -34.61 23.63 23.90
C LEU I 69 -34.05 25.04 23.81
N TRP I 70 -33.84 25.54 22.59
CA TRP I 70 -33.32 26.90 22.45
C TRP I 70 -34.37 27.95 22.79
N LYS I 71 -35.65 27.67 22.52
CA LYS I 71 -36.70 28.65 22.77
C LYS I 71 -36.94 28.83 24.27
N THR I 72 -37.02 27.73 25.01
CA THR I 72 -37.23 27.76 26.45
C THR I 72 -35.95 27.94 27.23
N ARG I 73 -34.88 28.39 26.59
CA ARG I 73 -33.59 28.53 27.24
C ARG I 73 -33.64 29.60 28.33
N ASP I 74 -32.79 29.43 29.33
CA ASP I 74 -32.63 30.44 30.37
C ASP I 74 -31.88 31.63 29.79
N ARG I 75 -32.41 32.83 30.05
CA ARG I 75 -31.75 34.04 29.57
C ARG I 75 -30.74 34.58 30.57
N ASN I 76 -31.05 34.54 31.85
CA ASN I 76 -30.10 34.91 32.90
C ASN I 76 -29.50 33.64 33.47
N VAL I 77 -28.61 33.03 32.69
CA VAL I 77 -28.01 31.76 33.09
C VAL I 77 -27.05 31.96 34.26
N ASP I 78 -26.25 33.03 34.24
CA ASP I 78 -25.20 33.24 35.24
C ASP I 78 -25.76 33.49 36.63
N ALA I 79 -27.04 33.81 36.77
CA ALA I 79 -27.65 34.12 38.06
C ALA I 79 -28.42 32.91 38.62
N VAL I 80 -27.92 31.71 38.35
CA VAL I 80 -28.58 30.49 38.80
C VAL I 80 -28.08 30.12 40.19
N THR I 81 -29.01 29.69 41.04
CA THR I 81 -28.64 29.28 42.39
C THR I 81 -27.92 27.94 42.37
N PRO I 82 -27.09 27.66 43.38
CA PRO I 82 -26.37 26.37 43.39
C PRO I 82 -27.29 25.16 43.38
N ARG I 83 -28.43 25.23 44.06
CA ARG I 83 -29.35 24.10 44.08
C ARG I 83 -29.98 23.87 42.71
N GLU I 84 -30.43 24.95 42.06
CA GLU I 84 -30.99 24.83 40.72
C GLU I 84 -29.95 24.36 39.72
N GLU I 85 -28.71 24.83 39.85
CA GLU I 85 -27.65 24.37 38.97
C GLU I 85 -27.34 22.90 39.20
N MET I 86 -27.38 22.44 40.45
CA MET I 86 -27.19 21.02 40.72
C MET I 86 -28.30 20.19 40.11
N ARG I 87 -29.55 20.67 40.20
CA ARG I 87 -30.66 19.95 39.57
C ARG I 87 -30.49 19.91 38.05
N ARG I 88 -30.03 21.02 37.46
CA ARG I 88 -29.79 21.05 36.03
C ARG I 88 -28.69 20.07 35.62
N LEU I 89 -27.63 19.98 36.44
CA LEU I 89 -26.57 19.01 36.18
C LEU I 89 -27.10 17.59 36.26
N VAL I 90 -27.99 17.32 37.22
CA VAL I 90 -28.57 15.98 37.34
C VAL I 90 -29.41 15.65 36.11
N VAL I 91 -30.18 16.62 35.62
CA VAL I 91 -30.98 16.39 34.41
C VAL I 91 -30.08 16.15 33.21
N LEU I 92 -28.95 16.87 33.14
CA LEU I 92 -28.00 16.62 32.05
C LEU I 92 -27.41 15.22 32.16
N VAL I 93 -27.15 14.75 33.38
CA VAL I 93 -26.63 13.39 33.55
C VAL I 93 -27.69 12.37 33.12
N GLN I 94 -28.96 12.65 33.38
CA GLN I 94 -30.03 11.79 32.87
C GLN I 94 -30.04 11.76 31.34
N TRP I 95 -29.87 12.93 30.72
CA TRP I 95 -29.76 13.01 29.27
C TRP I 95 -28.62 12.12 28.77
N LEU I 96 -27.47 12.18 29.44
CA LEU I 96 -26.31 11.42 29.01
C LEU I 96 -26.51 9.92 29.25
N VAL I 97 -27.24 9.54 30.30
CA VAL I 97 -27.53 8.12 30.53
C VAL I 97 -28.39 7.57 29.41
N VAL I 98 -29.44 8.32 29.04
CA VAL I 98 -30.29 7.90 27.93
C VAL I 98 -29.47 7.86 26.64
N TYR I 99 -28.56 8.82 26.47
CA TYR I 99 -27.70 8.82 25.30
C TYR I 99 -26.81 7.58 25.25
N GLY I 100 -26.25 7.18 26.39
CA GLY I 100 -25.43 5.99 26.42
C GLY I 100 -26.22 4.73 26.11
N ILE I 101 -27.45 4.64 26.62
CA ILE I 101 -28.29 3.49 26.30
C ILE I 101 -28.59 3.45 24.80
N ALA I 102 -28.90 4.61 24.22
CA ALA I 102 -29.16 4.66 22.78
C ALA I 102 -27.91 4.32 21.98
N ILE I 103 -26.74 4.75 22.45
CA ILE I 103 -25.49 4.44 21.77
C ILE I 103 -25.24 2.93 21.80
N TYR I 104 -25.50 2.29 22.93
CA TYR I 104 -25.39 0.84 22.96
C TYR I 104 -26.35 0.19 21.97
N TRP I 105 -27.61 0.63 21.97
CA TRP I 105 -28.59 0.01 21.10
C TRP I 105 -28.22 0.15 19.63
N GLY I 106 -27.76 1.32 19.23
CA GLY I 106 -27.44 1.56 17.84
C GLY I 106 -26.10 1.03 17.39
N ALA I 107 -25.04 1.40 18.11
CA ALA I 107 -23.67 1.12 17.67
C ALA I 107 -23.23 -0.31 17.99
N SER I 108 -23.94 -1.03 18.85
CA SER I 108 -23.54 -2.37 19.25
C SER I 108 -24.51 -3.45 18.78
N PHE I 109 -25.79 -3.33 19.13
CA PHE I 109 -26.75 -4.38 18.86
C PHE I 109 -27.00 -4.53 17.36
N PHE I 110 -27.53 -3.48 16.73
CA PHE I 110 -27.94 -3.58 15.33
C PHE I 110 -26.75 -3.55 14.38
N THR I 111 -25.61 -2.99 14.79
CA THR I 111 -24.44 -2.96 13.93
C THR I 111 -23.91 -4.38 13.68
N GLU I 112 -23.93 -5.24 14.69
CA GLU I 112 -23.52 -6.62 14.51
C GLU I 112 -24.67 -7.52 14.04
N GLN I 113 -25.90 -7.14 14.32
CA GLN I 113 -27.03 -7.86 13.70
C GLN I 113 -26.81 -7.71 12.19
N ASP I 114 -26.07 -6.71 11.77
CA ASP I 114 -25.76 -6.43 10.35
C ASP I 114 -24.83 -7.54 9.89
N GLY I 115 -23.79 -7.82 10.68
CA GLY I 115 -22.81 -8.85 10.36
C GLY I 115 -23.48 -10.18 10.22
N THR I 116 -24.50 -10.41 11.00
CA THR I 116 -25.11 -11.74 10.91
C THR I 116 -26.11 -11.81 9.76
N TRP I 117 -26.92 -10.75 9.57
CA TRP I 117 -27.87 -10.74 8.47
C TRP I 117 -27.15 -10.78 7.12
N HIS I 118 -26.06 -10.04 6.98
CA HIS I 118 -25.33 -10.05 5.72
C HIS I 118 -24.66 -11.40 5.49
N MET I 119 -24.32 -12.12 6.56
CA MET I 119 -23.77 -13.45 6.37
C MET I 119 -24.82 -14.48 6.03
N THR I 120 -26.08 -14.24 6.37
CA THR I 120 -27.12 -15.21 6.00
C THR I 120 -27.74 -14.96 4.63
N VAL I 121 -27.76 -13.72 4.15
CA VAL I 121 -28.44 -13.41 2.89
C VAL I 121 -27.41 -12.91 1.88
N ILE I 122 -27.82 -12.95 0.61
CA ILE I 122 -27.06 -12.36 -0.48
C ILE I 122 -27.56 -10.93 -0.67
N ARG I 123 -26.68 -9.96 -0.53
CA ARG I 123 -27.09 -8.56 -0.58
C ARG I 123 -27.57 -8.20 -1.98
N ASP I 124 -28.73 -7.56 -2.06
CA ASP I 124 -29.33 -7.19 -3.32
C ASP I 124 -29.72 -5.72 -3.40
N THR I 125 -29.55 -4.95 -2.33
CA THR I 125 -29.94 -3.55 -2.32
C THR I 125 -29.17 -2.83 -1.23
N ASP I 126 -29.15 -1.50 -1.33
CA ASP I 126 -28.53 -0.67 -0.31
C ASP I 126 -29.41 -0.50 0.93
N PHE I 127 -30.68 -0.90 0.84
CA PHE I 127 -31.61 -0.81 1.97
C PHE I 127 -32.09 -2.22 2.30
N THR I 128 -31.32 -2.94 3.08
CA THR I 128 -31.74 -4.21 3.63
C THR I 128 -32.46 -3.98 4.95
N PRO I 129 -33.27 -4.94 5.41
CA PRO I 129 -33.93 -4.75 6.71
C PRO I 129 -32.96 -4.44 7.84
N SER I 130 -31.81 -5.10 7.86
CA SER I 130 -30.78 -4.75 8.83
C SER I 130 -30.27 -3.33 8.61
N HIS I 131 -30.05 -2.95 7.34
CA HIS I 131 -29.62 -1.58 7.04
C HIS I 131 -30.70 -0.58 7.44
N ILE I 132 -31.96 -0.90 7.17
CA ILE I 132 -33.05 0.02 7.50
C ILE I 132 -33.13 0.24 9.00
N ILE I 133 -33.00 -0.83 9.78
CA ILE I 133 -33.08 -0.68 11.24
C ILE I 133 -31.82 -0.03 11.80
N GLU I 134 -30.66 -0.27 11.18
CA GLU I 134 -29.40 0.17 11.78
C GLU I 134 -29.04 1.59 11.38
N PHE I 135 -28.88 1.83 10.07
CA PHE I 135 -28.38 3.12 9.62
C PHE I 135 -29.43 4.21 9.70
N TYR I 136 -30.70 3.87 9.45
CA TYR I 136 -31.74 4.88 9.30
C TYR I 136 -32.70 4.95 10.48
N MET I 137 -32.52 4.11 11.50
CA MET I 137 -33.35 4.17 12.70
C MET I 137 -32.53 4.45 13.96
N SER I 138 -31.49 3.66 14.21
CA SER I 138 -30.80 3.72 15.50
C SER I 138 -29.82 4.88 15.57
N TYR I 139 -28.99 5.04 14.54
CA TYR I 139 -28.05 6.17 14.51
C TYR I 139 -28.77 7.51 14.56
N PRO I 140 -29.81 7.77 13.76
CA PRO I 140 -30.53 9.04 13.92
C PRO I 140 -31.17 9.20 15.29
N ILE I 141 -31.62 8.11 15.93
CA ILE I 141 -32.23 8.23 17.24
C ILE I 141 -31.20 8.69 18.27
N TYR I 142 -30.02 8.07 18.27
CA TYR I 142 -29.04 8.54 19.24
C TYR I 142 -28.47 9.90 18.85
N SER I 143 -28.50 10.26 17.57
CA SER I 143 -28.13 11.62 17.19
C SER I 143 -29.13 12.64 17.73
N VAL I 144 -30.41 12.32 17.69
CA VAL I 144 -31.42 13.20 18.28
C VAL I 144 -31.22 13.32 19.78
N ILE I 145 -30.92 12.21 20.45
CA ILE I 145 -30.70 12.27 21.89
C ILE I 145 -29.43 13.06 22.21
N ALA I 146 -28.39 12.94 21.38
CA ALA I 146 -27.19 13.74 21.56
C ALA I 146 -27.49 15.23 21.38
N VAL I 147 -28.31 15.56 20.38
CA VAL I 147 -28.72 16.96 20.19
C VAL I 147 -29.45 17.46 21.43
N GLY I 148 -30.36 16.65 21.96
CA GLY I 148 -31.08 17.06 23.16
C GLY I 148 -30.17 17.31 24.34
N ALA I 149 -29.23 16.39 24.58
CA ALA I 149 -28.30 16.56 25.70
C ALA I 149 -27.43 17.80 25.50
N PHE I 150 -26.87 17.97 24.30
CA PHE I 150 -26.00 19.10 24.02
C PHE I 150 -26.74 20.42 24.20
N PHE I 151 -27.96 20.52 23.68
CA PHE I 151 -28.67 21.79 23.75
C PHE I 151 -29.20 22.05 25.16
N TYR I 152 -29.57 21.01 25.92
CA TYR I 152 -29.93 21.23 27.31
C TYR I 152 -28.74 21.77 28.09
N ALA I 153 -27.56 21.17 27.88
CA ALA I 153 -26.36 21.67 28.57
C ALA I 153 -26.05 23.11 28.17
N LYS I 154 -26.18 23.42 26.88
CA LYS I 154 -25.86 24.76 26.40
C LYS I 154 -26.87 25.80 26.90
N THR I 155 -28.14 25.41 27.05
CA THR I 155 -29.19 26.36 27.36
C THR I 155 -29.53 26.45 28.85
N ARG I 156 -29.03 25.52 29.66
CA ARG I 156 -29.39 25.52 31.08
C ARG I 156 -28.22 25.74 32.02
N ILE I 157 -27.03 25.27 31.69
CA ILE I 157 -25.88 25.30 32.57
C ILE I 157 -24.94 26.41 32.12
N PRO I 158 -24.57 27.33 33.01
CA PRO I 158 -23.70 28.46 32.59
C PRO I 158 -22.35 28.03 32.03
N TYR I 159 -21.77 26.94 32.53
CA TYR I 159 -20.46 26.51 32.05
C TYR I 159 -20.51 26.14 30.57
N PHE I 160 -21.55 25.41 30.16
CA PHE I 160 -21.69 25.02 28.77
C PHE I 160 -22.31 26.12 27.90
N ALA I 161 -22.91 27.15 28.53
CA ALA I 161 -23.56 28.21 27.77
C ALA I 161 -22.54 29.17 27.16
N HIS I 162 -21.44 29.43 27.86
CA HIS I 162 -20.44 30.39 27.40
C HIS I 162 -19.34 29.62 26.69
N GLY I 163 -19.44 29.57 25.38
CA GLY I 163 -18.52 28.84 24.53
C GLY I 163 -19.06 27.48 24.17
N TYR I 164 -18.21 26.71 23.51
CA TYR I 164 -18.54 25.35 23.08
C TYR I 164 -17.56 24.37 23.70
N SER I 165 -18.09 23.38 24.41
CA SER I 165 -17.25 22.34 24.97
C SER I 165 -16.73 21.44 23.84
N LEU I 166 -15.41 21.29 23.77
CA LEU I 166 -14.82 20.47 22.72
C LEU I 166 -15.23 19.01 22.87
N ALA I 167 -15.20 18.49 24.10
CA ALA I 167 -15.59 17.10 24.33
C ALA I 167 -17.05 16.87 23.98
N PHE I 168 -17.93 17.82 24.35
CA PHE I 168 -19.34 17.69 24.00
C PHE I 168 -19.55 17.74 22.50
N LEU I 169 -18.84 18.64 21.81
CA LEU I 169 -18.94 18.69 20.35
C LEU I 169 -18.49 17.39 19.71
N ILE I 170 -17.39 16.83 20.19
CA ILE I 170 -16.90 15.57 19.63
C ILE I 170 -17.91 14.46 19.87
N VAL I 171 -18.36 14.31 21.12
CA VAL I 171 -19.27 13.21 21.45
C VAL I 171 -20.63 13.38 20.78
N ALA I 172 -21.00 14.60 20.38
CA ALA I 172 -22.27 14.80 19.72
C ALA I 172 -22.18 14.71 18.20
N ILE I 173 -21.04 15.03 17.61
CA ILE I 173 -20.90 15.07 16.16
C ILE I 173 -20.29 13.79 15.60
N GLY I 174 -19.24 13.27 16.25
CA GLY I 174 -18.54 12.12 15.73
C GLY I 174 -19.41 10.88 15.57
N PRO I 175 -20.13 10.48 16.62
CA PRO I 175 -21.08 9.38 16.45
C PRO I 175 -22.15 9.67 15.42
N PHE I 176 -22.55 10.93 15.26
CA PHE I 176 -23.46 11.29 14.19
C PHE I 176 -22.80 11.15 12.81
N MET I 177 -21.49 11.36 12.74
CA MET I 177 -20.78 11.33 11.47
C MET I 177 -20.75 9.94 10.85
N ILE I 178 -21.14 8.90 11.60
CA ILE I 178 -21.29 7.57 11.02
C ILE I 178 -22.42 7.55 10.00
N ILE I 179 -23.47 8.37 10.22
CA ILE I 179 -24.59 8.39 9.28
C ILE I 179 -24.18 8.83 7.89
N PRO I 180 -23.43 9.93 7.70
CA PRO I 180 -22.89 10.20 6.35
C PRO I 180 -21.94 9.13 5.86
N ASN I 181 -21.26 8.44 6.80
CA ASN I 181 -20.30 7.41 6.43
C ASN I 181 -20.97 6.19 5.81
N VAL I 182 -22.30 6.10 5.90
CA VAL I 182 -23.02 5.04 5.20
C VAL I 182 -22.80 5.14 3.69
N GLY I 183 -22.53 6.35 3.20
CA GLY I 183 -22.18 6.49 1.80
C GLY I 183 -20.91 5.75 1.43
N LEU I 184 -19.86 5.84 2.27
CA LEU I 184 -18.61 5.05 2.07
C LEU I 184 -18.86 3.54 2.25
N ASN I 185 -19.70 3.16 3.22
CA ASN I 185 -20.09 1.74 3.36
C ASN I 185 -20.67 1.26 2.02
N GLU I 186 -21.61 2.00 1.45
CA GLU I 186 -22.30 1.54 0.22
C GLU I 186 -21.32 1.53 -0.94
N TRP I 187 -20.44 2.52 -0.99
CA TRP I 187 -19.49 2.60 -2.10
C TRP I 187 -18.46 1.47 -2.04
N GLY I 188 -18.00 1.11 -0.85
CA GLY I 188 -16.96 0.07 -0.75
C GLY I 188 -17.49 -1.32 -0.98
N HIS I 189 -18.75 -1.58 -0.63
CA HIS I 189 -19.37 -2.93 -0.77
C HIS I 189 -19.90 -3.14 -2.19
N THR I 190 -19.70 -2.20 -3.11
CA THR I 190 -20.24 -2.29 -4.49
C THR I 190 -19.14 -2.14 -5.51
N PHE I 191 -18.06 -1.43 -5.19
CA PHE I 191 -16.93 -1.33 -6.11
C PHE I 191 -15.64 -1.87 -5.54
N TRP I 192 -15.30 -1.51 -4.31
CA TRP I 192 -13.96 -1.80 -3.79
C TRP I 192 -13.81 -3.27 -3.41
N PHE I 193 -14.62 -3.76 -2.48
CA PHE I 193 -14.49 -5.11 -1.97
C PHE I 193 -15.76 -5.89 -2.27
N MET I 194 -15.59 -7.09 -2.81
CA MET I 194 -16.70 -7.94 -3.24
C MET I 194 -17.09 -8.96 -2.19
N GLU I 195 -16.46 -8.92 -1.02
CA GLU I 195 -16.64 -9.94 0.01
C GLU I 195 -17.17 -9.31 1.28
N GLU I 196 -17.96 -10.09 2.02
CA GLU I 196 -18.57 -9.63 3.27
C GLU I 196 -17.63 -9.93 4.44
N LEU I 197 -16.56 -9.14 4.52
CA LEU I 197 -15.62 -9.21 5.63
C LEU I 197 -15.68 -7.90 6.42
N PHE I 198 -15.75 -8.01 7.75
CA PHE I 198 -15.89 -6.82 8.58
C PHE I 198 -14.59 -6.04 8.70
N VAL I 199 -13.45 -6.69 8.56
CA VAL I 199 -12.16 -6.03 8.77
C VAL I 199 -11.74 -5.33 7.48
N ALA I 200 -12.65 -5.26 6.51
CA ALA I 200 -12.35 -4.57 5.27
C ALA I 200 -12.09 -3.09 5.54
N PRO I 201 -11.08 -2.40 4.94
CA PRO I 201 -10.90 -0.98 5.21
C PRO I 201 -12.11 -0.09 4.95
N LEU I 202 -13.04 -0.55 4.11
CA LEU I 202 -14.26 0.23 3.76
C LEU I 202 -15.07 0.53 5.03
N HIS I 203 -14.70 -0.10 6.16
CA HIS I 203 -15.45 0.08 7.43
C HIS I 203 -14.58 0.81 8.44
N TRP I 204 -13.43 1.36 8.04
CA TRP I 204 -12.49 2.08 8.93
C TRP I 204 -13.12 3.39 9.37
N GLY I 205 -13.81 4.08 8.47
CA GLY I 205 -14.59 5.23 8.87
C GLY I 205 -15.54 4.91 10.02
N PHE I 206 -16.25 3.79 9.89
CA PHE I 206 -17.09 3.31 10.99
C PHE I 206 -16.29 3.25 12.28
N VAL I 207 -15.04 2.79 12.19
CA VAL I 207 -14.19 2.71 13.36
C VAL I 207 -13.85 4.11 13.86
N PHE I 208 -13.41 4.99 12.96
CA PHE I 208 -12.79 6.24 13.38
C PHE I 208 -13.75 7.10 14.20
N PHE I 209 -14.93 7.36 13.65
CA PHE I 209 -15.92 8.15 14.38
C PHE I 209 -16.45 7.42 15.61
N GLY I 210 -16.34 6.09 15.64
CA GLY I 210 -16.66 5.38 16.86
C GLY I 210 -15.78 5.82 18.01
N TRP I 211 -14.50 6.11 17.72
CA TRP I 211 -13.60 6.62 18.74
C TRP I 211 -14.16 7.88 19.39
N MET I 212 -14.96 8.65 18.65
CA MET I 212 -15.49 9.89 19.18
C MET I 212 -16.39 9.68 20.38
N ALA I 213 -16.89 8.45 20.58
CA ALA I 213 -17.66 8.16 21.79
C ALA I 213 -16.84 8.43 23.04
N LEU I 214 -15.51 8.23 22.97
CA LEU I 214 -14.65 8.47 24.11
C LEU I 214 -14.64 9.94 24.51
N GLY I 215 -15.16 10.82 23.66
CA GLY I 215 -15.30 12.22 24.02
C GLY I 215 -16.13 12.39 25.27
N VAL I 216 -17.00 11.42 25.55
CA VAL I 216 -17.81 11.49 26.77
C VAL I 216 -16.91 11.61 28.00
N PHE I 217 -15.70 11.03 27.95
CA PHE I 217 -14.75 11.16 29.05
C PHE I 217 -14.57 12.61 29.46
N GLY I 218 -14.43 13.51 28.49
CA GLY I 218 -14.30 14.92 28.82
C GLY I 218 -15.56 15.47 29.45
N VAL I 219 -16.71 15.15 28.86
CA VAL I 219 -17.97 15.79 29.28
C VAL I 219 -18.25 15.48 30.75
N VAL I 220 -18.13 14.21 31.12
CA VAL I 220 -18.34 13.81 32.52
C VAL I 220 -17.42 14.61 33.41
N LEU I 221 -16.14 14.74 33.03
CA LEU I 221 -15.21 15.52 33.83
C LEU I 221 -15.67 16.96 33.96
N GLN I 222 -16.14 17.55 32.85
CA GLN I 222 -16.65 18.92 32.92
C GLN I 222 -17.83 19.03 33.85
N ILE I 223 -18.63 17.97 33.98
CA ILE I 223 -19.70 17.99 34.96
C ILE I 223 -19.13 17.88 36.36
N LEU I 224 -18.13 17.00 36.56
CA LEU I 224 -17.64 16.72 37.91
C LEU I 224 -17.05 17.96 38.55
N MET I 225 -16.25 18.74 37.80
CA MET I 225 -15.75 20.00 38.32
C MET I 225 -16.91 20.89 38.76
N ARG I 226 -17.94 21.00 37.91
CA ARG I 226 -19.11 21.79 38.28
C ARG I 226 -19.76 21.24 39.54
N ILE I 227 -19.77 19.92 39.69
CA ILE I 227 -20.26 19.34 40.94
C ILE I 227 -19.33 19.74 42.09
N HIS I 228 -18.02 19.59 41.88
CA HIS I 228 -17.06 19.84 42.95
C HIS I 228 -17.19 21.27 43.47
N ALA I 229 -17.09 22.25 42.57
CA ALA I 229 -17.20 23.65 42.97
C ALA I 229 -18.56 23.96 43.59
N LEU I 230 -19.59 23.15 43.30
CA LEU I 230 -20.88 23.38 43.93
C LEU I 230 -20.90 22.89 45.36
N VAL I 231 -20.19 21.80 45.66
CA VAL I 231 -20.24 21.26 47.02
C VAL I 231 -19.53 22.18 48.00
N GLY I 232 -18.43 22.80 47.58
CA GLY I 232 -17.69 23.70 48.44
C GLY I 232 -16.72 22.95 49.34
N LYS I 233 -15.95 23.73 50.10
CA LYS I 233 -14.96 23.14 50.99
C LYS I 233 -15.62 22.30 52.08
N GLU I 234 -16.59 22.88 52.80
CA GLU I 234 -17.23 22.17 53.90
C GLU I 234 -17.88 20.89 53.41
N GLY I 235 -18.64 20.96 52.31
CA GLY I 235 -19.22 19.76 51.74
C GLY I 235 -18.17 18.75 51.34
N VAL I 236 -17.04 19.23 50.82
CA VAL I 236 -15.92 18.33 50.52
C VAL I 236 -15.46 17.65 51.79
N LYS I 237 -15.37 18.40 52.89
CA LYS I 237 -15.01 17.82 54.18
C LYS I 237 -16.00 16.73 54.58
N LEU I 238 -17.24 16.84 54.12
CA LEU I 238 -18.21 15.78 54.35
C LEU I 238 -17.91 14.57 53.49
N LEU I 239 -17.61 14.79 52.21
CA LEU I 239 -17.50 13.67 51.27
C LEU I 239 -16.19 12.93 51.41
N THR I 240 -15.09 13.66 51.61
CA THR I 240 -13.76 13.05 51.63
C THR I 240 -13.30 12.67 53.03
N GLU I 241 -14.13 12.83 54.05
CA GLU I 241 -13.77 12.45 55.41
C GLU I 241 -14.89 11.64 56.06
N GLU J 1 4.37 62.49 -2.12
CA GLU J 1 3.36 63.04 -3.01
C GLU J 1 2.61 61.94 -3.75
N SER J 2 3.31 60.87 -4.10
CA SER J 2 2.76 59.75 -4.85
C SER J 2 2.91 58.48 -4.02
N VAL J 3 1.91 58.17 -3.21
CA VAL J 3 1.91 56.95 -2.42
C VAL J 3 1.74 55.72 -3.31
N VAL J 4 0.82 55.79 -4.27
CA VAL J 4 0.58 54.68 -5.18
C VAL J 4 1.11 55.03 -6.57
N ASP J 5 2.33 54.61 -6.86
CA ASP J 5 2.93 54.73 -8.19
C ASP J 5 3.05 53.32 -8.77
N LEU J 6 2.26 53.04 -9.80
CA LEU J 6 2.14 51.69 -10.34
C LEU J 6 2.97 51.47 -11.59
N ARG J 7 3.92 52.37 -11.88
CA ARG J 7 4.69 52.25 -13.12
C ARG J 7 5.49 50.95 -13.15
N GLY J 8 6.10 50.58 -12.02
CA GLY J 8 6.87 49.34 -11.99
C GLY J 8 6.01 48.11 -12.22
N MET J 9 4.84 48.07 -11.59
CA MET J 9 3.94 46.94 -11.78
C MET J 9 3.48 46.84 -13.23
N TRP J 10 3.12 47.96 -13.83
CA TRP J 10 2.67 47.94 -15.23
C TRP J 10 3.79 47.49 -16.15
N ILE J 11 5.02 48.00 -15.92
CA ILE J 11 6.14 47.60 -16.75
C ILE J 11 6.40 46.11 -16.64
N GLY J 12 6.42 45.60 -15.41
CA GLY J 12 6.66 44.18 -15.21
C GLY J 12 5.58 43.31 -15.84
N LEU J 13 4.31 43.69 -15.68
CA LEU J 13 3.22 42.92 -16.26
C LEU J 13 3.30 42.91 -17.78
N VAL J 14 3.56 44.08 -18.38
CA VAL J 14 3.64 44.16 -19.83
C VAL J 14 4.79 43.31 -20.35
N LEU J 15 5.96 43.43 -19.72
CA LEU J 15 7.13 42.67 -20.18
C LEU J 15 6.88 41.17 -20.05
N LEU J 16 6.37 40.72 -18.91
CA LEU J 16 6.15 39.29 -18.70
C LEU J 16 5.11 38.73 -19.66
N ASN J 17 4.01 39.46 -19.86
CA ASN J 17 2.95 38.96 -20.73
C ASN J 17 3.39 38.95 -22.20
N VAL J 18 4.12 39.98 -22.63
CA VAL J 18 4.62 39.99 -24.00
C VAL J 18 5.62 38.86 -24.21
N PHE J 19 6.51 38.63 -23.24
CA PHE J 19 7.47 37.55 -23.35
C PHE J 19 6.77 36.20 -23.44
N TYR J 20 5.74 35.98 -22.62
CA TYR J 20 5.06 34.69 -22.66
C TYR J 20 4.24 34.51 -23.93
N LEU J 21 3.67 35.60 -24.47
CA LEU J 21 3.01 35.52 -25.77
C LEU J 21 3.99 35.15 -26.86
N ILE J 22 5.19 35.75 -26.84
CA ILE J 22 6.22 35.40 -27.82
C ILE J 22 6.60 33.93 -27.67
N VAL J 23 6.74 33.46 -26.43
CA VAL J 23 7.10 32.06 -26.19
C VAL J 23 6.01 31.13 -26.73
N ARG J 24 4.74 31.49 -26.52
CA ARG J 24 3.64 30.66 -27.01
C ARG J 24 3.63 30.61 -28.54
N ILE J 25 3.85 31.75 -29.19
CA ILE J 25 3.91 31.76 -30.65
C ILE J 25 5.07 30.93 -31.17
N TYR J 26 6.23 31.05 -30.50
CA TYR J 26 7.38 30.23 -30.88
C TYR J 26 7.09 28.75 -30.72
N GLU J 27 6.40 28.38 -29.63
CA GLU J 27 6.01 27.00 -29.43
C GLU J 27 5.11 26.52 -30.55
N GLN J 28 4.10 27.33 -30.91
CA GLN J 28 3.20 26.95 -31.99
C GLN J 28 3.96 26.74 -33.29
N VAL J 29 4.91 27.63 -33.59
CA VAL J 29 5.61 27.54 -34.86
C VAL J 29 6.57 26.35 -34.90
N PHE J 30 7.32 26.13 -33.82
CA PHE J 30 8.44 25.19 -33.85
C PHE J 30 8.23 23.93 -33.00
N GLY J 31 7.00 23.65 -32.57
CA GLY J 31 6.79 22.40 -31.85
C GLY J 31 6.80 21.17 -32.73
N TRP J 32 6.30 21.28 -33.95
CA TRP J 32 6.26 20.16 -34.89
C TRP J 32 7.47 20.11 -35.80
N ARG J 33 8.00 21.28 -36.19
CA ARG J 33 9.15 21.31 -37.10
C ARG J 33 10.38 20.69 -36.47
N ALA J 34 10.65 21.00 -35.19
CA ALA J 34 11.88 20.59 -34.56
C ALA J 34 11.72 19.94 -33.19
N GLY J 35 10.52 19.95 -32.61
CA GLY J 35 10.35 19.40 -31.28
C GLY J 35 9.91 17.95 -31.22
N LEU J 36 9.59 17.34 -32.37
CA LEU J 36 9.09 15.98 -32.36
C LEU J 36 10.20 14.96 -32.11
N ASP J 37 11.37 15.19 -32.69
CA ASP J 37 12.49 14.25 -32.58
C ASP J 37 13.59 14.88 -31.72
N SER J 38 14.00 14.16 -30.67
CA SER J 38 15.02 14.66 -29.76
C SER J 38 16.43 14.46 -30.29
N PHE J 39 16.65 13.49 -31.18
CA PHE J 39 17.97 13.22 -31.73
C PHE J 39 18.24 13.97 -33.04
N ALA J 40 17.27 14.72 -33.54
CA ALA J 40 17.46 15.47 -34.77
C ALA J 40 18.30 16.72 -34.52
N PRO J 41 19.09 17.15 -35.50
CA PRO J 41 19.87 18.39 -35.33
C PRO J 41 19.00 19.63 -35.13
N GLU J 42 17.80 19.66 -35.71
CA GLU J 42 16.93 20.82 -35.54
C GLU J 42 16.46 20.95 -34.10
N PHE J 43 16.40 19.84 -33.36
CA PHE J 43 16.10 19.92 -31.93
C PHE J 43 17.18 20.68 -31.19
N GLN J 44 18.45 20.41 -31.50
CA GLN J 44 19.54 21.17 -30.91
C GLN J 44 19.49 22.62 -31.36
N THR J 45 19.18 22.85 -32.64
CA THR J 45 19.19 24.20 -33.18
C THR J 45 18.11 25.08 -32.55
N TYR J 46 16.92 24.54 -32.34
CA TYR J 46 15.76 25.35 -32.00
C TYR J 46 15.25 25.19 -30.57
N TRP J 47 15.69 24.17 -29.85
CA TRP J 47 15.14 23.93 -28.51
C TRP J 47 16.19 23.79 -27.42
N MET J 48 17.35 23.19 -27.72
CA MET J 48 18.38 23.06 -26.69
C MET J 48 19.08 24.37 -26.42
N SER J 49 19.20 25.22 -27.45
CA SER J 49 19.82 26.54 -27.26
C SER J 49 19.07 27.36 -26.23
N ILE J 50 17.73 27.29 -26.24
CA ILE J 50 16.93 28.00 -25.27
C ILE J 50 17.30 27.56 -23.86
N LEU J 51 17.43 26.26 -23.63
CA LEU J 51 17.81 25.73 -22.32
C LEU J 51 19.19 26.23 -21.91
N TRP J 52 20.17 26.03 -22.78
CA TRP J 52 21.56 26.36 -22.45
C TRP J 52 21.72 27.85 -22.20
N THR J 53 20.90 28.69 -22.82
CA THR J 53 20.97 30.12 -22.58
C THR J 53 20.16 30.54 -21.35
N GLU J 54 19.04 29.88 -21.08
CA GLU J 54 18.10 30.37 -20.08
C GLU J 54 18.48 29.94 -18.66
N ILE J 55 19.10 28.78 -18.48
CA ILE J 55 19.47 28.41 -17.10
C ILE J 55 20.49 29.39 -16.52
N PRO J 56 21.63 29.66 -17.19
CA PRO J 56 22.56 30.65 -16.62
C PRO J 56 21.96 32.04 -16.51
N LEU J 57 21.12 32.44 -17.47
CA LEU J 57 20.49 33.75 -17.40
C LEU J 57 19.57 33.85 -16.20
N GLU J 58 18.79 32.79 -15.93
CA GLU J 58 17.91 32.79 -14.77
C GLU J 58 18.71 32.87 -13.48
N LEU J 59 19.77 32.08 -13.37
CA LEU J 59 20.58 32.10 -12.15
C LEU J 59 21.21 33.47 -11.92
N VAL J 60 21.77 34.06 -12.99
CA VAL J 60 22.40 35.37 -12.87
C VAL J 60 21.38 36.43 -12.50
N SER J 61 20.19 36.37 -13.11
CA SER J 61 19.15 37.35 -12.80
C SER J 61 18.73 37.27 -11.35
N GLY J 62 18.51 36.06 -10.85
CA GLY J 62 18.11 35.91 -9.45
C GLY J 62 19.17 36.40 -8.49
N LEU J 63 20.42 35.99 -8.72
CA LEU J 63 21.51 36.41 -7.83
C LEU J 63 21.70 37.92 -7.88
N GLY J 64 21.65 38.52 -9.07
CA GLY J 64 21.82 39.95 -9.18
C GLY J 64 20.69 40.72 -8.54
N LEU J 65 19.45 40.24 -8.69
CA LEU J 65 18.32 40.91 -8.07
C LEU J 65 18.44 40.88 -6.54
N ALA J 66 18.77 39.71 -5.99
CA ALA J 66 18.94 39.62 -4.54
C ALA J 66 20.08 40.52 -4.06
N GLY J 67 21.20 40.51 -4.77
CA GLY J 67 22.33 41.33 -4.37
C GLY J 67 22.06 42.81 -4.46
N TYR J 68 21.36 43.24 -5.51
CA TYR J 68 21.02 44.65 -5.64
C TYR J 68 20.03 45.10 -4.59
N LEU J 69 19.03 44.25 -4.29
CA LEU J 69 18.08 44.60 -3.24
C LEU J 69 18.76 44.68 -1.88
N TRP J 70 19.69 43.78 -1.59
CA TRP J 70 20.38 43.83 -0.31
C TRP J 70 21.37 44.99 -0.25
N LYS J 71 21.98 45.36 -1.37
CA LYS J 71 22.97 46.42 -1.37
C LYS J 71 22.33 47.79 -1.15
N THR J 72 21.23 48.05 -1.85
CA THR J 72 20.50 49.31 -1.73
C THR J 72 19.51 49.31 -0.57
N ARG J 73 19.66 48.39 0.37
CA ARG J 73 18.72 48.27 1.47
C ARG J 73 18.78 49.50 2.38
N ASP J 74 17.66 49.79 3.03
CA ASP J 74 17.61 50.85 4.02
C ASP J 74 18.33 50.39 5.28
N ARG J 75 19.21 51.25 5.80
CA ARG J 75 19.95 50.92 7.01
C ARG J 75 19.20 51.35 8.27
N ASN J 76 18.56 52.52 8.24
CA ASN J 76 17.72 52.97 9.34
C ASN J 76 16.27 52.69 8.97
N VAL J 77 15.90 51.41 9.03
CA VAL J 77 14.56 51.00 8.62
C VAL J 77 13.51 51.48 9.63
N ASP J 78 13.81 51.39 10.92
CA ASP J 78 12.84 51.69 11.97
C ASP J 78 12.44 53.16 12.00
N ALA J 79 13.20 54.05 11.36
CA ALA J 79 12.94 55.48 11.38
C ALA J 79 12.23 55.93 10.11
N VAL J 80 11.37 55.08 9.56
CA VAL J 80 10.66 55.38 8.32
C VAL J 80 9.35 56.09 8.65
N THR J 81 9.03 57.11 7.86
CA THR J 81 7.80 57.86 8.07
C THR J 81 6.60 57.03 7.62
N PRO J 82 5.41 57.30 8.17
CA PRO J 82 4.23 56.51 7.77
C PRO J 82 3.92 56.59 6.28
N ARG J 83 4.13 57.76 5.66
CA ARG J 83 3.85 57.89 4.23
C ARG J 83 4.83 57.07 3.41
N GLU J 84 6.12 57.14 3.74
CA GLU J 84 7.11 56.34 3.02
C GLU J 84 6.89 54.85 3.24
N GLU J 85 6.50 54.46 4.46
CA GLU J 85 6.21 53.06 4.72
C GLU J 85 4.98 52.59 3.94
N MET J 86 3.97 53.46 3.80
CA MET J 86 2.81 53.11 2.99
C MET J 86 3.19 52.95 1.53
N ARG J 87 4.05 53.83 1.02
CA ARG J 87 4.53 53.68 -0.35
C ARG J 87 5.32 52.39 -0.53
N ARG J 88 6.14 52.03 0.45
CA ARG J 88 6.89 50.78 0.39
C ARG J 88 5.94 49.58 0.40
N LEU J 89 4.89 49.63 1.22
CA LEU J 89 3.90 48.57 1.22
C LEU J 89 3.21 48.45 -0.12
N VAL J 90 2.91 49.59 -0.76
CA VAL J 90 2.28 49.55 -2.08
C VAL J 90 3.21 48.91 -3.10
N VAL J 91 4.50 49.25 -3.04
CA VAL J 91 5.46 48.64 -3.97
C VAL J 91 5.58 47.14 -3.72
N LEU J 92 5.52 46.72 -2.46
CA LEU J 92 5.52 45.29 -2.16
C LEU J 92 4.28 44.61 -2.73
N VAL J 93 3.13 45.28 -2.65
CA VAL J 93 1.91 44.72 -3.21
C VAL J 93 2.03 44.60 -4.73
N GLN J 94 2.68 45.56 -5.37
CA GLN J 94 2.97 45.43 -6.80
C GLN J 94 3.86 44.23 -7.09
N TRP J 95 4.89 44.04 -6.27
CA TRP J 95 5.74 42.85 -6.39
C TRP J 95 4.91 41.58 -6.31
N LEU J 96 3.99 41.53 -5.35
CA LEU J 96 3.17 40.33 -5.17
C LEU J 96 2.17 40.14 -6.30
N VAL J 97 1.67 41.22 -6.89
CA VAL J 97 0.78 41.11 -8.05
C VAL J 97 1.53 40.50 -9.24
N VAL J 98 2.74 41.00 -9.50
CA VAL J 98 3.55 40.42 -10.58
C VAL J 98 3.88 38.97 -10.26
N TYR J 99 4.14 38.66 -8.99
CA TYR J 99 4.40 37.28 -8.58
C TYR J 99 3.20 36.39 -8.85
N GLY J 100 2.00 36.87 -8.55
CA GLY J 100 0.81 36.07 -8.81
C GLY J 100 0.57 35.84 -10.29
N ILE J 101 0.83 36.86 -11.12
CA ILE J 101 0.71 36.67 -12.56
C ILE J 101 1.72 35.63 -13.05
N ALA J 102 2.96 35.71 -12.56
CA ALA J 102 3.96 34.73 -12.95
C ALA J 102 3.60 33.33 -12.47
N ILE J 103 3.03 33.23 -11.27
CA ILE J 103 2.60 31.94 -10.75
C ILE J 103 1.50 31.34 -11.62
N TYR J 104 0.56 32.17 -12.06
CA TYR J 104 -0.45 31.66 -12.99
C TYR J 104 0.20 31.17 -14.28
N TRP J 105 1.11 31.98 -14.84
CA TRP J 105 1.72 31.62 -16.12
C TRP J 105 2.48 30.30 -16.01
N GLY J 106 3.24 30.12 -14.93
CA GLY J 106 4.06 28.93 -14.79
C GLY J 106 3.32 27.70 -14.31
N ALA J 107 2.61 27.83 -13.20
CA ALA J 107 2.01 26.69 -12.53
C ALA J 107 0.69 26.24 -13.16
N SER J 108 0.07 27.07 -14.01
CA SER J 108 -1.21 26.73 -14.60
C SER J 108 -1.14 26.52 -16.11
N PHE J 109 -0.63 27.52 -16.85
CA PHE J 109 -0.66 27.46 -18.30
C PHE J 109 0.25 26.37 -18.85
N PHE J 110 1.55 26.48 -18.58
CA PHE J 110 2.51 25.56 -19.17
C PHE J 110 2.51 24.20 -18.50
N THR J 111 2.05 24.12 -17.24
CA THR J 111 2.00 22.82 -16.57
C THR J 111 0.99 21.89 -17.23
N GLU J 112 -0.15 22.42 -17.68
CA GLU J 112 -1.13 21.62 -18.39
C GLU J 112 -0.86 21.57 -19.89
N GLN J 113 -0.17 22.55 -20.44
CA GLN J 113 0.29 22.42 -21.83
C GLN J 113 1.18 21.17 -21.84
N ASP J 114 1.71 20.77 -20.69
CA ASP J 114 2.56 19.57 -20.53
C ASP J 114 1.66 18.37 -20.74
N GLY J 115 0.51 18.35 -20.09
CA GLY J 115 -0.44 17.25 -20.18
C GLY J 115 -0.87 17.06 -21.60
N THR J 116 -0.98 18.15 -22.33
CA THR J 116 -1.47 17.96 -23.70
C THR J 116 -0.34 17.56 -24.65
N TRP J 117 0.84 18.18 -24.49
CA TRP J 117 1.98 17.81 -25.34
C TRP J 117 2.39 16.36 -25.11
N HIS J 118 2.42 15.92 -23.85
CA HIS J 118 2.78 14.53 -23.57
C HIS J 118 1.73 13.57 -24.09
N MET J 119 0.47 13.99 -24.17
CA MET J 119 -0.55 13.13 -24.75
C MET J 119 -0.48 13.08 -26.27
N THR J 120 0.11 14.09 -26.92
CA THR J 120 0.21 14.03 -28.37
C THR J 120 1.49 13.36 -28.87
N VAL J 121 2.57 13.38 -28.10
CA VAL J 121 3.85 12.85 -28.57
C VAL J 121 4.26 11.68 -27.69
N ILE J 122 5.18 10.88 -28.22
CA ILE J 122 5.83 9.81 -27.46
C ILE J 122 7.10 10.38 -26.85
N ARG J 123 7.20 10.35 -25.53
CA ARG J 123 8.32 10.98 -24.85
C ARG J 123 9.62 10.23 -25.17
N ASP J 124 10.65 11.00 -25.54
CA ASP J 124 11.93 10.43 -25.90
C ASP J 124 13.10 11.05 -25.17
N THR J 125 12.87 12.05 -24.32
CA THR J 125 13.96 12.72 -23.61
C THR J 125 13.39 13.40 -22.39
N ASP J 126 14.28 13.75 -21.46
CA ASP J 126 13.89 14.49 -20.27
C ASP J 126 13.72 15.97 -20.55
N PHE J 127 14.14 16.45 -21.71
CA PHE J 127 13.99 17.86 -22.10
C PHE J 127 13.15 17.91 -23.37
N THR J 128 11.83 17.89 -23.20
CA THR J 128 10.91 18.14 -24.29
C THR J 128 10.64 19.63 -24.39
N PRO J 129 10.16 20.11 -25.54
CA PRO J 129 9.83 21.53 -25.64
C PRO J 129 8.89 22.02 -24.56
N SER J 130 7.88 21.22 -24.22
CA SER J 130 7.02 21.55 -23.10
C SER J 130 7.81 21.57 -21.79
N HIS J 131 8.67 20.58 -21.58
CA HIS J 131 9.51 20.56 -20.38
C HIS J 131 10.45 21.75 -20.35
N ILE J 132 11.04 22.11 -21.50
CA ILE J 132 11.96 23.24 -21.55
C ILE J 132 11.26 24.53 -21.19
N ILE J 133 10.05 24.74 -21.72
CA ILE J 133 9.32 25.97 -21.42
C ILE J 133 8.78 25.97 -19.99
N GLU J 134 8.42 24.80 -19.46
CA GLU J 134 7.72 24.74 -18.18
C GLU J 134 8.69 24.69 -17.00
N PHE J 135 9.53 23.66 -16.96
CA PHE J 135 10.38 23.46 -15.78
C PHE J 135 11.54 24.43 -15.74
N TYR J 136 12.10 24.79 -16.88
CA TYR J 136 13.35 25.53 -16.93
C TYR J 136 13.17 26.99 -17.34
N MET J 137 11.95 27.43 -17.63
CA MET J 137 11.69 28.82 -17.95
C MET J 137 10.71 29.47 -16.97
N SER J 138 9.55 28.87 -16.75
CA SER J 138 8.47 29.55 -16.02
C SER J 138 8.70 29.48 -14.50
N TYR J 139 8.99 28.28 -14.01
CA TYR J 139 9.26 28.12 -12.57
C TYR J 139 10.44 28.96 -12.12
N PRO J 140 11.60 28.97 -12.79
CA PRO J 140 12.66 29.89 -12.38
C PRO J 140 12.27 31.35 -12.46
N ILE J 141 11.43 31.73 -13.43
CA ILE J 141 11.03 33.14 -13.53
C ILE J 141 10.20 33.55 -12.33
N TYR J 142 9.22 32.73 -11.94
CA TYR J 142 8.46 33.13 -10.76
C TYR J 142 9.28 32.96 -9.48
N SER J 143 10.29 32.09 -9.48
CA SER J 143 11.19 32.03 -8.33
C SER J 143 12.01 33.31 -8.22
N VAL J 144 12.46 33.85 -9.34
CA VAL J 144 13.18 35.13 -9.33
C VAL J 144 12.27 36.24 -8.83
N ILE J 145 11.02 36.25 -9.29
CA ILE J 145 10.10 37.29 -8.84
C ILE J 145 9.79 37.14 -7.35
N ALA J 146 9.68 35.89 -6.87
CA ALA J 146 9.49 35.67 -5.44
C ALA J 146 10.69 36.16 -4.64
N VAL J 147 11.91 35.91 -5.14
CA VAL J 147 13.10 36.42 -4.48
C VAL J 147 13.06 37.95 -4.42
N GLY J 148 12.67 38.58 -5.53
CA GLY J 148 12.59 40.04 -5.53
C GLY J 148 11.60 40.57 -4.52
N ALA J 149 10.40 39.97 -4.48
CA ALA J 149 9.39 40.42 -3.52
C ALA J 149 9.86 40.21 -2.09
N PHE J 150 10.40 39.03 -1.79
CA PHE J 150 10.86 38.72 -0.43
C PHE J 150 11.96 39.67 0.01
N PHE J 151 12.94 39.93 -0.86
CA PHE J 151 14.05 40.77 -0.45
C PHE J 151 13.65 42.24 -0.39
N TYR J 152 12.72 42.69 -1.24
CA TYR J 152 12.22 44.05 -1.09
C TYR J 152 11.50 44.21 0.25
N ALA J 153 10.67 43.24 0.61
CA ALA J 153 9.99 43.32 1.91
C ALA J 153 10.99 43.30 3.05
N LYS J 154 12.01 42.45 2.97
CA LYS J 154 13.00 42.34 4.04
C LYS J 154 13.86 43.60 4.15
N THR J 155 14.15 44.25 3.04
CA THR J 155 15.09 45.36 3.02
C THR J 155 14.44 46.73 3.11
N ARG J 156 13.12 46.83 2.94
CA ARG J 156 12.46 48.13 2.94
C ARG J 156 11.46 48.33 4.06
N ILE J 157 10.78 47.28 4.51
CA ILE J 157 9.68 47.38 5.48
C ILE J 157 10.20 46.89 6.83
N PRO J 158 10.08 47.70 7.89
CA PRO J 158 10.61 47.27 9.20
C PRO J 158 10.00 45.99 9.74
N TYR J 159 8.72 45.74 9.46
CA TYR J 159 8.08 44.53 9.98
C TYR J 159 8.75 43.27 9.43
N PHE J 160 9.05 43.25 8.14
CA PHE J 160 9.70 42.11 7.52
C PHE J 160 11.20 42.11 7.70
N ALA J 161 11.78 43.24 8.12
CA ALA J 161 13.23 43.33 8.28
C ALA J 161 13.70 42.63 9.55
N HIS J 162 12.91 42.69 10.62
CA HIS J 162 13.30 42.10 11.91
C HIS J 162 12.68 40.71 12.02
N GLY J 163 13.48 39.72 11.67
CA GLY J 163 13.05 38.34 11.66
C GLY J 163 12.67 37.89 10.26
N TYR J 164 12.13 36.67 10.19
CA TYR J 164 11.70 36.07 8.95
C TYR J 164 10.22 35.73 9.05
N SER J 165 9.43 36.25 8.11
CA SER J 165 8.02 35.90 8.05
C SER J 165 7.85 34.47 7.59
N LEU J 166 7.15 33.66 8.39
CA LEU J 166 6.95 32.26 8.03
C LEU J 166 6.14 32.12 6.75
N ALA J 167 5.07 32.91 6.63
CA ALA J 167 4.24 32.85 5.42
C ALA J 167 5.03 33.27 4.19
N PHE J 168 5.84 34.32 4.31
CA PHE J 168 6.67 34.74 3.18
C PHE J 168 7.69 33.68 2.81
N LEU J 169 8.32 33.05 3.81
CA LEU J 169 9.27 31.98 3.53
C LEU J 169 8.59 30.83 2.81
N ILE J 170 7.41 30.44 3.27
CA ILE J 170 6.69 29.34 2.63
C ILE J 170 6.34 29.70 1.19
N VAL J 171 5.73 30.87 0.99
CA VAL J 171 5.29 31.26 -0.35
C VAL J 171 6.46 31.50 -1.29
N ALA J 172 7.66 31.76 -0.76
CA ALA J 172 8.82 31.98 -1.61
C ALA J 172 9.62 30.71 -1.88
N ILE J 173 9.60 29.74 -0.97
CA ILE J 173 10.42 28.55 -1.10
C ILE J 173 9.62 27.37 -1.66
N GLY J 174 8.39 27.15 -1.19
CA GLY J 174 7.61 26.01 -1.61
C GLY J 174 7.35 25.94 -3.10
N PRO J 175 6.83 27.02 -3.69
CA PRO J 175 6.71 27.03 -5.16
C PRO J 175 8.03 26.87 -5.87
N PHE J 176 9.13 27.36 -5.29
CA PHE J 176 10.44 27.11 -5.87
C PHE J 176 10.84 25.64 -5.74
N MET J 177 10.36 24.96 -4.69
CA MET J 177 10.74 23.58 -4.45
C MET J 177 10.21 22.62 -5.51
N ILE J 178 9.29 23.08 -6.38
CA ILE J 178 8.87 22.28 -7.51
C ILE J 178 10.02 22.07 -8.49
N ILE J 179 10.92 23.04 -8.60
CA ILE J 179 12.05 22.91 -9.53
C ILE J 179 12.95 21.73 -9.17
N PRO J 180 13.40 21.54 -7.92
CA PRO J 180 14.09 20.29 -7.59
C PRO J 180 13.22 19.05 -7.77
N ASN J 181 11.91 19.22 -7.61
CA ASN J 181 10.98 18.09 -7.74
C ASN J 181 10.90 17.56 -9.17
N VAL J 182 11.45 18.30 -10.13
CA VAL J 182 11.55 17.79 -11.50
C VAL J 182 12.40 16.52 -11.53
N GLY J 183 13.32 16.37 -10.59
CA GLY J 183 14.07 15.12 -10.49
C GLY J 183 13.18 13.93 -10.19
N LEU J 184 12.23 14.08 -9.27
CA LEU J 184 11.21 13.00 -8.98
C LEU J 184 10.28 12.80 -10.19
N ASN J 185 9.88 13.88 -10.85
CA ASN J 185 9.08 13.72 -12.10
C ASN J 185 9.85 12.82 -13.07
N GLU J 186 11.13 13.12 -13.30
CA GLU J 186 11.90 12.36 -14.32
C GLU J 186 12.10 10.92 -13.85
N TRP J 187 12.32 10.73 -12.55
CA TRP J 187 12.56 9.40 -12.03
C TRP J 187 11.29 8.54 -12.10
N GLY J 188 10.14 9.11 -11.84
CA GLY J 188 8.91 8.31 -11.81
C GLY J 188 8.41 7.96 -13.20
N HIS J 189 8.66 8.82 -14.19
CA HIS J 189 8.19 8.59 -15.58
C HIS J 189 9.15 7.68 -16.36
N THR J 190 10.20 7.16 -15.71
CA THR J 190 11.23 6.33 -16.39
C THR J 190 11.37 5.00 -15.70
N PHE J 191 11.11 4.91 -14.40
CA PHE J 191 11.17 3.63 -13.71
C PHE J 191 9.83 3.21 -13.10
N TRP J 192 9.17 4.12 -12.40
CA TRP J 192 8.01 3.75 -11.58
C TRP J 192 6.78 3.48 -12.43
N PHE J 193 6.32 4.48 -13.17
CA PHE J 193 5.09 4.40 -13.96
C PHE J 193 5.40 4.56 -15.43
N MET J 194 4.88 3.65 -16.25
CA MET J 194 5.14 3.63 -17.68
C MET J 194 4.06 4.33 -18.48
N GLU J 195 3.08 4.93 -17.82
CA GLU J 195 1.91 5.51 -18.47
C GLU J 195 1.82 6.99 -18.18
N GLU J 196 1.29 7.74 -19.14
CA GLU J 196 1.14 9.19 -19.02
C GLU J 196 -0.20 9.54 -18.39
N LEU J 197 -0.28 9.29 -17.08
CA LEU J 197 -1.45 9.65 -16.28
C LEU J 197 -1.05 10.71 -15.26
N PHE J 198 -1.86 11.76 -15.17
CA PHE J 198 -1.54 12.88 -14.28
C PHE J 198 -1.75 12.54 -12.81
N VAL J 199 -2.66 11.62 -12.51
CA VAL J 199 -2.99 11.33 -11.12
C VAL J 199 -2.00 10.32 -10.56
N ALA J 200 -0.93 10.06 -11.30
CA ALA J 200 0.10 9.14 -10.83
C ALA J 200 0.76 9.70 -9.56
N PRO J 201 1.04 8.91 -8.49
CA PRO J 201 1.69 9.49 -7.32
C PRO J 201 3.02 10.20 -7.58
N LEU J 202 3.69 9.88 -8.69
CA LEU J 202 4.99 10.50 -9.05
C LEU J 202 4.83 12.03 -9.18
N HIS J 203 3.59 12.51 -9.17
CA HIS J 203 3.33 13.96 -9.35
C HIS J 203 2.76 14.55 -8.05
N TRP J 204 2.79 13.80 -6.94
CA TRP J 204 2.24 14.25 -5.63
C TRP J 204 3.12 15.34 -5.07
N GLY J 205 4.44 15.22 -5.23
CA GLY J 205 5.33 16.32 -4.88
C GLY J 205 4.91 17.61 -5.56
N PHE J 206 4.62 17.53 -6.87
CA PHE J 206 4.09 18.67 -7.59
C PHE J 206 2.88 19.25 -6.85
N VAL J 207 2.02 18.38 -6.33
CA VAL J 207 0.86 18.83 -5.59
C VAL J 207 1.29 19.50 -4.29
N PHE J 208 2.17 18.84 -3.54
CA PHE J 208 2.41 19.25 -2.16
C PHE J 208 2.94 20.67 -2.08
N PHE J 209 4.03 20.96 -2.81
CA PHE J 209 4.58 22.29 -2.81
C PHE J 209 3.66 23.30 -3.46
N GLY J 210 2.74 22.85 -4.33
CA GLY J 210 1.72 23.75 -4.82
C GLY J 210 0.88 24.33 -3.70
N TRP J 211 0.61 23.53 -2.68
CA TRP J 211 -0.12 24.02 -1.51
C TRP J 211 0.58 25.23 -0.91
N MET J 212 1.90 25.31 -1.05
CA MET J 212 2.65 26.41 -0.45
C MET J 212 2.25 27.76 -1.02
N ALA J 213 1.59 27.78 -2.19
CA ALA J 213 1.08 29.05 -2.71
C ALA J 213 0.11 29.69 -1.73
N LEU J 214 -0.64 28.88 -0.98
CA LEU J 214 -1.58 29.41 -0.01
C LEU J 214 -0.90 30.18 1.10
N GLY J 215 0.43 30.07 1.21
CA GLY J 215 1.17 30.87 2.15
C GLY J 215 0.96 32.35 1.91
N VAL J 216 0.60 32.73 0.68
CA VAL J 216 0.33 34.13 0.39
C VAL J 216 -0.76 34.66 1.30
N PHE J 217 -1.69 33.80 1.73
CA PHE J 217 -2.74 34.21 2.66
C PHE J 217 -2.15 34.91 3.88
N GLY J 218 -1.08 34.35 4.44
CA GLY J 218 -0.44 35.00 5.57
C GLY J 218 0.16 36.34 5.19
N VAL J 219 0.89 36.38 4.06
CA VAL J 219 1.66 37.57 3.72
C VAL J 219 0.74 38.77 3.57
N VAL J 220 -0.35 38.61 2.82
CA VAL J 220 -1.32 39.67 2.65
C VAL J 220 -1.81 40.16 4.00
N LEU J 221 -2.12 39.23 4.90
CA LEU J 221 -2.57 39.62 6.23
C LEU J 221 -1.50 40.44 6.94
N GLN J 222 -0.24 40.00 6.83
CA GLN J 222 0.85 40.75 7.46
C GLN J 222 0.96 42.14 6.88
N ILE J 223 0.60 42.32 5.61
CA ILE J 223 0.57 43.67 5.05
C ILE J 223 -0.62 44.45 5.62
N LEU J 224 -1.78 43.79 5.72
CA LEU J 224 -3.00 44.50 6.10
C LEU J 224 -2.89 45.09 7.50
N MET J 225 -2.35 44.33 8.46
CA MET J 225 -2.09 44.89 9.77
C MET J 225 -1.22 46.13 9.67
N ARG J 226 -0.13 46.04 8.88
CA ARG J 226 0.72 47.20 8.70
C ARG J 226 -0.04 48.35 8.08
N ILE J 227 -0.97 48.06 7.17
CA ILE J 227 -1.84 49.10 6.65
C ILE J 227 -2.71 49.65 7.77
N HIS J 228 -3.34 48.75 8.54
CA HIS J 228 -4.28 49.17 9.57
C HIS J 228 -3.62 50.11 10.57
N ALA J 229 -2.52 49.67 11.17
CA ALA J 229 -1.80 50.49 12.13
C ALA J 229 -1.30 51.79 11.52
N LEU J 230 -1.13 51.84 10.20
CA LEU J 230 -0.72 53.09 9.57
C LEU J 230 -1.87 54.07 9.46
N VAL J 231 -3.09 53.58 9.24
CA VAL J 231 -4.22 54.50 9.06
C VAL J 231 -4.55 55.19 10.38
N GLY J 232 -4.46 54.49 11.49
CA GLY J 232 -4.76 55.07 12.78
C GLY J 232 -6.24 55.03 13.09
N LYS J 233 -6.59 55.48 14.30
CA LYS J 233 -7.98 55.48 14.72
C LYS J 233 -8.83 56.41 13.87
N GLU J 234 -8.41 57.67 13.74
CA GLU J 234 -9.19 58.64 12.98
C GLU J 234 -9.39 58.19 11.54
N GLY J 235 -8.32 57.74 10.89
CA GLY J 235 -8.46 57.21 9.55
C GLY J 235 -9.39 56.01 9.49
N VAL J 236 -9.34 55.16 10.52
CA VAL J 236 -10.28 54.05 10.61
C VAL J 236 -11.71 54.60 10.68
N LYS J 237 -11.91 55.66 11.46
CA LYS J 237 -13.22 56.30 11.53
C LYS J 237 -13.66 56.77 10.14
N LEU J 238 -12.70 57.10 9.29
CA LEU J 238 -13.03 57.45 7.91
C LEU J 238 -13.45 56.22 7.11
N LEU J 239 -12.70 55.13 7.26
CA LEU J 239 -12.90 53.97 6.39
C LEU J 239 -14.12 53.15 6.80
N THR J 240 -14.32 52.97 8.10
CA THR J 240 -15.37 52.09 8.60
C THR J 240 -16.68 52.82 8.90
N GLU J 241 -16.76 54.13 8.61
CA GLU J 241 -17.98 54.88 8.83
C GLU J 241 -18.33 55.72 7.60
N MET K 1 33.29 -26.84 27.65
CA MET K 1 33.46 -25.66 26.77
C MET K 1 32.09 -25.05 26.47
N GLY K 2 31.02 -25.74 26.85
CA GLY K 2 29.67 -25.21 26.66
C GLY K 2 29.30 -24.33 27.84
N TRP K 3 30.21 -24.19 28.80
CA TRP K 3 29.95 -23.37 30.02
C TRP K 3 31.01 -22.29 30.14
N LEU K 4 31.74 -22.03 29.06
CA LEU K 4 32.81 -21.00 29.08
C LEU K 4 32.20 -19.60 29.02
N VAL K 5 31.32 -19.36 28.04
CA VAL K 5 30.74 -18.00 27.87
C VAL K 5 29.83 -17.71 29.09
N PRO K 6 28.98 -18.64 29.57
CA PRO K 6 28.21 -18.39 30.79
C PRO K 6 29.09 -18.06 31.99
N ALA K 7 30.24 -18.72 32.13
CA ALA K 7 31.12 -18.50 33.30
C ALA K 7 31.77 -17.12 33.21
N ALA K 8 32.08 -16.68 31.99
CA ALA K 8 32.74 -15.38 31.79
C ALA K 8 31.74 -14.25 32.05
N MET K 9 30.47 -14.45 31.68
CA MET K 9 29.44 -13.44 31.96
C MET K 9 29.29 -13.28 33.48
N LEU K 10 29.33 -14.39 34.21
CA LEU K 10 29.20 -14.35 35.68
C LEU K 10 30.44 -13.68 36.29
N ALA K 11 31.63 -14.06 35.84
CA ALA K 11 32.88 -13.44 36.34
C ALA K 11 32.84 -11.93 36.11
N MET K 12 32.33 -11.51 34.96
CA MET K 12 32.23 -10.06 34.63
C MET K 12 31.32 -9.38 35.66
N VAL K 13 30.11 -9.90 35.85
CA VAL K 13 29.13 -9.27 36.77
C VAL K 13 29.72 -9.21 38.19
N VAL K 14 30.41 -10.26 38.61
CA VAL K 14 30.96 -10.30 40.00
C VAL K 14 32.09 -9.27 40.11
N ILE K 15 33.05 -9.28 39.19
CA ILE K 15 34.20 -8.35 39.29
C ILE K 15 33.66 -6.92 39.28
N ALA K 16 32.72 -6.62 38.38
CA ALA K 16 32.10 -5.27 38.33
C ALA K 16 31.51 -4.93 39.69
N ALA K 17 30.60 -5.75 40.20
CA ALA K 17 29.93 -5.46 41.49
C ALA K 17 30.96 -5.18 42.58
N VAL K 18 31.93 -6.06 42.78
CA VAL K 18 32.90 -5.89 43.90
C VAL K 18 33.71 -4.60 43.69
N THR K 19 34.36 -4.43 42.54
CA THR K 19 35.25 -3.26 42.31
C THR K 19 34.46 -1.96 42.32
N LEU K 20 33.28 -1.92 41.71
CA LEU K 20 32.54 -0.63 41.59
C LEU K 20 31.92 -0.24 42.94
N THR K 21 31.56 -1.21 43.77
CA THR K 21 30.99 -0.91 45.10
C THR K 21 32.10 -0.40 45.98
N ARG K 22 33.34 -0.80 45.70
CA ARG K 22 34.51 -0.29 46.47
C ARG K 22 34.75 1.16 46.05
N LEU K 23 35.11 1.40 44.80
CA LEU K 23 35.30 2.79 44.29
C LEU K 23 34.16 3.66 44.83
N MET L 1 -49.95 -4.38 9.09
CA MET L 1 -48.77 -4.78 9.89
C MET L 1 -47.52 -4.11 9.31
N GLY L 2 -47.66 -3.47 8.14
CA GLY L 2 -46.53 -2.73 7.55
C GLY L 2 -46.48 -1.33 8.10
N TRP L 3 -47.41 -1.00 9.00
CA TRP L 3 -47.49 0.36 9.59
C TRP L 3 -47.39 0.26 11.11
N LEU L 4 -46.95 -0.89 11.62
CA LEU L 4 -46.85 -1.10 13.08
C LEU L 4 -45.61 -0.37 13.63
N VAL L 5 -44.45 -0.61 13.01
CA VAL L 5 -43.19 0.01 13.53
C VAL L 5 -43.27 1.54 13.31
N PRO L 6 -43.73 2.06 12.16
CA PRO L 6 -43.92 3.49 12.00
C PRO L 6 -44.84 4.09 13.05
N ALA L 7 -45.92 3.40 13.40
CA ALA L 7 -46.91 3.93 14.38
C ALA L 7 -46.30 3.95 15.78
N ALA L 8 -45.46 2.98 16.09
CA ALA L 8 -44.82 2.91 17.42
C ALA L 8 -43.78 4.00 17.56
N MET L 9 -43.06 4.30 16.48
CA MET L 9 -42.06 5.40 16.52
C MET L 9 -42.78 6.73 16.78
N LEU L 10 -43.94 6.91 16.15
CA LEU L 10 -44.73 8.16 16.35
C LEU L 10 -45.28 8.21 17.78
N ALA L 11 -45.85 7.10 18.27
CA ALA L 11 -46.36 7.05 19.66
C ALA L 11 -45.24 7.39 20.64
N MET L 12 -44.04 6.88 20.39
CA MET L 12 -42.88 7.15 21.27
C MET L 12 -42.60 8.65 21.29
N VAL L 13 -42.44 9.26 20.11
CA VAL L 13 -42.10 10.70 20.03
C VAL L 13 -43.20 11.54 20.73
N VAL L 14 -44.46 11.17 20.55
CA VAL L 14 -45.58 11.96 21.13
C VAL L 14 -45.54 11.80 22.66
N ILE L 15 -45.48 10.57 23.16
CA ILE L 15 -45.52 10.36 24.64
C ILE L 15 -44.33 11.10 25.26
N ALA L 16 -43.14 10.97 24.66
CA ALA L 16 -41.95 11.69 25.16
C ALA L 16 -42.26 13.18 25.23
N ALA L 17 -42.61 13.79 24.10
CA ALA L 17 -42.87 15.25 24.06
C ALA L 17 -43.85 15.67 25.15
N VAL L 18 -45.00 15.03 25.25
CA VAL L 18 -46.03 15.46 26.23
C VAL L 18 -45.49 15.30 27.67
N THR L 19 -45.04 14.10 28.03
CA THR L 19 -44.58 13.85 29.43
C THR L 19 -43.39 14.69 29.80
N LEU L 20 -42.40 14.84 28.90
CA LEU L 20 -41.15 15.54 29.27
C LEU L 20 -41.39 17.06 29.34
N THR L 21 -42.31 17.59 28.54
CA THR L 21 -42.63 19.03 28.60
C THR L 21 -43.38 19.31 29.88
N ARG L 22 -44.09 18.32 30.41
CA ARG L 22 -44.79 18.48 31.70
C ARG L 22 -43.74 18.50 32.81
N LEU L 23 -43.02 17.39 33.02
CA LEU L 23 -41.94 17.35 34.03
C LEU L 23 -41.13 18.66 33.94
CU CU M . -34.04 -17.59 -4.27
CU CU N . 15.81 -10.12 11.07
CU CU O . 8.22 8.81 -36.62
CU CU P . 23.17 -30.32 5.51
CU CU Q . -20.82 -2.82 5.77
CU CU R . 5.11 14.54 -15.38
#